data_2AJC
#
_entry.id   2AJC
#
_cell.length_a   62.350
_cell.length_b   118.680
_cell.length_c   133.680
_cell.angle_alpha   112.76
_cell.angle_beta   95.16
_cell.angle_gamma   90.95
#
_symmetry.space_group_name_H-M   'P 1'
#
loop_
_entity.id
_entity.type
_entity.pdbx_description
1 polymer 'Dipeptidyl peptidase 4'
2 branched 2-acetamido-2-deoxy-beta-D-glucopyranose-(1-4)-2-acetamido-2-deoxy-beta-D-glucopyranose
3 branched beta-D-mannopyranose-(1-4)-2-acetamido-2-deoxy-beta-D-glucopyranose-(1-4)-2-acetamido-2-deoxy-beta-D-glucopyranose
4 non-polymer 2-acetamido-2-deoxy-beta-D-glucopyranose
5 non-polymer 'SULFATE ION'
6 non-polymer '4-(2-AMINOETHYL)BENZENESULFONYL FLUORIDE'
7 water water
#
_entity_poly.entity_id   1
_entity_poly.type   'polypeptide(L)'
_entity_poly.pdbx_seq_one_letter_code
;SRRTYTLTDYLKSTFRVKFYTLQWISDHEYLYKQENNILLFNAEYGNSSIFLENSTFDELGYSTNDYSVSPDRQFILFEY
NYVKQWRHSYTASYDIYDLNKRQLITEERIPNNTQWITWSPVGHKLAYVWNNDIYVKNEPNLSSQRITWTGKENVIYNGV
TDWVYEEEVFSAYSALWWSPNGTFLAYAQFNDTEVPLIEYSFYSDESLQYPKTVRIPYPKAGAENPTVKFFVVDTRTLSP
NASVTSYQIVPPASVLIGDHYLCGVTWVTEERISLQWIRRAQNYSIIDICDYDESTGRWISSVARQHIEISTTGWVGRFR
PAEPHFTSDGNSFYKIISNEEGYKHICHFQTDKSNCTFITKGAWEVIGIEALTSDYLYYISNEHKGMPGGRNLYRIQLND
YTKVTCLSCELNPERCQYYSASFSNKAKYYQLRCFGPGLPLYTLHSSSSDKELRVLEDNSALDKMLQDVQMPSKKLDVIN
LHGTKFWYQMILPPHFDKSKKYPLLIEVYAGPCSQKVDTVFRLSWATYLASTENIIVASFDGRGSGYQGDKIMHAINRRL
GTFEVEDQIEATRQFSKMGFVDDKRIAIWGWSYGGYVTSMVLGAGSGVFKCGIAVAPVSKWEYYDSVYTERYMGLPTPED
NLDYYRNSTVMSRAENFKQVEYLLIHGTADDNVHFQQSAQLSKALVDAGVDFQTMWYTDEDHGIASNMAHQHIYTHMSHF
LKQCFSLP
;
_entity_poly.pdbx_strand_id   A,B,C,D
#
# COMPACT_ATOMS: atom_id res chain seq x y z
N SER A 1 -72.39 -24.75 -19.32
CA SER A 1 -71.04 -24.41 -19.88
C SER A 1 -71.17 -23.38 -21.00
N ARG A 2 -70.62 -22.19 -20.77
CA ARG A 2 -70.67 -21.11 -21.76
C ARG A 2 -69.61 -20.06 -21.43
N ARG A 3 -68.71 -20.39 -20.51
CA ARG A 3 -67.62 -19.49 -20.14
C ARG A 3 -66.31 -20.00 -20.75
N THR A 4 -65.34 -19.10 -20.85
CA THR A 4 -64.04 -19.42 -21.45
C THR A 4 -62.89 -19.37 -20.45
N TYR A 5 -61.71 -19.80 -20.89
CA TYR A 5 -60.51 -19.76 -20.06
C TYR A 5 -60.04 -18.30 -20.24
N THR A 6 -60.13 -17.53 -19.18
CA THR A 6 -59.77 -16.11 -19.25
C THR A 6 -58.34 -15.77 -18.86
N LEU A 7 -57.93 -14.54 -19.14
CA LEU A 7 -56.61 -14.07 -18.78
C LEU A 7 -56.46 -14.12 -17.26
N THR A 8 -57.53 -13.79 -16.53
CA THR A 8 -57.49 -13.86 -15.07
C THR A 8 -57.32 -15.30 -14.60
N ASP A 9 -57.96 -16.24 -15.30
CA ASP A 9 -57.82 -17.65 -14.96
C ASP A 9 -56.35 -18.05 -15.07
N TYR A 10 -55.71 -17.63 -16.16
CA TYR A 10 -54.31 -17.95 -16.38
C TYR A 10 -53.41 -17.26 -15.35
N LEU A 11 -53.59 -15.96 -15.20
CA LEU A 11 -52.78 -15.15 -14.29
C LEU A 11 -52.93 -15.53 -12.82
N LYS A 12 -54.13 -15.89 -12.39
CA LYS A 12 -54.34 -16.25 -10.99
C LYS A 12 -54.35 -17.75 -10.78
N SER A 13 -54.09 -18.52 -11.83
CA SER A 13 -54.09 -19.98 -11.73
C SER A 13 -55.38 -20.51 -11.12
N THR A 14 -56.52 -20.04 -11.64
CA THR A 14 -57.81 -20.48 -11.11
C THR A 14 -57.98 -21.99 -11.23
N PHE A 15 -57.46 -22.57 -12.30
CA PHE A 15 -57.55 -24.01 -12.51
C PHE A 15 -56.21 -24.62 -12.15
N ARG A 16 -56.20 -25.33 -11.03
CA ARG A 16 -54.99 -25.94 -10.51
C ARG A 16 -54.62 -27.28 -11.12
N VAL A 17 -53.37 -27.42 -11.57
CA VAL A 17 -52.91 -28.69 -12.12
C VAL A 17 -52.13 -29.37 -10.99
N LYS A 18 -52.59 -30.53 -10.54
CA LYS A 18 -51.92 -31.23 -9.44
C LYS A 18 -50.81 -32.15 -9.91
N PHE A 19 -49.82 -32.34 -9.03
CA PHE A 19 -48.70 -33.23 -9.34
C PHE A 19 -48.43 -34.08 -8.10
N TYR A 20 -47.44 -34.97 -8.17
CA TYR A 20 -47.11 -35.83 -7.04
C TYR A 20 -45.60 -35.97 -6.91
N THR A 21 -45.02 -35.24 -5.98
CA THR A 21 -43.57 -35.29 -5.80
C THR A 21 -43.18 -36.20 -4.63
N LEU A 22 -42.34 -37.17 -4.90
CA LEU A 22 -41.90 -38.09 -3.86
C LEU A 22 -40.40 -38.20 -3.89
N GLN A 23 -39.83 -38.70 -2.80
CA GLN A 23 -38.39 -38.89 -2.71
C GLN A 23 -38.14 -40.34 -2.32
N TRP A 24 -37.52 -41.09 -3.23
CA TRP A 24 -37.18 -42.49 -2.95
C TRP A 24 -36.08 -42.47 -1.89
N ILE A 25 -36.13 -43.40 -0.94
CA ILE A 25 -35.08 -43.46 0.07
C ILE A 25 -34.53 -44.89 0.26
N SER A 26 -35.16 -45.86 -0.39
CA SER A 26 -34.73 -47.26 -0.34
C SER A 26 -35.18 -47.90 -1.65
N ASP A 27 -34.93 -49.18 -1.82
CA ASP A 27 -35.37 -49.81 -3.05
C ASP A 27 -36.88 -50.03 -3.07
N HIS A 28 -37.55 -49.81 -1.95
CA HIS A 28 -39.00 -50.01 -1.91
C HIS A 28 -39.79 -48.98 -1.10
N GLU A 29 -39.13 -47.90 -0.70
CA GLU A 29 -39.81 -46.88 0.10
C GLU A 29 -39.59 -45.45 -0.40
N TYR A 30 -40.59 -44.60 -0.21
CA TYR A 30 -40.47 -43.18 -0.59
C TYR A 30 -41.18 -42.27 0.43
N LEU A 31 -40.68 -41.04 0.53
CA LEU A 31 -41.25 -40.03 1.43
C LEU A 31 -42.10 -39.11 0.59
N TYR A 32 -43.22 -38.67 1.16
CA TYR A 32 -44.14 -37.81 0.47
C TYR A 32 -44.81 -36.88 1.48
N LYS A 33 -44.94 -35.60 1.13
CA LYS A 33 -45.58 -34.65 2.03
C LYS A 33 -47.07 -34.62 1.78
N GLN A 34 -47.86 -34.90 2.81
CA GLN A 34 -49.30 -34.88 2.68
C GLN A 34 -49.91 -34.06 3.82
N GLU A 35 -50.55 -32.95 3.47
CA GLU A 35 -51.15 -32.08 4.47
C GLU A 35 -50.08 -31.59 5.43
N ASN A 36 -49.00 -31.06 4.87
CA ASN A 36 -47.90 -30.50 5.65
C ASN A 36 -46.94 -31.48 6.30
N ASN A 37 -47.33 -32.75 6.43
CA ASN A 37 -46.42 -33.70 7.06
C ASN A 37 -45.81 -34.73 6.09
N ILE A 38 -44.69 -35.29 6.50
CA ILE A 38 -43.99 -36.27 5.70
C ILE A 38 -44.40 -37.70 6.04
N LEU A 39 -44.86 -38.44 5.03
CA LEU A 39 -45.28 -39.82 5.21
C LEU A 39 -44.29 -40.76 4.53
N LEU A 40 -44.12 -41.93 5.10
CA LEU A 40 -43.22 -42.93 4.55
C LEU A 40 -44.10 -43.98 3.89
N PHE A 41 -44.11 -43.99 2.57
CA PHE A 41 -44.93 -44.94 1.83
C PHE A 41 -44.12 -46.16 1.46
N ASN A 42 -44.81 -47.30 1.46
CA ASN A 42 -44.21 -48.56 1.09
C ASN A 42 -44.81 -48.83 -0.28
N ALA A 43 -43.98 -48.71 -1.32
CA ALA A 43 -44.40 -48.91 -2.69
C ALA A 43 -45.16 -50.21 -2.86
N GLU A 44 -44.55 -51.28 -2.37
CA GLU A 44 -45.12 -52.62 -2.45
C GLU A 44 -46.59 -52.66 -2.07
N TYR A 45 -46.85 -52.52 -0.76
CA TYR A 45 -48.21 -52.59 -0.21
C TYR A 45 -49.07 -51.32 -0.35
N GLY A 46 -48.42 -50.17 -0.51
CA GLY A 46 -49.18 -48.95 -0.65
C GLY A 46 -49.61 -48.38 0.68
N ASN A 47 -49.11 -48.97 1.77
CA ASN A 47 -49.44 -48.52 3.11
C ASN A 47 -48.43 -47.46 3.54
N SER A 48 -48.90 -46.41 4.19
CA SER A 48 -48.01 -45.35 4.65
C SER A 48 -48.02 -45.23 6.18
N SER A 49 -47.01 -44.54 6.69
CA SER A 49 -46.87 -44.30 8.12
C SER A 49 -46.27 -42.92 8.26
N ILE A 50 -46.60 -42.22 9.33
CA ILE A 50 -46.07 -40.88 9.55
C ILE A 50 -44.57 -40.95 9.79
N PHE A 51 -43.82 -40.14 9.05
CA PHE A 51 -42.37 -40.11 9.22
C PHE A 51 -42.00 -38.83 9.97
N LEU A 52 -42.79 -37.78 9.77
CA LEU A 52 -42.55 -36.52 10.46
C LEU A 52 -43.82 -35.68 10.42
N GLU A 53 -44.59 -35.76 11.50
CA GLU A 53 -45.86 -35.04 11.63
C GLU A 53 -45.80 -33.56 11.31
N ASN A 54 -46.90 -33.03 10.80
CA ASN A 54 -46.98 -31.61 10.51
C ASN A 54 -46.90 -30.94 11.87
N SER A 55 -47.16 -29.64 11.93
CA SER A 55 -47.10 -28.91 13.18
C SER A 55 -45.69 -28.87 13.73
N THR A 56 -44.93 -29.94 13.49
CA THR A 56 -43.54 -30.00 13.94
C THR A 56 -42.86 -28.85 13.26
N PHE A 57 -43.55 -28.26 12.29
CA PHE A 57 -43.05 -27.11 11.56
C PHE A 57 -43.46 -25.85 12.31
N ASP A 58 -42.54 -25.32 13.12
CA ASP A 58 -42.76 -24.12 13.92
C ASP A 58 -42.36 -22.86 13.14
N GLU A 59 -42.78 -22.81 11.87
CA GLU A 59 -42.47 -21.68 11.00
C GLU A 59 -41.18 -20.98 11.41
N LEU A 60 -40.13 -21.76 11.61
CA LEU A 60 -38.83 -21.24 12.01
C LEU A 60 -38.43 -20.08 11.10
N GLY A 61 -38.48 -18.87 11.64
CA GLY A 61 -38.12 -17.70 10.87
C GLY A 61 -39.22 -17.34 9.88
N TYR A 62 -39.32 -18.13 8.81
CA TYR A 62 -40.33 -17.91 7.79
C TYR A 62 -41.17 -19.17 7.57
N SER A 63 -40.64 -20.08 6.78
CA SER A 63 -41.36 -21.33 6.48
C SER A 63 -40.43 -22.32 5.77
N THR A 64 -40.63 -23.61 6.03
CA THR A 64 -39.80 -24.65 5.43
C THR A 64 -40.17 -24.90 3.97
N ASN A 65 -39.33 -24.43 3.05
CA ASN A 65 -39.60 -24.62 1.63
C ASN A 65 -39.02 -25.91 1.06
N ASP A 66 -38.32 -26.69 1.89
CA ASP A 66 -37.74 -27.96 1.44
C ASP A 66 -37.04 -28.77 2.53
N TYR A 67 -37.08 -30.09 2.41
CA TYR A 67 -36.46 -30.98 3.39
C TYR A 67 -35.61 -32.07 2.74
N SER A 68 -34.68 -32.64 3.50
CA SER A 68 -33.80 -33.69 3.04
C SER A 68 -33.44 -34.61 4.21
N VAL A 69 -33.80 -35.88 4.10
CA VAL A 69 -33.53 -36.85 5.15
C VAL A 69 -32.17 -37.51 4.90
N SER A 70 -31.35 -37.61 5.94
CA SER A 70 -30.04 -38.22 5.79
C SER A 70 -30.24 -39.67 5.32
N PRO A 71 -29.25 -40.22 4.59
CA PRO A 71 -29.41 -41.59 4.13
C PRO A 71 -29.69 -42.62 5.20
N ASP A 72 -29.09 -42.49 6.39
CA ASP A 72 -29.33 -43.46 7.46
C ASP A 72 -30.59 -43.17 8.24
N ARG A 73 -31.36 -42.19 7.76
CA ARG A 73 -32.63 -41.81 8.35
C ARG A 73 -32.59 -41.34 9.81
N GLN A 74 -31.41 -40.95 10.26
CA GLN A 74 -31.23 -40.46 11.62
C GLN A 74 -31.43 -38.95 11.78
N PHE A 75 -31.44 -38.22 10.68
CA PHE A 75 -31.58 -36.78 10.73
C PHE A 75 -32.35 -36.26 9.54
N ILE A 76 -32.78 -35.00 9.62
CA ILE A 76 -33.47 -34.38 8.50
C ILE A 76 -33.13 -32.90 8.46
N LEU A 77 -32.80 -32.40 7.27
CA LEU A 77 -32.46 -31.00 7.10
C LEU A 77 -33.73 -30.25 6.71
N PHE A 78 -33.93 -29.08 7.32
CA PHE A 78 -35.07 -28.23 7.00
C PHE A 78 -34.49 -26.99 6.36
N GLU A 79 -34.94 -26.70 5.14
CA GLU A 79 -34.48 -25.53 4.40
C GLU A 79 -35.51 -24.43 4.50
N TYR A 80 -35.06 -23.23 4.88
CA TYR A 80 -35.95 -22.09 4.99
C TYR A 80 -35.15 -20.81 4.74
N ASN A 81 -35.82 -19.65 4.74
CA ASN A 81 -35.10 -18.39 4.53
C ASN A 81 -34.53 -18.34 3.10
N TYR A 82 -35.25 -18.95 2.17
CA TYR A 82 -34.82 -19.01 0.78
C TYR A 82 -34.60 -17.65 0.09
N VAL A 83 -33.40 -17.43 -0.45
CA VAL A 83 -33.12 -16.19 -1.17
C VAL A 83 -32.52 -16.51 -2.54
N LYS A 84 -33.34 -16.34 -3.58
CA LYS A 84 -32.90 -16.63 -4.94
C LYS A 84 -31.72 -15.79 -5.42
N GLN A 85 -30.90 -16.40 -6.25
CA GLN A 85 -29.81 -15.65 -6.84
C GLN A 85 -30.11 -15.74 -8.35
N TRP A 86 -29.43 -16.63 -9.07
CA TRP A 86 -29.67 -16.74 -10.51
C TRP A 86 -30.70 -17.81 -10.85
N ARG A 87 -30.53 -18.51 -11.97
CA ARG A 87 -31.53 -19.50 -12.37
C ARG A 87 -31.67 -20.72 -11.45
N HIS A 88 -30.54 -21.20 -10.91
CA HIS A 88 -30.53 -22.38 -10.02
C HIS A 88 -30.00 -22.03 -8.64
N SER A 89 -29.09 -21.06 -8.57
CA SER A 89 -28.48 -20.68 -7.30
C SER A 89 -29.39 -19.93 -6.33
N TYR A 90 -29.12 -20.10 -5.05
CA TYR A 90 -29.87 -19.44 -3.99
C TYR A 90 -29.17 -19.72 -2.68
N THR A 91 -29.49 -18.93 -1.67
CA THR A 91 -28.92 -19.16 -0.33
C THR A 91 -30.10 -19.46 0.58
N ALA A 92 -29.82 -20.12 1.70
CA ALA A 92 -30.87 -20.44 2.63
C ALA A 92 -30.25 -20.70 4.00
N SER A 93 -31.13 -20.86 4.98
CA SER A 93 -30.73 -21.16 6.34
C SER A 93 -31.16 -22.60 6.49
N TYR A 94 -30.46 -23.36 7.33
CA TYR A 94 -30.81 -24.76 7.53
C TYR A 94 -30.79 -25.15 9.01
N ASP A 95 -31.74 -25.98 9.40
CA ASP A 95 -31.80 -26.51 10.76
C ASP A 95 -31.72 -28.01 10.60
N ILE A 96 -31.09 -28.67 11.56
CA ILE A 96 -30.96 -30.10 11.52
C ILE A 96 -31.79 -30.63 12.68
N TYR A 97 -32.63 -31.60 12.39
CA TYR A 97 -33.49 -32.19 13.39
C TYR A 97 -33.15 -33.67 13.54
N ASP A 98 -32.92 -34.07 14.79
CA ASP A 98 -32.57 -35.44 15.13
C ASP A 98 -33.81 -36.32 15.18
N LEU A 99 -33.94 -37.24 14.23
CA LEU A 99 -35.10 -38.11 14.18
C LEU A 99 -35.17 -39.12 15.32
N ASN A 100 -34.03 -39.50 15.88
CA ASN A 100 -34.04 -40.46 16.99
C ASN A 100 -34.53 -39.74 18.24
N LYS A 101 -33.73 -38.79 18.70
CA LYS A 101 -34.03 -38.00 19.89
C LYS A 101 -35.23 -37.10 19.64
N ARG A 102 -35.59 -36.96 18.37
CA ARG A 102 -36.70 -36.11 17.97
C ARG A 102 -36.50 -34.73 18.57
N GLN A 103 -35.27 -34.23 18.48
CA GLN A 103 -34.91 -32.91 18.97
C GLN A 103 -34.27 -32.14 17.82
N LEU A 104 -34.26 -30.83 17.97
CA LEU A 104 -33.69 -29.91 16.99
C LEU A 104 -32.23 -29.73 17.39
N ILE A 105 -31.30 -29.75 16.44
CA ILE A 105 -29.90 -29.52 16.79
C ILE A 105 -29.79 -28.03 17.07
N THR A 106 -29.35 -27.71 18.28
CA THR A 106 -29.26 -26.32 18.71
C THR A 106 -27.86 -25.74 18.76
N GLU A 107 -26.85 -26.60 18.77
CA GLU A 107 -25.46 -26.14 18.81
C GLU A 107 -24.79 -26.46 17.48
N GLU A 108 -23.73 -25.71 17.16
CA GLU A 108 -23.00 -25.92 15.91
C GLU A 108 -23.95 -25.89 14.71
N ARG A 109 -24.77 -24.86 14.65
CA ARG A 109 -25.77 -24.71 13.60
C ARG A 109 -25.17 -24.41 12.22
N ILE A 110 -25.91 -24.76 11.17
CA ILE A 110 -25.46 -24.47 9.81
C ILE A 110 -25.57 -22.94 9.69
N PRO A 111 -24.57 -22.29 9.07
CA PRO A 111 -24.58 -20.84 8.92
C PRO A 111 -25.76 -20.26 8.20
N ASN A 112 -25.98 -18.98 8.45
CA ASN A 112 -27.06 -18.27 7.80
C ASN A 112 -26.49 -17.95 6.41
N ASN A 113 -27.33 -17.97 5.39
CA ASN A 113 -26.86 -17.64 4.04
C ASN A 113 -25.95 -18.74 3.45
N THR A 114 -26.33 -20.00 3.71
CA THR A 114 -25.57 -21.14 3.19
C THR A 114 -25.90 -21.34 1.71
N GLN A 115 -24.86 -21.41 0.87
CA GLN A 115 -24.97 -21.53 -0.59
C GLN A 115 -25.34 -22.90 -1.18
N TRP A 116 -24.90 -23.96 -0.51
CA TRP A 116 -25.21 -25.31 -0.93
C TRP A 116 -24.91 -26.21 0.25
N ILE A 117 -25.68 -27.28 0.38
CA ILE A 117 -25.47 -28.22 1.46
C ILE A 117 -25.96 -29.57 0.96
N THR A 118 -25.29 -30.65 1.41
CA THR A 118 -25.71 -31.99 1.02
C THR A 118 -25.24 -33.04 2.00
N TRP A 119 -26.07 -34.07 2.19
CA TRP A 119 -25.70 -35.20 3.06
C TRP A 119 -24.75 -36.08 2.25
N SER A 120 -23.89 -36.84 2.93
CA SER A 120 -23.04 -37.80 2.24
C SER A 120 -24.04 -38.87 1.72
N PRO A 121 -23.59 -39.75 0.80
CA PRO A 121 -24.46 -40.79 0.23
C PRO A 121 -24.89 -41.87 1.22
N VAL A 122 -24.10 -42.06 2.27
CA VAL A 122 -24.41 -43.03 3.31
C VAL A 122 -24.17 -42.33 4.63
N GLY A 123 -24.77 -42.86 5.70
CA GLY A 123 -24.57 -42.25 6.99
C GLY A 123 -25.23 -40.90 7.11
N HIS A 124 -24.53 -39.93 7.66
CA HIS A 124 -25.11 -38.61 7.86
C HIS A 124 -24.11 -37.44 7.94
N LYS A 125 -23.01 -37.52 7.19
CA LYS A 125 -22.03 -36.44 7.18
C LYS A 125 -22.68 -35.31 6.38
N LEU A 126 -22.19 -34.10 6.55
CA LEU A 126 -22.72 -32.97 5.79
C LEU A 126 -21.56 -32.19 5.18
N ALA A 127 -21.76 -31.64 3.99
CA ALA A 127 -20.73 -30.79 3.35
C ALA A 127 -21.54 -29.56 2.90
N TYR A 128 -21.01 -28.37 3.10
CA TYR A 128 -21.78 -27.21 2.71
C TYR A 128 -20.84 -26.11 2.32
N VAL A 129 -21.36 -25.18 1.52
CA VAL A 129 -20.60 -24.06 1.05
C VAL A 129 -21.17 -22.78 1.70
N TRP A 130 -20.29 -21.93 2.19
CA TRP A 130 -20.71 -20.69 2.87
C TRP A 130 -19.60 -19.70 2.59
N ASN A 131 -19.96 -18.51 2.12
CA ASN A 131 -18.97 -17.50 1.76
C ASN A 131 -17.94 -18.06 0.76
N ASN A 132 -18.42 -18.88 -0.17
CA ASN A 132 -17.57 -19.46 -1.21
C ASN A 132 -16.51 -20.48 -0.73
N ASP A 133 -16.63 -20.96 0.52
CA ASP A 133 -15.69 -21.97 1.01
C ASP A 133 -16.45 -23.19 1.48
N ILE A 134 -15.79 -24.34 1.42
CA ILE A 134 -16.36 -25.60 1.81
C ILE A 134 -16.11 -25.98 3.26
N TYR A 135 -17.12 -26.57 3.88
CA TYR A 135 -17.03 -27.02 5.26
C TYR A 135 -17.61 -28.41 5.35
N VAL A 136 -17.06 -29.25 6.22
CA VAL A 136 -17.57 -30.58 6.41
C VAL A 136 -17.92 -30.77 7.88
N LYS A 137 -19.06 -31.38 8.15
CA LYS A 137 -19.49 -31.67 9.52
C LYS A 137 -19.72 -33.16 9.59
N ASN A 138 -18.89 -33.87 10.33
CA ASN A 138 -19.09 -35.32 10.46
C ASN A 138 -20.31 -35.66 11.28
N GLU A 139 -20.64 -34.82 12.25
CA GLU A 139 -21.83 -35.05 13.08
C GLU A 139 -22.63 -33.76 13.16
N PRO A 140 -23.96 -33.85 13.09
CA PRO A 140 -24.81 -32.65 13.16
C PRO A 140 -24.53 -31.79 14.39
N ASN A 141 -24.28 -32.42 15.53
CA ASN A 141 -24.02 -31.69 16.77
C ASN A 141 -22.56 -31.28 16.95
N LEU A 142 -21.67 -31.70 16.07
CA LEU A 142 -20.26 -31.33 16.20
C LEU A 142 -19.87 -30.14 15.34
N SER A 143 -18.76 -29.49 15.66
CA SER A 143 -18.35 -28.33 14.88
C SER A 143 -17.91 -28.78 13.50
N SER A 144 -18.08 -27.88 12.53
CA SER A 144 -17.70 -28.20 11.18
C SER A 144 -16.22 -27.90 11.01
N GLN A 145 -15.62 -28.54 10.02
CA GLN A 145 -14.22 -28.38 9.69
C GLN A 145 -14.09 -27.73 8.32
N ARG A 146 -13.38 -26.60 8.28
CA ARG A 146 -13.17 -25.84 7.06
C ARG A 146 -12.22 -26.57 6.13
N ILE A 147 -12.59 -26.61 4.85
CA ILE A 147 -11.86 -27.31 3.80
C ILE A 147 -11.07 -26.38 2.86
N THR A 148 -11.60 -25.19 2.62
CA THR A 148 -10.91 -24.27 1.70
C THR A 148 -10.85 -22.88 2.33
N TRP A 149 -9.85 -22.09 1.95
CA TRP A 149 -9.69 -20.79 2.55
C TRP A 149 -9.55 -19.69 1.50
N THR A 150 -9.71 -20.07 0.23
CA THR A 150 -9.58 -19.12 -0.88
C THR A 150 -10.87 -18.44 -1.36
N GLY A 151 -12.00 -18.81 -0.80
CA GLY A 151 -13.28 -18.23 -1.20
C GLY A 151 -13.26 -16.73 -1.18
N LYS A 152 -13.70 -16.10 -2.27
CA LYS A 152 -13.71 -14.67 -2.39
C LYS A 152 -14.83 -14.22 -3.33
N GLU A 153 -15.76 -13.42 -2.81
CA GLU A 153 -16.88 -12.92 -3.59
C GLU A 153 -16.44 -12.42 -4.96
N ASN A 154 -17.14 -12.88 -6.01
CA ASN A 154 -16.84 -12.51 -7.39
C ASN A 154 -15.46 -12.90 -7.88
N VAL A 155 -14.73 -13.71 -7.12
CA VAL A 155 -13.40 -14.05 -7.60
C VAL A 155 -13.13 -15.55 -7.55
N ILE A 156 -13.20 -16.14 -6.36
CA ILE A 156 -12.93 -17.58 -6.21
C ILE A 156 -14.12 -18.28 -5.62
N TYR A 157 -14.56 -19.33 -6.29
CA TYR A 157 -15.70 -20.10 -5.88
C TYR A 157 -15.30 -21.57 -5.59
N ASN A 158 -15.50 -22.04 -4.36
CA ASN A 158 -15.16 -23.43 -4.03
C ASN A 158 -16.43 -24.18 -3.70
N GLY A 159 -16.72 -25.22 -4.48
CA GLY A 159 -17.90 -26.00 -4.18
C GLY A 159 -19.22 -25.58 -4.80
N VAL A 160 -19.23 -24.40 -5.40
CA VAL A 160 -20.41 -23.91 -6.14
C VAL A 160 -19.84 -23.27 -7.42
N THR A 161 -20.68 -23.18 -8.44
CA THR A 161 -20.29 -22.60 -9.73
C THR A 161 -20.31 -21.08 -9.76
N ASP A 162 -19.65 -20.51 -10.77
CA ASP A 162 -19.68 -19.06 -10.96
C ASP A 162 -20.90 -18.88 -11.90
N TRP A 163 -21.14 -17.67 -12.39
CA TRP A 163 -22.35 -17.46 -13.21
C TRP A 163 -22.46 -18.33 -14.46
N VAL A 164 -21.41 -18.34 -15.28
CA VAL A 164 -21.50 -19.06 -16.54
C VAL A 164 -21.53 -20.58 -16.43
N TYR A 165 -20.85 -21.13 -15.42
CA TYR A 165 -20.88 -22.56 -15.22
C TYR A 165 -22.25 -22.94 -14.71
N GLU A 166 -22.86 -22.09 -13.87
CA GLU A 166 -24.18 -22.43 -13.35
C GLU A 166 -25.23 -22.48 -14.50
N GLU A 167 -25.24 -21.42 -15.29
CA GLU A 167 -26.20 -21.33 -16.36
C GLU A 167 -25.96 -22.23 -17.57
N GLU A 168 -24.70 -22.30 -18.00
CA GLU A 168 -24.39 -22.99 -19.24
C GLU A 168 -23.69 -24.34 -19.25
N VAL A 169 -23.03 -24.69 -18.14
CA VAL A 169 -22.31 -25.97 -18.09
C VAL A 169 -22.95 -27.02 -17.21
N PHE A 170 -23.16 -26.70 -15.93
CA PHE A 170 -23.76 -27.64 -14.98
C PHE A 170 -25.29 -27.55 -14.85
N SER A 171 -25.87 -26.41 -15.18
CA SER A 171 -27.31 -26.21 -14.99
C SER A 171 -27.59 -26.49 -13.51
N ALA A 172 -26.68 -26.03 -12.66
CA ALA A 172 -26.78 -26.23 -11.21
C ALA A 172 -25.77 -25.33 -10.53
N TYR A 173 -26.00 -25.08 -9.26
CA TYR A 173 -25.12 -24.22 -8.48
C TYR A 173 -24.09 -25.08 -7.75
N SER A 174 -24.45 -26.31 -7.46
CA SER A 174 -23.55 -27.19 -6.72
C SER A 174 -22.33 -27.64 -7.53
N ALA A 175 -21.19 -27.74 -6.86
CA ALA A 175 -19.96 -28.24 -7.52
C ALA A 175 -19.21 -29.08 -6.45
N LEU A 176 -19.97 -29.95 -5.77
CA LEU A 176 -19.45 -30.82 -4.73
C LEU A 176 -20.00 -32.19 -5.03
N TRP A 177 -19.16 -33.21 -4.89
CA TRP A 177 -19.62 -34.57 -5.15
C TRP A 177 -19.03 -35.55 -4.15
N TRP A 178 -19.83 -36.05 -3.21
CA TRP A 178 -19.34 -37.04 -2.25
C TRP A 178 -19.10 -38.37 -2.97
N SER A 179 -18.14 -39.18 -2.49
CA SER A 179 -17.91 -40.49 -3.09
C SER A 179 -19.02 -41.37 -2.53
N PRO A 180 -19.30 -42.54 -3.18
CA PRO A 180 -20.37 -43.47 -2.77
C PRO A 180 -20.48 -43.81 -1.31
N ASN A 181 -19.35 -44.04 -0.65
CA ASN A 181 -19.34 -44.37 0.77
C ASN A 181 -18.89 -43.23 1.69
N GLY A 182 -18.79 -42.03 1.12
CA GLY A 182 -18.42 -40.87 1.92
C GLY A 182 -16.97 -40.67 2.29
N THR A 183 -16.06 -41.48 1.75
CA THR A 183 -14.63 -41.33 2.05
C THR A 183 -14.08 -40.05 1.45
N PHE A 184 -14.43 -39.80 0.20
CA PHE A 184 -13.92 -38.64 -0.49
C PHE A 184 -14.99 -37.61 -0.82
N LEU A 185 -14.56 -36.36 -0.87
CA LEU A 185 -15.44 -35.24 -1.24
C LEU A 185 -14.71 -34.58 -2.38
N ALA A 186 -15.27 -34.65 -3.59
CA ALA A 186 -14.68 -34.00 -4.74
C ALA A 186 -15.36 -32.64 -4.86
N TYR A 187 -14.63 -31.65 -5.37
CA TYR A 187 -15.21 -30.33 -5.59
C TYR A 187 -14.44 -29.62 -6.70
N ALA A 188 -15.05 -28.58 -7.28
CA ALA A 188 -14.37 -27.80 -8.29
C ALA A 188 -14.21 -26.40 -7.72
N GLN A 189 -13.17 -25.72 -8.16
CA GLN A 189 -12.89 -24.36 -7.75
C GLN A 189 -12.90 -23.54 -9.02
N PHE A 190 -13.70 -22.47 -9.05
CA PHE A 190 -13.73 -21.61 -10.22
C PHE A 190 -13.02 -20.29 -9.89
N ASN A 191 -12.21 -19.83 -10.83
CA ASN A 191 -11.44 -18.61 -10.66
C ASN A 191 -11.84 -17.59 -11.73
N ASP A 192 -12.58 -16.56 -11.33
CA ASP A 192 -13.05 -15.52 -12.24
C ASP A 192 -12.17 -14.27 -12.28
N THR A 193 -10.96 -14.35 -11.73
CA THR A 193 -10.08 -13.18 -11.69
C THR A 193 -10.02 -12.33 -12.93
N GLU A 194 -9.90 -12.95 -14.08
CA GLU A 194 -9.77 -12.22 -15.32
C GLU A 194 -11.03 -12.05 -16.16
N VAL A 195 -12.17 -12.50 -15.63
CA VAL A 195 -13.43 -12.41 -16.37
C VAL A 195 -14.00 -10.99 -16.22
N PRO A 196 -14.32 -10.32 -17.34
CA PRO A 196 -14.88 -8.96 -17.22
C PRO A 196 -16.24 -8.97 -16.51
N LEU A 197 -16.59 -7.84 -15.92
CA LEU A 197 -17.83 -7.75 -15.18
C LEU A 197 -18.95 -7.09 -15.99
N ILE A 198 -20.14 -7.66 -15.92
CA ILE A 198 -21.28 -7.00 -16.54
C ILE A 198 -21.75 -6.17 -15.33
N GLU A 199 -22.13 -4.92 -15.57
CA GLU A 199 -22.62 -4.05 -14.50
C GLU A 199 -23.95 -3.46 -14.94
N TYR A 200 -24.88 -3.36 -14.01
CA TYR A 200 -26.20 -2.79 -14.31
C TYR A 200 -26.82 -2.30 -13.00
N SER A 201 -27.68 -1.29 -13.12
CA SER A 201 -28.33 -0.70 -11.94
C SER A 201 -29.42 -1.58 -11.40
N PHE A 202 -29.59 -1.57 -10.07
CA PHE A 202 -30.67 -2.29 -9.40
C PHE A 202 -31.27 -1.17 -8.52
N TYR A 203 -32.55 -0.89 -8.68
CA TYR A 203 -33.15 0.24 -7.98
C TYR A 203 -33.67 -0.04 -6.57
N SER A 204 -34.05 -1.29 -6.35
CA SER A 204 -34.54 -1.76 -5.06
C SER A 204 -35.84 -1.08 -4.63
N ASP A 205 -36.21 -1.22 -3.36
CA ASP A 205 -37.43 -0.60 -2.86
C ASP A 205 -37.34 0.91 -3.06
N GLU A 206 -38.50 1.52 -3.23
CA GLU A 206 -38.64 2.98 -3.46
C GLU A 206 -37.89 3.81 -2.43
N SER A 207 -37.73 3.27 -1.22
CA SER A 207 -37.03 3.98 -0.17
C SER A 207 -35.53 4.15 -0.39
N LEU A 208 -34.91 3.35 -1.26
CA LEU A 208 -33.45 3.45 -1.50
C LEU A 208 -33.17 4.72 -2.28
N GLN A 209 -32.49 5.67 -1.65
CA GLN A 209 -32.24 6.97 -2.31
C GLN A 209 -31.32 6.91 -3.57
N TYR A 210 -30.27 6.09 -3.51
CA TYR A 210 -29.35 5.91 -4.63
C TYR A 210 -29.40 4.46 -5.11
N PRO A 211 -29.50 4.26 -6.43
CA PRO A 211 -29.55 2.91 -7.01
C PRO A 211 -28.23 2.19 -6.71
N LYS A 212 -28.26 0.86 -6.70
CA LYS A 212 -27.08 0.03 -6.48
C LYS A 212 -26.59 -0.41 -7.85
N THR A 213 -25.31 -0.70 -7.97
CA THR A 213 -24.80 -1.21 -9.24
C THR A 213 -24.44 -2.68 -8.98
N VAL A 214 -25.06 -3.60 -9.71
CA VAL A 214 -24.77 -5.03 -9.59
C VAL A 214 -23.58 -5.32 -10.52
N ARG A 215 -22.64 -6.14 -10.05
CA ARG A 215 -21.48 -6.50 -10.87
C ARG A 215 -21.31 -8.02 -10.82
N ILE A 216 -21.24 -8.65 -11.98
CA ILE A 216 -21.12 -10.11 -12.03
C ILE A 216 -20.02 -10.47 -13.02
N PRO A 217 -19.10 -11.39 -12.64
CA PRO A 217 -18.05 -11.75 -13.63
C PRO A 217 -18.86 -12.56 -14.67
N TYR A 218 -18.86 -12.09 -15.92
CA TYR A 218 -19.67 -12.72 -16.96
C TYR A 218 -18.88 -12.63 -18.26
N PRO A 219 -18.45 -13.78 -18.78
CA PRO A 219 -17.68 -13.72 -20.04
C PRO A 219 -18.58 -13.68 -21.25
N LYS A 220 -18.50 -12.60 -22.01
CA LYS A 220 -19.29 -12.52 -23.23
C LYS A 220 -18.47 -13.25 -24.32
N ALA A 221 -19.03 -13.42 -25.52
CA ALA A 221 -18.35 -14.16 -26.57
C ALA A 221 -16.93 -13.69 -26.83
N GLY A 222 -16.01 -14.64 -26.83
CA GLY A 222 -14.62 -14.30 -27.09
C GLY A 222 -13.86 -13.73 -25.89
N ALA A 223 -14.53 -13.46 -24.76
CA ALA A 223 -13.83 -12.88 -23.61
C ALA A 223 -13.05 -13.89 -22.76
N GLU A 224 -12.24 -13.36 -21.86
CA GLU A 224 -11.45 -14.22 -20.99
C GLU A 224 -12.44 -15.04 -20.17
N ASN A 225 -12.23 -16.35 -20.08
CA ASN A 225 -13.16 -17.22 -19.33
C ASN A 225 -12.67 -17.57 -17.94
N PRO A 226 -13.57 -18.08 -17.08
CA PRO A 226 -13.12 -18.46 -15.74
C PRO A 226 -12.25 -19.74 -15.94
N THR A 227 -11.36 -20.03 -15.01
CA THR A 227 -10.56 -21.27 -15.09
C THR A 227 -11.08 -22.18 -14.00
N VAL A 228 -10.83 -23.48 -14.11
CA VAL A 228 -11.34 -24.43 -13.14
C VAL A 228 -10.23 -25.39 -12.66
N LYS A 229 -10.37 -25.85 -11.42
CA LYS A 229 -9.46 -26.85 -10.81
C LYS A 229 -10.38 -27.85 -10.14
N PHE A 230 -10.07 -29.14 -10.30
CA PHE A 230 -10.88 -30.19 -9.71
C PHE A 230 -10.02 -30.92 -8.67
N PHE A 231 -10.55 -31.07 -7.47
CA PHE A 231 -9.84 -31.71 -6.37
C PHE A 231 -10.65 -32.81 -5.74
N VAL A 232 -9.94 -33.78 -5.15
CA VAL A 232 -10.63 -34.84 -4.44
C VAL A 232 -10.05 -34.81 -3.03
N VAL A 233 -10.90 -34.57 -2.05
CA VAL A 233 -10.47 -34.52 -0.67
C VAL A 233 -10.72 -35.83 0.06
N ASP A 234 -9.71 -36.28 0.80
CA ASP A 234 -9.82 -37.50 1.60
C ASP A 234 -10.26 -37.00 2.95
N THR A 235 -11.53 -37.23 3.27
CA THR A 235 -12.11 -36.75 4.51
C THR A 235 -11.73 -37.53 5.75
N ARG A 236 -11.05 -38.65 5.57
CA ARG A 236 -10.67 -39.45 6.73
C ARG A 236 -9.69 -38.74 7.64
N THR A 237 -8.90 -37.82 7.10
CA THR A 237 -7.88 -37.15 7.91
C THR A 237 -8.27 -35.78 8.41
N LEU A 238 -9.50 -35.34 8.10
CA LEU A 238 -9.95 -34.02 8.54
C LEU A 238 -9.92 -33.93 10.05
N SER A 239 -9.18 -32.97 10.57
CA SER A 239 -9.07 -32.79 12.01
C SER A 239 -8.66 -31.33 12.20
N PRO A 240 -9.03 -30.71 13.33
CA PRO A 240 -8.63 -29.31 13.46
C PRO A 240 -7.13 -29.01 13.40
N ASN A 241 -6.30 -29.93 13.86
CA ASN A 241 -4.85 -29.69 13.83
C ASN A 241 -4.17 -30.37 12.63
N ALA A 242 -4.97 -30.83 11.67
CA ALA A 242 -4.44 -31.45 10.47
C ALA A 242 -4.68 -30.55 9.25
N SER A 243 -3.78 -30.63 8.27
CA SER A 243 -3.97 -29.92 7.02
C SER A 243 -5.01 -30.75 6.26
N VAL A 244 -5.35 -30.30 5.05
CA VAL A 244 -6.32 -31.03 4.24
C VAL A 244 -5.60 -31.92 3.25
N THR A 245 -6.03 -33.17 3.18
CA THR A 245 -5.43 -34.08 2.24
C THR A 245 -6.29 -34.07 0.98
N SER A 246 -5.75 -33.53 -0.11
CA SER A 246 -6.50 -33.47 -1.35
C SER A 246 -5.59 -33.62 -2.54
N TYR A 247 -6.18 -34.03 -3.64
CA TYR A 247 -5.42 -34.24 -4.85
C TYR A 247 -6.10 -33.56 -6.04
N GLN A 248 -5.32 -32.84 -6.84
CA GLN A 248 -5.88 -32.16 -8.01
C GLN A 248 -5.75 -33.00 -9.25
N ILE A 249 -6.89 -33.25 -9.90
CA ILE A 249 -6.92 -34.02 -11.13
C ILE A 249 -7.03 -33.03 -12.28
N VAL A 250 -6.06 -33.09 -13.19
CA VAL A 250 -6.07 -32.20 -14.35
C VAL A 250 -6.64 -32.91 -15.58
N PRO A 251 -7.08 -32.13 -16.57
CA PRO A 251 -7.62 -32.85 -17.73
C PRO A 251 -6.53 -33.50 -18.56
N PRO A 252 -6.90 -34.46 -19.42
CA PRO A 252 -5.93 -35.13 -20.28
C PRO A 252 -5.21 -34.08 -21.12
N ALA A 253 -3.99 -34.40 -21.56
CA ALA A 253 -3.17 -33.48 -22.33
C ALA A 253 -3.89 -32.81 -23.51
N SER A 254 -4.72 -33.55 -24.23
CA SER A 254 -5.41 -33.01 -25.39
C SER A 254 -6.42 -31.90 -25.10
N VAL A 255 -6.73 -31.70 -23.82
CA VAL A 255 -7.68 -30.66 -23.42
C VAL A 255 -6.94 -29.64 -22.58
N LEU A 256 -6.03 -30.12 -21.72
CA LEU A 256 -5.22 -29.26 -20.86
C LEU A 256 -4.45 -28.25 -21.71
N ILE A 257 -4.30 -28.56 -22.98
CA ILE A 257 -3.54 -27.75 -23.92
C ILE A 257 -4.11 -26.34 -24.17
N GLY A 258 -5.38 -26.12 -23.89
CA GLY A 258 -5.97 -24.81 -24.12
C GLY A 258 -7.15 -24.55 -23.19
N ASP A 259 -7.87 -23.45 -23.41
CA ASP A 259 -9.03 -23.14 -22.57
C ASP A 259 -9.95 -24.33 -22.59
N HIS A 260 -10.52 -24.66 -21.44
CA HIS A 260 -11.42 -25.80 -21.39
C HIS A 260 -12.49 -25.60 -20.30
N TYR A 261 -13.39 -26.57 -20.21
CA TYR A 261 -14.43 -26.59 -19.20
C TYR A 261 -14.52 -27.98 -18.61
N LEU A 262 -14.89 -28.04 -17.34
CA LEU A 262 -15.14 -29.31 -16.70
C LEU A 262 -16.65 -29.45 -16.92
N CYS A 263 -17.13 -30.53 -17.54
CA CYS A 263 -18.57 -30.61 -17.73
C CYS A 263 -19.30 -31.75 -17.10
N GLY A 264 -18.57 -32.71 -16.52
CA GLY A 264 -19.27 -33.82 -15.88
C GLY A 264 -18.42 -34.50 -14.82
N VAL A 265 -19.05 -34.97 -13.75
CA VAL A 265 -18.33 -35.67 -12.70
C VAL A 265 -19.22 -36.83 -12.28
N THR A 266 -18.70 -38.06 -12.37
CA THR A 266 -19.47 -39.23 -12.01
C THR A 266 -18.64 -40.19 -11.15
N TRP A 267 -19.05 -40.40 -9.92
CA TRP A 267 -18.33 -41.35 -9.09
C TRP A 267 -18.70 -42.76 -9.61
N VAL A 268 -17.69 -43.63 -9.79
CA VAL A 268 -17.95 -45.01 -10.29
C VAL A 268 -17.96 -46.01 -9.09
N THR A 269 -16.88 -46.00 -8.32
CA THR A 269 -16.79 -46.82 -7.10
C THR A 269 -16.09 -45.88 -6.13
N GLU A 270 -15.81 -46.35 -4.92
CA GLU A 270 -15.12 -45.52 -3.92
C GLU A 270 -13.71 -45.19 -4.35
N GLU A 271 -13.19 -45.93 -5.32
CA GLU A 271 -11.84 -45.67 -5.76
C GLU A 271 -11.70 -45.38 -7.24
N ARG A 272 -12.82 -45.07 -7.89
CA ARG A 272 -12.76 -44.72 -9.31
C ARG A 272 -13.75 -43.59 -9.60
N ILE A 273 -13.27 -42.52 -10.23
CA ILE A 273 -14.17 -41.41 -10.53
C ILE A 273 -14.03 -41.08 -12.01
N SER A 274 -15.13 -40.68 -12.64
CA SER A 274 -15.10 -40.36 -14.07
C SER A 274 -15.30 -38.87 -14.26
N LEU A 275 -14.34 -38.24 -14.91
CA LEU A 275 -14.40 -36.80 -15.19
C LEU A 275 -14.60 -36.60 -16.68
N GLN A 276 -15.50 -35.67 -17.05
CA GLN A 276 -15.70 -35.41 -18.46
C GLN A 276 -15.36 -33.93 -18.69
N TRP A 277 -14.45 -33.72 -19.64
CA TRP A 277 -13.96 -32.37 -19.95
C TRP A 277 -14.28 -32.07 -21.40
N ILE A 278 -14.28 -30.79 -21.73
CA ILE A 278 -14.57 -30.40 -23.09
C ILE A 278 -13.75 -29.16 -23.37
N ARG A 279 -13.25 -29.06 -24.59
CA ARG A 279 -12.45 -27.92 -24.98
C ARG A 279 -13.36 -26.71 -25.09
N ARG A 280 -12.80 -25.52 -25.03
CA ARG A 280 -13.62 -24.31 -25.15
C ARG A 280 -14.46 -24.31 -26.43
N ALA A 281 -13.88 -24.75 -27.54
CA ALA A 281 -14.61 -24.82 -28.81
C ALA A 281 -15.85 -25.76 -28.76
N GLN A 282 -15.88 -26.64 -27.77
CA GLN A 282 -16.98 -27.57 -27.55
C GLN A 282 -17.33 -28.57 -28.68
N ASN A 283 -16.33 -28.94 -29.48
CA ASN A 283 -16.51 -29.94 -30.53
C ASN A 283 -15.55 -31.13 -30.26
N TYR A 284 -14.94 -31.09 -29.08
CA TYR A 284 -14.01 -32.14 -28.64
C TYR A 284 -14.18 -32.34 -27.14
N SER A 285 -14.58 -33.52 -26.72
CA SER A 285 -14.74 -33.80 -25.30
C SER A 285 -14.02 -35.11 -24.98
N ILE A 286 -13.70 -35.32 -23.71
CA ILE A 286 -13.03 -36.54 -23.32
C ILE A 286 -13.42 -36.95 -21.93
N ILE A 287 -13.60 -38.24 -21.72
CA ILE A 287 -13.93 -38.79 -20.43
C ILE A 287 -12.61 -39.37 -19.93
N ASP A 288 -12.27 -39.08 -18.67
CA ASP A 288 -11.03 -39.54 -18.07
C ASP A 288 -11.40 -40.28 -16.80
N ILE A 289 -11.14 -41.59 -16.79
CA ILE A 289 -11.49 -42.41 -15.65
C ILE A 289 -10.25 -42.64 -14.78
N CYS A 290 -10.24 -41.97 -13.64
CA CYS A 290 -9.10 -42.02 -12.72
C CYS A 290 -9.29 -42.97 -11.54
N ASP A 291 -8.24 -43.72 -11.23
CA ASP A 291 -8.28 -44.70 -10.15
C ASP A 291 -7.38 -44.27 -8.98
N TYR A 292 -7.90 -44.41 -7.77
CA TYR A 292 -7.18 -44.08 -6.56
C TYR A 292 -6.01 -45.04 -6.32
N ASP A 293 -4.83 -44.48 -6.06
CA ASP A 293 -3.63 -45.27 -5.78
C ASP A 293 -3.49 -45.28 -4.27
N GLU A 294 -3.85 -46.39 -3.66
CA GLU A 294 -3.81 -46.50 -2.23
C GLU A 294 -2.48 -46.18 -1.54
N SER A 295 -1.37 -46.40 -2.22
CA SER A 295 -0.09 -46.15 -1.56
C SER A 295 0.35 -44.69 -1.55
N THR A 296 -0.18 -43.89 -2.46
CA THR A 296 0.21 -42.48 -2.54
C THR A 296 -0.94 -41.48 -2.43
N GLY A 297 -2.17 -41.96 -2.45
CA GLY A 297 -3.31 -41.05 -2.37
C GLY A 297 -3.61 -40.32 -3.68
N ARG A 298 -2.84 -40.61 -4.74
CA ARG A 298 -3.10 -39.97 -6.03
C ARG A 298 -4.27 -40.62 -6.78
N TRP A 299 -4.82 -39.88 -7.73
CA TRP A 299 -5.90 -40.40 -8.56
C TRP A 299 -5.21 -40.46 -9.91
N ILE A 300 -5.14 -41.67 -10.45
CA ILE A 300 -4.41 -41.87 -11.68
C ILE A 300 -5.22 -42.11 -12.94
N SER A 301 -4.83 -41.44 -14.02
CA SER A 301 -5.50 -41.66 -15.28
C SER A 301 -4.60 -42.48 -16.22
N SER A 302 -5.20 -43.13 -17.20
CA SER A 302 -4.42 -43.88 -18.18
C SER A 302 -5.10 -43.69 -19.52
N VAL A 303 -4.29 -43.65 -20.57
CA VAL A 303 -4.84 -43.46 -21.91
C VAL A 303 -5.87 -44.53 -22.25
N ALA A 304 -5.68 -45.74 -21.76
CA ALA A 304 -6.62 -46.83 -22.04
C ALA A 304 -8.00 -46.55 -21.45
N ARG A 305 -8.04 -45.69 -20.43
CA ARG A 305 -9.30 -45.37 -19.79
C ARG A 305 -9.87 -44.02 -20.22
N GLN A 306 -9.40 -43.51 -21.35
CA GLN A 306 -9.88 -42.24 -21.84
C GLN A 306 -10.75 -42.46 -23.08
N HIS A 307 -11.89 -41.76 -23.14
CA HIS A 307 -12.83 -41.90 -24.26
C HIS A 307 -13.17 -40.57 -24.86
N ILE A 308 -12.79 -40.41 -26.13
CA ILE A 308 -12.98 -39.19 -26.88
C ILE A 308 -14.28 -39.11 -27.65
N GLU A 309 -14.87 -37.92 -27.69
CA GLU A 309 -16.10 -37.74 -28.45
C GLU A 309 -15.94 -36.42 -29.17
N ILE A 310 -16.08 -36.42 -30.50
CA ILE A 310 -15.92 -35.19 -31.26
C ILE A 310 -17.05 -34.96 -32.23
N SER A 311 -17.15 -33.73 -32.72
CA SER A 311 -18.16 -33.40 -33.72
C SER A 311 -17.47 -32.57 -34.80
N THR A 312 -17.63 -33.00 -36.06
CA THR A 312 -17.02 -32.31 -37.19
C THR A 312 -18.03 -31.39 -37.84
N THR A 313 -19.29 -31.60 -37.52
CA THR A 313 -20.38 -30.82 -38.08
C THR A 313 -21.08 -29.89 -37.10
N GLY A 314 -20.65 -29.89 -35.84
CA GLY A 314 -21.29 -29.02 -34.87
C GLY A 314 -20.62 -29.14 -33.53
N TRP A 315 -21.43 -29.28 -32.49
CA TRP A 315 -20.95 -29.40 -31.12
C TRP A 315 -21.22 -30.80 -30.56
N VAL A 316 -20.60 -31.11 -29.43
CA VAL A 316 -20.81 -32.40 -28.79
C VAL A 316 -22.05 -32.43 -27.88
N GLY A 317 -22.91 -33.43 -28.10
CA GLY A 317 -24.09 -33.58 -27.28
C GLY A 317 -25.19 -32.59 -27.60
N ARG A 318 -26.23 -32.57 -26.79
CA ARG A 318 -27.31 -31.67 -27.08
C ARG A 318 -26.94 -30.26 -26.63
N PHE A 319 -26.61 -30.11 -25.34
CA PHE A 319 -26.17 -28.83 -24.79
C PHE A 319 -24.80 -29.02 -24.14
N ARG A 320 -24.46 -30.29 -23.92
CA ARG A 320 -23.17 -30.71 -23.37
C ARG A 320 -23.12 -32.22 -23.61
N PRO A 321 -21.92 -32.83 -23.58
CA PRO A 321 -21.90 -34.27 -23.80
C PRO A 321 -22.77 -34.99 -22.78
N ALA A 322 -23.39 -36.08 -23.19
CA ALA A 322 -24.24 -36.88 -22.30
C ALA A 322 -23.35 -37.57 -21.25
N GLU A 323 -23.95 -37.90 -20.10
CA GLU A 323 -23.24 -38.50 -18.98
C GLU A 323 -23.13 -40.01 -19.09
N PRO A 324 -21.98 -40.55 -18.66
CA PRO A 324 -21.77 -42.01 -18.72
C PRO A 324 -22.52 -42.68 -17.57
N HIS A 325 -23.12 -43.84 -17.81
CA HIS A 325 -23.80 -44.58 -16.74
C HIS A 325 -23.03 -45.89 -16.54
N PHE A 326 -22.26 -45.93 -15.46
CA PHE A 326 -21.41 -47.08 -15.17
C PHE A 326 -22.10 -48.27 -14.54
N THR A 327 -21.56 -49.46 -14.78
CA THR A 327 -22.12 -50.64 -14.14
C THR A 327 -21.62 -50.68 -12.68
N SER A 328 -22.32 -51.44 -11.86
CA SER A 328 -21.98 -51.56 -10.47
C SER A 328 -20.45 -51.75 -10.26
N ASP A 329 -19.84 -52.61 -11.05
CA ASP A 329 -18.41 -52.88 -10.91
C ASP A 329 -17.49 -51.84 -11.56
N GLY A 330 -18.06 -50.95 -12.35
CA GLY A 330 -17.26 -49.92 -12.99
C GLY A 330 -16.41 -50.35 -14.17
N ASN A 331 -16.58 -51.60 -14.64
CA ASN A 331 -15.80 -52.09 -15.77
C ASN A 331 -16.33 -51.66 -17.14
N SER A 332 -17.59 -51.23 -17.18
CA SER A 332 -18.12 -50.75 -18.44
C SER A 332 -19.15 -49.66 -18.14
N PHE A 333 -19.61 -48.98 -19.18
CA PHE A 333 -20.60 -47.93 -18.98
C PHE A 333 -21.40 -47.75 -20.26
N TYR A 334 -22.56 -47.12 -20.11
CA TYR A 334 -23.46 -46.86 -21.22
C TYR A 334 -23.60 -45.36 -21.35
N LYS A 335 -23.53 -44.86 -22.57
CA LYS A 335 -23.64 -43.41 -22.79
C LYS A 335 -24.28 -43.13 -24.15
N ILE A 336 -25.11 -42.07 -24.20
CA ILE A 336 -25.76 -41.66 -25.43
C ILE A 336 -24.79 -40.87 -26.27
N ILE A 337 -24.64 -41.25 -27.54
CA ILE A 337 -23.77 -40.54 -28.47
C ILE A 337 -24.42 -40.59 -29.88
N SER A 338 -23.95 -39.74 -30.78
CA SER A 338 -24.50 -39.73 -32.12
C SER A 338 -24.06 -40.94 -32.95
N ASN A 339 -25.06 -41.50 -33.64
CA ASN A 339 -25.04 -42.65 -34.58
C ASN A 339 -24.23 -42.30 -35.81
N GLU A 340 -24.11 -43.27 -36.73
CA GLU A 340 -23.41 -43.07 -38.01
C GLU A 340 -24.36 -42.24 -38.88
N GLU A 341 -25.64 -42.30 -38.51
CA GLU A 341 -26.73 -41.59 -39.20
C GLU A 341 -27.04 -40.27 -38.50
N GLY A 342 -26.30 -39.94 -37.45
CA GLY A 342 -26.57 -38.70 -36.73
C GLY A 342 -27.62 -38.77 -35.62
N TYR A 343 -28.16 -39.95 -35.36
CA TYR A 343 -29.16 -40.09 -34.31
C TYR A 343 -28.54 -40.49 -32.96
N LYS A 344 -28.96 -39.80 -31.89
CA LYS A 344 -28.42 -40.06 -30.55
C LYS A 344 -28.99 -41.38 -30.02
N HIS A 345 -28.08 -42.33 -29.78
CA HIS A 345 -28.44 -43.65 -29.29
C HIS A 345 -27.52 -44.12 -28.20
N ILE A 346 -27.91 -45.18 -27.51
CA ILE A 346 -27.08 -45.67 -26.43
C ILE A 346 -25.96 -46.59 -26.90
N CYS A 347 -24.72 -46.25 -26.53
CA CYS A 347 -23.54 -47.06 -26.86
C CYS A 347 -22.98 -47.67 -25.57
N HIS A 348 -22.58 -48.93 -25.65
CA HIS A 348 -22.00 -49.65 -24.52
C HIS A 348 -20.47 -49.59 -24.62
N PHE A 349 -19.82 -48.98 -23.64
CA PHE A 349 -18.35 -48.88 -23.63
C PHE A 349 -17.72 -49.75 -22.57
N GLN A 350 -16.53 -50.24 -22.88
CA GLN A 350 -15.72 -51.02 -21.95
C GLN A 350 -14.87 -49.92 -21.35
N THR A 351 -14.78 -49.87 -20.03
CA THR A 351 -14.00 -48.82 -19.40
C THR A 351 -12.59 -48.67 -19.96
N ASP A 352 -11.94 -49.78 -20.31
CA ASP A 352 -10.58 -49.72 -20.83
C ASP A 352 -10.37 -49.98 -22.32
N LYS A 353 -11.44 -49.90 -23.11
CA LYS A 353 -11.38 -50.10 -24.57
C LYS A 353 -11.92 -48.84 -25.27
N SER A 354 -11.48 -48.58 -26.50
CA SER A 354 -11.92 -47.39 -27.21
C SER A 354 -13.18 -47.55 -28.09
N ASN A 355 -13.43 -48.75 -28.61
CA ASN A 355 -14.61 -48.96 -29.45
C ASN A 355 -15.83 -49.26 -28.61
N CYS A 356 -16.98 -48.77 -29.02
CA CYS A 356 -18.20 -49.05 -28.26
C CYS A 356 -19.18 -49.76 -29.17
N THR A 357 -20.22 -50.32 -28.59
CA THR A 357 -21.23 -51.01 -29.36
C THR A 357 -22.61 -50.42 -29.09
N PHE A 358 -23.27 -49.96 -30.16
CA PHE A 358 -24.62 -49.40 -30.03
C PHE A 358 -25.63 -50.46 -29.63
N ILE A 359 -26.46 -50.15 -28.64
CA ILE A 359 -27.46 -51.12 -28.22
C ILE A 359 -28.86 -50.67 -28.64
N THR A 360 -28.96 -49.47 -29.21
CA THR A 360 -30.24 -48.97 -29.73
C THR A 360 -29.92 -48.34 -31.07
N LYS A 361 -30.93 -48.25 -31.94
CA LYS A 361 -30.76 -47.67 -33.27
C LYS A 361 -32.11 -47.32 -33.87
N GLY A 362 -32.12 -46.46 -34.89
CA GLY A 362 -33.38 -46.08 -35.50
C GLY A 362 -33.48 -44.60 -35.81
N ALA A 363 -34.44 -44.22 -36.63
CA ALA A 363 -34.62 -42.81 -36.98
C ALA A 363 -35.44 -42.12 -35.88
N TRP A 364 -34.89 -42.13 -34.67
CA TRP A 364 -35.47 -41.52 -33.47
C TRP A 364 -34.33 -41.44 -32.46
N GLU A 365 -34.57 -40.85 -31.30
CA GLU A 365 -33.50 -40.69 -30.32
C GLU A 365 -33.81 -41.04 -28.88
N VAL A 366 -32.76 -41.50 -28.19
CA VAL A 366 -32.84 -41.81 -26.78
C VAL A 366 -32.62 -40.44 -26.13
N ILE A 367 -33.51 -40.06 -25.22
CA ILE A 367 -33.42 -38.77 -24.55
C ILE A 367 -32.48 -38.88 -23.37
N GLY A 368 -32.61 -39.94 -22.59
CA GLY A 368 -31.73 -40.11 -21.45
C GLY A 368 -31.83 -41.51 -20.87
N ILE A 369 -30.80 -41.92 -20.18
CA ILE A 369 -30.75 -43.22 -19.51
C ILE A 369 -31.23 -42.96 -18.08
N GLU A 370 -32.29 -43.64 -17.65
CA GLU A 370 -32.87 -43.40 -16.34
C GLU A 370 -32.40 -44.32 -15.23
N ALA A 371 -32.17 -45.58 -15.57
CA ALA A 371 -31.77 -46.53 -14.54
C ALA A 371 -31.03 -47.71 -15.17
N LEU A 372 -30.14 -48.31 -14.39
CA LEU A 372 -29.37 -49.45 -14.86
C LEU A 372 -29.24 -50.51 -13.77
N THR A 373 -29.50 -51.76 -14.11
CA THR A 373 -29.33 -52.86 -13.17
C THR A 373 -28.40 -53.85 -13.88
N SER A 374 -28.09 -54.97 -13.24
CA SER A 374 -27.20 -55.95 -13.86
C SER A 374 -27.81 -56.55 -15.10
N ASP A 375 -29.13 -56.56 -15.18
CA ASP A 375 -29.80 -57.16 -16.33
C ASP A 375 -30.53 -56.21 -17.29
N TYR A 376 -30.93 -55.05 -16.80
CA TYR A 376 -31.66 -54.13 -17.66
C TYR A 376 -31.19 -52.69 -17.59
N LEU A 377 -31.60 -51.95 -18.61
CA LEU A 377 -31.29 -50.54 -18.74
C LEU A 377 -32.63 -49.92 -19.11
N TYR A 378 -33.03 -48.87 -18.39
CA TYR A 378 -34.28 -48.18 -18.67
C TYR A 378 -33.90 -46.83 -19.26
N TYR A 379 -34.59 -46.42 -20.31
CA TYR A 379 -34.31 -45.15 -20.95
C TYR A 379 -35.58 -44.54 -21.48
N ILE A 380 -35.50 -43.25 -21.76
CA ILE A 380 -36.62 -42.53 -22.30
C ILE A 380 -36.27 -42.18 -23.75
N SER A 381 -37.21 -42.39 -24.66
CA SER A 381 -36.97 -42.08 -26.08
C SER A 381 -38.23 -41.53 -26.74
N ASN A 382 -38.09 -40.93 -27.93
CA ASN A 382 -39.27 -40.46 -28.64
C ASN A 382 -39.51 -41.42 -29.82
N GLU A 383 -39.26 -42.71 -29.58
CA GLU A 383 -39.47 -43.70 -30.63
C GLU A 383 -40.96 -43.89 -30.95
N HIS A 384 -41.78 -44.00 -29.92
CA HIS A 384 -43.19 -44.27 -30.12
C HIS A 384 -43.93 -43.41 -31.16
N LYS A 385 -44.57 -44.08 -32.12
CA LYS A 385 -45.34 -43.44 -33.16
C LYS A 385 -44.52 -42.51 -34.01
N GLY A 386 -43.20 -42.58 -33.88
CA GLY A 386 -42.35 -41.70 -34.66
C GLY A 386 -42.59 -40.23 -34.38
N MET A 387 -43.05 -39.88 -33.18
CA MET A 387 -43.24 -38.44 -32.93
C MET A 387 -42.16 -37.97 -32.01
N PRO A 388 -41.28 -37.13 -32.53
CA PRO A 388 -40.19 -36.66 -31.66
C PRO A 388 -40.63 -35.83 -30.48
N GLY A 389 -41.88 -35.34 -30.48
CA GLY A 389 -42.39 -34.54 -29.36
C GLY A 389 -43.10 -35.37 -28.30
N GLY A 390 -42.95 -36.69 -28.38
CA GLY A 390 -43.53 -37.63 -27.44
C GLY A 390 -42.38 -38.22 -26.65
N ARG A 391 -42.66 -38.83 -25.50
CA ARG A 391 -41.65 -39.43 -24.62
C ARG A 391 -42.22 -40.66 -23.94
N ASN A 392 -41.49 -41.77 -23.97
CA ASN A 392 -41.94 -43.00 -23.34
C ASN A 392 -40.76 -43.74 -22.66
N LEU A 393 -41.09 -44.57 -21.68
CA LEU A 393 -40.08 -45.30 -20.93
C LEU A 393 -39.93 -46.68 -21.54
N TYR A 394 -38.67 -47.10 -21.74
CA TYR A 394 -38.36 -48.40 -22.33
C TYR A 394 -37.41 -49.16 -21.45
N ARG A 395 -37.36 -50.47 -21.66
CA ARG A 395 -36.44 -51.32 -20.92
C ARG A 395 -35.80 -52.23 -21.96
N ILE A 396 -34.46 -52.31 -21.93
CA ILE A 396 -33.75 -53.17 -22.85
C ILE A 396 -32.93 -54.16 -22.03
N GLN A 397 -32.97 -55.44 -22.44
CA GLN A 397 -32.24 -56.50 -21.75
C GLN A 397 -30.77 -56.43 -22.14
N LEU A 398 -29.89 -56.31 -21.15
CA LEU A 398 -28.46 -56.16 -21.40
C LEU A 398 -27.77 -57.32 -22.10
N ASN A 399 -28.33 -58.52 -21.98
CA ASN A 399 -27.72 -59.68 -22.64
C ASN A 399 -28.40 -60.03 -23.94
N ASP A 400 -29.30 -59.16 -24.40
CA ASP A 400 -30.01 -59.36 -25.68
C ASP A 400 -30.71 -58.07 -26.08
N TYR A 401 -30.01 -57.24 -26.84
CA TYR A 401 -30.52 -55.94 -27.26
C TYR A 401 -31.74 -56.04 -28.16
N THR A 402 -32.16 -57.27 -28.44
CA THR A 402 -33.32 -57.49 -29.28
C THR A 402 -34.56 -57.40 -28.40
N LYS A 403 -34.37 -57.66 -27.12
CA LYS A 403 -35.47 -57.62 -26.17
C LYS A 403 -35.62 -56.22 -25.54
N VAL A 404 -36.41 -55.39 -26.20
CA VAL A 404 -36.69 -54.06 -25.68
C VAL A 404 -38.21 -53.92 -25.56
N THR A 405 -38.66 -53.49 -24.39
CA THR A 405 -40.07 -53.35 -24.13
C THR A 405 -40.46 -51.91 -23.76
N CYS A 406 -41.55 -51.41 -24.33
CA CYS A 406 -42.00 -50.07 -23.96
C CYS A 406 -42.93 -50.24 -22.74
N LEU A 407 -42.57 -49.66 -21.60
CA LEU A 407 -43.38 -49.79 -20.39
C LEU A 407 -44.52 -48.78 -20.24
N SER A 408 -44.48 -47.67 -20.98
CA SER A 408 -45.53 -46.66 -20.82
C SER A 408 -46.42 -46.43 -22.03
N CYS A 409 -45.95 -46.85 -23.20
CA CYS A 409 -46.65 -46.64 -24.47
C CYS A 409 -48.14 -46.93 -24.48
N GLU A 410 -48.51 -48.07 -23.93
CA GLU A 410 -49.90 -48.51 -23.94
C GLU A 410 -50.74 -48.31 -22.67
N LEU A 411 -50.15 -47.73 -21.63
CA LEU A 411 -50.89 -47.51 -20.40
C LEU A 411 -52.20 -46.73 -20.55
N ASN A 412 -52.14 -45.58 -21.23
CA ASN A 412 -53.28 -44.71 -21.48
C ASN A 412 -52.89 -43.96 -22.74
N PRO A 413 -52.96 -44.62 -23.90
CA PRO A 413 -52.60 -44.09 -25.23
C PRO A 413 -53.11 -42.73 -25.68
N GLU A 414 -54.37 -42.42 -25.43
CA GLU A 414 -54.91 -41.14 -25.85
C GLU A 414 -54.56 -40.01 -24.89
N ARG A 415 -54.51 -40.34 -23.60
CA ARG A 415 -54.21 -39.36 -22.57
C ARG A 415 -52.73 -39.12 -22.28
N CYS A 416 -51.93 -40.18 -22.43
CA CYS A 416 -50.51 -40.12 -22.11
C CYS A 416 -49.48 -40.49 -23.20
N GLN A 417 -48.83 -39.47 -23.75
CA GLN A 417 -47.84 -39.70 -24.78
C GLN A 417 -46.50 -39.04 -24.42
N TYR A 418 -46.45 -38.40 -23.25
CA TYR A 418 -45.21 -37.72 -22.82
C TYR A 418 -44.94 -38.05 -21.33
N TYR A 419 -43.94 -38.89 -21.09
CA TYR A 419 -43.58 -39.34 -19.75
C TYR A 419 -42.16 -39.09 -19.31
N SER A 420 -41.97 -39.05 -17.99
CA SER A 420 -40.63 -38.98 -17.36
C SER A 420 -40.84 -40.08 -16.32
N ALA A 421 -39.77 -40.56 -15.71
CA ALA A 421 -39.86 -41.60 -14.70
C ALA A 421 -38.89 -41.32 -13.58
N SER A 422 -39.17 -41.96 -12.43
CA SER A 422 -38.34 -41.84 -11.25
C SER A 422 -38.30 -43.24 -10.61
N PHE A 423 -37.10 -43.83 -10.59
CA PHE A 423 -36.90 -45.17 -10.05
C PHE A 423 -36.38 -45.24 -8.61
N SER A 424 -36.80 -46.27 -7.88
CA SER A 424 -36.36 -46.52 -6.51
C SER A 424 -34.91 -46.99 -6.60
N ASN A 425 -34.24 -47.16 -5.46
CA ASN A 425 -32.83 -47.54 -5.40
C ASN A 425 -32.20 -48.64 -6.26
N LYS A 426 -32.90 -49.75 -6.47
CA LYS A 426 -32.30 -50.78 -7.33
C LYS A 426 -33.24 -50.99 -8.49
N ALA A 427 -33.94 -49.91 -8.87
CA ALA A 427 -34.90 -49.94 -9.95
C ALA A 427 -36.02 -50.97 -9.75
N LYS A 428 -36.35 -51.25 -8.49
CA LYS A 428 -37.40 -52.23 -8.20
C LYS A 428 -38.77 -51.67 -8.48
N TYR A 429 -38.91 -50.36 -8.29
CA TYR A 429 -40.16 -49.67 -8.50
C TYR A 429 -39.91 -48.36 -9.23
N TYR A 430 -40.94 -47.84 -9.88
CA TYR A 430 -40.81 -46.55 -10.54
C TYR A 430 -42.14 -45.80 -10.60
N GLN A 431 -42.04 -44.48 -10.47
CA GLN A 431 -43.19 -43.61 -10.58
C GLN A 431 -43.17 -43.18 -12.03
N LEU A 432 -44.34 -43.19 -12.65
CA LEU A 432 -44.46 -42.73 -14.02
C LEU A 432 -45.18 -41.40 -13.94
N ARG A 433 -44.66 -40.42 -14.65
CA ARG A 433 -45.28 -39.12 -14.66
C ARG A 433 -45.70 -38.80 -16.08
N CYS A 434 -47.02 -38.77 -16.31
CA CYS A 434 -47.59 -38.45 -17.60
C CYS A 434 -47.91 -36.96 -17.62
N PHE A 435 -47.40 -36.26 -18.62
CA PHE A 435 -47.59 -34.83 -18.72
C PHE A 435 -48.57 -34.37 -19.80
N GLY A 436 -49.13 -35.31 -20.54
CA GLY A 436 -50.05 -34.93 -21.60
C GLY A 436 -50.07 -35.97 -22.71
N PRO A 437 -50.87 -35.77 -23.76
CA PRO A 437 -51.69 -34.58 -24.02
C PRO A 437 -52.92 -34.35 -23.13
N GLY A 438 -53.31 -35.37 -22.37
CA GLY A 438 -54.44 -35.19 -21.48
C GLY A 438 -53.96 -34.59 -20.17
N LEU A 439 -54.84 -34.54 -19.17
CA LEU A 439 -54.46 -33.99 -17.86
C LEU A 439 -53.37 -34.87 -17.30
N PRO A 440 -52.36 -34.27 -16.64
CA PRO A 440 -51.25 -35.03 -16.06
C PRO A 440 -51.73 -36.16 -15.15
N LEU A 441 -51.03 -37.28 -15.20
CA LEU A 441 -51.41 -38.45 -14.41
C LEU A 441 -50.16 -39.09 -13.85
N TYR A 442 -50.13 -39.27 -12.53
CA TYR A 442 -48.99 -39.88 -11.83
C TYR A 442 -49.39 -41.24 -11.29
N THR A 443 -48.55 -42.23 -11.53
CA THR A 443 -48.81 -43.59 -11.12
C THR A 443 -47.57 -44.31 -10.58
N LEU A 444 -47.80 -45.38 -9.81
CA LEU A 444 -46.70 -46.15 -9.21
C LEU A 444 -46.69 -47.57 -9.80
N HIS A 445 -45.51 -48.03 -10.22
CA HIS A 445 -45.37 -49.35 -10.82
C HIS A 445 -44.26 -50.16 -10.17
N SER A 446 -44.32 -51.47 -10.34
CA SER A 446 -43.30 -52.37 -9.83
C SER A 446 -42.54 -52.90 -11.06
N SER A 447 -41.22 -52.94 -10.99
CA SER A 447 -40.43 -53.41 -12.13
C SER A 447 -40.56 -54.91 -12.41
N SER A 448 -40.75 -55.72 -11.38
CA SER A 448 -40.87 -57.17 -11.55
C SER A 448 -41.79 -57.59 -12.71
N SER A 449 -43.01 -57.06 -12.74
CA SER A 449 -43.97 -57.42 -13.79
C SER A 449 -44.56 -56.19 -14.48
N ASP A 450 -44.12 -55.02 -14.05
CA ASP A 450 -44.62 -53.78 -14.62
C ASP A 450 -46.11 -53.65 -14.33
N LYS A 451 -46.49 -54.04 -13.12
CA LYS A 451 -47.89 -53.95 -12.67
C LYS A 451 -48.15 -52.48 -12.35
N GLU A 452 -49.34 -52.00 -12.71
CA GLU A 452 -49.75 -50.61 -12.49
C GLU A 452 -49.78 -50.19 -11.02
N LEU A 453 -49.94 -51.13 -10.10
CA LEU A 453 -49.96 -50.86 -8.66
C LEU A 453 -50.98 -49.84 -8.15
N ARG A 454 -50.89 -48.59 -8.58
CA ARG A 454 -51.84 -47.57 -8.13
C ARG A 454 -51.68 -46.20 -8.78
N VAL A 455 -52.75 -45.39 -8.70
CA VAL A 455 -52.77 -44.03 -9.23
C VAL A 455 -52.41 -43.07 -8.07
N LEU A 456 -51.35 -42.28 -8.22
CA LEU A 456 -50.95 -41.36 -7.17
C LEU A 456 -51.73 -40.03 -7.27
N GLU A 457 -51.86 -39.53 -8.50
CA GLU A 457 -52.59 -38.30 -8.74
C GLU A 457 -53.14 -38.35 -10.17
N ASP A 458 -54.46 -38.24 -10.30
CA ASP A 458 -55.07 -38.28 -11.60
C ASP A 458 -55.75 -36.96 -12.04
N ASN A 459 -55.68 -35.92 -11.21
CA ASN A 459 -56.27 -34.63 -11.55
C ASN A 459 -57.76 -34.65 -11.85
N SER A 460 -58.48 -35.58 -11.23
CA SER A 460 -59.92 -35.67 -11.46
C SER A 460 -60.62 -34.36 -11.10
N ALA A 461 -60.06 -33.62 -10.14
CA ALA A 461 -60.65 -32.35 -9.72
C ALA A 461 -60.56 -31.32 -10.85
N LEU A 462 -59.38 -31.23 -11.48
CA LEU A 462 -59.20 -30.29 -12.59
C LEU A 462 -60.16 -30.69 -13.71
N ASP A 463 -60.24 -31.98 -13.96
CA ASP A 463 -61.13 -32.50 -14.99
C ASP A 463 -62.59 -32.04 -14.78
N LYS A 464 -63.08 -32.17 -13.55
CA LYS A 464 -64.44 -31.78 -13.24
C LYS A 464 -64.64 -30.29 -13.52
N MET A 465 -63.68 -29.48 -13.09
CA MET A 465 -63.76 -28.05 -13.32
C MET A 465 -63.74 -27.62 -14.78
N LEU A 466 -62.92 -28.30 -15.58
CA LEU A 466 -62.78 -27.96 -16.99
C LEU A 466 -63.94 -28.34 -17.90
N GLN A 467 -64.84 -29.20 -17.42
CA GLN A 467 -65.95 -29.59 -18.28
C GLN A 467 -66.92 -28.44 -18.50
N ASP A 468 -66.87 -27.44 -17.62
CA ASP A 468 -67.76 -26.27 -17.70
C ASP A 468 -67.11 -25.10 -18.47
N VAL A 469 -65.88 -25.28 -18.94
CA VAL A 469 -65.19 -24.19 -19.64
C VAL A 469 -64.95 -24.51 -21.13
N GLN A 470 -65.10 -23.51 -21.99
CA GLN A 470 -64.88 -23.73 -23.43
C GLN A 470 -63.39 -23.80 -23.70
N MET A 471 -62.81 -25.00 -23.57
CA MET A 471 -61.40 -25.15 -23.77
C MET A 471 -60.99 -25.30 -25.24
N PRO A 472 -59.81 -24.75 -25.61
CA PRO A 472 -59.37 -24.87 -27.00
C PRO A 472 -58.79 -26.28 -27.12
N SER A 473 -58.52 -26.72 -28.35
CA SER A 473 -57.93 -28.05 -28.54
C SER A 473 -56.54 -27.88 -29.16
N LYS A 474 -55.62 -28.76 -28.78
CA LYS A 474 -54.26 -28.73 -29.29
C LYS A 474 -54.03 -29.87 -30.30
N LYS A 475 -53.62 -29.53 -31.51
CA LYS A 475 -53.39 -30.55 -32.53
C LYS A 475 -51.96 -30.44 -33.08
N LEU A 476 -51.32 -31.60 -33.27
CA LEU A 476 -49.97 -31.65 -33.81
C LEU A 476 -50.06 -32.25 -35.22
N ASP A 477 -49.11 -31.90 -36.09
CA ASP A 477 -49.13 -32.43 -37.44
C ASP A 477 -47.77 -32.09 -38.04
N VAL A 478 -47.60 -32.43 -39.31
CA VAL A 478 -46.33 -32.18 -39.96
C VAL A 478 -46.51 -31.40 -41.25
N ILE A 479 -45.47 -30.68 -41.64
CA ILE A 479 -45.46 -29.97 -42.91
C ILE A 479 -44.11 -30.29 -43.52
N ASN A 480 -44.03 -30.26 -44.84
CA ASN A 480 -42.79 -30.55 -45.52
C ASN A 480 -42.06 -29.30 -45.93
N LEU A 481 -40.84 -29.12 -45.43
CA LEU A 481 -40.01 -27.97 -45.78
C LEU A 481 -38.78 -28.50 -46.48
N HIS A 482 -38.53 -28.00 -47.68
CA HIS A 482 -37.39 -28.41 -48.50
C HIS A 482 -37.06 -29.89 -48.41
N GLY A 483 -38.09 -30.73 -48.56
CA GLY A 483 -37.86 -32.16 -48.55
C GLY A 483 -37.86 -32.86 -47.19
N THR A 484 -37.91 -32.08 -46.11
CA THR A 484 -37.90 -32.68 -44.77
C THR A 484 -39.23 -32.46 -44.05
N LYS A 485 -39.65 -33.48 -43.31
CA LYS A 485 -40.89 -33.41 -42.54
C LYS A 485 -40.60 -32.71 -41.21
N PHE A 486 -41.35 -31.67 -40.89
CA PHE A 486 -41.13 -30.97 -39.61
C PHE A 486 -42.46 -30.87 -38.88
N TRP A 487 -42.42 -30.91 -37.55
CA TRP A 487 -43.64 -30.87 -36.77
C TRP A 487 -44.10 -29.49 -36.35
N TYR A 488 -45.41 -29.36 -36.17
CA TYR A 488 -45.98 -28.12 -35.70
C TYR A 488 -47.17 -28.46 -34.82
N GLN A 489 -47.60 -27.47 -34.04
CA GLN A 489 -48.78 -27.65 -33.21
C GLN A 489 -49.61 -26.40 -33.36
N MET A 490 -50.93 -26.56 -33.22
CA MET A 490 -51.86 -25.44 -33.26
C MET A 490 -52.84 -25.54 -32.11
N ILE A 491 -53.07 -24.42 -31.43
CA ILE A 491 -54.04 -24.39 -30.32
C ILE A 491 -55.22 -23.70 -31.00
N LEU A 492 -56.28 -24.45 -31.23
CA LEU A 492 -57.48 -23.94 -31.90
C LEU A 492 -58.61 -23.51 -30.97
N PRO A 493 -59.22 -22.35 -31.23
CA PRO A 493 -60.32 -21.86 -30.41
C PRO A 493 -61.49 -22.85 -30.36
N PRO A 494 -62.23 -22.86 -29.24
CA PRO A 494 -63.39 -23.76 -29.07
C PRO A 494 -64.46 -23.44 -30.11
N HIS A 495 -65.33 -24.41 -30.39
CA HIS A 495 -66.40 -24.25 -31.39
C HIS A 495 -65.82 -23.64 -32.64
N PHE A 496 -64.72 -24.23 -33.10
CA PHE A 496 -64.02 -23.72 -34.27
C PHE A 496 -64.90 -23.66 -35.52
N ASP A 497 -64.98 -22.47 -36.13
CA ASP A 497 -65.81 -22.29 -37.32
C ASP A 497 -64.93 -22.18 -38.57
N LYS A 498 -64.89 -23.26 -39.33
CA LYS A 498 -64.08 -23.31 -40.55
C LYS A 498 -64.39 -22.20 -41.55
N SER A 499 -65.56 -21.58 -41.46
CA SER A 499 -65.91 -20.51 -42.40
C SER A 499 -65.36 -19.15 -41.99
N LYS A 500 -64.86 -19.07 -40.76
CA LYS A 500 -64.30 -17.82 -40.23
C LYS A 500 -62.79 -17.74 -40.50
N LYS A 501 -62.25 -16.53 -40.58
CA LYS A 501 -60.81 -16.33 -40.80
C LYS A 501 -60.23 -15.84 -39.48
N TYR A 502 -59.54 -16.73 -38.77
CA TYR A 502 -58.98 -16.41 -37.46
C TYR A 502 -57.60 -15.76 -37.46
N PRO A 503 -57.36 -14.83 -36.51
CA PRO A 503 -56.03 -14.21 -36.46
C PRO A 503 -55.12 -15.36 -35.98
N LEU A 504 -53.83 -15.28 -36.27
CA LEU A 504 -52.87 -16.33 -35.94
C LEU A 504 -51.65 -15.77 -35.21
N LEU A 505 -51.26 -16.44 -34.14
CA LEU A 505 -50.08 -16.01 -33.38
C LEU A 505 -49.11 -17.14 -33.43
N ILE A 506 -47.89 -16.85 -33.88
CA ILE A 506 -46.84 -17.85 -33.91
C ILE A 506 -46.04 -17.61 -32.61
N GLU A 507 -45.92 -18.65 -31.77
CA GLU A 507 -45.14 -18.56 -30.54
C GLU A 507 -43.85 -19.27 -30.89
N VAL A 508 -42.72 -18.59 -30.77
CA VAL A 508 -41.47 -19.19 -31.20
C VAL A 508 -40.38 -19.30 -30.14
N TYR A 509 -39.56 -20.34 -30.28
CA TYR A 509 -38.39 -20.58 -29.43
C TYR A 509 -37.30 -20.71 -30.49
N ALA A 510 -37.20 -21.89 -31.09
CA ALA A 510 -36.27 -22.12 -32.22
C ALA A 510 -34.78 -22.09 -31.93
N GLY A 511 -34.40 -22.17 -30.67
CA GLY A 511 -32.98 -22.18 -30.42
C GLY A 511 -32.37 -23.54 -30.76
N PRO A 512 -31.05 -23.64 -30.86
CA PRO A 512 -30.40 -24.93 -31.17
C PRO A 512 -30.82 -26.02 -30.16
N CYS A 513 -31.36 -27.11 -30.69
CA CYS A 513 -31.85 -28.27 -29.95
C CYS A 513 -33.16 -27.97 -29.22
N SER A 514 -33.80 -26.86 -29.59
CA SER A 514 -35.07 -26.52 -28.95
C SER A 514 -36.15 -27.48 -29.46
N GLN A 515 -37.23 -27.57 -28.67
CA GLN A 515 -38.40 -28.33 -29.04
C GLN A 515 -39.62 -27.60 -28.51
N LYS A 516 -40.31 -26.88 -29.40
CA LYS A 516 -41.49 -26.10 -29.05
C LYS A 516 -42.75 -26.93 -29.26
N VAL A 517 -42.64 -27.96 -30.11
CA VAL A 517 -43.80 -28.80 -30.42
C VAL A 517 -43.80 -30.08 -29.61
N ASP A 518 -44.77 -30.26 -28.71
CA ASP A 518 -44.80 -31.49 -27.95
C ASP A 518 -46.21 -31.87 -27.53
N THR A 519 -46.35 -33.04 -26.90
CA THR A 519 -47.68 -33.46 -26.48
C THR A 519 -47.94 -33.15 -25.00
N VAL A 520 -47.26 -32.13 -24.47
CA VAL A 520 -47.46 -31.75 -23.08
C VAL A 520 -48.71 -30.89 -22.94
N PHE A 521 -49.47 -31.15 -21.87
CA PHE A 521 -50.68 -30.39 -21.56
C PHE A 521 -50.27 -29.16 -20.77
N ARG A 522 -50.71 -27.99 -21.24
CA ARG A 522 -50.41 -26.72 -20.57
C ARG A 522 -51.62 -25.79 -20.51
N LEU A 523 -51.75 -25.07 -19.40
CA LEU A 523 -52.79 -24.04 -19.20
C LEU A 523 -51.88 -22.81 -19.33
N SER A 524 -51.85 -22.21 -20.50
CA SER A 524 -50.94 -21.10 -20.75
C SER A 524 -51.62 -19.86 -21.22
N TRP A 525 -50.81 -18.85 -21.53
CA TRP A 525 -51.32 -17.60 -22.07
C TRP A 525 -52.04 -17.95 -23.40
N ALA A 526 -51.46 -18.87 -24.17
CA ALA A 526 -52.07 -19.28 -25.46
C ALA A 526 -53.46 -19.91 -25.24
N THR A 527 -53.63 -20.64 -24.15
CA THR A 527 -54.94 -21.24 -23.88
C THR A 527 -55.98 -20.13 -23.84
N TYR A 528 -55.64 -19.05 -23.15
CA TYR A 528 -56.50 -17.89 -23.01
C TYR A 528 -56.72 -17.20 -24.37
N LEU A 529 -55.64 -16.98 -25.12
CA LEU A 529 -55.79 -16.32 -26.43
C LEU A 529 -56.77 -17.08 -27.33
N ALA A 530 -56.68 -18.39 -27.32
CA ALA A 530 -57.54 -19.20 -28.16
C ALA A 530 -58.97 -19.31 -27.57
N SER A 531 -59.06 -19.65 -26.28
CA SER A 531 -60.37 -19.81 -25.64
C SER A 531 -61.25 -18.55 -25.60
N THR A 532 -60.66 -17.44 -25.16
CA THR A 532 -61.42 -16.19 -25.02
C THR A 532 -61.31 -15.23 -26.19
N GLU A 533 -60.11 -15.09 -26.77
CA GLU A 533 -59.95 -14.11 -27.85
C GLU A 533 -60.04 -14.64 -29.28
N ASN A 534 -60.29 -15.93 -29.42
CA ASN A 534 -60.42 -16.56 -30.73
C ASN A 534 -59.22 -16.33 -31.64
N ILE A 535 -58.05 -16.53 -31.06
CA ILE A 535 -56.80 -16.39 -31.77
C ILE A 535 -56.19 -17.79 -31.87
N ILE A 536 -55.77 -18.20 -33.06
CA ILE A 536 -55.11 -19.49 -33.17
C ILE A 536 -53.64 -19.28 -32.79
N VAL A 537 -53.08 -20.14 -31.96
CA VAL A 537 -51.67 -19.99 -31.61
C VAL A 537 -50.92 -21.23 -32.14
N ALA A 538 -49.87 -21.00 -32.95
CA ALA A 538 -49.13 -22.12 -33.51
C ALA A 538 -47.64 -22.06 -33.20
N SER A 539 -47.00 -23.22 -33.21
CA SER A 539 -45.55 -23.32 -32.99
C SER A 539 -45.00 -24.34 -34.00
N PHE A 540 -43.75 -24.14 -34.38
CA PHE A 540 -43.09 -24.97 -35.37
C PHE A 540 -41.63 -25.27 -35.03
N ASP A 541 -41.23 -26.53 -35.18
CA ASP A 541 -39.82 -26.88 -34.95
C ASP A 541 -39.15 -27.11 -36.31
N GLY A 542 -38.25 -26.23 -36.71
CA GLY A 542 -37.59 -26.39 -38.00
C GLY A 542 -36.11 -26.74 -37.88
N ARG A 543 -35.31 -26.29 -38.84
CA ARG A 543 -33.88 -26.58 -38.74
C ARG A 543 -33.27 -26.00 -37.47
N GLY A 544 -32.40 -26.80 -36.84
CA GLY A 544 -31.75 -26.39 -35.62
C GLY A 544 -32.49 -26.99 -34.42
N SER A 545 -33.73 -27.44 -34.63
CA SER A 545 -34.50 -28.02 -33.52
C SER A 545 -33.91 -29.38 -33.12
N GLY A 546 -34.26 -29.85 -31.93
CA GLY A 546 -33.63 -31.08 -31.46
C GLY A 546 -34.45 -32.35 -31.47
N TYR A 547 -33.80 -33.43 -31.03
CA TYR A 547 -34.40 -34.75 -30.87
C TYR A 547 -34.81 -35.43 -32.18
N GLN A 548 -34.26 -34.93 -33.28
CA GLN A 548 -34.59 -35.47 -34.60
C GLN A 548 -33.32 -35.76 -35.41
N GLY A 549 -32.20 -35.97 -34.72
CA GLY A 549 -30.96 -36.22 -35.42
C GLY A 549 -30.10 -34.99 -35.62
N ASP A 550 -28.80 -35.21 -35.76
CA ASP A 550 -27.86 -34.11 -35.95
C ASP A 550 -27.98 -33.33 -37.26
N LYS A 551 -28.48 -33.96 -38.33
CA LYS A 551 -28.60 -33.25 -39.61
C LYS A 551 -29.53 -32.07 -39.44
N ILE A 552 -30.62 -32.27 -38.72
CA ILE A 552 -31.53 -31.17 -38.47
C ILE A 552 -30.96 -30.21 -37.41
N MET A 553 -30.44 -30.76 -36.30
CA MET A 553 -29.93 -29.92 -35.23
C MET A 553 -28.70 -29.11 -35.60
N HIS A 554 -27.73 -29.75 -36.27
CA HIS A 554 -26.52 -29.01 -36.63
C HIS A 554 -26.69 -28.14 -37.84
N ALA A 555 -27.88 -28.12 -38.42
CA ALA A 555 -28.09 -27.29 -39.61
C ALA A 555 -27.73 -25.82 -39.39
N ILE A 556 -27.90 -25.31 -38.16
CA ILE A 556 -27.59 -23.91 -37.92
C ILE A 556 -26.21 -23.64 -37.32
N ASN A 557 -25.34 -24.65 -37.32
CA ASN A 557 -23.99 -24.49 -36.79
C ASN A 557 -23.28 -23.33 -37.48
N ARG A 558 -22.67 -22.47 -36.66
CA ARG A 558 -21.94 -21.27 -37.09
C ARG A 558 -22.78 -20.30 -37.88
N ARG A 559 -24.10 -20.46 -37.84
CA ARG A 559 -24.98 -19.55 -38.55
C ARG A 559 -26.30 -19.30 -37.83
N LEU A 560 -26.24 -18.94 -36.56
CA LEU A 560 -27.49 -18.66 -35.83
C LEU A 560 -28.22 -17.48 -36.53
N GLY A 561 -29.55 -17.50 -36.52
CA GLY A 561 -30.28 -16.40 -37.11
C GLY A 561 -30.55 -16.57 -38.60
N THR A 562 -30.21 -17.74 -39.15
CA THR A 562 -30.45 -17.98 -40.59
C THR A 562 -31.55 -18.99 -40.86
N PHE A 563 -31.21 -20.28 -40.93
CA PHE A 563 -32.22 -21.29 -41.27
C PHE A 563 -33.39 -21.44 -40.30
N GLU A 564 -33.17 -21.29 -39.00
CA GLU A 564 -34.28 -21.42 -38.05
C GLU A 564 -35.24 -20.25 -38.24
N VAL A 565 -34.70 -19.07 -38.55
CA VAL A 565 -35.53 -17.88 -38.79
C VAL A 565 -36.33 -18.06 -40.11
N GLU A 566 -35.60 -18.43 -41.17
CA GLU A 566 -36.24 -18.67 -42.47
C GLU A 566 -37.32 -19.75 -42.41
N ASP A 567 -37.08 -20.82 -41.67
CA ASP A 567 -38.07 -21.90 -41.54
C ASP A 567 -39.35 -21.46 -40.80
N GLN A 568 -39.22 -20.51 -39.86
CA GLN A 568 -40.43 -20.02 -39.17
C GLN A 568 -41.25 -19.26 -40.23
N ILE A 569 -40.58 -18.49 -41.08
CA ILE A 569 -41.30 -17.72 -42.11
C ILE A 569 -41.99 -18.63 -43.12
N GLU A 570 -41.25 -19.61 -43.64
CA GLU A 570 -41.78 -20.56 -44.62
C GLU A 570 -42.93 -21.39 -44.08
N ALA A 571 -42.81 -21.84 -42.82
CA ALA A 571 -43.87 -22.60 -42.19
C ALA A 571 -45.13 -21.75 -42.03
N THR A 572 -44.94 -20.50 -41.61
CA THR A 572 -46.09 -19.61 -41.39
C THR A 572 -46.78 -19.34 -42.72
N ARG A 573 -45.98 -19.16 -43.77
CA ARG A 573 -46.55 -18.94 -45.10
C ARG A 573 -47.50 -20.13 -45.43
N GLN A 574 -47.04 -21.36 -45.21
CA GLN A 574 -47.90 -22.50 -45.46
C GLN A 574 -49.16 -22.42 -44.57
N PHE A 575 -49.00 -22.11 -43.28
CA PHE A 575 -50.19 -22.01 -42.40
C PHE A 575 -51.14 -20.92 -42.93
N SER A 576 -50.58 -19.82 -43.39
CA SER A 576 -51.40 -18.70 -43.86
C SER A 576 -52.36 -19.11 -45.00
N LYS A 577 -52.02 -20.18 -45.71
CA LYS A 577 -52.84 -20.69 -46.81
C LYS A 577 -54.10 -21.39 -46.33
N MET A 578 -54.09 -21.92 -45.12
CA MET A 578 -55.28 -22.58 -44.61
C MET A 578 -56.44 -21.58 -44.66
N GLY A 579 -57.58 -22.03 -45.18
CA GLY A 579 -58.73 -21.16 -45.32
C GLY A 579 -59.24 -20.54 -44.04
N PHE A 580 -58.99 -21.17 -42.89
CA PHE A 580 -59.46 -20.65 -41.60
C PHE A 580 -58.46 -19.72 -40.89
N VAL A 581 -57.43 -19.29 -41.62
CA VAL A 581 -56.47 -18.35 -41.06
C VAL A 581 -56.57 -17.02 -41.78
N ASP A 582 -56.61 -15.92 -41.03
CA ASP A 582 -56.66 -14.61 -41.66
C ASP A 582 -55.21 -14.18 -41.87
N ASP A 583 -54.74 -14.34 -43.10
CA ASP A 583 -53.37 -14.05 -43.40
C ASP A 583 -53.02 -12.58 -43.28
N LYS A 584 -54.02 -11.72 -43.12
CA LYS A 584 -53.70 -10.32 -42.95
C LYS A 584 -53.55 -10.00 -41.45
N ARG A 585 -53.67 -11.02 -40.59
CA ARG A 585 -53.51 -10.81 -39.15
C ARG A 585 -52.65 -11.93 -38.53
N ILE A 586 -51.39 -11.92 -38.86
CA ILE A 586 -50.47 -12.91 -38.32
C ILE A 586 -49.45 -12.13 -37.50
N ALA A 587 -49.18 -12.61 -36.30
CA ALA A 587 -48.24 -11.99 -35.36
C ALA A 587 -47.27 -13.08 -34.92
N ILE A 588 -46.18 -12.71 -34.26
CA ILE A 588 -45.22 -13.72 -33.81
C ILE A 588 -44.62 -13.18 -32.52
N TRP A 589 -44.38 -14.06 -31.56
CA TRP A 589 -43.76 -13.64 -30.31
C TRP A 589 -42.86 -14.70 -29.72
N GLY A 590 -41.92 -14.26 -28.90
CA GLY A 590 -41.04 -15.20 -28.23
C GLY A 590 -40.25 -14.52 -27.14
N TRP A 591 -39.66 -15.35 -26.27
CA TRP A 591 -38.88 -14.90 -25.11
C TRP A 591 -37.46 -15.46 -25.30
N SER A 592 -36.45 -14.66 -24.98
CA SER A 592 -35.06 -15.13 -25.09
C SER A 592 -34.68 -15.44 -26.52
N TYR A 593 -34.30 -16.68 -26.79
CA TYR A 593 -33.92 -17.04 -28.18
C TYR A 593 -35.15 -16.78 -29.06
N GLY A 594 -36.33 -17.08 -28.53
CA GLY A 594 -37.55 -16.82 -29.28
C GLY A 594 -37.75 -15.33 -29.53
N GLY A 595 -37.28 -14.48 -28.61
CA GLY A 595 -37.39 -13.04 -28.82
C GLY A 595 -36.45 -12.64 -29.97
N TYR A 596 -35.27 -13.25 -29.98
CA TYR A 596 -34.29 -13.02 -31.04
C TYR A 596 -34.89 -13.45 -32.39
N VAL A 597 -35.42 -14.66 -32.46
CA VAL A 597 -35.98 -15.13 -33.74
C VAL A 597 -37.19 -14.28 -34.15
N THR A 598 -38.06 -13.96 -33.20
CA THR A 598 -39.21 -13.09 -33.49
C THR A 598 -38.69 -11.80 -34.14
N SER A 599 -37.64 -11.23 -33.55
CA SER A 599 -37.11 -9.96 -34.05
C SER A 599 -36.47 -10.14 -35.45
N MET A 600 -35.67 -11.18 -35.63
CA MET A 600 -35.05 -11.47 -36.90
C MET A 600 -36.14 -11.69 -37.98
N VAL A 601 -37.23 -12.35 -37.61
CA VAL A 601 -38.34 -12.61 -38.52
C VAL A 601 -39.01 -11.31 -38.94
N LEU A 602 -39.31 -10.47 -37.95
CA LEU A 602 -39.92 -9.19 -38.23
C LEU A 602 -38.98 -8.34 -39.07
N GLY A 603 -37.68 -8.48 -38.88
CA GLY A 603 -36.73 -7.69 -39.67
C GLY A 603 -36.38 -8.29 -41.03
N ALA A 604 -37.07 -9.36 -41.42
CA ALA A 604 -36.75 -10.03 -42.68
C ALA A 604 -37.42 -9.41 -43.89
N GLY A 605 -38.42 -8.55 -43.67
CA GLY A 605 -39.11 -7.91 -44.77
C GLY A 605 -39.87 -8.94 -45.60
N SER A 606 -40.43 -9.96 -44.94
CA SER A 606 -41.13 -11.03 -45.65
C SER A 606 -42.55 -10.64 -46.04
N GLY A 607 -43.12 -9.67 -45.33
CA GLY A 607 -44.47 -9.24 -45.61
C GLY A 607 -45.50 -10.18 -45.02
N VAL A 608 -45.04 -11.22 -44.33
CA VAL A 608 -45.94 -12.21 -43.74
C VAL A 608 -46.56 -11.80 -42.39
N PHE A 609 -45.78 -11.11 -41.57
CA PHE A 609 -46.25 -10.73 -40.24
C PHE A 609 -46.62 -9.27 -40.07
N LYS A 610 -47.76 -9.05 -39.45
CA LYS A 610 -48.24 -7.70 -39.22
C LYS A 610 -47.56 -7.08 -37.99
N CYS A 611 -47.28 -7.90 -36.98
CA CYS A 611 -46.71 -7.38 -35.74
C CYS A 611 -46.04 -8.51 -34.93
N GLY A 612 -45.31 -8.15 -33.89
CA GLY A 612 -44.66 -9.15 -33.07
C GLY A 612 -44.18 -8.55 -31.77
N ILE A 613 -43.89 -9.41 -30.80
CA ILE A 613 -43.44 -9.01 -29.48
C ILE A 613 -42.20 -9.83 -29.12
N ALA A 614 -41.13 -9.17 -28.70
CA ALA A 614 -39.91 -9.87 -28.33
C ALA A 614 -39.66 -9.58 -26.84
N VAL A 615 -39.51 -10.61 -26.04
CA VAL A 615 -39.30 -10.38 -24.60
C VAL A 615 -37.89 -10.87 -24.25
N ALA A 616 -37.09 -9.97 -23.70
CA ALA A 616 -35.71 -10.24 -23.30
C ALA A 616 -34.95 -10.96 -24.41
N PRO A 617 -34.99 -10.42 -25.65
CA PRO A 617 -34.29 -11.08 -26.77
C PRO A 617 -32.79 -10.86 -26.80
N VAL A 618 -32.10 -11.85 -27.38
CA VAL A 618 -30.69 -11.63 -27.65
C VAL A 618 -30.82 -10.73 -28.91
N SER A 619 -29.92 -9.76 -29.07
CA SER A 619 -29.97 -8.93 -30.27
C SER A 619 -28.65 -8.98 -31.04
N LYS A 620 -27.57 -9.39 -30.38
CA LYS A 620 -26.25 -9.46 -30.99
C LYS A 620 -25.48 -10.51 -30.20
N TRP A 621 -24.96 -11.52 -30.90
CA TRP A 621 -24.25 -12.60 -30.22
C TRP A 621 -23.01 -12.19 -29.43
N GLU A 622 -22.34 -11.10 -29.82
CA GLU A 622 -21.16 -10.69 -29.05
C GLU A 622 -21.58 -10.25 -27.63
N TYR A 623 -22.88 -10.02 -27.41
CA TYR A 623 -23.32 -9.63 -26.06
C TYR A 623 -23.71 -10.80 -25.19
N TYR A 624 -23.82 -12.00 -25.77
CA TYR A 624 -24.23 -13.14 -24.96
C TYR A 624 -23.01 -13.86 -24.39
N ASP A 625 -23.22 -14.81 -23.48
CA ASP A 625 -22.08 -15.45 -22.83
C ASP A 625 -21.25 -16.37 -23.73
N SER A 626 -19.98 -16.51 -23.37
CA SER A 626 -19.03 -17.30 -24.15
C SER A 626 -19.41 -18.78 -24.34
N VAL A 627 -19.79 -19.46 -23.26
CA VAL A 627 -20.08 -20.90 -23.35
C VAL A 627 -21.20 -21.22 -24.34
N TYR A 628 -22.35 -20.57 -24.18
CA TYR A 628 -23.46 -20.83 -25.10
C TYR A 628 -23.15 -20.33 -26.52
N THR A 629 -22.77 -19.07 -26.61
CA THR A 629 -22.57 -18.48 -27.93
C THR A 629 -21.52 -19.20 -28.78
N GLU A 630 -20.36 -19.43 -28.20
CA GLU A 630 -19.26 -20.07 -28.93
C GLU A 630 -19.54 -21.51 -29.31
N ARG A 631 -20.36 -22.17 -28.50
CA ARG A 631 -20.72 -23.55 -28.81
C ARG A 631 -21.30 -23.63 -30.22
N TYR A 632 -22.13 -22.64 -30.58
CA TYR A 632 -22.78 -22.60 -31.89
C TYR A 632 -22.14 -21.67 -32.91
N MET A 633 -21.39 -20.68 -32.44
CA MET A 633 -20.86 -19.70 -33.37
C MET A 633 -19.35 -19.58 -33.52
N GLY A 634 -18.61 -20.36 -32.73
CA GLY A 634 -17.16 -20.24 -32.77
C GLY A 634 -16.79 -18.88 -32.18
N LEU A 635 -15.62 -18.36 -32.54
CA LEU A 635 -15.16 -17.07 -32.04
C LEU A 635 -15.42 -15.89 -32.97
N PRO A 636 -15.77 -14.73 -32.40
CA PRO A 636 -16.06 -13.52 -33.15
C PRO A 636 -14.78 -12.83 -33.64
N THR A 637 -13.92 -13.59 -34.33
CA THR A 637 -12.67 -13.06 -34.87
C THR A 637 -12.60 -13.24 -36.38
N PRO A 638 -11.88 -12.34 -37.07
CA PRO A 638 -11.82 -12.53 -38.54
C PRO A 638 -11.30 -13.90 -38.98
N GLU A 639 -10.39 -14.47 -38.19
CA GLU A 639 -9.83 -15.78 -38.53
C GLU A 639 -10.84 -16.92 -38.31
N ASP A 640 -11.91 -16.64 -37.57
CA ASP A 640 -12.89 -17.68 -37.33
C ASP A 640 -14.29 -17.38 -37.86
N ASN A 641 -15.19 -16.84 -37.04
CA ASN A 641 -16.55 -16.61 -37.53
C ASN A 641 -17.10 -15.19 -37.43
N LEU A 642 -16.24 -14.19 -37.34
CA LEU A 642 -16.70 -12.81 -37.22
C LEU A 642 -17.75 -12.38 -38.26
N ASP A 643 -17.59 -12.81 -39.51
CA ASP A 643 -18.57 -12.41 -40.53
C ASP A 643 -20.01 -12.84 -40.20
N TYR A 644 -20.21 -14.02 -39.65
CA TYR A 644 -21.57 -14.47 -39.33
C TYR A 644 -22.12 -13.88 -38.02
N TYR A 645 -21.22 -13.39 -37.17
CA TYR A 645 -21.61 -12.70 -35.94
C TYR A 645 -22.12 -11.32 -36.38
N ARG A 646 -21.40 -10.71 -37.31
CA ARG A 646 -21.78 -9.38 -37.77
C ARG A 646 -23.07 -9.28 -38.56
N ASN A 647 -23.42 -10.26 -39.38
CA ASN A 647 -24.65 -10.09 -40.11
C ASN A 647 -25.82 -10.87 -39.51
N SER A 648 -25.68 -11.33 -38.26
CA SER A 648 -26.77 -12.04 -37.60
C SER A 648 -27.36 -11.20 -36.43
N THR A 649 -27.04 -9.91 -36.40
CA THR A 649 -27.60 -9.05 -35.33
C THR A 649 -28.99 -8.58 -35.78
N VAL A 650 -29.84 -8.27 -34.82
CA VAL A 650 -31.15 -7.75 -35.18
C VAL A 650 -30.98 -6.33 -35.72
N MET A 651 -30.04 -5.57 -35.15
CA MET A 651 -29.80 -4.20 -35.57
C MET A 651 -29.51 -4.11 -37.09
N SER A 652 -28.88 -5.14 -37.66
CA SER A 652 -28.59 -5.12 -39.09
C SER A 652 -29.88 -5.12 -39.92
N ARG A 653 -31.01 -5.45 -39.29
CA ARG A 653 -32.27 -5.47 -40.05
C ARG A 653 -33.23 -4.34 -39.70
N ALA A 654 -32.72 -3.32 -39.01
CA ALA A 654 -33.56 -2.20 -38.53
C ALA A 654 -34.52 -1.57 -39.55
N GLU A 655 -34.02 -1.29 -40.75
CA GLU A 655 -34.82 -0.65 -41.76
C GLU A 655 -36.12 -1.41 -42.01
N ASN A 656 -36.04 -2.72 -42.04
CA ASN A 656 -37.23 -3.52 -42.28
C ASN A 656 -38.35 -3.44 -41.22
N PHE A 657 -38.06 -2.92 -40.02
CA PHE A 657 -39.09 -2.82 -38.99
C PHE A 657 -40.11 -1.71 -39.32
N LYS A 658 -39.80 -0.88 -40.29
CA LYS A 658 -40.76 0.15 -40.67
C LYS A 658 -42.05 -0.51 -41.19
N GLN A 659 -41.97 -1.78 -41.58
CA GLN A 659 -43.13 -2.51 -42.13
C GLN A 659 -44.04 -3.21 -41.09
N VAL A 660 -43.67 -3.17 -39.82
CA VAL A 660 -44.43 -3.90 -38.81
C VAL A 660 -44.62 -3.10 -37.52
N GLU A 661 -45.49 -3.59 -36.64
CA GLU A 661 -45.77 -2.97 -35.33
C GLU A 661 -44.97 -3.92 -34.41
N TYR A 662 -44.04 -3.36 -33.65
CA TYR A 662 -43.15 -4.15 -32.81
C TYR A 662 -43.18 -3.67 -31.37
N LEU A 663 -43.17 -4.63 -30.44
CA LEU A 663 -43.18 -4.35 -28.98
C LEU A 663 -41.96 -5.07 -28.43
N LEU A 664 -41.05 -4.30 -27.84
CA LEU A 664 -39.80 -4.86 -27.29
C LEU A 664 -39.88 -4.75 -25.76
N ILE A 665 -39.73 -5.86 -25.06
CA ILE A 665 -39.87 -5.88 -23.60
C ILE A 665 -38.61 -6.42 -22.93
N HIS A 666 -38.18 -5.84 -21.81
CA HIS A 666 -36.98 -6.36 -21.14
C HIS A 666 -36.90 -6.00 -19.66
N GLY A 667 -36.46 -6.94 -18.82
CA GLY A 667 -36.30 -6.66 -17.40
C GLY A 667 -34.96 -5.96 -17.22
N THR A 668 -34.93 -4.83 -16.52
CA THR A 668 -33.67 -4.09 -16.33
C THR A 668 -32.60 -4.82 -15.49
N ALA A 669 -33.00 -5.81 -14.69
CA ALA A 669 -32.07 -6.57 -13.87
C ALA A 669 -31.83 -7.96 -14.48
N ASP A 670 -31.90 -8.06 -15.80
CA ASP A 670 -31.69 -9.35 -16.46
C ASP A 670 -30.19 -9.62 -16.42
N ASP A 671 -29.77 -10.62 -15.64
CA ASP A 671 -28.36 -10.98 -15.50
C ASP A 671 -27.92 -11.96 -16.61
N ASN A 672 -28.89 -12.49 -17.36
CA ASN A 672 -28.64 -13.50 -18.38
C ASN A 672 -28.55 -12.86 -19.77
N VAL A 673 -29.66 -12.37 -20.30
CA VAL A 673 -29.65 -11.62 -21.57
C VAL A 673 -29.72 -10.20 -21.03
N HIS A 674 -28.60 -9.52 -21.01
CA HIS A 674 -28.49 -8.20 -20.44
C HIS A 674 -29.40 -7.15 -21.07
N PHE A 675 -29.95 -6.27 -20.22
CA PHE A 675 -30.85 -5.20 -20.71
C PHE A 675 -30.14 -4.52 -21.87
N GLN A 676 -28.82 -4.42 -21.76
CA GLN A 676 -27.96 -3.88 -22.83
C GLN A 676 -28.40 -4.31 -24.24
N GLN A 677 -28.76 -5.60 -24.40
CA GLN A 677 -29.14 -6.14 -25.70
C GLN A 677 -30.33 -5.37 -26.27
N SER A 678 -31.35 -5.14 -25.44
CA SER A 678 -32.51 -4.40 -25.94
C SER A 678 -32.19 -2.93 -26.02
N ALA A 679 -31.34 -2.43 -25.13
CA ALA A 679 -30.98 -1.01 -25.18
C ALA A 679 -30.27 -0.69 -26.52
N GLN A 680 -29.41 -1.60 -26.95
CA GLN A 680 -28.68 -1.42 -28.21
C GLN A 680 -29.64 -1.59 -29.41
N LEU A 681 -30.58 -2.52 -29.31
CA LEU A 681 -31.53 -2.72 -30.39
C LEU A 681 -32.41 -1.47 -30.55
N SER A 682 -32.95 -0.95 -29.45
CA SER A 682 -33.81 0.24 -29.54
C SER A 682 -33.05 1.41 -30.12
N LYS A 683 -31.80 1.61 -29.71
CA LYS A 683 -31.03 2.72 -30.27
C LYS A 683 -30.85 2.63 -31.81
N ALA A 684 -30.68 1.41 -32.34
CA ALA A 684 -30.54 1.20 -33.78
C ALA A 684 -31.85 1.46 -34.53
N LEU A 685 -32.97 1.08 -33.92
CA LEU A 685 -34.27 1.33 -34.52
C LEU A 685 -34.51 2.85 -34.50
N VAL A 686 -34.16 3.51 -33.39
CA VAL A 686 -34.35 4.96 -33.32
C VAL A 686 -33.47 5.62 -34.40
N ASP A 687 -32.22 5.17 -34.50
CA ASP A 687 -31.30 5.70 -35.50
C ASP A 687 -31.77 5.50 -36.93
N ALA A 688 -32.62 4.50 -37.17
CA ALA A 688 -33.12 4.26 -38.52
C ALA A 688 -34.50 4.90 -38.74
N GLY A 689 -34.96 5.71 -37.78
CA GLY A 689 -36.26 6.38 -37.92
C GLY A 689 -37.47 5.46 -37.87
N VAL A 690 -37.33 4.36 -37.16
CA VAL A 690 -38.39 3.36 -37.06
C VAL A 690 -39.20 3.54 -35.78
N ASP A 691 -40.53 3.54 -35.87
CA ASP A 691 -41.33 3.67 -34.65
C ASP A 691 -41.66 2.25 -34.15
N PHE A 692 -41.73 2.12 -32.83
CA PHE A 692 -42.00 0.84 -32.22
C PHE A 692 -42.35 1.15 -30.76
N GLN A 693 -42.73 0.13 -30.02
CA GLN A 693 -43.06 0.31 -28.61
C GLN A 693 -42.10 -0.50 -27.77
N THR A 694 -41.92 -0.07 -26.52
CA THR A 694 -41.07 -0.79 -25.59
C THR A 694 -41.77 -0.86 -24.24
N MET A 695 -41.26 -1.72 -23.36
CA MET A 695 -41.79 -1.79 -21.99
C MET A 695 -40.60 -2.29 -21.16
N TRP A 696 -40.03 -1.44 -20.31
CA TRP A 696 -38.96 -1.98 -19.46
C TRP A 696 -39.69 -2.49 -18.20
N TYR A 697 -39.07 -3.42 -17.47
CA TYR A 697 -39.62 -3.92 -16.20
C TYR A 697 -38.54 -3.76 -15.14
N THR A 698 -38.70 -2.71 -14.36
CA THR A 698 -37.75 -2.37 -13.34
C THR A 698 -37.45 -3.50 -12.37
N ASP A 699 -36.17 -3.80 -12.24
CA ASP A 699 -35.65 -4.80 -11.30
C ASP A 699 -36.05 -6.25 -11.54
N GLU A 700 -36.72 -6.52 -12.66
CA GLU A 700 -37.11 -7.87 -13.01
C GLU A 700 -35.93 -8.53 -13.73
N ASP A 701 -35.77 -9.84 -13.55
CA ASP A 701 -34.67 -10.52 -14.21
C ASP A 701 -35.13 -11.23 -15.48
N HIS A 702 -34.39 -12.25 -15.89
CA HIS A 702 -34.70 -12.95 -17.14
C HIS A 702 -36.09 -13.59 -17.19
N GLY A 703 -36.67 -13.93 -16.03
CA GLY A 703 -37.99 -14.53 -16.05
C GLY A 703 -39.18 -13.58 -15.85
N ILE A 704 -38.93 -12.30 -15.52
CA ILE A 704 -40.01 -11.30 -15.30
C ILE A 704 -41.12 -12.07 -14.58
N ALA A 705 -40.66 -12.74 -13.53
CA ALA A 705 -41.44 -13.66 -12.73
C ALA A 705 -42.10 -13.19 -11.43
N SER A 706 -41.81 -11.99 -10.96
CA SER A 706 -42.48 -11.59 -9.73
C SER A 706 -44.01 -11.60 -10.01
N ASN A 707 -44.80 -11.81 -8.98
CA ASN A 707 -46.25 -11.87 -9.13
C ASN A 707 -46.85 -10.71 -9.92
N MET A 708 -46.59 -9.48 -9.51
CA MET A 708 -47.21 -8.37 -10.24
C MET A 708 -46.66 -8.16 -11.67
N ALA A 709 -45.36 -8.40 -11.86
CA ALA A 709 -44.79 -8.18 -13.20
C ALA A 709 -45.28 -9.24 -14.18
N HIS A 710 -45.43 -10.45 -13.68
CA HIS A 710 -45.94 -11.56 -14.49
C HIS A 710 -47.33 -11.17 -15.02
N GLN A 711 -48.18 -10.70 -14.12
CA GLN A 711 -49.52 -10.29 -14.53
C GLN A 711 -49.49 -9.11 -15.50
N HIS A 712 -48.65 -8.13 -15.19
CA HIS A 712 -48.53 -6.94 -16.01
C HIS A 712 -48.05 -7.21 -17.46
N ILE A 713 -47.03 -8.05 -17.62
CA ILE A 713 -46.50 -8.29 -18.98
C ILE A 713 -47.50 -9.00 -19.91
N TYR A 714 -48.15 -10.03 -19.40
CA TYR A 714 -49.15 -10.76 -20.18
C TYR A 714 -50.37 -9.91 -20.44
N THR A 715 -50.73 -9.06 -19.47
CA THR A 715 -51.86 -8.15 -19.68
C THR A 715 -51.46 -7.14 -20.77
N HIS A 716 -50.26 -6.57 -20.66
CA HIS A 716 -49.77 -5.59 -21.65
C HIS A 716 -49.66 -6.25 -23.05
N MET A 717 -49.11 -7.47 -23.13
CA MET A 717 -48.97 -8.17 -24.43
C MET A 717 -50.34 -8.49 -25.01
N SER A 718 -51.30 -8.85 -24.15
CA SER A 718 -52.64 -9.14 -24.65
C SER A 718 -53.28 -7.92 -25.31
N HIS A 719 -53.10 -6.74 -24.69
CA HIS A 719 -53.68 -5.54 -25.24
C HIS A 719 -53.00 -5.20 -26.55
N PHE A 720 -51.68 -5.41 -26.61
CA PHE A 720 -50.94 -5.11 -27.85
C PHE A 720 -51.43 -6.02 -28.99
N LEU A 721 -51.60 -7.31 -28.74
CA LEU A 721 -52.09 -8.22 -29.78
C LEU A 721 -53.54 -7.90 -30.18
N LYS A 722 -54.41 -7.64 -29.21
CA LYS A 722 -55.79 -7.29 -29.57
C LYS A 722 -55.85 -6.04 -30.45
N GLN A 723 -55.02 -5.07 -30.15
CA GLN A 723 -54.97 -3.84 -30.92
C GLN A 723 -54.45 -4.16 -32.33
N CYS A 724 -53.45 -5.04 -32.42
CA CYS A 724 -52.87 -5.42 -33.72
C CYS A 724 -53.89 -6.21 -34.53
N PHE A 725 -54.74 -6.97 -33.85
CA PHE A 725 -55.72 -7.79 -34.55
C PHE A 725 -57.11 -7.15 -34.65
N SER A 726 -57.23 -5.91 -34.18
CA SER A 726 -58.52 -5.21 -34.21
C SER A 726 -59.54 -6.05 -33.46
N LEU A 727 -59.17 -6.53 -32.27
CA LEU A 727 -60.08 -7.33 -31.47
C LEU A 727 -60.62 -6.47 -30.32
N PRO A 728 -61.95 -6.47 -30.12
CA PRO A 728 -62.57 -5.68 -29.04
C PRO A 728 -62.08 -6.11 -27.66
N SER B 1 -57.08 25.42 -49.95
CA SER B 1 -56.07 24.31 -49.97
C SER B 1 -55.01 24.52 -48.90
N ARG B 2 -53.97 25.28 -49.27
CA ARG B 2 -52.84 25.61 -48.39
C ARG B 2 -52.23 24.49 -47.54
N ARG B 3 -50.92 24.53 -47.49
CA ARG B 3 -50.14 23.60 -46.73
C ARG B 3 -50.34 23.96 -45.26
N THR B 4 -50.21 23.00 -44.36
CA THR B 4 -50.33 23.29 -42.92
C THR B 4 -48.91 23.11 -42.37
N TYR B 5 -48.70 23.44 -41.10
CA TYR B 5 -47.38 23.27 -40.50
C TYR B 5 -47.33 21.80 -40.03
N THR B 6 -46.52 20.98 -40.69
CA THR B 6 -46.48 19.54 -40.38
C THR B 6 -45.42 19.10 -39.35
N LEU B 7 -45.58 17.87 -38.84
CA LEU B 7 -44.62 17.34 -37.88
C LEU B 7 -43.22 17.38 -38.52
N THR B 8 -43.15 17.03 -39.80
CA THR B 8 -41.87 17.07 -40.51
C THR B 8 -41.34 18.52 -40.58
N ASP B 9 -42.24 19.48 -40.75
CA ASP B 9 -41.83 20.89 -40.78
C ASP B 9 -41.15 21.20 -39.45
N TYR B 10 -41.77 20.77 -38.36
CA TYR B 10 -41.20 20.97 -37.02
C TYR B 10 -39.86 20.22 -36.84
N LEU B 11 -39.86 18.91 -37.11
CA LEU B 11 -38.66 18.09 -36.91
C LEU B 11 -37.45 18.45 -37.77
N LYS B 12 -37.69 18.87 -39.01
CA LYS B 12 -36.60 19.24 -39.92
C LYS B 12 -36.30 20.74 -39.92
N SER B 13 -37.00 21.51 -39.09
CA SER B 13 -36.82 22.97 -39.03
C SER B 13 -36.87 23.59 -40.45
N THR B 14 -37.88 23.20 -41.22
CA THR B 14 -37.99 23.73 -42.56
C THR B 14 -38.21 25.25 -42.55
N PHE B 15 -38.92 25.76 -41.56
CA PHE B 15 -39.17 27.20 -41.45
C PHE B 15 -38.21 27.78 -40.42
N ARG B 16 -37.11 28.34 -40.91
CA ARG B 16 -36.06 28.86 -40.05
C ARG B 16 -36.25 30.28 -39.49
N VAL B 17 -36.21 30.39 -38.17
CA VAL B 17 -36.31 31.69 -37.51
C VAL B 17 -34.88 32.19 -37.41
N LYS B 18 -34.63 33.39 -37.91
CA LYS B 18 -33.29 33.95 -37.88
C LYS B 18 -33.09 34.86 -36.68
N PHE B 19 -31.83 35.05 -36.31
CA PHE B 19 -31.48 35.91 -35.19
C PHE B 19 -30.24 36.70 -35.58
N TYR B 20 -29.70 37.48 -34.66
CA TYR B 20 -28.52 38.27 -34.95
C TYR B 20 -27.66 38.35 -33.70
N THR B 21 -26.66 37.49 -33.63
CA THR B 21 -25.75 37.47 -32.48
C THR B 21 -24.50 38.31 -32.68
N LEU B 22 -24.29 39.28 -31.80
CA LEU B 22 -23.13 40.14 -31.89
C LEU B 22 -22.41 40.12 -30.55
N GLN B 23 -21.14 40.48 -30.57
CA GLN B 23 -20.32 40.55 -29.36
C GLN B 23 -19.75 41.97 -29.27
N TRP B 24 -20.26 42.77 -28.32
CA TRP B 24 -19.76 44.14 -28.16
C TRP B 24 -18.30 44.04 -27.73
N ILE B 25 -17.42 44.84 -28.33
CA ILE B 25 -16.02 44.80 -27.92
C ILE B 25 -15.46 46.14 -27.48
N SER B 26 -16.31 47.17 -27.53
CA SER B 26 -15.90 48.49 -27.09
C SER B 26 -17.21 49.22 -26.88
N ASP B 27 -17.14 50.53 -26.66
CA ASP B 27 -18.37 51.29 -26.45
C ASP B 27 -19.12 51.59 -27.75
N HIS B 28 -18.54 51.27 -28.91
CA HIS B 28 -19.24 51.55 -30.18
C HIS B 28 -18.97 50.56 -31.32
N GLU B 29 -18.38 49.41 -31.00
CA GLU B 29 -18.04 48.39 -31.99
C GLU B 29 -18.42 46.99 -31.53
N TYR B 30 -18.89 46.15 -32.46
CA TYR B 30 -19.22 44.77 -32.14
C TYR B 30 -18.74 43.82 -33.26
N LEU B 31 -18.43 42.59 -32.89
CA LEU B 31 -18.01 41.57 -33.83
C LEU B 31 -19.27 40.81 -34.20
N TYR B 32 -19.35 40.37 -35.44
CA TYR B 32 -20.50 39.63 -35.95
C TYR B 32 -20.00 38.62 -36.98
N LYS B 33 -20.50 37.40 -36.91
CA LYS B 33 -20.10 36.36 -37.87
C LYS B 33 -21.07 36.41 -39.04
N GLN B 34 -20.54 36.62 -40.24
CA GLN B 34 -21.34 36.71 -41.46
C GLN B 34 -20.66 35.95 -42.59
N GLU B 35 -21.35 34.93 -43.10
CA GLU B 35 -20.84 34.10 -44.18
C GLU B 35 -19.53 33.48 -43.71
N ASN B 36 -19.46 33.20 -42.41
CA ASN B 36 -18.29 32.61 -41.79
C ASN B 36 -17.12 33.55 -41.64
N ASN B 37 -17.30 34.82 -41.98
CA ASN B 37 -16.23 35.79 -41.80
C ASN B 37 -16.52 36.44 -40.46
N ILE B 38 -15.51 37.00 -39.81
CA ILE B 38 -15.78 37.73 -38.59
C ILE B 38 -15.69 39.21 -39.01
N LEU B 39 -16.80 39.92 -38.91
CA LEU B 39 -16.86 41.35 -39.27
C LEU B 39 -16.87 42.23 -38.03
N LEU B 40 -16.23 43.38 -38.15
CA LEU B 40 -16.15 44.36 -37.09
C LEU B 40 -17.05 45.52 -37.52
N PHE B 41 -18.11 45.74 -36.76
CA PHE B 41 -19.07 46.80 -37.03
C PHE B 41 -18.90 48.03 -36.15
N ASN B 42 -19.13 49.19 -36.76
CA ASN B 42 -19.04 50.44 -36.04
C ASN B 42 -20.45 50.96 -35.95
N ALA B 43 -20.94 51.07 -34.71
CA ALA B 43 -22.30 51.53 -34.45
C ALA B 43 -22.49 53.00 -34.77
N GLU B 44 -21.47 53.80 -34.49
CA GLU B 44 -21.54 55.24 -34.74
C GLU B 44 -22.02 55.58 -36.15
N TYR B 45 -21.60 54.80 -37.15
CA TYR B 45 -21.95 55.07 -38.54
C TYR B 45 -22.50 53.90 -39.37
N GLY B 46 -22.60 52.72 -38.75
CA GLY B 46 -23.12 51.58 -39.49
C GLY B 46 -22.17 50.86 -40.44
N ASN B 47 -20.96 51.38 -40.62
CA ASN B 47 -20.02 50.72 -41.53
C ASN B 47 -19.29 49.56 -40.84
N SER B 48 -18.65 48.70 -41.64
CA SER B 48 -17.92 47.58 -41.09
C SER B 48 -16.70 47.22 -41.92
N SER B 49 -15.86 46.34 -41.38
CA SER B 49 -14.69 45.86 -42.10
C SER B 49 -14.46 44.41 -41.68
N ILE B 50 -13.72 43.66 -42.51
CA ILE B 50 -13.45 42.27 -42.21
C ILE B 50 -12.42 42.18 -41.09
N PHE B 51 -12.78 41.45 -40.04
CA PHE B 51 -11.85 41.31 -38.94
C PHE B 51 -11.03 40.04 -39.17
N LEU B 52 -11.68 38.99 -39.66
CA LEU B 52 -11.01 37.73 -39.96
C LEU B 52 -11.74 37.13 -41.15
N GLU B 53 -11.01 36.88 -42.24
CA GLU B 53 -11.61 36.32 -43.47
C GLU B 53 -11.87 34.85 -43.32
N ASN B 54 -12.95 34.36 -43.93
CA ASN B 54 -13.24 32.96 -43.77
C ASN B 54 -12.21 32.01 -44.36
N SER B 55 -11.30 32.53 -45.17
CA SER B 55 -10.27 31.69 -45.75
C SER B 55 -9.48 31.06 -44.59
N THR B 56 -9.26 31.86 -43.55
CA THR B 56 -8.55 31.39 -42.38
C THR B 56 -9.13 30.08 -41.84
N PHE B 57 -10.45 29.95 -41.83
CA PHE B 57 -11.09 28.73 -41.34
C PHE B 57 -10.87 27.58 -42.31
N ASP B 58 -10.80 27.88 -43.60
CA ASP B 58 -10.58 26.82 -44.58
C ASP B 58 -9.20 26.23 -44.30
N GLU B 59 -8.27 27.09 -43.89
CA GLU B 59 -6.91 26.69 -43.60
C GLU B 59 -6.66 25.88 -42.32
N LEU B 60 -7.59 25.92 -41.37
CA LEU B 60 -7.41 25.22 -40.09
C LEU B 60 -7.38 23.70 -40.10
N GLY B 61 -8.25 23.06 -40.87
CA GLY B 61 -8.22 21.61 -40.90
C GLY B 61 -9.11 20.92 -39.89
N TYR B 62 -10.07 21.67 -39.35
CA TYR B 62 -11.01 21.10 -38.42
C TYR B 62 -12.25 21.99 -38.38
N SER B 63 -13.36 21.38 -37.99
CA SER B 63 -14.60 22.11 -37.88
C SER B 63 -14.45 23.00 -36.65
N THR B 64 -14.44 24.31 -36.88
CA THR B 64 -14.33 25.24 -35.78
C THR B 64 -15.71 25.38 -35.16
N ASN B 65 -15.80 25.03 -33.88
CA ASN B 65 -17.06 25.11 -33.16
C ASN B 65 -17.34 26.51 -32.60
N ASP B 66 -16.30 27.28 -32.29
CA ASP B 66 -16.48 28.63 -31.75
C ASP B 66 -15.14 29.38 -31.65
N TYR B 67 -15.21 30.68 -31.41
CA TYR B 67 -13.99 31.50 -31.30
C TYR B 67 -14.20 32.60 -30.28
N SER B 68 -13.09 33.15 -29.77
CA SER B 68 -13.13 34.24 -28.81
C SER B 68 -11.91 35.12 -29.05
N VAL B 69 -12.16 36.39 -29.33
CA VAL B 69 -11.12 37.37 -29.60
C VAL B 69 -10.57 38.03 -28.32
N SER B 70 -9.25 38.12 -28.20
CA SER B 70 -8.64 38.76 -27.02
C SER B 70 -9.11 40.23 -26.94
N PRO B 71 -9.30 40.77 -25.71
CA PRO B 71 -9.75 42.16 -25.64
C PRO B 71 -8.89 43.21 -26.36
N ASP B 72 -7.57 43.03 -26.38
CA ASP B 72 -6.71 43.98 -27.07
C ASP B 72 -6.70 43.68 -28.57
N ARG B 73 -7.54 42.74 -28.98
CA ARG B 73 -7.69 42.35 -30.38
C ARG B 73 -6.45 41.84 -31.12
N GLN B 74 -5.49 41.29 -30.39
CA GLN B 74 -4.25 40.79 -31.00
C GLN B 74 -4.28 39.29 -31.29
N PHE B 75 -5.17 38.59 -30.59
CA PHE B 75 -5.26 37.16 -30.74
C PHE B 75 -6.70 36.69 -30.78
N ILE B 76 -6.88 35.50 -31.31
CA ILE B 76 -8.21 34.90 -31.34
C ILE B 76 -8.03 33.44 -30.97
N LEU B 77 -8.97 32.94 -30.19
CA LEU B 77 -8.95 31.57 -29.73
C LEU B 77 -9.93 30.80 -30.61
N PHE B 78 -9.52 29.60 -31.04
CA PHE B 78 -10.38 28.77 -31.86
C PHE B 78 -10.67 27.50 -31.07
N GLU B 79 -11.96 27.22 -30.91
CA GLU B 79 -12.38 26.04 -30.18
C GLU B 79 -12.84 24.93 -31.14
N TYR B 80 -12.31 23.72 -30.95
CA TYR B 80 -12.71 22.59 -31.79
C TYR B 80 -12.70 21.30 -30.96
N ASN B 81 -13.14 20.19 -31.56
CA ASN B 81 -13.21 18.91 -30.88
C ASN B 81 -14.13 19.03 -29.64
N TYR B 82 -15.25 19.72 -29.82
CA TYR B 82 -16.24 19.93 -28.77
C TYR B 82 -16.89 18.61 -28.30
N VAL B 83 -16.89 18.35 -26.99
CA VAL B 83 -17.53 17.15 -26.42
C VAL B 83 -18.40 17.64 -25.26
N LYS B 84 -19.72 17.52 -25.42
CA LYS B 84 -20.65 17.99 -24.41
C LYS B 84 -20.55 17.15 -23.14
N GLN B 85 -20.71 17.80 -21.98
CA GLN B 85 -20.72 17.03 -20.76
C GLN B 85 -22.15 17.19 -20.22
N TRP B 86 -22.37 18.07 -19.25
CA TRP B 86 -23.73 18.26 -18.70
C TRP B 86 -24.48 19.43 -19.41
N ARG B 87 -25.38 20.11 -18.71
CA ARG B 87 -26.12 21.20 -19.37
C ARG B 87 -25.26 22.34 -19.90
N HIS B 88 -24.18 22.71 -19.20
CA HIS B 88 -23.32 23.81 -19.63
C HIS B 88 -21.86 23.39 -19.88
N SER B 89 -21.42 22.36 -19.16
CA SER B 89 -20.04 21.91 -19.28
C SER B 89 -19.76 21.10 -20.54
N TYR B 90 -18.51 21.20 -20.99
CA TYR B 90 -18.00 20.45 -22.14
C TYR B 90 -16.48 20.56 -22.13
N THR B 91 -15.79 19.77 -22.94
CA THR B 91 -14.35 19.91 -23.04
C THR B 91 -14.04 20.17 -24.52
N ALA B 92 -12.87 20.72 -24.81
CA ALA B 92 -12.49 21.01 -26.18
C ALA B 92 -10.99 21.24 -26.34
N SER B 93 -10.57 21.34 -27.60
CA SER B 93 -9.18 21.65 -27.95
C SER B 93 -9.23 23.12 -28.36
N TYR B 94 -8.12 23.81 -28.24
CA TYR B 94 -8.05 25.21 -28.61
C TYR B 94 -6.72 25.56 -29.26
N ASP B 95 -6.79 26.41 -30.29
CA ASP B 95 -5.60 26.95 -30.94
C ASP B 95 -5.68 28.45 -30.71
N ILE B 96 -4.53 29.10 -30.62
CA ILE B 96 -4.51 30.55 -30.46
C ILE B 96 -3.92 31.02 -31.79
N TYR B 97 -4.58 31.98 -32.41
CA TYR B 97 -4.15 32.51 -33.70
C TYR B 97 -3.71 33.95 -33.50
N ASP B 98 -2.49 34.26 -33.92
CA ASP B 98 -1.95 35.61 -33.82
C ASP B 98 -2.51 36.44 -34.98
N LEU B 99 -3.29 37.47 -34.65
CA LEU B 99 -3.89 38.32 -35.67
C LEU B 99 -2.94 39.33 -36.30
N ASN B 100 -1.83 39.60 -35.63
CA ASN B 100 -0.83 40.54 -36.15
C ASN B 100 -0.03 39.85 -37.25
N LYS B 101 0.65 38.76 -36.88
CA LYS B 101 1.42 38.00 -37.85
C LYS B 101 0.56 36.97 -38.58
N ARG B 102 -0.74 37.07 -38.40
CA ARG B 102 -1.70 36.16 -39.03
C ARG B 102 -1.17 34.74 -39.21
N GLN B 103 -0.67 34.19 -38.11
CA GLN B 103 -0.14 32.84 -38.07
C GLN B 103 -0.74 32.14 -36.84
N LEU B 104 -0.81 30.82 -36.91
CA LEU B 104 -1.34 30.01 -35.84
C LEU B 104 -0.20 29.75 -34.85
N ILE B 105 -0.47 29.87 -33.55
CA ILE B 105 0.57 29.62 -32.55
C ILE B 105 0.71 28.11 -32.40
N THR B 106 1.93 27.61 -32.48
CA THR B 106 2.16 26.18 -32.38
C THR B 106 3.02 25.80 -31.20
N GLU B 107 3.55 26.80 -30.51
CA GLU B 107 4.38 26.58 -29.33
C GLU B 107 3.51 26.71 -28.08
N GLU B 108 3.80 25.89 -27.08
CA GLU B 108 3.06 25.94 -25.82
C GLU B 108 1.55 26.03 -26.03
N ARG B 109 1.03 25.13 -26.86
CA ARG B 109 -0.39 25.09 -27.16
C ARG B 109 -1.26 24.72 -25.95
N ILE B 110 -2.52 25.09 -26.01
CA ILE B 110 -3.47 24.77 -24.94
C ILE B 110 -3.72 23.27 -25.04
N PRO B 111 -3.76 22.56 -23.90
CA PRO B 111 -3.99 21.10 -23.90
C PRO B 111 -5.35 20.71 -24.48
N ASN B 112 -5.44 19.46 -24.95
CA ASN B 112 -6.70 18.95 -25.47
C ASN B 112 -7.53 18.61 -24.21
N ASN B 113 -8.82 18.37 -24.36
CA ASN B 113 -9.66 18.06 -23.19
C ASN B 113 -9.68 19.22 -22.16
N THR B 114 -9.45 20.44 -22.63
CA THR B 114 -9.50 21.60 -21.75
C THR B 114 -10.98 21.78 -21.37
N GLN B 115 -11.22 22.03 -20.08
CA GLN B 115 -12.57 22.17 -19.54
C GLN B 115 -13.16 23.58 -19.57
N TRP B 116 -12.31 24.59 -19.46
CA TRP B 116 -12.75 25.97 -19.49
C TRP B 116 -11.56 26.86 -19.81
N ILE B 117 -11.83 27.94 -20.55
CA ILE B 117 -10.78 28.87 -20.86
C ILE B 117 -11.36 30.26 -21.08
N THR B 118 -10.60 31.24 -20.63
CA THR B 118 -11.05 32.60 -20.80
C THR B 118 -9.90 33.60 -20.88
N TRP B 119 -10.05 34.62 -21.72
CA TRP B 119 -9.05 35.69 -21.79
C TRP B 119 -9.29 36.54 -20.53
N SER B 120 -8.28 37.33 -20.15
CA SER B 120 -8.42 38.30 -19.06
C SER B 120 -9.36 39.38 -19.63
N PRO B 121 -9.91 40.28 -18.80
CA PRO B 121 -10.81 41.32 -19.32
C PRO B 121 -10.14 42.39 -20.20
N VAL B 122 -8.83 42.52 -20.08
CA VAL B 122 -8.07 43.47 -20.85
C VAL B 122 -6.82 42.73 -21.28
N GLY B 123 -6.15 43.21 -22.32
CA GLY B 123 -4.93 42.56 -22.77
C GLY B 123 -5.17 41.23 -23.44
N HIS B 124 -4.29 40.27 -23.18
CA HIS B 124 -4.44 38.95 -23.77
C HIS B 124 -3.95 37.82 -22.87
N LYS B 125 -4.13 37.96 -21.57
CA LYS B 125 -3.73 36.87 -20.67
C LYS B 125 -4.83 35.81 -20.83
N LEU B 126 -4.47 34.57 -20.52
CA LEU B 126 -5.39 33.46 -20.57
C LEU B 126 -5.35 32.66 -19.27
N ALA B 127 -6.50 32.17 -18.83
CA ALA B 127 -6.59 31.28 -17.68
C ALA B 127 -7.43 30.12 -18.22
N TYR B 128 -7.10 28.88 -17.87
CA TYR B 128 -7.86 27.72 -18.34
C TYR B 128 -7.81 26.60 -17.32
N VAL B 129 -8.79 25.69 -17.39
CA VAL B 129 -8.83 24.55 -16.48
C VAL B 129 -8.58 23.26 -17.26
N TRP B 130 -7.71 22.40 -16.74
CA TRP B 130 -7.43 21.15 -17.41
C TRP B 130 -7.21 20.13 -16.31
N ASN B 131 -7.86 18.98 -16.42
CA ASN B 131 -7.75 17.94 -15.40
C ASN B 131 -8.07 18.53 -14.01
N ASN B 132 -9.10 19.38 -13.94
CA ASN B 132 -9.54 20.00 -12.69
C ASN B 132 -8.56 20.97 -12.01
N ASP B 133 -7.53 21.40 -12.72
CA ASP B 133 -6.58 22.37 -12.17
C ASP B 133 -6.50 23.60 -13.05
N ILE B 134 -6.18 24.73 -12.43
CA ILE B 134 -6.06 25.99 -13.10
C ILE B 134 -4.63 26.28 -13.60
N TYR B 135 -4.56 26.91 -14.77
CA TYR B 135 -3.31 27.29 -15.43
C TYR B 135 -3.46 28.69 -16.00
N VAL B 136 -2.39 29.48 -15.91
CA VAL B 136 -2.41 30.84 -16.42
C VAL B 136 -1.31 31.04 -17.46
N LYS B 137 -1.67 31.59 -18.61
CA LYS B 137 -0.72 31.88 -19.69
C LYS B 137 -0.66 33.39 -19.92
N ASN B 138 0.44 34.02 -19.55
CA ASN B 138 0.56 35.47 -19.77
C ASN B 138 0.70 35.80 -21.23
N GLU B 139 1.35 34.92 -21.99
CA GLU B 139 1.53 35.15 -23.41
C GLU B 139 1.15 33.89 -24.19
N PRO B 140 0.42 34.06 -25.30
CA PRO B 140 0.03 32.90 -26.09
C PRO B 140 1.19 31.97 -26.45
N ASN B 141 2.39 32.52 -26.65
CA ASN B 141 3.53 31.69 -27.02
C ASN B 141 4.42 31.26 -25.88
N LEU B 142 4.09 31.68 -24.66
CA LEU B 142 4.88 31.32 -23.49
C LEU B 142 4.24 30.14 -22.77
N SER B 143 5.05 29.40 -22.02
CA SER B 143 4.55 28.25 -21.28
C SER B 143 3.58 28.74 -20.21
N SER B 144 2.58 27.94 -19.89
CA SER B 144 1.61 28.34 -18.87
C SER B 144 2.14 28.01 -17.49
N GLN B 145 1.59 28.67 -16.48
CA GLN B 145 1.99 28.49 -15.09
C GLN B 145 0.88 27.76 -14.34
N ARG B 146 1.17 26.62 -13.73
CA ARG B 146 0.14 25.90 -13.00
C ARG B 146 -0.15 26.62 -11.69
N ILE B 147 -1.44 26.73 -11.37
CA ILE B 147 -1.92 27.44 -10.19
C ILE B 147 -2.37 26.54 -9.05
N THR B 148 -2.98 25.40 -9.38
CA THR B 148 -3.45 24.46 -8.37
C THR B 148 -2.91 23.08 -8.65
N TRP B 149 -2.74 22.30 -7.61
CA TRP B 149 -2.20 20.97 -7.79
C TRP B 149 -3.11 19.90 -7.21
N THR B 150 -4.27 20.31 -6.70
CA THR B 150 -5.19 19.37 -6.06
C THR B 150 -6.29 18.75 -6.92
N GLY B 151 -6.40 19.22 -8.16
CA GLY B 151 -7.44 18.71 -9.04
C GLY B 151 -7.49 17.20 -9.07
N LYS B 152 -8.68 16.63 -8.96
CA LYS B 152 -8.82 15.17 -8.95
C LYS B 152 -10.20 14.79 -9.45
N GLU B 153 -10.23 13.96 -10.50
CA GLU B 153 -11.46 13.51 -11.10
C GLU B 153 -12.51 13.08 -10.09
N ASN B 154 -13.73 13.61 -10.21
CA ASN B 154 -14.81 13.27 -9.29
C ASN B 154 -14.56 13.63 -7.82
N VAL B 155 -13.53 14.42 -7.53
CA VAL B 155 -13.29 14.73 -6.12
C VAL B 155 -13.04 16.22 -5.87
N ILE B 156 -11.99 16.75 -6.49
CA ILE B 156 -11.62 18.14 -6.29
C ILE B 156 -11.67 18.88 -7.63
N TYR B 157 -12.44 19.96 -7.66
CA TYR B 157 -12.60 20.81 -8.84
C TYR B 157 -12.08 22.23 -8.58
N ASN B 158 -11.03 22.65 -9.30
CA ASN B 158 -10.48 24.00 -9.17
C ASN B 158 -10.82 24.81 -10.41
N GLY B 159 -11.59 25.88 -10.24
CA GLY B 159 -11.89 26.74 -11.37
C GLY B 159 -13.10 26.36 -12.21
N VAL B 160 -13.67 25.16 -11.97
CA VAL B 160 -14.91 24.74 -12.64
C VAL B 160 -15.81 24.15 -11.57
N THR B 161 -17.11 24.16 -11.82
CA THR B 161 -18.08 23.64 -10.87
C THR B 161 -18.23 22.13 -10.92
N ASP B 162 -18.78 21.56 -9.84
CA ASP B 162 -19.09 20.14 -9.80
C ASP B 162 -20.50 20.05 -10.37
N TRP B 163 -21.12 18.88 -10.36
CA TRP B 163 -22.42 18.73 -11.01
C TRP B 163 -23.51 19.63 -10.50
N VAL B 164 -23.66 19.69 -9.17
CA VAL B 164 -24.80 20.45 -8.65
C VAL B 164 -24.59 21.95 -8.71
N TYR B 165 -23.34 22.43 -8.55
CA TYR B 165 -23.14 23.86 -8.64
C TYR B 165 -23.37 24.28 -10.09
N GLU B 166 -22.99 23.43 -11.03
CA GLU B 166 -23.15 23.74 -12.46
C GLU B 166 -24.61 23.92 -12.77
N GLU B 167 -25.39 22.91 -12.39
CA GLU B 167 -26.80 22.91 -12.69
C GLU B 167 -27.72 23.84 -11.90
N GLU B 168 -27.51 23.92 -10.59
CA GLU B 168 -28.43 24.66 -9.73
C GLU B 168 -27.99 25.97 -9.10
N VAL B 169 -26.70 26.26 -9.15
CA VAL B 169 -26.21 27.47 -8.51
C VAL B 169 -25.70 28.47 -9.51
N PHE B 170 -24.67 28.12 -10.27
CA PHE B 170 -24.08 29.04 -11.23
C PHE B 170 -24.72 29.01 -12.61
N SER B 171 -25.37 27.90 -12.95
CA SER B 171 -25.93 27.73 -14.29
C SER B 171 -24.77 27.97 -15.26
N ALA B 172 -23.60 27.45 -14.88
CA ALA B 172 -22.37 27.57 -15.70
C ALA B 172 -21.33 26.59 -15.18
N TYR B 173 -20.34 26.30 -16.02
CA TYR B 173 -19.28 25.36 -15.65
C TYR B 173 -18.10 26.14 -15.10
N SER B 174 -18.00 27.39 -15.54
CA SER B 174 -16.90 28.22 -15.10
C SER B 174 -16.96 28.62 -13.62
N ALA B 175 -15.80 28.60 -12.97
CA ALA B 175 -15.71 29.05 -11.58
C ALA B 175 -14.44 29.85 -11.41
N LEU B 176 -14.21 30.76 -12.37
CA LEU B 176 -13.08 31.62 -12.25
C LEU B 176 -13.47 33.02 -12.73
N TRP B 177 -12.91 34.02 -12.05
CA TRP B 177 -13.26 35.39 -12.30
C TRP B 177 -12.04 36.31 -12.24
N TRP B 178 -11.62 36.82 -13.39
CA TRP B 178 -10.51 37.76 -13.46
C TRP B 178 -10.97 39.14 -12.92
N SER B 179 -10.07 39.89 -12.30
CA SER B 179 -10.43 41.25 -11.86
C SER B 179 -10.48 42.12 -13.15
N PRO B 180 -11.16 43.29 -13.10
CA PRO B 180 -11.29 44.17 -14.27
C PRO B 180 -10.03 44.48 -15.06
N ASN B 181 -8.92 44.71 -14.38
CA ASN B 181 -7.68 45.00 -15.06
C ASN B 181 -6.69 43.82 -15.14
N GLY B 182 -7.18 42.62 -14.82
CA GLY B 182 -6.36 41.41 -14.89
C GLY B 182 -5.33 41.20 -13.79
N THR B 183 -5.37 42.01 -12.74
CA THR B 183 -4.41 41.86 -11.65
C THR B 183 -4.61 40.56 -10.88
N PHE B 184 -5.86 40.27 -10.55
CA PHE B 184 -6.20 39.12 -9.76
C PHE B 184 -7.06 38.15 -10.51
N LEU B 185 -6.93 36.88 -10.12
CA LEU B 185 -7.76 35.82 -10.68
C LEU B 185 -8.41 35.12 -9.49
N ALA B 186 -9.72 35.31 -9.32
CA ALA B 186 -10.45 34.63 -8.25
C ALA B 186 -10.96 33.28 -8.80
N TYR B 187 -11.07 32.26 -7.95
CA TYR B 187 -11.62 30.97 -8.39
C TYR B 187 -12.26 30.26 -7.21
N ALA B 188 -13.13 29.30 -7.48
CA ALA B 188 -13.70 28.53 -6.38
C ALA B 188 -13.20 27.11 -6.51
N GLN B 189 -13.09 26.45 -5.36
CA GLN B 189 -12.68 25.04 -5.34
C GLN B 189 -13.82 24.27 -4.71
N PHE B 190 -14.27 23.19 -5.36
CA PHE B 190 -15.35 22.37 -4.84
C PHE B 190 -14.79 21.01 -4.45
N ASN B 191 -15.21 20.54 -3.29
CA ASN B 191 -14.74 19.28 -2.75
C ASN B 191 -15.90 18.32 -2.64
N ASP B 192 -15.90 17.31 -3.48
CA ASP B 192 -16.98 16.33 -3.48
C ASP B 192 -16.65 15.00 -2.79
N THR B 193 -15.60 15.01 -1.98
CA THR B 193 -15.18 13.76 -1.31
C THR B 193 -16.29 12.97 -0.64
N GLU B 194 -17.17 13.66 0.09
CA GLU B 194 -18.24 12.96 0.81
C GLU B 194 -19.60 12.87 0.08
N VAL B 195 -19.68 13.35 -1.15
CA VAL B 195 -20.95 13.32 -1.87
C VAL B 195 -21.17 11.94 -2.50
N PRO B 196 -22.35 11.33 -2.30
CA PRO B 196 -22.63 10.01 -2.87
C PRO B 196 -22.62 10.03 -4.38
N LEU B 197 -22.36 8.89 -4.99
CA LEU B 197 -22.30 8.85 -6.46
C LEU B 197 -23.59 8.30 -7.05
N ILE B 198 -24.12 8.95 -8.09
CA ILE B 198 -25.25 8.35 -8.79
C ILE B 198 -24.49 7.49 -9.82
N GLU B 199 -24.95 6.28 -10.06
CA GLU B 199 -24.32 5.42 -11.05
C GLU B 199 -25.37 4.92 -12.02
N TYR B 200 -25.04 4.94 -13.31
CA TYR B 200 -25.97 4.40 -14.31
C TYR B 200 -25.18 3.86 -15.51
N SER B 201 -25.81 2.93 -16.21
CA SER B 201 -25.17 2.34 -17.39
C SER B 201 -25.18 3.26 -18.62
N PHE B 202 -24.09 3.22 -19.39
CA PHE B 202 -24.01 3.99 -20.64
C PHE B 202 -23.59 2.89 -21.63
N TYR B 203 -24.39 2.66 -22.66
CA TYR B 203 -24.13 1.56 -23.59
C TYR B 203 -23.15 1.83 -24.72
N SER B 204 -23.15 3.08 -25.16
CA SER B 204 -22.24 3.53 -26.21
C SER B 204 -22.53 2.88 -27.56
N ASP B 205 -21.57 2.99 -28.47
CA ASP B 205 -21.69 2.38 -29.78
C ASP B 205 -21.91 0.88 -29.67
N GLU B 206 -22.69 0.33 -30.61
CA GLU B 206 -23.00 -1.09 -30.66
C GLU B 206 -21.78 -2.01 -30.55
N SER B 207 -20.61 -1.54 -30.98
CA SER B 207 -19.40 -2.35 -30.91
C SER B 207 -18.85 -2.55 -29.49
N LEU B 208 -19.26 -1.72 -28.53
CA LEU B 208 -18.77 -1.87 -27.16
C LEU B 208 -19.40 -3.13 -26.58
N GLN B 209 -18.57 -4.14 -26.32
CA GLN B 209 -19.07 -5.40 -25.82
C GLN B 209 -19.68 -5.34 -24.41
N TYR B 210 -19.07 -4.56 -23.53
CA TYR B 210 -19.60 -4.41 -22.17
C TYR B 210 -20.00 -2.95 -21.89
N PRO B 211 -21.20 -2.73 -21.29
CA PRO B 211 -21.65 -1.36 -20.99
C PRO B 211 -20.69 -0.73 -19.96
N LYS B 212 -20.60 0.60 -19.96
CA LYS B 212 -19.77 1.27 -18.97
C LYS B 212 -20.70 1.82 -17.87
N THR B 213 -20.14 2.10 -16.71
CA THR B 213 -20.96 2.62 -15.63
C THR B 213 -20.50 4.04 -15.41
N VAL B 214 -21.39 5.00 -15.58
CA VAL B 214 -21.03 6.41 -15.37
C VAL B 214 -21.21 6.67 -13.87
N ARG B 215 -20.31 7.41 -13.24
CA ARG B 215 -20.45 7.69 -11.80
C ARG B 215 -20.29 9.20 -11.63
N ILE B 216 -21.24 9.85 -10.97
CA ILE B 216 -21.16 11.31 -10.79
C ILE B 216 -21.45 11.65 -9.33
N PRO B 217 -20.61 12.48 -8.69
CA PRO B 217 -20.89 12.86 -7.28
C PRO B 217 -22.14 13.73 -7.42
N TYR B 218 -23.26 13.27 -6.88
CA TYR B 218 -24.53 13.98 -7.01
C TYR B 218 -25.26 13.91 -5.68
N PRO B 219 -25.45 15.06 -5.01
CA PRO B 219 -26.17 15.00 -3.73
C PRO B 219 -27.67 15.04 -3.92
N LYS B 220 -28.37 14.00 -3.48
CA LYS B 220 -29.82 13.96 -3.55
C LYS B 220 -30.32 14.67 -2.25
N ALA B 221 -31.62 14.95 -2.16
CA ALA B 221 -32.18 15.71 -1.05
C ALA B 221 -31.74 15.20 0.30
N GLY B 222 -31.16 16.08 1.10
CA GLY B 222 -30.73 15.72 2.44
C GLY B 222 -29.38 15.03 2.55
N ALA B 223 -28.73 14.76 1.41
CA ALA B 223 -27.44 14.09 1.43
C ALA B 223 -26.28 15.04 1.70
N GLU B 224 -25.09 14.46 1.87
CA GLU B 224 -23.85 15.20 2.08
C GLU B 224 -23.61 16.03 0.81
N ASN B 225 -23.33 17.33 0.97
CA ASN B 225 -23.10 18.24 -0.14
C ASN B 225 -21.64 18.55 -0.35
N PRO B 226 -21.33 19.09 -1.52
CA PRO B 226 -19.92 19.44 -1.75
C PRO B 226 -19.60 20.66 -0.84
N THR B 227 -18.33 20.86 -0.53
CA THR B 227 -17.95 22.03 0.23
C THR B 227 -17.23 22.90 -0.79
N VAL B 228 -17.07 24.18 -0.47
CA VAL B 228 -16.47 25.12 -1.40
C VAL B 228 -15.50 26.02 -0.65
N LYS B 229 -14.46 26.44 -1.34
CA LYS B 229 -13.47 27.38 -0.83
C LYS B 229 -13.33 28.39 -1.95
N PHE B 230 -13.10 29.66 -1.60
CA PHE B 230 -12.96 30.74 -2.59
C PHE B 230 -11.58 31.38 -2.40
N PHE B 231 -10.84 31.59 -3.49
CA PHE B 231 -9.51 32.19 -3.39
C PHE B 231 -9.29 33.31 -4.40
N VAL B 232 -8.43 34.25 -4.05
CA VAL B 232 -8.10 35.29 -4.98
C VAL B 232 -6.60 35.18 -5.19
N VAL B 233 -6.20 34.99 -6.44
CA VAL B 233 -4.78 34.85 -6.78
C VAL B 233 -4.26 36.18 -7.32
N ASP B 234 -3.12 36.62 -6.80
CA ASP B 234 -2.48 37.84 -7.26
C ASP B 234 -1.61 37.37 -8.43
N THR B 235 -2.05 37.61 -9.67
CA THR B 235 -1.27 37.09 -10.78
C THR B 235 0.02 37.83 -11.11
N ARG B 236 0.23 38.97 -10.47
CA ARG B 236 1.44 39.75 -10.75
C ARG B 236 2.73 38.99 -10.40
N THR B 237 2.67 38.09 -9.42
CA THR B 237 3.84 37.36 -8.96
C THR B 237 4.03 35.98 -9.59
N LEU B 238 3.14 35.59 -10.49
CA LEU B 238 3.27 34.28 -11.13
C LEU B 238 4.56 34.22 -11.89
N SER B 239 5.33 33.17 -11.65
CA SER B 239 6.61 33.02 -12.32
C SER B 239 6.97 31.57 -12.08
N PRO B 240 7.66 30.93 -13.03
CA PRO B 240 8.03 29.52 -12.88
C PRO B 240 8.69 29.15 -11.57
N ASN B 241 9.54 30.00 -11.01
CA ASN B 241 10.18 29.63 -9.75
C ASN B 241 9.63 30.39 -8.53
N ALA B 242 8.41 30.89 -8.65
CA ALA B 242 7.76 31.60 -7.56
C ALA B 242 6.59 30.71 -7.08
N SER B 243 6.21 30.84 -5.81
CA SER B 243 5.06 30.11 -5.32
C SER B 243 3.84 30.93 -5.80
N VAL B 244 2.64 30.41 -5.59
CA VAL B 244 1.44 31.13 -5.96
C VAL B 244 1.00 31.99 -4.79
N THR B 245 0.80 33.29 -5.02
CA THR B 245 0.33 34.18 -3.95
C THR B 245 -1.19 34.17 -4.01
N SER B 246 -1.84 33.69 -2.95
CA SER B 246 -3.30 33.65 -2.96
C SER B 246 -3.85 33.82 -1.56
N TYR B 247 -5.11 34.25 -1.48
CA TYR B 247 -5.77 34.51 -0.21
C TYR B 247 -7.15 33.86 -0.23
N GLN B 248 -7.46 33.11 0.82
CA GLN B 248 -8.76 32.48 0.90
C GLN B 248 -9.74 33.38 1.63
N ILE B 249 -10.88 33.67 0.99
CA ILE B 249 -11.91 34.48 1.60
C ILE B 249 -13.02 33.52 2.05
N VAL B 250 -13.29 33.49 3.37
CA VAL B 250 -14.32 32.65 3.94
C VAL B 250 -15.62 33.42 4.11
N PRO B 251 -16.76 32.71 4.16
CA PRO B 251 -18.01 33.46 4.32
C PRO B 251 -18.15 34.05 5.73
N PRO B 252 -19.06 35.02 5.90
CA PRO B 252 -19.30 35.64 7.20
C PRO B 252 -19.76 34.58 8.19
N ALA B 253 -19.55 34.84 9.47
CA ALA B 253 -19.93 33.88 10.51
C ALA B 253 -21.37 33.37 10.45
N SER B 254 -22.34 34.23 10.13
CA SER B 254 -23.76 33.79 10.09
C SER B 254 -24.08 32.73 9.06
N VAL B 255 -23.16 32.56 8.09
CA VAL B 255 -23.34 31.53 7.08
C VAL B 255 -22.34 30.38 7.32
N LEU B 256 -21.18 30.73 7.89
CA LEU B 256 -20.12 29.78 8.19
C LEU B 256 -20.53 28.72 9.17
N ILE B 257 -21.50 29.03 10.03
CA ILE B 257 -21.92 28.10 11.06
C ILE B 257 -22.53 26.77 10.64
N GLY B 258 -22.87 26.63 9.36
CA GLY B 258 -23.51 25.40 8.90
C GLY B 258 -23.29 25.24 7.41
N ASP B 259 -23.95 24.26 6.78
CA ASP B 259 -23.75 24.04 5.34
C ASP B 259 -24.16 25.30 4.58
N HIS B 260 -23.43 25.61 3.52
CA HIS B 260 -23.76 26.80 2.74
C HIS B 260 -23.30 26.65 1.29
N TYR B 261 -23.66 27.63 0.47
CA TYR B 261 -23.22 27.63 -0.93
C TYR B 261 -22.67 29.01 -1.28
N LEU B 262 -21.71 29.04 -2.19
CA LEU B 262 -21.22 30.30 -2.71
C LEU B 262 -22.17 30.50 -3.90
N CYS B 263 -22.87 31.63 -4.00
CA CYS B 263 -23.75 31.73 -5.14
C CYS B 263 -23.52 32.90 -6.06
N GLY B 264 -22.48 33.69 -5.80
CA GLY B 264 -22.26 34.82 -6.67
C GLY B 264 -20.94 35.50 -6.43
N VAL B 265 -20.29 35.93 -7.52
CA VAL B 265 -19.03 36.64 -7.41
C VAL B 265 -19.12 37.85 -8.33
N THR B 266 -18.79 39.02 -7.80
CA THR B 266 -18.85 40.23 -8.57
C THR B 266 -17.68 41.15 -8.29
N TRP B 267 -16.83 41.34 -9.29
CA TRP B 267 -15.73 42.27 -9.11
C TRP B 267 -16.33 43.69 -9.17
N VAL B 268 -15.94 44.52 -8.21
CA VAL B 268 -16.43 45.91 -8.10
C VAL B 268 -15.33 46.86 -8.65
N THR B 269 -14.12 46.76 -8.10
CA THR B 269 -12.98 47.53 -8.61
C THR B 269 -11.79 46.55 -8.52
N GLU B 270 -10.59 46.98 -8.92
CA GLU B 270 -9.38 46.14 -8.82
C GLU B 270 -9.07 45.74 -7.39
N GLU B 271 -9.61 46.47 -6.41
CA GLU B 271 -9.33 46.18 -5.00
C GLU B 271 -10.58 45.93 -4.15
N ARG B 272 -11.69 45.63 -4.82
CA ARG B 272 -12.93 45.37 -4.11
C ARG B 272 -13.74 44.30 -4.85
N ILE B 273 -14.05 43.24 -4.12
CA ILE B 273 -14.82 42.12 -4.67
C ILE B 273 -16.03 41.85 -3.79
N SER B 274 -17.15 41.53 -4.43
CA SER B 274 -18.38 41.23 -3.69
C SER B 274 -18.70 39.73 -3.82
N LEU B 275 -18.82 39.04 -2.68
CA LEU B 275 -19.15 37.63 -2.67
C LEU B 275 -20.57 37.46 -2.11
N GLN B 276 -21.35 36.63 -2.77
CA GLN B 276 -22.70 36.38 -2.29
C GLN B 276 -22.75 34.90 -1.87
N TRP B 277 -23.19 34.67 -0.63
CA TRP B 277 -23.28 33.33 -0.04
C TRP B 277 -24.70 33.07 0.42
N ILE B 278 -25.07 31.80 0.50
CA ILE B 278 -26.40 31.47 0.97
C ILE B 278 -26.34 30.22 1.84
N ARG B 279 -27.20 30.16 2.88
CA ARG B 279 -27.20 29.00 3.75
C ARG B 279 -27.81 27.85 2.99
N ARG B 280 -27.51 26.64 3.40
CA ARG B 280 -28.07 25.48 2.74
C ARG B 280 -29.62 25.56 2.72
N ALA B 281 -30.24 26.16 3.75
CA ALA B 281 -31.71 26.30 3.76
C ALA B 281 -32.25 27.23 2.63
N GLN B 282 -31.40 28.12 2.15
CA GLN B 282 -31.73 29.05 1.09
C GLN B 282 -32.78 30.14 1.34
N ASN B 283 -32.99 30.49 2.60
CA ASN B 283 -33.92 31.57 2.92
C ASN B 283 -33.15 32.68 3.65
N TYR B 284 -31.82 32.56 3.61
CA TYR B 284 -30.88 33.50 4.24
C TYR B 284 -29.62 33.62 3.37
N SER B 285 -29.39 34.78 2.79
CA SER B 285 -28.19 34.99 2.00
C SER B 285 -27.50 36.24 2.46
N ILE B 286 -26.22 36.35 2.15
CA ILE B 286 -25.47 37.53 2.53
C ILE B 286 -24.44 37.95 1.50
N ILE B 287 -24.36 39.25 1.27
CA ILE B 287 -23.36 39.81 0.38
C ILE B 287 -22.24 40.32 1.26
N ASP B 288 -21.00 39.93 0.96
CA ASP B 288 -19.81 40.32 1.72
C ASP B 288 -18.87 41.02 0.73
N ILE B 289 -18.65 42.32 0.95
CA ILE B 289 -17.84 43.15 0.08
C ILE B 289 -16.45 43.33 0.72
N CYS B 290 -15.47 42.66 0.13
CA CYS B 290 -14.10 42.62 0.66
C CYS B 290 -13.10 43.50 -0.06
N ASP B 291 -12.31 44.23 0.73
CA ASP B 291 -11.33 45.15 0.21
C ASP B 291 -9.91 44.64 0.37
N TYR B 292 -9.14 44.82 -0.69
CA TYR B 292 -7.76 44.42 -0.74
C TYR B 292 -6.95 45.35 0.17
N ASP B 293 -6.15 44.75 1.05
CA ASP B 293 -5.27 45.54 1.93
C ASP B 293 -3.88 45.49 1.28
N GLU B 294 -3.48 46.60 0.65
CA GLU B 294 -2.21 46.66 -0.06
C GLU B 294 -0.98 46.33 0.77
N SER B 295 -1.01 46.56 2.08
CA SER B 295 0.17 46.28 2.88
C SER B 295 0.36 44.79 3.26
N THR B 296 -0.69 43.97 3.13
CA THR B 296 -0.58 42.56 3.49
C THR B 296 -1.10 41.59 2.45
N GLY B 297 -1.74 42.11 1.41
CA GLY B 297 -2.28 41.23 0.38
C GLY B 297 -3.56 40.53 0.77
N ARG B 298 -4.08 40.77 1.98
CA ARG B 298 -5.32 40.09 2.27
C ARG B 298 -6.55 40.86 1.84
N TRP B 299 -7.69 40.16 1.80
CA TRP B 299 -8.96 40.75 1.38
C TRP B 299 -9.81 40.80 2.64
N ILE B 300 -10.08 42.02 3.05
CA ILE B 300 -10.76 42.26 4.31
C ILE B 300 -12.24 42.48 4.25
N SER B 301 -12.91 41.79 5.15
CA SER B 301 -14.35 41.84 5.30
C SER B 301 -14.71 42.78 6.47
N SER B 302 -15.90 43.38 6.46
CA SER B 302 -16.31 44.23 7.58
C SER B 302 -17.81 44.14 7.73
N VAL B 303 -18.28 44.07 8.96
CA VAL B 303 -19.72 43.97 9.19
C VAL B 303 -20.51 45.09 8.50
N ALA B 304 -19.90 46.27 8.42
CA ALA B 304 -20.54 47.41 7.78
C ALA B 304 -20.78 47.17 6.29
N ARG B 305 -19.93 46.36 5.67
CA ARG B 305 -20.07 46.10 4.23
C ARG B 305 -20.79 44.79 3.92
N GLN B 306 -21.53 44.27 4.89
CA GLN B 306 -22.27 43.04 4.71
C GLN B 306 -23.74 43.37 4.60
N HIS B 307 -24.43 42.68 3.69
CA HIS B 307 -25.84 42.91 3.45
C HIS B 307 -26.60 41.63 3.41
N ILE B 308 -27.53 41.50 4.35
CA ILE B 308 -28.31 40.28 4.47
C ILE B 308 -29.63 40.37 3.74
N GLU B 309 -30.05 39.25 3.14
CA GLU B 309 -31.34 39.18 2.44
C GLU B 309 -32.00 37.89 2.89
N ILE B 310 -33.24 37.98 3.36
CA ILE B 310 -33.91 36.78 3.84
C ILE B 310 -35.29 36.70 3.25
N SER B 311 -35.93 35.56 3.47
CA SER B 311 -37.30 35.39 3.05
C SER B 311 -37.99 34.66 4.19
N THR B 312 -39.17 35.14 4.58
CA THR B 312 -39.92 34.50 5.66
C THR B 312 -41.03 33.63 5.10
N THR B 313 -41.43 33.87 3.86
CA THR B 313 -42.50 33.08 3.24
C THR B 313 -41.99 32.00 2.28
N GLY B 314 -40.68 31.99 1.98
CA GLY B 314 -40.15 30.98 1.09
C GLY B 314 -38.65 31.07 0.99
N TRP B 315 -38.14 31.06 -0.24
CA TRP B 315 -36.71 31.14 -0.50
C TRP B 315 -36.30 32.53 -1.01
N VAL B 316 -34.99 32.79 -1.02
CA VAL B 316 -34.47 34.07 -1.52
C VAL B 316 -34.25 34.02 -3.03
N GLY B 317 -34.77 35.05 -3.71
CA GLY B 317 -34.62 35.17 -5.15
C GLY B 317 -35.51 34.25 -5.97
N ARG B 318 -35.27 34.18 -7.26
CA ARG B 318 -36.08 33.33 -8.11
C ARG B 318 -35.52 31.92 -8.08
N PHE B 319 -34.27 31.76 -8.51
CA PHE B 319 -33.59 30.47 -8.51
C PHE B 319 -32.28 30.61 -7.72
N ARG B 320 -31.98 31.84 -7.34
CA ARG B 320 -30.79 32.17 -6.58
C ARG B 320 -31.00 33.65 -6.29
N PRO B 321 -30.33 34.19 -5.27
CA PRO B 321 -30.54 35.62 -5.00
C PRO B 321 -30.07 36.43 -6.20
N ALA B 322 -30.68 37.59 -6.46
CA ALA B 322 -30.31 38.42 -7.60
C ALA B 322 -28.94 39.00 -7.34
N GLU B 323 -28.19 39.29 -8.41
CA GLU B 323 -26.83 39.82 -8.31
C GLU B 323 -26.82 41.33 -8.10
N PRO B 324 -25.83 41.85 -7.34
CA PRO B 324 -25.74 43.29 -7.09
C PRO B 324 -25.07 43.95 -8.30
N HIS B 325 -25.49 45.16 -8.64
CA HIS B 325 -24.90 45.90 -9.76
C HIS B 325 -24.28 47.15 -9.19
N PHE B 326 -22.96 47.15 -9.09
CA PHE B 326 -22.23 48.26 -8.49
C PHE B 326 -21.94 49.44 -9.39
N THR B 327 -21.86 50.61 -8.76
CA THR B 327 -21.48 51.82 -9.48
C THR B 327 -19.99 51.65 -9.75
N SER B 328 -19.49 52.46 -10.65
CA SER B 328 -18.10 52.42 -11.07
C SER B 328 -17.13 52.59 -9.91
N ASP B 329 -17.49 53.44 -8.95
CA ASP B 329 -16.68 53.72 -7.77
C ASP B 329 -16.81 52.60 -6.72
N GLY B 330 -17.89 51.83 -6.83
CA GLY B 330 -18.13 50.73 -5.91
C GLY B 330 -18.65 51.12 -4.53
N ASN B 331 -19.05 52.38 -4.37
CA ASN B 331 -19.57 52.83 -3.09
C ASN B 331 -21.05 52.55 -2.84
N SER B 332 -21.77 52.15 -3.87
CA SER B 332 -23.17 51.77 -3.71
C SER B 332 -23.51 50.76 -4.81
N PHE B 333 -24.66 50.11 -4.69
CA PHE B 333 -25.06 49.14 -5.69
C PHE B 333 -26.56 49.05 -5.78
N TYR B 334 -27.02 48.45 -6.87
CA TYR B 334 -28.44 48.29 -7.10
C TYR B 334 -28.66 46.79 -7.20
N LYS B 335 -29.76 46.33 -6.62
CA LYS B 335 -30.09 44.92 -6.63
C LYS B 335 -31.58 44.68 -6.43
N ILE B 336 -32.07 43.71 -7.16
CA ILE B 336 -33.47 43.34 -7.10
C ILE B 336 -33.70 42.48 -5.85
N ILE B 337 -34.67 42.88 -5.03
CA ILE B 337 -35.07 42.13 -3.84
C ILE B 337 -36.60 42.32 -3.69
N SER B 338 -37.24 41.42 -2.96
CA SER B 338 -38.67 41.51 -2.68
C SER B 338 -38.96 42.73 -1.81
N ASN B 339 -39.95 43.52 -2.18
CA ASN B 339 -40.31 44.69 -1.37
C ASN B 339 -41.37 44.28 -0.32
N GLU B 340 -41.87 45.26 0.43
CA GLU B 340 -42.86 45.01 1.50
C GLU B 340 -44.18 44.45 1.00
N GLU B 341 -44.42 44.56 -0.30
CA GLU B 341 -45.64 44.01 -0.83
C GLU B 341 -45.42 42.65 -1.49
N GLY B 342 -44.19 42.15 -1.41
CA GLY B 342 -43.94 40.86 -2.00
C GLY B 342 -43.61 40.91 -3.47
N TYR B 343 -43.27 42.09 -4.00
CA TYR B 343 -42.90 42.21 -5.41
C TYR B 343 -41.42 42.53 -5.58
N LYS B 344 -40.75 41.82 -6.50
CA LYS B 344 -39.33 42.06 -6.74
C LYS B 344 -39.04 43.36 -7.49
N HIS B 345 -38.37 44.27 -6.81
CA HIS B 345 -38.03 45.57 -7.37
C HIS B 345 -36.59 45.97 -7.13
N ILE B 346 -36.13 47.04 -7.78
CA ILE B 346 -34.74 47.45 -7.59
C ILE B 346 -34.54 48.31 -6.36
N CYS B 347 -33.62 47.90 -5.47
CA CYS B 347 -33.32 48.67 -4.27
C CYS B 347 -31.90 49.22 -4.43
N HIS B 348 -31.71 50.47 -4.02
CA HIS B 348 -30.40 51.10 -4.08
C HIS B 348 -29.78 50.97 -2.72
N PHE B 349 -28.59 50.35 -2.64
CA PHE B 349 -27.84 50.16 -1.39
C PHE B 349 -26.54 50.98 -1.38
N GLN B 350 -26.17 51.46 -0.21
CA GLN B 350 -24.90 52.16 -0.07
C GLN B 350 -24.01 50.99 0.39
N THR B 351 -22.80 50.88 -0.15
CA THR B 351 -21.96 49.75 0.21
C THR B 351 -21.72 49.56 1.72
N ASP B 352 -21.54 50.66 2.45
CA ASP B 352 -21.32 50.53 3.89
C ASP B 352 -22.49 50.88 4.80
N LYS B 353 -23.73 50.77 4.30
CA LYS B 353 -24.91 51.03 5.14
C LYS B 353 -25.92 49.90 4.93
N SER B 354 -26.78 49.64 5.89
CA SER B 354 -27.71 48.53 5.71
C SER B 354 -29.09 48.80 5.11
N ASN B 355 -29.57 50.04 5.19
CA ASN B 355 -30.91 50.32 4.67
C ASN B 355 -30.84 50.71 3.19
N CYS B 356 -31.87 50.37 2.44
CA CYS B 356 -31.88 50.71 1.04
C CYS B 356 -33.15 51.43 0.66
N THR B 357 -33.13 52.01 -0.52
CA THR B 357 -34.28 52.73 -1.03
C THR B 357 -34.73 52.10 -2.34
N PHE B 358 -36.01 51.77 -2.40
CA PHE B 358 -36.53 51.20 -3.61
C PHE B 358 -36.67 52.26 -4.71
N ILE B 359 -36.24 51.92 -5.91
CA ILE B 359 -36.35 52.88 -6.98
C ILE B 359 -37.42 52.50 -8.00
N THR B 360 -37.97 51.30 -7.85
CA THR B 360 -39.08 50.88 -8.67
C THR B 360 -40.08 50.32 -7.67
N LYS B 361 -41.37 50.35 -8.02
CA LYS B 361 -42.44 49.87 -7.15
C LYS B 361 -43.69 49.61 -7.97
N GLY B 362 -44.52 48.66 -7.56
CA GLY B 362 -45.73 48.39 -8.30
C GLY B 362 -46.06 46.92 -8.28
N ALA B 363 -47.28 46.59 -8.71
CA ALA B 363 -47.73 45.21 -8.77
C ALA B 363 -47.28 44.57 -10.09
N TRP B 364 -45.96 44.49 -10.24
CA TRP B 364 -45.31 43.87 -11.40
C TRP B 364 -43.87 43.68 -10.89
N GLU B 365 -42.99 43.09 -11.69
CA GLU B 365 -41.62 42.88 -11.19
C GLU B 365 -40.52 43.22 -12.18
N VAL B 366 -39.38 43.61 -11.62
CA VAL B 366 -38.22 43.89 -12.45
C VAL B 366 -37.58 42.50 -12.69
N ILE B 367 -37.27 42.17 -13.94
CA ILE B 367 -36.68 40.87 -14.27
C ILE B 367 -35.19 40.86 -14.03
N GLY B 368 -34.52 41.90 -14.53
CA GLY B 368 -33.09 42.00 -14.35
C GLY B 368 -32.58 43.38 -14.64
N ILE B 369 -31.45 43.71 -14.02
CA ILE B 369 -30.77 44.99 -14.25
C ILE B 369 -29.82 44.74 -15.43
N GLU B 370 -29.92 45.53 -16.51
CA GLU B 370 -29.08 45.30 -17.69
C GLU B 370 -27.82 46.10 -17.88
N ALA B 371 -27.86 47.35 -17.41
CA ALA B 371 -26.73 48.24 -17.58
C ALA B 371 -26.85 49.39 -16.61
N LEU B 372 -25.71 49.95 -16.24
CA LEU B 372 -25.71 51.05 -15.30
C LEU B 372 -24.63 52.07 -15.68
N THR B 373 -24.99 53.35 -15.65
CA THR B 373 -24.01 54.41 -15.92
C THR B 373 -24.07 55.36 -14.72
N SER B 374 -23.26 56.42 -14.69
CA SER B 374 -23.32 57.35 -13.55
C SER B 374 -24.69 58.04 -13.50
N ASP B 375 -25.38 58.11 -14.65
CA ASP B 375 -26.69 58.80 -14.71
C ASP B 375 -27.98 57.99 -14.88
N TYR B 376 -27.87 56.79 -15.43
CA TYR B 376 -29.06 55.98 -15.67
C TYR B 376 -28.86 54.51 -15.37
N LEU B 377 -29.98 53.85 -15.06
CA LEU B 377 -29.97 52.42 -14.85
C LEU B 377 -30.97 51.84 -15.86
N TYR B 378 -30.56 50.81 -16.57
CA TYR B 378 -31.43 50.18 -17.54
C TYR B 378 -31.87 48.83 -16.99
N TYR B 379 -33.15 48.50 -17.14
CA TYR B 379 -33.66 47.24 -16.67
C TYR B 379 -34.81 46.72 -17.49
N ILE B 380 -35.11 45.45 -17.32
CA ILE B 380 -36.21 44.82 -18.01
C ILE B 380 -37.29 44.51 -16.96
N SER B 381 -38.56 44.77 -17.28
CA SER B 381 -39.65 44.44 -16.35
C SER B 381 -40.84 44.01 -17.17
N ASN B 382 -41.84 43.45 -16.50
CA ASN B 382 -43.07 43.06 -17.17
C ASN B 382 -44.19 44.04 -16.77
N GLU B 383 -43.81 45.28 -16.52
CA GLU B 383 -44.79 46.32 -16.15
C GLU B 383 -45.79 46.66 -17.25
N HIS B 384 -45.31 46.76 -18.48
CA HIS B 384 -46.19 47.16 -19.58
C HIS B 384 -47.50 46.41 -19.75
N LYS B 385 -48.60 47.18 -19.74
CA LYS B 385 -49.94 46.63 -19.90
C LYS B 385 -50.24 45.67 -18.77
N GLY B 386 -49.41 45.68 -17.74
CA GLY B 386 -49.65 44.75 -16.64
C GLY B 386 -49.67 43.29 -17.06
N MET B 387 -48.88 42.90 -18.07
CA MET B 387 -48.89 41.49 -18.44
C MET B 387 -47.57 40.83 -18.04
N PRO B 388 -47.66 39.90 -17.09
CA PRO B 388 -46.47 39.21 -16.59
C PRO B 388 -45.59 38.48 -17.61
N GLY B 389 -46.20 38.08 -18.74
CA GLY B 389 -45.52 37.36 -19.81
C GLY B 389 -44.98 38.24 -20.92
N GLY B 390 -44.95 39.53 -20.63
CA GLY B 390 -44.36 40.49 -21.53
C GLY B 390 -43.08 41.00 -20.90
N ARG B 391 -42.19 41.57 -21.71
CA ARG B 391 -40.92 42.11 -21.25
C ARG B 391 -40.51 43.38 -22.00
N ASN B 392 -40.13 44.44 -21.28
CA ASN B 392 -39.68 45.66 -21.93
C ASN B 392 -38.48 46.27 -21.23
N LEU B 393 -37.69 47.03 -21.99
CA LEU B 393 -36.49 47.72 -21.52
C LEU B 393 -36.87 49.12 -21.07
N TYR B 394 -36.49 49.46 -19.84
CA TYR B 394 -36.79 50.76 -19.25
C TYR B 394 -35.50 51.39 -18.81
N ARG B 395 -35.50 52.72 -18.75
CA ARG B 395 -34.34 53.48 -18.32
C ARG B 395 -34.78 54.41 -17.18
N ILE B 396 -34.09 54.36 -16.06
CA ILE B 396 -34.47 55.24 -14.96
C ILE B 396 -33.36 56.23 -14.64
N GLN B 397 -33.74 57.48 -14.36
CA GLN B 397 -32.79 58.54 -14.04
C GLN B 397 -32.33 58.39 -12.58
N LEU B 398 -31.02 58.20 -12.39
CA LEU B 398 -30.49 57.99 -11.04
C LEU B 398 -30.62 59.14 -10.07
N ASN B 399 -30.61 60.37 -10.59
CA ASN B 399 -30.76 61.55 -9.74
C ASN B 399 -32.23 61.89 -9.48
N ASP B 400 -33.16 61.15 -10.10
CA ASP B 400 -34.60 61.38 -9.92
C ASP B 400 -35.37 60.13 -10.35
N TYR B 401 -35.51 59.21 -9.41
CA TYR B 401 -36.18 57.92 -9.63
C TYR B 401 -37.58 58.03 -10.15
N THR B 402 -38.16 59.21 -10.14
CA THR B 402 -39.52 59.32 -10.64
C THR B 402 -39.50 59.39 -12.16
N LYS B 403 -38.34 59.69 -12.72
CA LYS B 403 -38.19 59.79 -14.17
C LYS B 403 -37.77 58.45 -14.81
N VAL B 404 -38.77 57.72 -15.31
CA VAL B 404 -38.53 56.44 -15.96
C VAL B 404 -39.16 56.43 -17.33
N THR B 405 -38.39 55.99 -18.32
CA THR B 405 -38.86 55.91 -19.70
C THR B 405 -38.85 54.47 -20.21
N CYS B 406 -39.91 54.06 -20.90
CA CYS B 406 -39.90 52.74 -21.48
C CYS B 406 -39.29 52.93 -22.87
N LEU B 407 -38.15 52.30 -23.11
CA LEU B 407 -37.47 52.42 -24.41
C LEU B 407 -38.00 51.51 -25.51
N SER B 408 -38.64 50.41 -25.16
CA SER B 408 -39.10 49.49 -26.19
C SER B 408 -40.60 49.30 -26.33
N CYS B 409 -41.36 49.75 -25.34
CA CYS B 409 -42.81 49.54 -25.33
C CYS B 409 -43.60 49.93 -26.58
N GLU B 410 -43.19 51.04 -27.20
CA GLU B 410 -43.92 51.55 -28.34
C GLU B 410 -43.27 51.40 -29.72
N LEU B 411 -42.15 50.70 -29.81
CA LEU B 411 -41.48 50.54 -31.09
C LEU B 411 -42.37 49.81 -32.10
N ASN B 412 -42.87 48.65 -31.71
CA ASN B 412 -43.73 47.84 -32.57
C ASN B 412 -44.66 47.16 -31.58
N PRO B 413 -45.64 47.92 -31.06
CA PRO B 413 -46.59 47.38 -30.08
C PRO B 413 -47.33 46.07 -30.37
N GLU B 414 -47.72 45.83 -31.62
CA GLU B 414 -48.43 44.60 -31.94
C GLU B 414 -47.47 43.43 -32.16
N ARG B 415 -46.37 43.70 -32.83
CA ARG B 415 -45.37 42.68 -33.13
C ARG B 415 -44.43 42.33 -31.96
N CYS B 416 -44.09 43.34 -31.16
CA CYS B 416 -43.12 43.16 -30.10
C CYS B 416 -43.55 43.52 -28.70
N GLN B 417 -43.69 42.48 -27.87
CA GLN B 417 -44.08 42.66 -26.48
C GLN B 417 -43.14 41.92 -25.53
N TYR B 418 -42.09 41.30 -26.06
CA TYR B 418 -41.15 40.53 -25.24
C TYR B 418 -39.76 40.82 -25.75
N TYR B 419 -39.04 41.62 -24.98
CA TYR B 419 -37.71 42.05 -25.34
C TYR B 419 -36.62 41.64 -24.35
N SER B 420 -35.40 41.54 -24.87
CA SER B 420 -34.20 41.37 -24.08
C SER B 420 -33.29 42.42 -24.76
N ALA B 421 -32.19 42.79 -24.12
CA ALA B 421 -31.29 43.80 -24.67
C ALA B 421 -29.83 43.48 -24.41
N SER B 422 -28.95 44.11 -25.18
CA SER B 422 -27.51 43.92 -25.02
C SER B 422 -26.86 45.28 -25.22
N PHE B 423 -26.21 45.79 -24.18
CA PHE B 423 -25.56 47.11 -24.25
C PHE B 423 -24.07 47.05 -24.53
N SER B 424 -23.57 48.06 -25.23
CA SER B 424 -22.16 48.18 -25.52
C SER B 424 -21.50 48.65 -24.23
N ASN B 425 -20.15 48.75 -24.22
CA ASN B 425 -19.47 49.25 -23.02
C ASN B 425 -19.93 50.68 -22.77
N LYS B 426 -20.08 51.03 -21.49
CA LYS B 426 -20.52 52.34 -21.08
C LYS B 426 -21.94 52.64 -21.57
N ALA B 427 -22.64 51.60 -22.01
CA ALA B 427 -24.03 51.71 -22.47
C ALA B 427 -24.32 52.78 -23.53
N LYS B 428 -23.35 53.04 -24.41
CA LYS B 428 -23.56 54.03 -25.46
C LYS B 428 -24.57 53.57 -26.49
N TYR B 429 -24.64 52.27 -26.74
CA TYR B 429 -25.58 51.73 -27.71
C TYR B 429 -26.20 50.43 -27.18
N TYR B 430 -27.32 50.02 -27.77
CA TYR B 430 -27.90 48.75 -27.34
C TYR B 430 -28.60 48.05 -28.47
N GLN B 431 -28.53 46.74 -28.45
CA GLN B 431 -29.24 45.95 -29.42
C GLN B 431 -30.53 45.53 -28.71
N LEU B 432 -31.66 45.68 -29.39
CA LEU B 432 -32.91 45.25 -28.81
C LEU B 432 -33.29 43.96 -29.49
N ARG B 433 -33.71 42.99 -28.70
CA ARG B 433 -34.13 41.69 -29.24
C ARG B 433 -35.59 41.43 -28.90
N CYS B 434 -36.42 41.55 -29.93
CA CYS B 434 -37.86 41.34 -29.82
C CYS B 434 -38.13 39.89 -30.15
N PHE B 435 -38.73 39.14 -29.23
CA PHE B 435 -38.98 37.71 -29.47
C PHE B 435 -40.40 37.29 -29.77
N GLY B 436 -41.34 38.22 -29.73
CA GLY B 436 -42.72 37.88 -30.04
C GLY B 436 -43.63 39.01 -29.60
N PRO B 437 -44.94 38.89 -29.80
CA PRO B 437 -45.65 37.74 -30.40
C PRO B 437 -45.52 37.55 -31.91
N GLY B 438 -45.04 38.57 -32.63
CA GLY B 438 -44.85 38.42 -34.07
C GLY B 438 -43.48 37.81 -34.32
N LEU B 439 -42.98 37.86 -35.55
CA LEU B 439 -41.67 37.31 -35.85
C LEU B 439 -40.53 38.10 -35.19
N PRO B 440 -39.55 37.39 -34.63
CA PRO B 440 -38.41 38.05 -33.98
C PRO B 440 -37.81 39.20 -34.78
N LEU B 441 -37.47 40.28 -34.09
CA LEU B 441 -36.95 41.49 -34.70
C LEU B 441 -35.74 42.00 -33.92
N TYR B 442 -34.62 42.16 -34.60
CA TYR B 442 -33.38 42.60 -33.97
C TYR B 442 -33.02 43.97 -34.51
N THR B 443 -32.87 44.92 -33.60
CA THR B 443 -32.55 46.29 -33.96
C THR B 443 -31.42 46.86 -33.11
N LEU B 444 -30.83 47.94 -33.61
CA LEU B 444 -29.71 48.59 -32.94
C LEU B 444 -30.11 50.02 -32.61
N HIS B 445 -29.79 50.46 -31.40
CA HIS B 445 -30.16 51.80 -30.95
C HIS B 445 -29.03 52.60 -30.33
N SER B 446 -29.20 53.92 -30.35
CA SER B 446 -28.26 54.85 -29.75
C SER B 446 -28.85 55.27 -28.40
N SER B 447 -28.07 55.18 -27.32
CA SER B 447 -28.56 55.57 -26.00
C SER B 447 -28.67 57.09 -25.78
N SER B 448 -27.85 57.87 -26.48
CA SER B 448 -27.88 59.31 -26.30
C SER B 448 -29.10 59.99 -26.94
N SER B 449 -29.68 59.36 -27.94
CA SER B 449 -30.84 59.96 -28.59
C SER B 449 -32.02 59.01 -28.63
N ASP B 450 -31.76 57.75 -28.33
CA ASP B 450 -32.76 56.69 -28.37
C ASP B 450 -33.37 56.51 -29.76
N LYS B 451 -32.59 56.84 -30.77
CA LYS B 451 -33.00 56.69 -32.15
C LYS B 451 -32.65 55.26 -32.55
N GLU B 452 -33.49 54.65 -33.37
CA GLU B 452 -33.18 53.31 -33.84
C GLU B 452 -32.22 53.54 -35.00
N LEU B 453 -31.02 53.01 -34.89
CA LEU B 453 -30.01 53.19 -35.92
C LEU B 453 -30.25 52.33 -37.15
N ARG B 454 -30.81 51.14 -36.94
CA ARG B 454 -31.10 50.25 -38.04
C ARG B 454 -31.62 48.91 -37.60
N VAL B 455 -32.26 48.23 -38.55
CA VAL B 455 -32.79 46.90 -38.37
C VAL B 455 -31.63 45.96 -38.72
N LEU B 456 -31.34 45.05 -37.80
CA LEU B 456 -30.26 44.08 -38.01
C LEU B 456 -30.81 42.80 -38.64
N GLU B 457 -32.00 42.40 -38.22
CA GLU B 457 -32.61 41.19 -38.77
C GLU B 457 -34.09 41.31 -38.51
N ASP B 458 -34.90 41.23 -39.57
CA ASP B 458 -36.34 41.34 -39.41
C ASP B 458 -37.12 40.10 -39.81
N ASN B 459 -36.42 39.03 -40.18
CA ASN B 459 -37.10 37.78 -40.58
C ASN B 459 -38.10 37.90 -41.72
N SER B 460 -37.77 38.75 -42.68
CA SER B 460 -38.62 38.92 -43.87
C SER B 460 -38.71 37.59 -44.65
N ALA B 461 -37.62 36.82 -44.68
CA ALA B 461 -37.58 35.54 -45.38
C ALA B 461 -38.61 34.58 -44.76
N LEU B 462 -38.61 34.44 -43.44
CA LEU B 462 -39.57 33.58 -42.77
C LEU B 462 -40.98 34.06 -43.05
N ASP B 463 -41.18 35.36 -42.90
CA ASP B 463 -42.48 35.96 -43.12
C ASP B 463 -43.13 35.49 -44.43
N LYS B 464 -42.35 35.55 -45.49
CA LYS B 464 -42.82 35.16 -46.82
C LYS B 464 -43.31 33.72 -46.78
N MET B 465 -42.40 32.82 -46.41
CA MET B 465 -42.71 31.39 -46.33
C MET B 465 -43.99 31.07 -45.60
N LEU B 466 -44.20 31.71 -44.46
CA LEU B 466 -45.39 31.41 -43.66
C LEU B 466 -46.72 31.88 -44.24
N GLN B 467 -46.68 32.69 -45.29
CA GLN B 467 -47.92 33.16 -45.85
C GLN B 467 -48.66 32.09 -46.63
N ASP B 468 -47.92 31.09 -47.12
CA ASP B 468 -48.56 30.01 -47.85
C ASP B 468 -49.11 28.92 -46.91
N VAL B 469 -48.67 28.92 -45.66
CA VAL B 469 -49.10 27.91 -44.69
C VAL B 469 -50.21 28.37 -43.77
N GLN B 470 -51.06 27.43 -43.35
CA GLN B 470 -52.14 27.73 -42.43
C GLN B 470 -51.61 27.69 -40.99
N MET B 471 -51.06 28.79 -40.53
CA MET B 471 -50.53 28.88 -39.19
C MET B 471 -51.63 29.05 -38.16
N PRO B 472 -51.42 28.54 -36.94
CA PRO B 472 -52.40 28.66 -35.86
C PRO B 472 -52.14 30.00 -35.19
N SER B 473 -53.05 30.45 -34.34
CA SER B 473 -52.85 31.72 -33.64
C SER B 473 -52.64 31.42 -32.17
N LYS B 474 -51.96 32.32 -31.49
CA LYS B 474 -51.72 32.18 -30.06
C LYS B 474 -52.42 33.32 -29.33
N LYS B 475 -53.33 32.98 -28.44
CA LYS B 475 -54.08 33.97 -27.69
C LYS B 475 -53.80 33.86 -26.20
N LEU B 476 -53.64 35.02 -25.55
CA LEU B 476 -53.42 35.07 -24.10
C LEU B 476 -54.57 35.74 -23.40
N ASP B 477 -54.91 35.26 -22.22
CA ASP B 477 -55.96 35.91 -21.48
C ASP B 477 -55.90 35.45 -20.02
N VAL B 478 -56.92 35.82 -19.24
CA VAL B 478 -56.93 35.54 -17.83
C VAL B 478 -58.17 34.81 -17.34
N ILE B 479 -58.03 34.15 -16.20
CA ILE B 479 -59.15 33.48 -15.54
C ILE B 479 -58.91 33.72 -14.06
N ASN B 480 -59.93 33.49 -13.26
CA ASN B 480 -59.84 33.69 -11.83
C ASN B 480 -59.89 32.36 -11.12
N LEU B 481 -58.99 32.15 -10.16
CA LEU B 481 -58.98 30.91 -9.37
C LEU B 481 -58.83 31.38 -7.92
N HIS B 482 -59.73 30.96 -7.04
CA HIS B 482 -59.66 31.35 -5.64
C HIS B 482 -59.52 32.88 -5.47
N GLY B 483 -60.11 33.66 -6.36
CA GLY B 483 -60.02 35.11 -6.23
C GLY B 483 -58.77 35.80 -6.75
N THR B 484 -57.93 35.07 -7.48
CA THR B 484 -56.71 35.63 -8.02
C THR B 484 -56.73 35.44 -9.53
N LYS B 485 -56.35 36.48 -10.27
CA LYS B 485 -56.33 36.36 -11.71
C LYS B 485 -55.02 35.72 -12.16
N PHE B 486 -55.13 34.72 -13.03
CA PHE B 486 -53.98 33.99 -13.52
C PHE B 486 -54.02 33.99 -15.03
N TRP B 487 -52.85 33.93 -15.66
CA TRP B 487 -52.81 33.94 -17.12
C TRP B 487 -52.74 32.58 -17.82
N TYR B 488 -53.31 32.51 -19.02
CA TYR B 488 -53.23 31.29 -19.80
C TYR B 488 -53.03 31.68 -21.27
N GLN B 489 -52.59 30.72 -22.06
CA GLN B 489 -52.44 30.92 -23.49
C GLN B 489 -53.03 29.71 -24.19
N MET B 490 -53.50 29.92 -25.42
CA MET B 490 -54.03 28.82 -26.21
C MET B 490 -53.48 29.00 -27.60
N ILE B 491 -53.01 27.91 -28.19
CA ILE B 491 -52.52 27.93 -29.56
C ILE B 491 -53.75 27.36 -30.26
N LEU B 492 -54.40 28.19 -31.08
CA LEU B 492 -55.62 27.77 -31.76
C LEU B 492 -55.45 27.36 -33.21
N PRO B 493 -56.11 26.26 -33.60
CA PRO B 493 -56.03 25.76 -34.97
C PRO B 493 -56.45 26.86 -35.97
N PRO B 494 -55.93 26.80 -37.20
CA PRO B 494 -56.27 27.81 -38.21
C PRO B 494 -57.78 27.67 -38.47
N HIS B 495 -58.42 28.72 -39.00
CA HIS B 495 -59.86 28.71 -39.26
C HIS B 495 -60.60 28.30 -38.01
N PHE B 496 -60.13 28.75 -36.87
CA PHE B 496 -60.77 28.39 -35.62
C PHE B 496 -62.28 28.70 -35.62
N ASP B 497 -63.09 27.65 -35.49
CA ASP B 497 -64.55 27.80 -35.45
C ASP B 497 -65.07 27.70 -34.02
N LYS B 498 -65.32 28.85 -33.40
CA LYS B 498 -65.83 28.92 -32.02
C LYS B 498 -67.00 27.98 -31.79
N SER B 499 -67.61 27.57 -32.90
CA SER B 499 -68.77 26.69 -32.95
C SER B 499 -68.45 25.21 -32.72
N LYS B 500 -67.34 24.73 -33.31
CA LYS B 500 -66.91 23.33 -33.21
C LYS B 500 -66.25 22.99 -31.88
N LYS B 501 -66.20 21.69 -31.57
CA LYS B 501 -65.59 21.23 -30.33
C LYS B 501 -64.26 20.52 -30.62
N TYR B 502 -63.16 21.17 -30.23
CA TYR B 502 -61.81 20.66 -30.47
C TYR B 502 -61.18 19.90 -29.31
N PRO B 503 -60.28 18.94 -29.63
CA PRO B 503 -59.62 18.21 -28.54
C PRO B 503 -58.65 19.26 -27.97
N LEU B 504 -58.25 19.05 -26.72
CA LEU B 504 -57.41 19.99 -26.00
C LEU B 504 -56.23 19.31 -25.32
N LEU B 505 -55.02 19.77 -25.60
CA LEU B 505 -53.80 19.25 -24.95
C LEU B 505 -53.33 20.34 -23.99
N ILE B 506 -53.12 19.98 -22.73
CA ILE B 506 -52.59 20.94 -21.79
C ILE B 506 -51.07 20.68 -21.79
N GLU B 507 -50.28 21.71 -22.10
CA GLU B 507 -48.83 21.55 -22.06
C GLU B 507 -48.45 22.20 -20.73
N VAL B 508 -47.76 21.47 -19.87
CA VAL B 508 -47.48 21.97 -18.54
C VAL B 508 -46.01 21.98 -18.12
N TYR B 509 -45.62 23.01 -17.37
CA TYR B 509 -44.29 23.16 -16.79
C TYR B 509 -44.64 23.24 -15.29
N ALA B 510 -45.10 24.41 -14.84
CA ALA B 510 -45.59 24.59 -13.47
C ALA B 510 -44.64 24.47 -12.29
N GLY B 511 -43.34 24.51 -12.54
CA GLY B 511 -42.43 24.45 -11.42
C GLY B 511 -42.37 25.82 -10.73
N PRO B 512 -41.79 25.88 -9.52
CA PRO B 512 -41.66 27.12 -8.76
C PRO B 512 -40.95 28.16 -9.63
N CYS B 513 -41.57 29.33 -9.73
CA CYS B 513 -41.10 30.48 -10.55
C CYS B 513 -41.14 30.21 -12.04
N SER B 514 -41.92 29.22 -12.45
CA SER B 514 -42.05 28.90 -13.88
C SER B 514 -42.89 29.98 -14.58
N GLN B 515 -42.73 30.10 -15.90
CA GLN B 515 -43.58 30.98 -16.66
C GLN B 515 -43.77 30.31 -18.01
N LYS B 516 -44.92 29.67 -18.17
CA LYS B 516 -45.21 28.98 -19.40
C LYS B 516 -46.11 29.78 -20.31
N VAL B 517 -46.61 30.90 -19.80
CA VAL B 517 -47.49 31.78 -20.57
C VAL B 517 -46.74 33.06 -20.84
N ASP B 518 -46.46 33.31 -22.12
CA ASP B 518 -45.72 34.50 -22.50
C ASP B 518 -46.04 34.90 -23.93
N THR B 519 -45.50 36.04 -24.35
CA THR B 519 -45.76 36.52 -25.71
C THR B 519 -44.64 36.19 -26.67
N VAL B 520 -43.92 35.11 -26.39
CA VAL B 520 -42.82 34.70 -27.27
C VAL B 520 -43.29 33.96 -28.52
N PHE B 521 -42.63 34.21 -29.65
CA PHE B 521 -43.01 33.53 -30.90
C PHE B 521 -42.25 32.21 -30.98
N ARG B 522 -42.96 31.10 -31.19
CA ARG B 522 -42.30 29.77 -31.30
C ARG B 522 -42.96 28.88 -32.34
N LEU B 523 -42.11 28.16 -33.06
CA LEU B 523 -42.51 27.15 -34.04
C LEU B 523 -42.22 25.88 -33.21
N SER B 524 -43.26 25.28 -32.67
CA SER B 524 -43.06 24.14 -31.80
C SER B 524 -43.90 22.94 -32.21
N TRP B 525 -43.78 21.88 -31.43
CA TRP B 525 -44.57 20.69 -31.67
C TRP B 525 -46.03 21.12 -31.58
N ALA B 526 -46.33 22.03 -30.64
CA ALA B 526 -47.70 22.51 -30.47
C ALA B 526 -48.19 23.21 -31.77
N THR B 527 -47.29 23.89 -32.46
CA THR B 527 -47.68 24.56 -33.70
C THR B 527 -48.23 23.52 -34.67
N TYR B 528 -47.55 22.37 -34.74
CA TYR B 528 -47.95 21.30 -35.65
C TYR B 528 -49.26 20.69 -35.20
N LEU B 529 -49.38 20.42 -33.89
CA LEU B 529 -50.62 19.87 -33.35
C LEU B 529 -51.84 20.72 -33.69
N ALA B 530 -51.69 22.04 -33.64
CA ALA B 530 -52.80 22.95 -33.91
C ALA B 530 -53.06 23.11 -35.42
N SER B 531 -52.02 23.40 -36.17
CA SER B 531 -52.12 23.59 -37.61
C SER B 531 -52.56 22.37 -38.41
N THR B 532 -51.92 21.22 -38.17
CA THR B 532 -52.27 20.00 -38.91
C THR B 532 -53.31 19.09 -38.26
N GLU B 533 -53.20 18.87 -36.96
CA GLU B 533 -54.13 17.97 -36.30
C GLU B 533 -55.36 18.59 -35.67
N ASN B 534 -55.44 19.91 -35.69
CA ASN B 534 -56.60 20.63 -35.14
C ASN B 534 -56.86 20.43 -33.65
N ILE B 535 -55.77 20.46 -32.90
CA ILE B 535 -55.83 20.29 -31.46
C ILE B 535 -55.53 21.66 -30.83
N ILE B 536 -56.27 22.05 -29.80
CA ILE B 536 -55.97 23.29 -29.12
C ILE B 536 -54.91 22.91 -28.09
N VAL B 537 -53.85 23.70 -27.98
CA VAL B 537 -52.81 23.42 -26.99
C VAL B 537 -52.80 24.63 -26.09
N ALA B 538 -53.13 24.40 -24.82
CA ALA B 538 -53.20 25.46 -23.83
C ALA B 538 -52.15 25.29 -22.72
N SER B 539 -51.74 26.40 -22.12
CA SER B 539 -50.81 26.40 -20.98
C SER B 539 -51.37 27.38 -19.95
N PHE B 540 -51.08 27.13 -18.69
CA PHE B 540 -51.60 27.95 -17.60
C PHE B 540 -50.56 28.17 -16.51
N ASP B 541 -50.40 29.42 -16.06
CA ASP B 541 -49.46 29.72 -14.99
C ASP B 541 -50.31 29.96 -13.71
N GLY B 542 -50.26 29.01 -12.79
CA GLY B 542 -51.01 29.10 -11.54
C GLY B 542 -50.18 29.40 -10.31
N ARG B 543 -50.62 28.91 -9.17
CA ARG B 543 -49.86 29.16 -7.95
C ARG B 543 -48.47 28.53 -8.05
N GLY B 544 -47.49 29.25 -7.53
CA GLY B 544 -46.11 28.82 -7.60
C GLY B 544 -45.42 29.41 -8.84
N SER B 545 -46.18 29.94 -9.80
CA SER B 545 -45.55 30.49 -10.99
C SER B 545 -44.86 31.81 -10.64
N GLY B 546 -43.93 32.25 -11.50
CA GLY B 546 -43.19 33.45 -11.15
C GLY B 546 -43.54 34.78 -11.80
N TYR B 547 -42.76 35.80 -11.45
CA TYR B 547 -42.89 37.14 -12.00
C TYR B 547 -44.19 37.87 -11.67
N GLN B 548 -44.93 37.35 -10.70
CA GLN B 548 -46.20 37.93 -10.28
C GLN B 548 -46.22 38.17 -8.78
N GLY B 549 -45.05 38.24 -8.15
CA GLY B 549 -45.02 38.47 -6.71
C GLY B 549 -44.89 37.19 -5.90
N ASP B 550 -44.36 37.33 -4.69
CA ASP B 550 -44.13 36.21 -3.78
C ASP B 550 -45.37 35.53 -3.26
N LYS B 551 -46.49 36.25 -3.18
CA LYS B 551 -47.69 35.63 -2.68
C LYS B 551 -48.05 34.49 -3.63
N ILE B 552 -47.95 34.75 -4.91
CA ILE B 552 -48.24 33.71 -5.88
C ILE B 552 -47.09 32.67 -5.90
N MET B 553 -45.86 33.15 -6.05
CA MET B 553 -44.71 32.24 -6.16
C MET B 553 -44.46 31.32 -4.97
N HIS B 554 -44.51 31.88 -3.76
CA HIS B 554 -44.28 31.11 -2.54
C HIS B 554 -45.44 30.30 -2.05
N ALA B 555 -46.54 30.28 -2.81
CA ALA B 555 -47.72 29.52 -2.39
C ALA B 555 -47.38 28.03 -2.29
N ILE B 556 -46.44 27.55 -3.09
CA ILE B 556 -46.13 26.13 -2.98
C ILE B 556 -44.91 25.85 -2.14
N ASN B 557 -44.47 26.83 -1.34
CA ASN B 557 -43.31 26.61 -0.48
C ASN B 557 -43.58 25.41 0.41
N ARG B 558 -42.59 24.53 0.51
CA ARG B 558 -42.64 23.29 1.29
C ARG B 558 -43.79 22.33 0.98
N ARG B 559 -44.42 22.51 -0.18
CA ARG B 559 -45.50 21.63 -0.58
C ARG B 559 -45.57 21.44 -2.10
N LEU B 560 -44.45 21.07 -2.71
CA LEU B 560 -44.47 20.84 -4.15
C LEU B 560 -45.48 19.71 -4.42
N GLY B 561 -46.14 19.77 -5.58
CA GLY B 561 -47.09 18.74 -5.95
C GLY B 561 -48.51 19.02 -5.46
N THR B 562 -48.73 20.15 -4.79
CA THR B 562 -50.08 20.45 -4.29
C THR B 562 -50.82 21.48 -5.14
N PHE B 563 -50.72 22.75 -4.74
CA PHE B 563 -51.43 23.81 -5.44
C PHE B 563 -51.18 23.98 -6.92
N GLU B 564 -49.92 23.84 -7.37
CA GLU B 564 -49.66 24.02 -8.81
C GLU B 564 -50.33 22.91 -9.62
N VAL B 565 -50.44 21.71 -9.05
CA VAL B 565 -51.09 20.58 -9.72
C VAL B 565 -52.62 20.81 -9.72
N GLU B 566 -53.14 21.22 -8.57
CA GLU B 566 -54.59 21.49 -8.45
C GLU B 566 -55.02 22.62 -9.38
N ASP B 567 -54.20 23.66 -9.50
CA ASP B 567 -54.55 24.77 -10.39
C ASP B 567 -54.59 24.37 -11.85
N GLN B 568 -53.71 23.45 -12.28
CA GLN B 568 -53.76 22.98 -13.66
C GLN B 568 -55.10 22.25 -13.88
N ILE B 569 -55.56 21.50 -12.88
CA ILE B 569 -56.83 20.79 -13.00
C ILE B 569 -58.02 21.77 -13.05
N GLU B 570 -58.02 22.76 -12.16
CA GLU B 570 -59.11 23.75 -12.12
C GLU B 570 -59.16 24.60 -13.37
N ALA B 571 -57.99 25.01 -13.85
CA ALA B 571 -57.93 25.83 -15.06
C ALA B 571 -58.50 25.06 -16.23
N THR B 572 -58.14 23.77 -16.32
CA THR B 572 -58.61 22.93 -17.40
C THR B 572 -60.14 22.75 -17.31
N ARG B 573 -60.63 22.56 -16.08
CA ARG B 573 -62.07 22.42 -15.86
C ARG B 573 -62.81 23.64 -16.42
N GLN B 574 -62.21 24.83 -16.28
CA GLN B 574 -62.86 26.02 -16.79
C GLN B 574 -62.73 26.06 -18.30
N PHE B 575 -61.58 25.61 -18.82
CA PHE B 575 -61.39 25.57 -20.26
C PHE B 575 -62.43 24.64 -20.87
N SER B 576 -62.67 23.51 -20.22
CA SER B 576 -63.62 22.53 -20.76
C SER B 576 -65.06 23.03 -20.80
N LYS B 577 -65.31 24.22 -20.27
CA LYS B 577 -66.66 24.80 -20.26
C LYS B 577 -66.78 25.93 -21.27
N MET B 578 -65.67 26.26 -21.94
CA MET B 578 -65.68 27.35 -22.92
C MET B 578 -66.49 27.06 -24.19
N GLY B 579 -67.04 25.87 -24.30
CA GLY B 579 -67.87 25.53 -25.45
C GLY B 579 -67.21 25.03 -26.71
N PHE B 580 -65.95 25.40 -26.95
CA PHE B 580 -65.27 24.93 -28.15
C PHE B 580 -64.28 23.79 -27.81
N VAL B 581 -64.37 23.29 -26.58
CA VAL B 581 -63.52 22.20 -26.14
C VAL B 581 -64.29 20.88 -26.05
N ASP B 582 -63.74 19.85 -26.69
CA ASP B 582 -64.38 18.54 -26.63
C ASP B 582 -63.94 17.90 -25.32
N ASP B 583 -64.80 17.96 -24.31
CA ASP B 583 -64.46 17.40 -23.02
C ASP B 583 -64.17 15.91 -23.02
N LYS B 584 -64.45 15.23 -24.13
CA LYS B 584 -64.18 13.81 -24.19
C LYS B 584 -62.75 13.60 -24.66
N ARG B 585 -62.09 14.67 -25.04
CA ARG B 585 -60.73 14.55 -25.53
C ARG B 585 -59.77 15.61 -24.99
N ILE B 586 -59.43 15.46 -23.71
CA ILE B 586 -58.51 16.35 -23.04
C ILE B 586 -57.28 15.55 -22.56
N ALA B 587 -56.08 15.99 -22.97
CA ALA B 587 -54.81 15.34 -22.59
C ALA B 587 -53.91 16.34 -21.88
N ILE B 588 -52.81 15.88 -21.30
CA ILE B 588 -51.88 16.78 -20.63
C ILE B 588 -50.49 16.15 -20.79
N TRP B 589 -49.47 16.99 -21.01
CA TRP B 589 -48.09 16.50 -21.18
C TRP B 589 -47.11 17.52 -20.67
N GLY B 590 -45.91 17.03 -20.35
CA GLY B 590 -44.88 17.92 -19.88
C GLY B 590 -43.56 17.18 -19.75
N TRP B 591 -42.49 17.95 -19.66
CA TRP B 591 -41.14 17.42 -19.56
C TRP B 591 -40.55 17.90 -18.24
N SER B 592 -39.82 17.04 -17.55
CA SER B 592 -39.16 17.45 -16.31
C SER B 592 -40.16 17.83 -15.19
N TYR B 593 -40.10 19.05 -14.66
CA TYR B 593 -41.09 19.41 -13.62
C TYR B 593 -42.50 19.23 -14.24
N GLY B 594 -42.62 19.55 -15.53
CA GLY B 594 -43.87 19.35 -16.23
C GLY B 594 -44.27 17.88 -16.34
N GLY B 595 -43.30 16.98 -16.36
CA GLY B 595 -43.63 15.56 -16.40
C GLY B 595 -44.15 15.16 -15.00
N TYR B 596 -43.55 15.69 -13.94
CA TYR B 596 -44.01 15.42 -12.56
C TYR B 596 -45.49 15.93 -12.40
N VAL B 597 -45.75 17.19 -12.75
CA VAL B 597 -47.11 17.74 -12.64
C VAL B 597 -48.10 16.95 -13.52
N THR B 598 -47.71 16.66 -14.76
CA THR B 598 -48.57 15.85 -15.63
C THR B 598 -48.94 14.55 -14.92
N SER B 599 -47.96 13.90 -14.31
CA SER B 599 -48.21 12.62 -13.62
C SER B 599 -49.07 12.81 -12.37
N MET B 600 -48.76 13.84 -11.60
CA MET B 600 -49.56 14.11 -10.40
C MET B 600 -51.01 14.42 -10.83
N VAL B 601 -51.19 15.18 -11.91
CA VAL B 601 -52.53 15.49 -12.40
C VAL B 601 -53.26 14.22 -12.82
N LEU B 602 -52.58 13.33 -13.55
CA LEU B 602 -53.24 12.10 -13.97
C LEU B 602 -53.55 11.22 -12.78
N GLY B 603 -52.73 11.34 -11.74
CA GLY B 603 -52.95 10.55 -10.54
C GLY B 603 -53.96 11.10 -9.54
N ALA B 604 -54.50 12.29 -9.86
CA ALA B 604 -55.48 12.98 -9.02
C ALA B 604 -56.89 12.38 -9.06
N GLY B 605 -57.20 11.65 -10.12
CA GLY B 605 -58.52 11.04 -10.26
C GLY B 605 -59.61 12.07 -10.49
N SER B 606 -59.28 13.12 -11.24
CA SER B 606 -60.20 14.21 -11.51
C SER B 606 -61.22 13.90 -12.60
N GLY B 607 -60.95 12.88 -13.41
CA GLY B 607 -61.85 12.55 -14.48
C GLY B 607 -61.76 13.54 -15.65
N VAL B 608 -60.97 14.59 -15.50
CA VAL B 608 -60.85 15.57 -16.58
C VAL B 608 -60.01 15.11 -17.79
N PHE B 609 -58.92 14.40 -17.52
CA PHE B 609 -58.01 13.99 -18.58
C PHE B 609 -58.11 12.54 -19.05
N LYS B 610 -58.25 12.36 -20.35
CA LYS B 610 -58.31 11.01 -20.92
C LYS B 610 -56.91 10.35 -20.94
N CYS B 611 -55.87 11.14 -21.21
CA CYS B 611 -54.51 10.58 -21.31
C CYS B 611 -53.46 11.65 -21.04
N GLY B 612 -52.22 11.21 -20.85
CA GLY B 612 -51.14 12.15 -20.60
C GLY B 612 -49.78 11.50 -20.88
N ILE B 613 -48.79 12.35 -21.13
CA ILE B 613 -47.43 11.91 -21.44
C ILE B 613 -46.47 12.65 -20.53
N ALA B 614 -45.62 11.91 -19.81
CA ALA B 614 -44.65 12.55 -18.93
C ALA B 614 -43.29 12.19 -19.49
N VAL B 615 -42.45 13.19 -19.70
CA VAL B 615 -41.12 12.94 -20.26
C VAL B 615 -40.07 13.31 -19.22
N ALA B 616 -39.20 12.36 -18.90
CA ALA B 616 -38.14 12.57 -17.93
C ALA B 616 -38.67 13.24 -16.66
N PRO B 617 -39.76 12.72 -16.10
CA PRO B 617 -40.34 13.33 -14.90
C PRO B 617 -39.65 13.08 -13.57
N VAL B 618 -39.79 14.03 -12.65
CA VAL B 618 -39.30 13.82 -11.31
C VAL B 618 -40.49 12.97 -10.80
N SER B 619 -40.24 11.94 -10.00
CA SER B 619 -41.37 11.16 -9.44
C SER B 619 -41.38 11.20 -7.90
N LYS B 620 -40.23 11.47 -7.29
CA LYS B 620 -40.13 11.49 -5.83
C LYS B 620 -39.00 12.46 -5.48
N TRP B 621 -39.32 13.47 -4.68
CA TRP B 621 -38.34 14.50 -4.37
C TRP B 621 -37.02 14.09 -3.75
N GLU B 622 -37.04 13.02 -2.95
CA GLU B 622 -35.80 12.53 -2.34
C GLU B 622 -34.83 12.04 -3.44
N TYR B 623 -35.31 11.79 -4.66
CA TYR B 623 -34.41 11.36 -5.74
C TYR B 623 -33.75 12.53 -6.48
N TYR B 624 -34.25 13.74 -6.30
CA TYR B 624 -33.69 14.88 -7.01
C TYR B 624 -32.58 15.54 -6.19
N ASP B 625 -31.87 16.51 -6.78
CA ASP B 625 -30.72 17.06 -6.06
C ASP B 625 -31.05 17.98 -4.90
N SER B 626 -30.08 18.07 -4.01
CA SER B 626 -30.21 18.83 -2.78
C SER B 626 -30.51 20.32 -2.95
N VAL B 627 -29.70 21.01 -3.75
CA VAL B 627 -29.86 22.46 -3.95
C VAL B 627 -31.25 22.85 -4.41
N TYR B 628 -31.72 22.24 -5.49
CA TYR B 628 -33.03 22.58 -6.01
C TYR B 628 -34.14 22.12 -5.09
N THR B 629 -34.10 20.84 -4.75
CA THR B 629 -35.16 20.28 -3.93
C THR B 629 -35.37 20.97 -2.58
N GLU B 630 -34.29 21.10 -1.84
CA GLU B 630 -34.34 21.72 -0.52
C GLU B 630 -34.76 23.19 -0.55
N ARG B 631 -34.45 23.87 -1.65
CA ARG B 631 -34.83 25.26 -1.78
C ARG B 631 -36.32 25.40 -1.54
N TYR B 632 -37.10 24.46 -2.05
CA TYR B 632 -38.55 24.52 -1.94
C TYR B 632 -39.16 23.55 -0.94
N MET B 633 -38.41 22.53 -0.57
CA MET B 633 -38.98 21.54 0.32
C MET B 633 -38.36 21.34 1.70
N GLY B 634 -37.23 22.00 1.95
CA GLY B 634 -36.54 21.80 3.21
C GLY B 634 -35.90 20.41 3.20
N LEU B 635 -35.69 19.83 4.40
CA LEU B 635 -35.06 18.52 4.53
C LEU B 635 -36.06 17.40 4.74
N PRO B 636 -35.79 16.23 4.13
CA PRO B 636 -36.65 15.06 4.23
C PRO B 636 -36.49 14.34 5.56
N THR B 637 -36.63 15.08 6.66
CA THR B 637 -36.49 14.46 7.98
C THR B 637 -37.75 14.68 8.79
N PRO B 638 -38.01 13.81 9.78
CA PRO B 638 -39.22 14.00 10.58
C PRO B 638 -39.22 15.36 11.28
N GLU B 639 -38.06 15.85 11.70
CA GLU B 639 -37.95 17.15 12.36
C GLU B 639 -38.34 18.29 11.42
N ASP B 640 -38.27 18.04 10.12
CA ASP B 640 -38.54 19.12 9.19
C ASP B 640 -39.72 18.88 8.27
N ASN B 641 -39.48 18.43 7.04
CA ASN B 641 -40.59 18.28 6.10
C ASN B 641 -40.86 16.89 5.50
N LEU B 642 -40.39 15.82 6.16
CA LEU B 642 -40.62 14.46 5.61
C LEU B 642 -42.07 14.16 5.23
N ASP B 643 -43.04 14.62 6.01
CA ASP B 643 -44.42 14.29 5.66
C ASP B 643 -44.85 14.74 4.28
N TYR B 644 -44.43 15.94 3.89
CA TYR B 644 -44.80 16.49 2.59
C TYR B 644 -43.94 15.91 1.45
N TYR B 645 -42.78 15.38 1.81
CA TYR B 645 -41.94 14.71 0.81
C TYR B 645 -42.69 13.37 0.52
N ARG B 646 -43.17 12.73 1.58
CA ARG B 646 -43.83 11.43 1.45
C ARG B 646 -45.12 11.37 0.69
N ASN B 647 -45.98 12.36 0.84
CA ASN B 647 -47.22 12.28 0.11
C ASN B 647 -47.22 13.10 -1.17
N SER B 648 -46.03 13.46 -1.66
CA SER B 648 -45.90 14.23 -2.91
C SER B 648 -45.24 13.41 -4.03
N THR B 649 -45.11 12.10 -3.81
CA THR B 649 -44.52 11.21 -4.81
C THR B 649 -45.63 10.87 -5.80
N VAL B 650 -45.26 10.61 -7.04
CA VAL B 650 -46.25 10.21 -8.00
C VAL B 650 -46.73 8.79 -7.67
N MET B 651 -45.81 7.98 -7.13
CA MET B 651 -46.14 6.59 -6.77
C MET B 651 -47.32 6.55 -5.78
N SER B 652 -47.41 7.53 -4.90
CA SER B 652 -48.50 7.57 -3.91
C SER B 652 -49.87 7.66 -4.58
N ARG B 653 -49.89 8.02 -5.87
CA ARG B 653 -51.15 8.15 -6.58
C ARG B 653 -51.36 7.04 -7.64
N ALA B 654 -50.56 5.98 -7.58
CA ALA B 654 -50.61 4.88 -8.56
C ALA B 654 -52.01 4.36 -8.88
N GLU B 655 -52.80 4.11 -7.85
CA GLU B 655 -54.14 3.57 -8.02
C GLU B 655 -55.02 4.38 -9.01
N ASN B 656 -54.93 5.71 -8.98
CA ASN B 656 -55.75 6.54 -9.87
C ASN B 656 -55.37 6.47 -11.35
N PHE B 657 -54.20 5.93 -11.67
CA PHE B 657 -53.79 5.81 -13.07
C PHE B 657 -54.60 4.76 -13.82
N LYS B 658 -55.36 3.95 -13.08
CA LYS B 658 -56.18 2.93 -13.73
C LYS B 658 -57.26 3.57 -14.60
N GLN B 659 -57.59 4.83 -14.34
CA GLN B 659 -58.63 5.51 -15.11
C GLN B 659 -58.08 6.32 -16.27
N VAL B 660 -56.78 6.25 -16.55
CA VAL B 660 -56.22 7.04 -17.65
C VAL B 660 -55.23 6.28 -18.52
N GLU B 661 -54.95 6.80 -19.72
CA GLU B 661 -53.98 6.20 -20.65
C GLU B 661 -52.71 7.02 -20.40
N TYR B 662 -51.64 6.36 -19.98
CA TYR B 662 -50.40 7.08 -19.65
C TYR B 662 -49.18 6.58 -20.45
N LEU B 663 -48.32 7.53 -20.85
CA LEU B 663 -47.08 7.23 -21.61
C LEU B 663 -45.94 7.87 -20.80
N LEU B 664 -45.03 7.03 -20.32
CA LEU B 664 -43.88 7.45 -19.50
C LEU B 664 -42.62 7.31 -20.35
N ILE B 665 -41.87 8.40 -20.53
CA ILE B 665 -40.68 8.39 -21.37
C ILE B 665 -39.45 8.89 -20.59
N HIS B 666 -38.30 8.26 -20.80
CA HIS B 666 -37.11 8.74 -20.07
C HIS B 666 -35.83 8.28 -20.79
N GLY B 667 -34.81 9.14 -20.84
CA GLY B 667 -33.54 8.76 -21.44
C GLY B 667 -32.73 7.99 -20.41
N THR B 668 -32.09 6.89 -20.80
CA THR B 668 -31.36 6.09 -19.81
C THR B 668 -30.12 6.74 -19.25
N ALA B 669 -29.55 7.71 -19.98
CA ALA B 669 -28.35 8.41 -19.55
C ALA B 669 -28.66 9.81 -18.99
N ASP B 670 -29.85 9.95 -18.41
CA ASP B 670 -30.22 11.27 -17.85
C ASP B 670 -29.42 11.46 -16.54
N ASP B 671 -28.48 12.41 -16.53
CA ASP B 671 -27.66 12.65 -15.35
C ASP B 671 -28.32 13.62 -14.36
N ASN B 672 -29.45 14.18 -14.77
CA ASN B 672 -30.15 15.23 -14.03
C ASN B 672 -31.35 14.66 -13.27
N VAL B 673 -32.39 14.27 -14.00
CA VAL B 673 -33.53 13.60 -13.38
C VAL B 673 -33.17 12.15 -13.77
N HIS B 674 -32.67 11.38 -12.80
CA HIS B 674 -32.23 10.01 -13.08
C HIS B 674 -33.32 9.07 -13.55
N PHE B 675 -32.92 8.17 -14.46
CA PHE B 675 -33.83 7.19 -15.05
C PHE B 675 -34.49 6.45 -13.87
N GLN B 676 -33.74 6.35 -12.77
CA GLN B 676 -34.21 5.77 -11.51
C GLN B 676 -35.63 6.31 -11.15
N GLN B 677 -35.85 7.61 -11.38
CA GLN B 677 -37.15 8.22 -11.05
C GLN B 677 -38.29 7.53 -11.82
N SER B 678 -38.11 7.33 -13.12
CA SER B 678 -39.15 6.64 -13.90
C SER B 678 -39.14 5.14 -13.63
N ALA B 679 -37.98 4.58 -13.31
CA ALA B 679 -37.91 3.14 -13.02
C ALA B 679 -38.69 2.79 -11.72
N GLN B 680 -38.58 3.66 -10.72
CA GLN B 680 -39.29 3.46 -9.44
C GLN B 680 -40.80 3.73 -9.70
N LEU B 681 -41.10 4.72 -10.54
CA LEU B 681 -42.51 5.01 -10.85
C LEU B 681 -43.17 3.86 -11.57
N SER B 682 -42.55 3.35 -12.65
CA SER B 682 -43.15 2.22 -13.36
C SER B 682 -43.33 1.04 -12.41
N LYS B 683 -42.34 0.78 -11.55
CA LYS B 683 -42.46 -0.35 -10.62
C LYS B 683 -43.70 -0.21 -9.72
N ALA B 684 -43.95 0.99 -9.22
CA ALA B 684 -45.12 1.24 -8.36
C ALA B 684 -46.41 1.03 -9.16
N LEU B 685 -46.41 1.44 -10.43
CA LEU B 685 -47.61 1.25 -11.28
C LEU B 685 -47.81 -0.26 -11.53
N VAL B 686 -46.73 -0.99 -11.80
CA VAL B 686 -46.88 -2.44 -12.03
C VAL B 686 -47.45 -3.10 -10.76
N ASP B 687 -46.90 -2.68 -9.62
CA ASP B 687 -47.32 -3.24 -8.33
C ASP B 687 -48.78 -2.98 -8.04
N ALA B 688 -49.31 -1.86 -8.54
CA ALA B 688 -50.71 -1.52 -8.34
C ALA B 688 -51.61 -2.12 -9.43
N GLY B 689 -51.03 -2.81 -10.40
CA GLY B 689 -51.83 -3.43 -11.45
C GLY B 689 -52.30 -2.46 -12.53
N VAL B 690 -51.56 -1.38 -12.69
CA VAL B 690 -51.92 -0.37 -13.65
C VAL B 690 -51.29 -0.63 -15.03
N ASP B 691 -52.08 -0.67 -16.09
CA ASP B 691 -51.43 -0.84 -17.39
C ASP B 691 -51.10 0.58 -17.88
N PHE B 692 -49.99 0.71 -18.60
CA PHE B 692 -49.56 1.99 -19.13
C PHE B 692 -48.50 1.68 -20.17
N GLN B 693 -48.04 2.71 -20.87
CA GLN B 693 -47.01 2.53 -21.89
C GLN B 693 -45.71 3.21 -21.47
N THR B 694 -44.64 2.71 -22.06
CA THR B 694 -43.32 3.19 -21.74
C THR B 694 -42.48 3.43 -23.01
N MET B 695 -41.41 4.19 -22.89
CA MET B 695 -40.45 4.36 -23.98
C MET B 695 -39.14 4.79 -23.36
N TRP B 696 -38.12 3.92 -23.34
CA TRP B 696 -36.84 4.40 -22.80
C TRP B 696 -36.08 4.86 -24.03
N TYR B 697 -35.12 5.76 -23.84
CA TYR B 697 -34.29 6.23 -24.95
C TYR B 697 -32.83 5.96 -24.52
N THR B 698 -32.27 4.94 -25.15
CA THR B 698 -30.92 4.51 -24.86
C THR B 698 -29.86 5.59 -25.02
N ASP B 699 -29.10 5.82 -23.93
CA ASP B 699 -28.01 6.76 -23.89
C ASP B 699 -28.39 8.24 -24.11
N GLU B 700 -29.67 8.56 -24.10
CA GLU B 700 -30.07 9.94 -24.26
C GLU B 700 -30.07 10.57 -22.87
N ASP B 701 -29.78 11.87 -22.83
CA ASP B 701 -29.74 12.54 -21.53
C ASP B 701 -31.03 13.29 -21.25
N HIS B 702 -30.98 14.29 -20.37
CA HIS B 702 -32.18 15.01 -20.01
C HIS B 702 -32.87 15.71 -21.18
N GLY B 703 -32.12 16.10 -22.20
CA GLY B 703 -32.73 16.76 -23.34
C GLY B 703 -33.25 15.81 -24.42
N ILE B 704 -32.95 14.51 -24.33
CA ILE B 704 -33.35 13.55 -25.37
C ILE B 704 -33.26 14.33 -26.69
N ALA B 705 -32.09 14.93 -26.83
CA ALA B 705 -31.78 15.82 -27.94
C ALA B 705 -30.96 15.36 -29.14
N SER B 706 -30.50 14.10 -29.17
CA SER B 706 -29.74 13.73 -30.35
C SER B 706 -30.73 13.92 -31.54
N ASN B 707 -30.20 14.17 -32.73
CA ASN B 707 -31.07 14.39 -33.88
C ASN B 707 -32.09 13.27 -34.10
N MET B 708 -31.67 12.01 -34.10
CA MET B 708 -32.65 10.95 -34.34
C MET B 708 -33.61 10.75 -33.16
N ALA B 709 -33.11 10.85 -31.93
CA ALA B 709 -34.00 10.65 -30.75
C ALA B 709 -35.05 11.77 -30.69
N HIS B 710 -34.64 12.99 -31.03
CA HIS B 710 -35.57 14.12 -31.03
C HIS B 710 -36.73 13.84 -31.98
N GLN B 711 -36.40 13.40 -33.19
CA GLN B 711 -37.43 13.09 -34.18
C GLN B 711 -38.27 11.93 -33.68
N HIS B 712 -37.61 10.95 -33.07
CA HIS B 712 -38.33 9.77 -32.63
C HIS B 712 -39.34 10.06 -31.51
N ILE B 713 -38.92 10.78 -30.47
CA ILE B 713 -39.84 11.02 -29.37
C ILE B 713 -41.06 11.87 -29.75
N TYR B 714 -40.88 12.91 -30.54
CA TYR B 714 -42.07 13.69 -30.95
C TYR B 714 -42.96 12.87 -31.90
N THR B 715 -42.34 12.06 -32.76
CA THR B 715 -43.15 11.22 -33.65
C THR B 715 -43.94 10.21 -32.81
N HIS B 716 -43.28 9.60 -31.83
CA HIS B 716 -43.95 8.63 -30.96
C HIS B 716 -45.07 9.27 -30.15
N MET B 717 -44.81 10.44 -29.60
CA MET B 717 -45.85 11.12 -28.81
C MET B 717 -47.05 11.56 -29.66
N SER B 718 -46.79 11.92 -30.92
CA SER B 718 -47.85 12.38 -31.83
C SER B 718 -48.80 11.22 -32.08
N HIS B 719 -48.23 10.06 -32.33
CA HIS B 719 -48.99 8.83 -32.54
C HIS B 719 -49.84 8.51 -31.32
N PHE B 720 -49.23 8.60 -30.13
CA PHE B 720 -49.97 8.32 -28.91
C PHE B 720 -51.15 9.28 -28.74
N LEU B 721 -50.92 10.58 -28.92
CA LEU B 721 -52.02 11.56 -28.79
C LEU B 721 -53.12 11.30 -29.81
N LYS B 722 -52.74 11.12 -31.06
CA LYS B 722 -53.73 10.89 -32.11
C LYS B 722 -54.55 9.64 -31.84
N GLN B 723 -53.94 8.62 -31.23
CA GLN B 723 -54.70 7.41 -30.93
C GLN B 723 -55.61 7.74 -29.74
N CYS B 724 -55.11 8.51 -28.78
CA CYS B 724 -55.94 8.87 -27.63
C CYS B 724 -57.15 9.70 -28.13
N PHE B 725 -56.92 10.56 -29.11
CA PHE B 725 -57.98 11.43 -29.61
C PHE B 725 -58.74 10.87 -30.82
N SER B 726 -58.53 9.60 -31.12
CA SER B 726 -59.17 8.95 -32.25
C SER B 726 -58.97 9.75 -33.54
N LEU B 727 -57.75 10.26 -33.74
CA LEU B 727 -57.39 11.05 -34.92
C LEU B 727 -56.59 10.17 -35.88
N PRO B 728 -57.02 10.10 -37.16
CA PRO B 728 -56.30 9.27 -38.14
C PRO B 728 -55.03 9.91 -38.74
N SER C 1 69.34 -28.95 26.21
CA SER C 1 69.78 -29.20 24.80
C SER C 1 68.60 -29.20 23.82
N ARG C 2 67.42 -29.60 24.31
CA ARG C 2 66.23 -29.65 23.46
C ARG C 2 65.27 -28.47 23.63
N ARG C 3 64.39 -28.32 22.64
CA ARG C 3 63.42 -27.23 22.59
C ARG C 3 62.27 -27.24 23.58
N THR C 4 61.61 -26.09 23.64
CA THR C 4 60.44 -25.88 24.48
C THR C 4 59.30 -25.69 23.46
N TYR C 5 58.06 -25.80 23.94
CA TYR C 5 56.90 -25.61 23.06
C TYR C 5 56.70 -24.08 23.06
N THR C 6 56.90 -23.47 21.90
CA THR C 6 56.83 -22.01 21.74
C THR C 6 55.46 -21.46 21.30
N LEU C 7 55.30 -20.14 21.36
CA LEU C 7 54.04 -19.50 20.96
C LEU C 7 53.78 -19.83 19.49
N THR C 8 54.83 -19.76 18.69
CA THR C 8 54.70 -20.08 17.28
C THR C 8 54.27 -21.55 17.08
N ASP C 9 54.83 -22.46 17.87
CA ASP C 9 54.40 -23.87 17.70
C ASP C 9 52.88 -23.94 17.88
N TYR C 10 52.38 -23.25 18.90
CA TYR C 10 50.95 -23.27 19.17
C TYR C 10 50.15 -22.62 18.06
N LEU C 11 50.58 -21.41 17.68
CA LEU C 11 49.88 -20.65 16.67
C LEU C 11 49.91 -21.23 15.26
N LYS C 12 51.03 -21.82 14.89
CA LYS C 12 51.16 -22.43 13.56
C LYS C 12 50.80 -23.93 13.56
N SER C 13 50.33 -24.43 14.71
CA SER C 13 49.98 -25.85 14.85
C SER C 13 51.04 -26.78 14.23
N THR C 14 52.29 -26.53 14.56
CA THR C 14 53.38 -27.34 14.05
C THR C 14 53.30 -28.78 14.59
N PHE C 15 52.75 -28.94 15.79
CA PHE C 15 52.58 -30.26 16.41
C PHE C 15 51.12 -30.66 16.19
N ARG C 16 50.88 -31.54 15.23
CA ARG C 16 49.53 -31.95 14.91
C ARG C 16 48.98 -33.19 15.62
N VAL C 17 47.80 -33.04 16.22
CA VAL C 17 47.15 -34.15 16.89
C VAL C 17 46.20 -34.76 15.86
N LYS C 18 46.40 -36.04 15.54
CA LYS C 18 45.52 -36.67 14.57
C LYS C 18 44.31 -37.34 15.24
N PHE C 19 43.28 -37.56 14.44
CA PHE C 19 42.06 -38.18 14.92
C PHE C 19 41.61 -39.20 13.89
N TYR C 20 40.45 -39.81 14.12
CA TYR C 20 39.93 -40.81 13.20
C TYR C 20 38.42 -40.76 13.09
N THR C 21 37.95 -39.99 12.12
CA THR C 21 36.51 -39.84 11.89
C THR C 21 35.96 -40.85 10.91
N LEU C 22 35.05 -41.69 11.37
CA LEU C 22 34.45 -42.66 10.50
C LEU C 22 32.93 -42.48 10.51
N GLN C 23 32.28 -43.10 9.53
CA GLN C 23 30.83 -43.05 9.40
C GLN C 23 30.29 -44.46 9.27
N TRP C 24 29.66 -44.94 10.33
CA TRP C 24 29.06 -46.27 10.35
C TRP C 24 27.90 -46.29 9.36
N ILE C 25 27.87 -47.27 8.45
CA ILE C 25 26.79 -47.37 7.46
C ILE C 25 25.99 -48.69 7.54
N SER C 26 26.31 -49.52 8.52
CA SER C 26 25.60 -50.77 8.72
C SER C 26 25.92 -51.22 10.13
N ASP C 27 25.55 -52.45 10.45
CA ASP C 27 25.84 -52.97 11.76
C ASP C 27 27.29 -53.42 11.82
N HIS C 28 27.96 -53.49 10.67
CA HIS C 28 29.34 -53.95 10.63
C HIS C 28 30.30 -53.31 9.64
N GLU C 29 29.89 -52.23 8.98
CA GLU C 29 30.76 -51.55 8.04
C GLU C 29 30.80 -50.05 8.28
N TYR C 30 31.93 -49.43 7.97
CA TYR C 30 32.03 -47.98 8.10
C TYR C 30 32.86 -47.36 6.98
N LEU C 31 32.59 -46.10 6.68
CA LEU C 31 33.30 -45.37 5.64
C LEU C 31 34.33 -44.47 6.30
N TYR C 32 35.43 -44.21 5.61
CA TYR C 32 36.48 -43.36 6.14
C TYR C 32 37.15 -42.63 4.98
N LYS C 33 37.28 -41.33 5.10
CA LYS C 33 37.89 -40.52 4.05
C LYS C 33 39.37 -40.29 4.32
N GLN C 34 40.22 -40.79 3.43
CA GLN C 34 41.66 -40.60 3.60
C GLN C 34 42.20 -39.87 2.39
N GLU C 35 42.87 -38.75 2.66
CA GLU C 35 43.47 -37.91 1.62
C GLU C 35 42.34 -37.21 0.87
N ASN C 36 41.42 -38.01 0.33
CA ASN C 36 40.25 -37.50 -0.39
C ASN C 36 39.45 -38.67 -0.91
N ASN C 37 39.96 -39.86 -0.62
CA ASN C 37 39.32 -41.09 -1.05
C ASN C 37 38.45 -41.67 0.06
N ILE C 38 37.31 -42.22 -0.34
CA ILE C 38 36.40 -42.82 0.62
C ILE C 38 36.57 -44.33 0.60
N LEU C 39 36.97 -44.87 1.74
CA LEU C 39 37.22 -46.30 1.89
C LEU C 39 36.12 -46.96 2.72
N LEU C 40 35.73 -48.17 2.35
CA LEU C 40 34.73 -48.91 3.08
C LEU C 40 35.47 -49.99 3.89
N PHE C 41 35.17 -50.04 5.18
CA PHE C 41 35.81 -50.99 6.05
C PHE C 41 34.76 -51.95 6.57
N ASN C 42 35.11 -53.23 6.57
CA ASN C 42 34.24 -54.25 7.07
C ASN C 42 34.86 -54.66 8.39
N ALA C 43 34.15 -54.36 9.49
CA ALA C 43 34.62 -54.69 10.84
C ALA C 43 34.61 -56.17 11.13
N GLU C 44 33.64 -56.88 10.56
CA GLU C 44 33.51 -58.30 10.78
C GLU C 44 34.62 -59.11 10.12
N TYR C 45 34.89 -58.84 8.84
CA TYR C 45 35.94 -59.59 8.13
C TYR C 45 37.33 -58.97 8.21
N GLY C 46 37.38 -57.70 8.62
CA GLY C 46 38.65 -57.03 8.75
C GLY C 46 39.20 -56.45 7.45
N ASN C 47 38.56 -56.77 6.34
CA ASN C 47 39.01 -56.27 5.04
C ASN C 47 38.39 -54.92 4.70
N SER C 48 38.97 -54.25 3.71
CA SER C 48 38.48 -52.96 3.25
C SER C 48 38.60 -52.85 1.73
N SER C 49 38.01 -51.81 1.15
CA SER C 49 38.05 -51.58 -0.30
C SER C 49 37.65 -50.13 -0.59
N ILE C 50 38.19 -49.55 -1.65
CA ILE C 50 37.86 -48.17 -1.99
C ILE C 50 36.40 -48.03 -2.41
N PHE C 51 35.68 -47.11 -1.77
CA PHE C 51 34.28 -46.86 -2.07
C PHE C 51 34.15 -46.00 -3.32
N LEU C 52 35.02 -44.99 -3.42
CA LEU C 52 35.08 -44.13 -4.58
C LEU C 52 36.34 -43.30 -4.48
N GLU C 53 37.17 -43.44 -5.52
CA GLU C 53 38.45 -42.77 -5.59
C GLU C 53 38.47 -41.26 -5.55
N ASN C 54 39.68 -40.75 -5.37
CA ASN C 54 39.96 -39.33 -5.31
C ASN C 54 39.43 -38.67 -6.58
N SER C 55 39.76 -39.27 -7.72
CA SER C 55 39.36 -38.77 -9.03
C SER C 55 37.85 -38.72 -9.26
N THR C 56 37.15 -37.93 -8.46
CA THR C 56 35.71 -37.76 -8.56
C THR C 56 35.31 -36.47 -7.86
N PHE C 57 36.29 -35.88 -7.16
CA PHE C 57 36.08 -34.64 -6.44
C PHE C 57 36.58 -33.46 -7.28
N ASP C 58 35.66 -32.77 -7.93
CA ASP C 58 36.02 -31.63 -8.77
C ASP C 58 35.70 -30.31 -8.07
N GLU C 59 36.65 -29.84 -7.25
CA GLU C 59 36.49 -28.59 -6.51
C GLU C 59 35.92 -27.46 -7.38
N LEU C 60 34.69 -27.05 -7.05
CA LEU C 60 34.00 -25.99 -7.79
C LEU C 60 34.13 -24.65 -7.07
N GLY C 61 35.37 -24.19 -6.91
CA GLY C 61 35.62 -22.92 -6.25
C GLY C 61 36.93 -22.95 -5.48
N TYR C 62 36.90 -23.53 -4.29
CA TYR C 62 38.09 -23.63 -3.45
C TYR C 62 38.24 -25.08 -2.99
N SER C 63 37.89 -25.33 -1.73
CA SER C 63 37.97 -26.67 -1.16
C SER C 63 36.57 -27.28 -1.28
N THR C 64 36.47 -28.59 -1.06
CA THR C 64 35.18 -29.25 -1.16
C THR C 64 35.02 -30.43 -0.21
N ASN C 65 34.19 -31.38 -0.63
CA ASN C 65 33.89 -32.61 0.10
C ASN C 65 33.58 -32.54 1.59
N ASP C 66 32.58 -33.32 1.96
CA ASP C 66 32.07 -33.53 3.31
C ASP C 66 30.87 -34.43 3.03
N TYR C 67 31.19 -35.57 2.47
CA TYR C 67 30.24 -36.57 2.04
C TYR C 67 29.25 -37.13 3.03
N SER C 68 28.21 -37.71 2.44
CA SER C 68 27.16 -38.39 3.14
C SER C 68 26.55 -39.32 2.10
N VAL C 69 26.72 -40.62 2.32
CA VAL C 69 26.21 -41.62 1.39
C VAL C 69 24.79 -41.99 1.80
N SER C 70 23.89 -42.11 0.82
CA SER C 70 22.52 -42.46 1.13
C SER C 70 22.55 -43.86 1.76
N PRO C 71 21.58 -44.16 2.64
CA PRO C 71 21.59 -45.49 3.26
C PRO C 71 21.57 -46.70 2.33
N ASP C 72 20.91 -46.58 1.17
CA ASP C 72 20.89 -47.72 0.25
C ASP C 72 22.16 -47.78 -0.56
N ARG C 73 23.04 -46.80 -0.33
CA ARG C 73 24.33 -46.71 -1.01
C ARG C 73 24.29 -46.60 -2.52
N GLN C 74 23.25 -45.95 -3.03
CA GLN C 74 23.09 -45.73 -4.47
C GLN C 74 23.54 -44.32 -4.85
N PHE C 75 23.63 -43.45 -3.85
CA PHE C 75 24.03 -42.08 -4.10
C PHE C 75 24.93 -41.56 -2.99
N ILE C 76 25.68 -40.52 -3.32
CA ILE C 76 26.54 -39.87 -2.35
C ILE C 76 26.34 -38.37 -2.51
N LEU C 77 26.20 -37.70 -1.37
CA LEU C 77 26.00 -36.26 -1.30
C LEU C 77 27.33 -35.62 -0.94
N PHE C 78 27.77 -34.64 -1.73
CA PHE C 78 29.05 -33.95 -1.51
C PHE C 78 28.81 -32.52 -1.07
N GLU C 79 29.38 -32.14 0.07
CA GLU C 79 29.21 -30.80 0.60
C GLU C 79 30.46 -29.93 0.46
N TYR C 80 30.26 -28.73 -0.08
CA TYR C 80 31.35 -27.76 -0.28
C TYR C 80 30.75 -26.36 -0.33
N ASN C 81 31.60 -25.34 -0.46
CA ASN C 81 31.11 -23.96 -0.57
C ASN C 81 30.52 -23.49 0.76
N TYR C 82 31.10 -23.97 1.85
CA TYR C 82 30.70 -23.68 3.22
C TYR C 82 30.72 -22.18 3.58
N VAL C 83 29.59 -21.66 4.06
CA VAL C 83 29.50 -20.26 4.50
C VAL C 83 29.03 -20.31 5.96
N LYS C 84 29.93 -20.00 6.88
CA LYS C 84 29.59 -20.04 8.30
C LYS C 84 28.55 -19.02 8.75
N GLN C 85 27.64 -19.45 9.62
CA GLN C 85 26.70 -18.48 10.15
C GLN C 85 26.99 -18.36 11.64
N TRP C 86 26.24 -19.04 12.49
CA TRP C 86 26.46 -18.93 13.95
C TRP C 86 27.36 -20.08 14.44
N ARG C 87 27.19 -20.54 15.69
CA ARG C 87 28.06 -21.59 16.21
C ARG C 87 27.97 -22.92 15.46
N HIS C 88 26.75 -23.32 15.06
CA HIS C 88 26.55 -24.57 14.34
C HIS C 88 26.04 -24.37 12.91
N SER C 89 25.30 -23.30 12.69
CA SER C 89 24.72 -23.06 11.38
C SER C 89 25.66 -22.59 10.28
N TYR C 90 25.29 -22.91 9.06
CA TYR C 90 26.04 -22.51 7.86
C TYR C 90 25.19 -22.83 6.62
N THR C 91 25.62 -22.34 5.47
CA THR C 91 24.94 -22.70 4.23
C THR C 91 26.07 -23.31 3.40
N ALA C 92 25.72 -24.10 2.41
CA ALA C 92 26.72 -24.70 1.57
C ALA C 92 26.07 -25.13 0.29
N SER C 93 26.89 -25.63 -0.62
CA SER C 93 26.42 -26.15 -1.88
C SER C 93 26.54 -27.66 -1.80
N TYR C 94 25.68 -28.36 -2.52
CA TYR C 94 25.68 -29.81 -2.53
C TYR C 94 25.53 -30.36 -3.94
N ASP C 95 26.20 -31.47 -4.20
CA ASP C 95 26.11 -32.15 -5.49
C ASP C 95 25.86 -33.61 -5.20
N ILE C 96 25.01 -34.25 -6.00
CA ILE C 96 24.73 -35.66 -5.79
C ILE C 96 25.38 -36.50 -6.88
N TYR C 97 26.12 -37.51 -6.47
CA TYR C 97 26.78 -38.39 -7.41
C TYR C 97 26.04 -39.73 -7.41
N ASP C 98 25.64 -40.17 -8.61
CA ASP C 98 24.93 -41.43 -8.78
C ASP C 98 25.97 -42.52 -8.75
N LEU C 99 25.98 -43.33 -7.70
CA LEU C 99 26.96 -44.41 -7.59
C LEU C 99 26.66 -45.57 -8.53
N ASN C 100 25.42 -45.66 -9.00
CA ASN C 100 25.00 -46.72 -9.94
C ASN C 100 25.62 -46.42 -11.30
N LYS C 101 25.17 -45.33 -11.92
CA LYS C 101 25.67 -44.94 -13.23
C LYS C 101 26.99 -44.19 -13.10
N ARG C 102 27.48 -44.05 -11.88
CA ARG C 102 28.72 -43.35 -11.62
C ARG C 102 28.81 -42.03 -12.38
N GLN C 103 27.76 -41.22 -12.25
CA GLN C 103 27.69 -39.90 -12.89
C GLN C 103 27.18 -38.88 -11.89
N LEU C 104 27.53 -37.63 -12.12
CA LEU C 104 27.10 -36.54 -11.26
C LEU C 104 25.74 -36.06 -11.76
N ILE C 105 24.77 -35.96 -10.85
CA ILE C 105 23.44 -35.51 -11.22
C ILE C 105 23.53 -34.03 -11.61
N THR C 106 23.04 -33.71 -12.81
CA THR C 106 23.07 -32.34 -13.30
C THR C 106 21.68 -31.73 -13.40
N GLU C 107 20.66 -32.57 -13.40
CA GLU C 107 19.29 -32.08 -13.47
C GLU C 107 18.70 -31.99 -12.06
N GLU C 108 17.86 -30.99 -11.82
CA GLU C 108 17.23 -30.81 -10.52
C GLU C 108 18.25 -30.77 -9.39
N ARG C 109 19.28 -29.95 -9.54
CA ARG C 109 20.32 -29.84 -8.53
C ARG C 109 19.83 -29.22 -7.22
N ILE C 110 20.51 -29.54 -6.13
CA ILE C 110 20.15 -28.97 -4.84
C ILE C 110 20.56 -27.51 -4.91
N PRO C 111 19.65 -26.61 -4.46
CA PRO C 111 19.80 -25.16 -4.43
C PRO C 111 21.08 -24.65 -3.80
N ASN C 112 21.57 -23.55 -4.33
CA ASN C 112 22.76 -22.88 -3.83
C ASN C 112 22.36 -22.29 -2.47
N ASN C 113 23.28 -22.24 -1.52
CA ASN C 113 22.96 -21.66 -0.22
C ASN C 113 21.92 -22.47 0.56
N THR C 114 22.00 -23.80 0.48
CA THR C 114 21.06 -24.62 1.23
C THR C 114 21.51 -24.52 2.69
N GLN C 115 20.51 -24.48 3.58
CA GLN C 115 20.74 -24.34 5.00
C GLN C 115 20.89 -25.65 5.73
N TRP C 116 20.23 -26.69 5.23
CA TRP C 116 20.31 -28.00 5.85
C TRP C 116 19.82 -29.02 4.84
N ILE C 117 20.34 -30.23 4.94
CA ILE C 117 19.95 -31.30 4.04
C ILE C 117 20.28 -32.63 4.68
N THR C 118 19.43 -33.62 4.46
CA THR C 118 19.67 -34.92 5.02
C THR C 118 18.94 -36.01 4.25
N TRP C 119 19.59 -37.17 4.15
CA TRP C 119 18.94 -38.30 3.51
C TRP C 119 17.92 -38.80 4.51
N SER C 120 16.98 -39.60 4.01
CA SER C 120 16.01 -40.26 4.89
C SER C 120 16.88 -41.39 5.52
N PRO C 121 16.38 -42.06 6.58
CA PRO C 121 17.21 -43.11 7.19
C PRO C 121 17.32 -44.43 6.41
N VAL C 122 16.45 -44.64 5.45
CA VAL C 122 16.45 -45.81 4.59
C VAL C 122 16.28 -45.26 3.18
N GLY C 123 16.61 -46.04 2.15
CA GLY C 123 16.46 -45.58 0.79
C GLY C 123 17.34 -44.42 0.40
N HIS C 124 16.80 -43.47 -0.36
CA HIS C 124 17.56 -42.31 -0.80
C HIS C 124 16.73 -41.04 -0.99
N LYS C 125 15.74 -40.81 -0.14
CA LYS C 125 14.94 -39.59 -0.21
C LYS C 125 15.80 -38.48 0.43
N LEU C 126 15.55 -37.24 0.04
CA LEU C 126 16.27 -36.11 0.61
C LEU C 126 15.29 -35.06 1.09
N ALA C 127 15.62 -34.38 2.19
CA ALA C 127 14.79 -33.29 2.69
C ALA C 127 15.80 -32.18 2.92
N TYR C 128 15.44 -30.96 2.56
CA TYR C 128 16.36 -29.87 2.76
C TYR C 128 15.63 -28.56 3.01
N VAL C 129 16.37 -27.62 3.57
CA VAL C 129 15.85 -26.31 3.88
C VAL C 129 16.60 -25.29 3.05
N TRP C 130 15.84 -24.43 2.39
CA TRP C 130 16.39 -23.38 1.54
C TRP C 130 15.45 -22.17 1.67
N ASN C 131 16.00 -21.00 2.01
CA ASN C 131 15.17 -19.81 2.21
C ASN C 131 14.13 -20.02 3.30
N ASN C 132 14.54 -20.72 4.36
CA ASN C 132 13.69 -21.00 5.52
C ASN C 132 12.48 -21.89 5.27
N ASP C 133 12.45 -22.55 4.12
CA ASP C 133 11.38 -23.48 3.78
C ASP C 133 11.91 -24.90 3.49
N ILE C 134 11.09 -25.88 3.82
CA ILE C 134 11.40 -27.28 3.63
C ILE C 134 10.98 -27.82 2.24
N TYR C 135 11.87 -28.63 1.66
CA TYR C 135 11.69 -29.26 0.35
C TYR C 135 12.05 -30.74 0.47
N VAL C 136 11.35 -31.60 -0.26
CA VAL C 136 11.66 -33.02 -0.24
C VAL C 136 11.83 -33.56 -1.67
N LYS C 137 12.87 -34.36 -1.90
CA LYS C 137 13.12 -35.00 -3.21
C LYS C 137 13.03 -36.51 -3.00
N ASN C 138 12.14 -37.18 -3.72
CA ASN C 138 12.02 -38.62 -3.57
C ASN C 138 13.14 -39.31 -4.34
N GLU C 139 13.58 -38.64 -5.40
CA GLU C 139 14.65 -39.14 -6.25
C GLU C 139 15.63 -38.01 -6.47
N PRO C 140 16.93 -38.32 -6.49
CA PRO C 140 17.94 -37.27 -6.70
C PRO C 140 17.84 -36.54 -8.03
N ASN C 141 17.31 -37.21 -9.05
CA ASN C 141 17.22 -36.57 -10.37
C ASN C 141 15.83 -35.98 -10.66
N LEU C 142 14.92 -36.09 -9.70
CA LEU C 142 13.57 -35.55 -9.84
C LEU C 142 13.41 -34.19 -9.14
N SER C 143 12.41 -33.43 -9.56
CA SER C 143 12.17 -32.13 -8.97
C SER C 143 11.79 -32.32 -7.52
N SER C 144 12.05 -31.31 -6.70
CA SER C 144 11.73 -31.39 -5.30
C SER C 144 10.33 -30.84 -5.03
N GLN C 145 9.69 -31.34 -3.99
CA GLN C 145 8.34 -30.93 -3.60
C GLN C 145 8.46 -29.91 -2.47
N ARG C 146 7.89 -28.71 -2.64
CA ARG C 146 7.97 -27.74 -1.56
C ARG C 146 7.02 -28.16 -0.47
N ILE C 147 7.47 -28.12 0.77
CA ILE C 147 6.66 -28.52 1.91
C ILE C 147 6.06 -27.34 2.66
N THR C 148 6.81 -26.23 2.76
CA THR C 148 6.31 -25.06 3.49
C THR C 148 6.43 -23.81 2.63
N TRP C 149 5.56 -22.84 2.86
CA TRP C 149 5.55 -21.61 2.08
C TRP C 149 5.65 -20.38 2.96
N THR C 150 5.88 -20.58 4.25
CA THR C 150 5.96 -19.46 5.19
C THR C 150 7.36 -18.95 5.50
N GLY C 151 8.39 -19.66 5.08
CA GLY C 151 9.75 -19.24 5.39
C GLY C 151 9.99 -17.76 5.13
N LYS C 152 10.60 -17.06 6.09
CA LYS C 152 10.88 -15.64 5.91
C LYS C 152 12.05 -15.17 6.77
N GLU C 153 13.07 -14.65 6.10
CA GLU C 153 14.27 -14.17 6.75
C GLU C 153 13.96 -13.38 8.01
N ASN C 154 14.66 -13.72 9.09
CA ASN C 154 14.48 -13.07 10.39
C ASN C 154 13.09 -13.15 10.97
N VAL C 155 12.23 -14.01 10.42
CA VAL C 155 10.88 -14.10 10.96
C VAL C 155 10.36 -15.53 11.13
N ILE C 156 10.28 -16.27 10.04
CA ILE C 156 9.76 -17.62 10.10
C ILE C 156 10.79 -18.64 9.63
N TYR C 157 11.11 -19.60 10.51
CA TYR C 157 12.08 -20.64 10.18
C TYR C 157 11.40 -22.01 10.19
N ASN C 158 11.38 -22.69 9.04
CA ASN C 158 10.80 -24.01 8.95
C ASN C 158 11.92 -25.02 8.74
N GLY C 159 12.05 -25.98 9.66
CA GLY C 159 13.08 -26.99 9.49
C GLY C 159 14.49 -26.68 9.97
N VAL C 160 14.71 -25.44 10.38
CA VAL C 160 15.98 -25.01 10.96
C VAL C 160 15.65 -24.10 12.14
N THR C 161 16.58 -24.05 13.10
CA THR C 161 16.35 -23.23 14.27
C THR C 161 16.65 -21.75 14.08
N ASP C 162 16.13 -20.92 14.99
CA ASP C 162 16.43 -19.50 14.96
C ASP C 162 17.69 -19.36 15.81
N TRP C 163 18.19 -18.16 16.00
CA TRP C 163 19.43 -17.99 16.78
C TRP C 163 19.45 -18.62 18.17
N VAL C 164 18.42 -18.36 18.97
CA VAL C 164 18.47 -18.85 20.34
C VAL C 164 18.26 -20.36 20.48
N TYR C 165 17.40 -20.94 19.64
CA TYR C 165 17.20 -22.38 19.69
C TYR C 165 18.49 -23.09 19.23
N GLU C 166 19.14 -22.54 18.20
CA GLU C 166 20.39 -23.13 17.72
C GLU C 166 21.44 -23.18 18.85
N GLU C 167 21.66 -22.02 19.47
CA GLU C 167 22.69 -21.93 20.51
C GLU C 167 22.40 -22.55 21.87
N GLU C 168 21.18 -22.34 22.38
CA GLU C 168 20.83 -22.74 23.74
C GLU C 168 19.93 -23.93 23.98
N VAL C 169 19.23 -24.35 22.94
CA VAL C 169 18.29 -25.46 23.08
C VAL C 169 18.72 -26.73 22.34
N PHE C 170 18.86 -26.66 21.01
CA PHE C 170 19.23 -27.83 20.22
C PHE C 170 20.73 -28.00 20.03
N SER C 171 21.52 -26.94 20.22
CA SER C 171 22.96 -27.02 19.94
C SER C 171 23.11 -27.57 18.52
N ALA C 172 22.24 -27.10 17.64
CA ALA C 172 22.24 -27.52 16.24
C ALA C 172 21.32 -26.58 15.44
N TYR C 173 21.51 -26.56 14.14
CA TYR C 173 20.75 -25.72 13.22
C TYR C 173 19.56 -26.48 12.68
N SER C 174 19.73 -27.79 12.64
CA SER C 174 18.72 -28.69 12.09
C SER C 174 17.45 -28.75 12.93
N ALA C 175 16.28 -28.71 12.29
CA ALA C 175 15.03 -28.87 13.02
C ALA C 175 14.08 -29.79 12.25
N LEU C 176 14.64 -30.86 11.69
CA LEU C 176 13.81 -31.80 11.00
C LEU C 176 14.24 -33.21 11.36
N TRP C 177 13.28 -34.12 11.44
CA TRP C 177 13.56 -35.50 11.83
C TRP C 177 12.76 -36.52 11.03
N TRP C 178 13.43 -37.30 10.19
CA TRP C 178 12.76 -38.36 9.42
C TRP C 178 12.42 -39.51 10.36
N SER C 179 11.32 -40.23 10.07
CA SER C 179 10.94 -41.40 10.87
C SER C 179 11.91 -42.52 10.43
N PRO C 180 12.09 -43.57 11.26
CA PRO C 180 12.99 -44.70 10.95
C PRO C 180 12.94 -45.29 9.56
N ASN C 181 11.73 -45.48 9.03
CA ASN C 181 11.61 -46.06 7.70
C ASN C 181 11.23 -45.03 6.62
N GLY C 182 11.38 -43.75 6.92
CA GLY C 182 11.11 -42.71 5.94
C GLY C 182 9.68 -42.33 5.61
N THR C 183 8.72 -42.92 6.32
CA THR C 183 7.31 -42.60 6.07
C THR C 183 6.99 -41.12 6.39
N PHE C 184 7.41 -40.70 7.58
CA PHE C 184 7.14 -39.36 8.07
C PHE C 184 8.35 -38.47 8.19
N LEU C 185 8.11 -37.17 8.03
CA LEU C 185 9.16 -36.16 8.19
C LEU C 185 8.61 -35.14 9.18
N ALA C 186 9.16 -35.14 10.40
CA ALA C 186 8.69 -34.18 11.39
C ALA C 186 9.60 -32.96 11.34
N TYR C 187 9.06 -31.79 11.68
CA TYR C 187 9.84 -30.55 11.70
C TYR C 187 9.27 -29.53 12.65
N ALA C 188 10.10 -28.56 13.03
CA ALA C 188 9.65 -27.50 13.90
C ALA C 188 9.66 -26.20 13.12
N GLN C 189 8.76 -25.31 13.49
CA GLN C 189 8.70 -24.00 12.85
C GLN C 189 8.83 -23.00 13.97
N PHE C 190 9.79 -22.10 13.81
CA PHE C 190 10.02 -21.07 14.81
C PHE C 190 9.54 -19.74 14.24
N ASN C 191 8.93 -18.95 15.11
CA ASN C 191 8.35 -17.67 14.72
C ASN C 191 8.97 -16.56 15.57
N ASP C 192 9.80 -15.75 14.94
CA ASP C 192 10.48 -14.69 15.66
C ASP C 192 9.87 -13.29 15.51
N THR C 193 8.64 -13.26 15.03
CA THR C 193 7.94 -11.97 14.82
C THR C 193 8.11 -10.95 15.90
N GLU C 194 7.86 -11.34 17.15
CA GLU C 194 7.96 -10.38 18.26
C GLU C 194 9.28 -10.29 19.00
N VAL C 195 10.28 -11.03 18.54
CA VAL C 195 11.58 -11.00 19.23
C VAL C 195 12.36 -9.74 18.84
N PRO C 196 12.88 -8.97 19.81
CA PRO C 196 13.63 -7.76 19.45
C PRO C 196 14.90 -8.09 18.67
N LEU C 197 15.41 -7.12 17.92
CA LEU C 197 16.62 -7.36 17.14
C LEU C 197 17.88 -6.82 17.81
N ILE C 198 18.93 -7.63 17.83
CA ILE C 198 20.20 -7.10 18.30
C ILE C 198 20.74 -6.54 16.97
N GLU C 199 21.32 -5.35 17.01
CA GLU C 199 21.90 -4.76 15.82
C GLU C 199 23.34 -4.35 16.06
N TYR C 200 24.23 -4.63 15.12
CA TYR C 200 25.61 -4.19 15.27
C TYR C 200 26.25 -4.01 13.89
N SER C 201 27.26 -3.16 13.83
CA SER C 201 27.95 -2.89 12.54
C SER C 201 28.89 -3.99 12.13
N PHE C 202 28.97 -4.26 10.83
CA PHE C 202 29.88 -5.24 10.26
C PHE C 202 30.57 -4.42 9.15
N TYR C 203 31.90 -4.33 9.22
CA TYR C 203 32.65 -3.47 8.34
C TYR C 203 33.00 -4.06 6.97
N SER C 204 33.22 -5.37 6.96
CA SER C 204 33.54 -6.11 5.75
C SER C 204 34.91 -5.72 5.15
N ASP C 205 35.15 -6.16 3.92
CA ASP C 205 36.40 -5.83 3.26
C ASP C 205 36.57 -4.33 3.21
N GLU C 206 37.82 -3.90 3.24
CA GLU C 206 38.21 -2.51 3.21
C GLU C 206 37.55 -1.71 2.06
N SER C 207 37.22 -2.38 0.97
CA SER C 207 36.61 -1.68 -0.16
C SER C 207 35.17 -1.23 0.10
N LEU C 208 34.48 -1.86 1.05
CA LEU C 208 33.08 -1.49 1.34
C LEU C 208 33.04 -0.06 1.88
N GLN C 209 32.40 0.85 1.15
CA GLN C 209 32.43 2.25 1.60
C GLN C 209 31.59 2.57 2.84
N TYR C 210 30.45 1.89 2.98
CA TYR C 210 29.55 2.08 4.12
C TYR C 210 29.38 0.77 4.89
N PRO C 211 29.57 0.80 6.22
CA PRO C 211 29.41 -0.42 7.02
C PRO C 211 27.99 -0.93 6.90
N LYS C 212 27.79 -2.23 7.08
CA LYS C 212 26.46 -2.75 7.03
C LYS C 212 26.01 -2.93 8.49
N THR C 213 24.71 -3.07 8.71
CA THR C 213 24.23 -3.31 10.08
C THR C 213 23.65 -4.69 10.08
N VAL C 214 24.18 -5.58 10.91
CA VAL C 214 23.64 -6.94 11.02
C VAL C 214 22.48 -6.85 12.00
N ARG C 215 21.39 -7.54 11.69
CA ARG C 215 20.22 -7.54 12.59
C ARG C 215 19.86 -9.02 12.79
N ILE C 216 19.68 -9.41 14.04
CA ILE C 216 19.35 -10.79 14.38
C ILE C 216 18.28 -10.79 15.48
N PRO C 217 17.20 -11.59 15.32
CA PRO C 217 16.14 -11.67 16.35
C PRO C 217 16.81 -12.42 17.48
N TYR C 218 17.02 -11.73 18.59
CA TYR C 218 17.75 -12.28 19.72
C TYR C 218 17.07 -11.83 21.02
N PRO C 219 16.42 -12.76 21.74
CA PRO C 219 15.75 -12.40 23.00
C PRO C 219 16.73 -12.32 24.17
N LYS C 220 16.86 -11.14 24.75
CA LYS C 220 17.73 -10.96 25.90
C LYS C 220 16.84 -11.28 27.10
N ALA C 221 17.45 -11.40 28.26
CA ALA C 221 16.74 -11.80 29.47
C ALA C 221 15.41 -11.11 29.67
N GLY C 222 14.36 -11.92 29.78
CA GLY C 222 13.02 -11.38 30.04
C GLY C 222 12.31 -10.80 28.84
N ALA C 223 12.92 -10.84 27.66
CA ALA C 223 12.28 -10.30 26.48
C ALA C 223 11.33 -11.31 25.85
N GLU C 224 10.55 -10.83 24.89
CA GLU C 224 9.61 -11.67 24.15
C GLU C 224 10.44 -12.75 23.42
N ASN C 225 10.03 -14.01 23.55
CA ASN C 225 10.74 -15.14 22.94
C ASN C 225 10.10 -15.63 21.65
N PRO C 226 10.83 -16.45 20.88
CA PRO C 226 10.25 -16.98 19.65
C PRO C 226 9.21 -18.03 20.13
N THR C 227 8.22 -18.32 19.28
CA THR C 227 7.22 -19.33 19.61
C THR C 227 7.52 -20.49 18.68
N VAL C 228 6.99 -21.67 18.98
CA VAL C 228 7.28 -22.84 18.16
C VAL C 228 6.04 -23.68 17.89
N LYS C 229 6.04 -24.35 16.75
CA LYS C 229 4.99 -25.28 16.35
C LYS C 229 5.75 -26.53 15.87
N PHE C 230 5.14 -27.69 16.05
CA PHE C 230 5.75 -28.95 15.66
C PHE C 230 4.80 -29.69 14.75
N PHE C 231 5.32 -30.15 13.62
CA PHE C 231 4.50 -30.87 12.65
C PHE C 231 5.07 -32.21 12.19
N VAL C 232 4.17 -33.12 11.81
CA VAL C 232 4.58 -34.40 11.23
C VAL C 232 3.93 -34.47 9.85
N VAL C 233 4.76 -34.60 8.82
CA VAL C 233 4.31 -34.70 7.44
C VAL C 233 4.35 -36.16 7.01
N ASP C 234 3.28 -36.63 6.39
CA ASP C 234 3.24 -37.99 5.87
C ASP C 234 3.76 -37.83 4.46
N THR C 235 5.00 -38.25 4.20
CA THR C 235 5.58 -38.07 2.87
C THR C 235 5.05 -39.01 1.79
N ARG C 236 4.27 -40.00 2.19
CA ARG C 236 3.75 -40.96 1.22
C ARG C 236 2.86 -40.33 0.15
N THR C 237 2.19 -39.24 0.48
CA THR C 237 1.29 -38.61 -0.49
C THR C 237 1.90 -37.45 -1.25
N LEU C 238 3.18 -37.18 -1.03
CA LEU C 238 3.80 -36.06 -1.70
C LEU C 238 3.84 -36.28 -3.22
N SER C 239 3.26 -35.34 -3.95
CA SER C 239 3.24 -35.40 -5.42
C SER C 239 2.97 -33.99 -5.87
N PRO C 240 3.44 -33.66 -7.07
CA PRO C 240 3.25 -32.30 -7.60
C PRO C 240 1.81 -31.75 -7.53
N ASN C 241 0.80 -32.57 -7.75
CA ASN C 241 -0.56 -32.03 -7.69
C ASN C 241 -1.36 -32.41 -6.45
N ALA C 242 -0.66 -32.79 -5.38
CA ALA C 242 -1.35 -33.11 -4.14
C ALA C 242 -0.97 -32.05 -3.10
N SER C 243 -1.82 -31.87 -2.10
CA SER C 243 -1.52 -30.93 -1.03
C SER C 243 -0.56 -31.72 -0.11
N VAL C 244 -0.03 -31.04 0.90
CA VAL C 244 0.85 -31.70 1.86
C VAL C 244 -0.01 -32.22 3.02
N THR C 245 0.13 -33.50 3.34
CA THR C 245 -0.62 -34.08 4.45
C THR C 245 0.28 -33.87 5.67
N SER C 246 -0.21 -33.09 6.64
CA SER C 246 0.57 -32.73 7.83
C SER C 246 -0.32 -32.67 9.06
N TYR C 247 0.26 -32.99 10.22
CA TYR C 247 -0.50 -32.95 11.47
C TYR C 247 0.30 -32.16 12.53
N GLN C 248 -0.34 -31.18 13.15
CA GLN C 248 0.36 -30.38 14.16
C GLN C 248 0.20 -30.99 15.52
N ILE C 249 1.32 -31.27 16.19
CA ILE C 249 1.30 -31.83 17.54
C ILE C 249 1.58 -30.68 18.50
N VAL C 250 0.66 -30.47 19.42
CA VAL C 250 0.76 -29.39 20.37
C VAL C 250 1.26 -29.93 21.72
N PRO C 251 1.94 -29.10 22.51
CA PRO C 251 2.41 -29.63 23.79
C PRO C 251 1.27 -29.89 24.80
N PRO C 252 1.57 -30.66 25.86
CA PRO C 252 0.60 -30.98 26.91
C PRO C 252 0.14 -29.69 27.59
N ALA C 253 -1.06 -29.71 28.15
CA ALA C 253 -1.65 -28.54 28.80
C ALA C 253 -0.78 -27.88 29.84
N SER C 254 -0.05 -28.66 30.63
CA SER C 254 0.79 -28.11 31.67
C SER C 254 1.96 -27.28 31.14
N VAL C 255 2.19 -27.33 29.84
CA VAL C 255 3.26 -26.53 29.24
C VAL C 255 2.66 -25.46 28.32
N LEU C 256 1.57 -25.81 27.65
CA LEU C 256 0.87 -24.90 26.74
C LEU C 256 0.36 -23.67 27.48
N ILE C 257 0.26 -23.78 28.80
CA ILE C 257 -0.24 -22.69 29.62
C ILE C 257 0.53 -21.39 29.51
N GLY C 258 1.85 -21.48 29.39
CA GLY C 258 2.66 -20.26 29.30
C GLY C 258 3.77 -20.44 28.30
N ASP C 259 4.74 -19.54 28.31
CA ASP C 259 5.88 -19.62 27.39
C ASP C 259 6.60 -20.94 27.62
N HIS C 260 7.05 -21.56 26.54
CA HIS C 260 7.74 -22.84 26.64
C HIS C 260 8.72 -23.01 25.50
N TYR C 261 9.45 -24.13 25.53
CA TYR C 261 10.37 -24.46 24.45
C TYR C 261 10.18 -25.92 24.11
N LEU C 262 10.50 -26.27 22.87
CA LEU C 262 10.47 -27.64 22.41
C LEU C 262 11.96 -27.94 22.62
N CYS C 263 12.33 -29.00 23.32
CA CYS C 263 13.77 -29.20 23.49
C CYS C 263 14.27 -30.57 23.09
N GLY C 264 13.37 -31.43 22.63
CA GLY C 264 13.80 -32.77 22.23
C GLY C 264 12.82 -33.49 21.36
N VAL C 265 13.32 -34.23 20.38
CA VAL C 265 12.47 -35.01 19.48
C VAL C 265 13.12 -36.40 19.29
N THR C 266 12.37 -37.48 19.55
CA THR C 266 12.93 -38.81 19.36
C THR C 266 11.93 -39.74 18.67
N TRP C 267 12.28 -40.26 17.50
CA TRP C 267 11.39 -41.22 16.84
C TRP C 267 11.57 -42.56 17.58
N VAL C 268 10.45 -43.17 17.94
CA VAL C 268 10.45 -44.43 18.69
C VAL C 268 10.27 -45.60 17.73
N THR C 269 9.20 -45.54 16.95
CA THR C 269 8.89 -46.54 15.92
C THR C 269 8.26 -45.71 14.78
N GLU C 270 7.92 -46.33 13.65
CA GLU C 270 7.27 -45.59 12.55
C GLU C 270 5.96 -44.96 12.97
N GLU C 271 5.39 -45.43 14.08
CA GLU C 271 4.11 -44.89 14.50
C GLU C 271 4.09 -44.32 15.88
N ARG C 272 5.27 -44.03 16.42
CA ARG C 272 5.32 -43.45 17.76
C ARG C 272 6.48 -42.47 17.85
N ILE C 273 6.21 -41.26 18.32
CA ILE C 273 7.25 -40.25 18.42
C ILE C 273 7.19 -39.62 19.81
N SER C 274 8.36 -39.28 20.34
CA SER C 274 8.48 -38.69 21.68
C SER C 274 8.99 -37.27 21.62
N LEU C 275 8.19 -36.34 22.13
CA LEU C 275 8.54 -34.93 22.16
C LEU C 275 8.80 -34.53 23.60
N GLN C 276 9.85 -33.77 23.81
CA GLN C 276 10.16 -33.34 25.14
C GLN C 276 10.03 -31.82 25.13
N TRP C 277 9.21 -31.30 26.05
CA TRP C 277 8.96 -29.87 26.16
C TRP C 277 9.39 -29.36 27.53
N ILE C 278 9.74 -28.08 27.62
CA ILE C 278 10.11 -27.49 28.90
C ILE C 278 9.51 -26.10 29.03
N ARG C 279 9.10 -25.77 30.25
CA ARG C 279 8.52 -24.45 30.47
C ARG C 279 9.62 -23.39 30.41
N ARG C 280 9.23 -22.15 30.15
CA ARG C 280 10.24 -21.11 30.06
C ARG C 280 11.10 -21.01 31.34
N ALA C 281 10.53 -21.27 32.51
CA ALA C 281 11.33 -21.24 33.76
C ALA C 281 12.40 -22.37 33.79
N GLN C 282 12.21 -23.39 32.98
CA GLN C 282 13.16 -24.50 32.86
C GLN C 282 13.41 -25.37 34.10
N ASN C 283 12.39 -25.49 34.95
CA ASN C 283 12.50 -26.36 36.12
C ASN C 283 11.33 -27.35 36.06
N TYR C 284 10.74 -27.45 34.86
CA TYR C 284 9.61 -28.34 34.61
C TYR C 284 9.71 -28.79 33.16
N SER C 285 9.79 -30.10 32.96
CA SER C 285 9.92 -30.69 31.65
C SER C 285 8.93 -31.83 31.51
N ILE C 286 8.47 -32.09 30.30
CA ILE C 286 7.56 -33.19 30.10
C ILE C 286 7.82 -33.88 28.76
N ILE C 287 7.74 -35.20 28.78
CA ILE C 287 7.91 -36.01 27.59
C ILE C 287 6.50 -36.46 27.24
N ASP C 288 6.13 -36.31 25.97
CA ASP C 288 4.81 -36.67 25.50
C ASP C 288 5.06 -37.67 24.39
N ILE C 289 4.57 -38.88 24.57
CA ILE C 289 4.80 -39.92 23.57
C ILE C 289 3.52 -40.09 22.75
N CYS C 290 3.61 -39.63 21.49
CA CYS C 290 2.47 -39.64 20.59
C CYS C 290 2.42 -40.79 19.60
N ASP C 291 1.23 -41.38 19.50
CA ASP C 291 0.99 -42.52 18.64
C ASP C 291 0.13 -42.21 17.42
N TYR C 292 0.58 -42.71 16.29
CA TYR C 292 -0.14 -42.49 15.04
C TYR C 292 -1.42 -43.33 14.97
N ASP C 293 -2.55 -42.67 14.68
CA ASP C 293 -3.85 -43.36 14.55
C ASP C 293 -3.99 -43.61 13.05
N GLU C 294 -3.93 -44.89 12.65
CA GLU C 294 -3.98 -45.22 11.25
C GLU C 294 -5.28 -44.87 10.54
N SER C 295 -6.38 -44.78 11.26
CA SER C 295 -7.62 -44.50 10.56
C SER C 295 -7.86 -43.03 10.27
N THR C 296 -7.14 -42.13 10.96
CA THR C 296 -7.34 -40.70 10.77
C THR C 296 -6.08 -39.89 10.46
N GLY C 297 -4.89 -40.51 10.57
CA GLY C 297 -3.66 -39.77 10.32
C GLY C 297 -3.25 -38.84 11.44
N ARG C 298 -3.97 -38.89 12.54
CA ARG C 298 -3.63 -38.05 13.69
C ARG C 298 -2.55 -38.69 14.58
N TRP C 299 -1.86 -37.86 15.37
CA TRP C 299 -0.84 -38.32 16.31
C TRP C 299 -1.46 -37.99 17.66
N ILE C 300 -1.82 -39.05 18.39
CA ILE C 300 -2.54 -38.92 19.64
C ILE C 300 -1.69 -38.98 20.89
N SER C 301 -1.93 -38.03 21.78
CA SER C 301 -1.21 -37.93 23.03
C SER C 301 -2.08 -38.57 24.13
N SER C 302 -1.47 -39.01 25.21
CA SER C 302 -2.21 -39.64 26.29
C SER C 302 -1.54 -39.36 27.61
N VAL C 303 -2.31 -38.89 28.59
CA VAL C 303 -1.77 -38.59 29.90
C VAL C 303 -1.01 -39.79 30.45
N ALA C 304 -1.42 -40.98 30.07
CA ALA C 304 -0.74 -42.20 30.55
C ALA C 304 0.68 -42.31 30.01
N ARG C 305 0.92 -41.75 28.82
CA ARG C 305 2.25 -41.81 28.21
C ARG C 305 3.09 -40.54 28.41
N GLN C 306 2.73 -39.74 29.40
CA GLN C 306 3.43 -38.50 29.67
C GLN C 306 4.34 -38.64 30.88
N HIS C 307 5.56 -38.11 30.76
CA HIS C 307 6.53 -38.19 31.85
C HIS C 307 7.12 -36.84 32.22
N ILE C 308 6.81 -36.44 33.44
CA ILE C 308 7.21 -35.15 33.98
C ILE C 308 8.54 -35.18 34.74
N GLU C 309 9.32 -34.14 34.57
CA GLU C 309 10.58 -34.05 35.29
C GLU C 309 10.62 -32.62 35.83
N ILE C 310 10.88 -32.49 37.13
CA ILE C 310 10.95 -31.16 37.74
C ILE C 310 12.19 -31.07 38.57
N SER C 311 12.54 -29.84 38.98
CA SER C 311 13.67 -29.63 39.85
C SER C 311 13.22 -28.58 40.86
N THR C 312 13.38 -28.90 42.14
CA THR C 312 13.01 -27.99 43.20
C THR C 312 14.23 -27.20 43.65
N THR C 313 15.42 -27.63 43.25
CA THR C 313 16.66 -26.95 43.66
C THR C 313 17.33 -26.13 42.55
N GLY C 314 16.86 -26.30 41.31
CA GLY C 314 17.46 -25.54 40.24
C GLY C 314 16.69 -25.72 38.95
N TRP C 315 17.42 -26.02 37.87
CA TRP C 315 16.84 -26.25 36.55
C TRP C 315 16.90 -27.75 36.30
N VAL C 316 16.22 -28.21 35.25
CA VAL C 316 16.19 -29.62 34.88
C VAL C 316 17.34 -29.97 33.94
N GLY C 317 18.08 -31.05 34.25
CA GLY C 317 19.20 -31.47 33.42
C GLY C 317 20.46 -30.63 33.54
N ARG C 318 21.46 -30.92 32.70
CA ARG C 318 22.70 -30.17 32.76
C ARG C 318 22.50 -28.83 32.04
N PHE C 319 22.16 -28.89 30.75
CA PHE C 319 21.89 -27.69 29.95
C PHE C 319 20.49 -27.79 29.36
N ARG C 320 19.89 -28.96 29.51
CA ARG C 320 18.53 -29.26 29.03
C ARG C 320 18.29 -30.65 29.56
N PRO C 321 17.03 -31.08 29.61
CA PRO C 321 16.84 -32.44 30.12
C PRO C 321 17.49 -33.52 29.22
N ALA C 322 17.91 -34.62 29.84
CA ALA C 322 18.53 -35.71 29.10
C ALA C 322 17.47 -36.33 28.20
N GLU C 323 17.92 -36.92 27.10
CA GLU C 323 17.08 -37.55 26.11
C GLU C 323 16.72 -38.97 26.50
N PRO C 324 15.47 -39.39 26.22
CA PRO C 324 15.02 -40.75 26.54
C PRO C 324 15.58 -41.68 25.46
N HIS C 325 16.02 -42.89 25.85
CA HIS C 325 16.55 -43.86 24.88
C HIS C 325 15.56 -45.01 24.90
N PHE C 326 14.80 -45.15 23.82
CA PHE C 326 13.76 -46.17 23.73
C PHE C 326 14.20 -47.54 23.26
N THR C 327 13.53 -48.57 23.78
CA THR C 327 13.78 -49.95 23.34
C THR C 327 13.25 -50.05 21.91
N SER C 328 13.62 -51.10 21.20
CA SER C 328 13.17 -51.33 19.83
C SER C 328 11.66 -51.34 19.65
N ASP C 329 10.94 -51.86 20.64
CA ASP C 329 9.49 -51.96 20.62
C ASP C 329 8.79 -50.67 21.09
N GLY C 330 9.54 -49.77 21.70
CA GLY C 330 8.95 -48.53 22.18
C GLY C 330 8.13 -48.67 23.44
N ASN C 331 8.15 -49.83 24.05
CA ASN C 331 7.37 -50.03 25.28
C ASN C 331 8.04 -49.52 26.56
N SER C 332 9.32 -49.21 26.51
CA SER C 332 9.98 -48.67 27.69
C SER C 332 11.17 -47.85 27.23
N PHE C 333 11.72 -47.04 28.13
CA PHE C 333 12.89 -46.25 27.74
C PHE C 333 13.79 -45.99 28.95
N TYR C 334 15.03 -45.63 28.65
CA TYR C 334 15.99 -45.33 29.70
C TYR C 334 16.38 -43.87 29.58
N LYS C 335 16.59 -43.22 30.71
CA LYS C 335 16.90 -41.80 30.69
C LYS C 335 17.57 -41.34 31.97
N ILE C 336 18.58 -40.50 31.82
CA ILE C 336 19.31 -39.96 32.95
C ILE C 336 18.48 -38.88 33.64
N ILE C 337 18.35 -38.99 34.96
CA ILE C 337 17.63 -38.01 35.76
C ILE C 337 18.37 -37.98 37.10
N SER C 338 18.11 -36.95 37.89
CA SER C 338 18.77 -36.81 39.18
C SER C 338 18.16 -37.78 40.17
N ASN C 339 18.98 -38.49 40.95
CA ASN C 339 18.40 -39.39 41.92
C ASN C 339 18.12 -38.66 43.23
N GLU C 340 17.77 -39.42 44.26
CA GLU C 340 17.45 -38.86 45.58
C GLU C 340 18.62 -38.09 46.21
N GLU C 341 19.85 -38.47 45.89
CA GLU C 341 21.02 -37.80 46.44
C GLU C 341 21.56 -36.67 45.56
N GLY C 342 20.85 -36.39 44.47
CA GLY C 342 21.29 -35.32 43.59
C GLY C 342 22.27 -35.74 42.51
N TYR C 343 22.52 -37.04 42.37
CA TYR C 343 23.43 -37.53 41.35
C TYR C 343 22.65 -38.05 40.14
N LYS C 344 23.16 -37.70 38.96
CA LYS C 344 22.55 -38.08 37.69
C LYS C 344 22.81 -39.53 37.35
N HIS C 345 21.74 -40.32 37.31
CA HIS C 345 21.83 -41.75 37.02
C HIS C 345 20.75 -42.21 36.03
N ILE C 346 20.96 -43.40 35.46
CA ILE C 346 20.00 -43.95 34.50
C ILE C 346 18.77 -44.56 35.17
N CYS C 347 17.58 -44.13 34.75
CA CYS C 347 16.32 -44.66 35.30
C CYS C 347 15.61 -45.37 34.14
N HIS C 348 14.93 -46.46 34.46
CA HIS C 348 14.20 -47.25 33.48
C HIS C 348 12.74 -46.86 33.56
N PHE C 349 12.15 -46.45 32.44
CA PHE C 349 10.74 -46.05 32.46
C PHE C 349 9.95 -46.98 31.58
N GLN C 350 8.70 -47.20 31.95
CA GLN C 350 7.81 -47.99 31.11
C GLN C 350 7.04 -46.87 30.38
N THR C 351 6.90 -47.02 29.07
CA THR C 351 6.25 -45.98 28.28
C THR C 351 4.92 -45.48 28.83
N ASP C 352 4.11 -46.37 29.43
CA ASP C 352 2.82 -45.94 29.95
C ASP C 352 2.63 -46.01 31.47
N LYS C 353 3.73 -45.89 32.21
CA LYS C 353 3.72 -45.91 33.67
C LYS C 353 4.51 -44.70 34.14
N SER C 354 4.16 -44.11 35.27
CA SER C 354 4.89 -42.94 35.72
C SER C 354 6.12 -43.22 36.61
N ASN C 355 6.17 -44.38 37.28
CA ASN C 355 7.30 -44.70 38.16
C ASN C 355 8.47 -45.31 37.41
N CYS C 356 9.68 -44.94 37.78
CA CYS C 356 10.82 -45.53 37.11
C CYS C 356 11.73 -46.22 38.12
N THR C 357 12.64 -47.04 37.61
CA THR C 357 13.56 -47.78 38.43
C THR C 357 15.00 -47.44 38.03
N PHE C 358 15.78 -46.94 38.99
CA PHE C 358 17.18 -46.60 38.70
C PHE C 358 17.95 -47.88 38.47
N ILE C 359 18.89 -47.84 37.53
CA ILE C 359 19.67 -49.02 37.25
C ILE C 359 21.13 -48.79 37.55
N THR C 360 21.47 -47.55 37.94
CA THR C 360 22.83 -47.22 38.34
C THR C 360 22.68 -46.32 39.53
N LYS C 361 23.74 -46.23 40.34
CA LYS C 361 23.73 -45.39 41.53
C LYS C 361 25.16 -45.20 42.02
N GLY C 362 25.39 -44.21 42.87
CA GLY C 362 26.73 -43.96 43.37
C GLY C 362 27.04 -42.48 43.43
N ALA C 363 28.16 -42.14 44.06
CA ALA C 363 28.57 -40.75 44.18
C ALA C 363 29.45 -40.39 42.99
N TRP C 364 28.84 -40.54 41.81
CA TRP C 364 29.46 -40.24 40.51
C TRP C 364 28.27 -40.07 39.56
N GLU C 365 28.52 -39.77 38.28
CA GLU C 365 27.38 -39.58 37.37
C GLU C 365 27.53 -40.20 36.00
N VAL C 366 26.39 -40.62 35.44
CA VAL C 366 26.32 -41.14 34.09
C VAL C 366 26.29 -39.85 33.22
N ILE C 367 27.16 -39.78 32.24
CA ILE C 367 27.26 -38.63 31.36
C ILE C 367 26.22 -38.72 30.26
N GLY C 368 26.11 -39.89 29.64
CA GLY C 368 25.15 -40.09 28.58
C GLY C 368 25.01 -41.56 28.24
N ILE C 369 23.86 -41.93 27.68
CA ILE C 369 23.58 -43.30 27.25
C ILE C 369 24.04 -43.34 25.77
N GLU C 370 24.91 -44.28 25.42
CA GLU C 370 25.47 -44.40 24.05
C GLU C 370 24.76 -45.32 23.08
N ALA C 371 24.33 -46.48 23.57
CA ALA C 371 23.66 -47.46 22.71
C ALA C 371 22.82 -48.36 23.57
N LEU C 372 21.80 -48.95 22.95
CA LEU C 372 20.90 -49.84 23.65
C LEU C 372 20.57 -51.05 22.78
N THR C 373 20.64 -52.26 23.33
CA THR C 373 20.27 -53.44 22.55
C THR C 373 19.21 -54.10 23.40
N SER C 374 18.70 -55.24 22.95
CA SER C 374 17.69 -55.92 23.76
C SER C 374 18.30 -56.48 25.04
N ASP C 375 19.60 -56.70 25.05
CA ASP C 375 20.26 -57.29 26.23
C ASP C 375 21.08 -56.37 27.10
N TYR C 376 21.70 -55.37 26.48
CA TYR C 376 22.56 -54.45 27.20
C TYR C 376 22.34 -52.96 26.92
N LEU C 377 22.89 -52.14 27.80
CA LEU C 377 22.85 -50.69 27.64
C LEU C 377 24.30 -50.27 27.86
N TYR C 378 24.79 -49.42 26.96
CA TYR C 378 26.15 -48.92 27.05
C TYR C 378 26.09 -47.46 27.39
N TYR C 379 26.93 -47.04 28.34
CA TYR C 379 26.91 -45.65 28.77
C TYR C 379 28.29 -45.15 29.19
N ILE C 380 28.44 -43.82 29.18
CA ILE C 380 29.67 -43.17 29.60
C ILE C 380 29.43 -42.60 31.03
N SER C 381 30.40 -42.76 31.93
CA SER C 381 30.28 -42.19 33.29
C SER C 381 31.67 -41.75 33.82
N ASN C 382 31.68 -40.99 34.92
CA ASN C 382 32.96 -40.59 35.51
C ASN C 382 33.19 -41.41 36.79
N GLU C 383 32.66 -42.62 36.83
CA GLU C 383 32.84 -43.48 38.01
C GLU C 383 34.29 -43.86 38.33
N HIS C 384 35.04 -44.25 37.30
CA HIS C 384 36.39 -44.72 37.48
C HIS C 384 37.33 -43.87 38.31
N LYS C 385 37.92 -44.51 39.32
CA LYS C 385 38.85 -43.86 40.24
C LYS C 385 38.21 -42.67 40.94
N GLY C 386 36.89 -42.58 40.92
CA GLY C 386 36.27 -41.45 41.56
C GLY C 386 36.73 -40.10 40.98
N MET C 387 37.20 -40.07 39.73
CA MET C 387 37.62 -38.80 39.12
C MET C 387 36.50 -38.18 38.25
N PRO C 388 35.88 -37.10 38.71
CA PRO C 388 34.80 -36.49 37.92
C PRO C 388 35.17 -36.02 36.51
N GLY C 389 36.48 -35.85 36.30
CA GLY C 389 36.99 -35.37 35.03
C GLY C 389 37.55 -36.46 34.14
N GLY C 390 37.21 -37.71 34.44
CA GLY C 390 37.62 -38.82 33.60
C GLY C 390 36.33 -39.32 32.97
N ARG C 391 36.44 -40.13 31.92
CA ARG C 391 35.26 -40.64 31.23
C ARG C 391 35.53 -42.07 30.76
N ASN C 392 34.62 -42.98 31.07
CA ASN C 392 34.79 -44.34 30.60
C ASN C 392 33.53 -44.98 30.08
N LEU C 393 33.70 -45.92 29.14
CA LEU C 393 32.57 -46.67 28.60
C LEU C 393 32.20 -47.92 29.44
N TYR C 394 30.93 -48.04 29.80
CA TYR C 394 30.46 -49.17 30.60
C TYR C 394 29.29 -49.86 29.93
N ARG C 395 29.08 -51.12 30.31
CA ARG C 395 27.97 -51.87 29.76
C ARG C 395 27.26 -52.52 30.92
N ILE C 396 25.94 -52.38 30.93
CA ILE C 396 25.16 -52.98 32.00
C ILE C 396 24.15 -53.97 31.40
N GLN C 397 24.01 -55.14 32.02
CA GLN C 397 23.07 -56.15 31.54
C GLN C 397 21.67 -55.78 31.98
N LEU C 398 20.77 -55.61 31.02
CA LEU C 398 19.39 -55.21 31.29
C LEU C 398 18.58 -56.12 32.19
N ASN C 399 18.93 -57.41 32.23
CA ASN C 399 18.17 -58.34 33.09
C ASN C 399 18.88 -58.59 34.42
N ASP C 400 19.90 -57.78 34.71
CA ASP C 400 20.67 -57.90 35.95
C ASP C 400 21.62 -56.71 36.08
N TYR C 401 21.17 -55.68 36.80
CA TYR C 401 21.95 -54.46 36.99
C TYR C 401 23.24 -54.65 37.78
N THR C 402 23.45 -55.85 38.29
CA THR C 402 24.65 -56.16 39.04
C THR C 402 25.76 -56.39 38.04
N LYS C 403 25.40 -56.92 36.86
CA LYS C 403 26.40 -57.17 35.83
C LYS C 403 26.77 -55.91 35.06
N VAL C 404 27.68 -55.13 35.63
CA VAL C 404 28.17 -53.92 35.00
C VAL C 404 29.66 -54.08 34.77
N THR C 405 30.09 -53.87 33.54
CA THR C 405 31.49 -54.01 33.19
C THR C 405 32.02 -52.74 32.56
N CYS C 406 33.22 -52.32 32.95
CA CYS C 406 33.80 -51.15 32.33
C CYS C 406 34.61 -51.67 31.16
N LEU C 407 34.24 -51.25 29.96
CA LEU C 407 34.89 -51.70 28.74
C LEU C 407 36.18 -50.97 28.39
N SER C 408 36.38 -49.78 28.93
CA SER C 408 37.54 -49.00 28.57
C SER C 408 38.50 -48.71 29.70
N CYS C 409 38.03 -48.79 30.95
CA CYS C 409 38.87 -48.45 32.11
C CYS C 409 40.27 -49.00 32.16
N GLU C 410 40.43 -50.26 31.80
CA GLU C 410 41.73 -50.87 31.93
C GLU C 410 42.49 -51.18 30.64
N LEU C 411 42.06 -50.61 29.52
CA LEU C 411 42.73 -50.87 28.24
C LEU C 411 44.13 -50.24 28.14
N ASN C 412 44.26 -49.00 28.58
CA ASN C 412 45.53 -48.24 28.60
C ASN C 412 45.33 -47.28 29.78
N PRO C 413 45.27 -47.81 31.00
CA PRO C 413 45.06 -47.03 32.23
C PRO C 413 45.85 -45.73 32.46
N GLU C 414 47.10 -45.69 32.01
CA GLU C 414 47.91 -44.51 32.22
C GLU C 414 47.70 -43.49 31.11
N ARG C 415 47.57 -43.98 29.89
CA ARG C 415 47.40 -43.11 28.74
C ARG C 415 45.97 -42.63 28.46
N CYS C 416 45.02 -43.49 28.82
CA CYS C 416 43.60 -43.25 28.53
C CYS C 416 42.64 -43.29 29.69
N GLN C 417 42.17 -42.11 30.10
CA GLN C 417 41.22 -42.00 31.19
C GLN C 417 40.00 -41.14 30.77
N TYR C 418 39.97 -40.72 29.50
CA TYR C 418 38.87 -39.88 28.99
C TYR C 418 38.45 -40.38 27.61
N TYR C 419 37.35 -41.11 27.59
CA TYR C 419 36.84 -41.70 26.35
C TYR C 419 35.47 -41.23 25.88
N SER C 420 35.24 -41.34 24.58
CA SER C 420 33.93 -41.14 24.00
C SER C 420 33.85 -42.39 23.10
N ALA C 421 32.66 -42.81 22.69
CA ALA C 421 32.53 -44.01 21.87
C ALA C 421 31.51 -43.80 20.76
N SER C 422 31.60 -44.60 19.71
CA SER C 422 30.65 -44.53 18.59
C SER C 422 30.32 -45.96 18.18
N PHE C 423 29.05 -46.33 18.26
CA PHE C 423 28.64 -47.69 17.92
C PHE C 423 28.07 -47.80 16.54
N SER C 424 28.24 -48.99 15.96
CA SER C 424 27.69 -49.29 14.64
C SER C 424 26.22 -49.59 14.91
N ASN C 425 25.44 -49.82 13.84
CA ASN C 425 24.03 -50.15 14.02
C ASN C 425 23.93 -51.45 14.83
N LYS C 426 22.90 -51.53 15.67
CA LYS C 426 22.67 -52.70 16.50
C LYS C 426 23.78 -52.90 17.52
N ALA C 427 24.70 -51.93 17.58
CA ALA C 427 25.80 -51.97 18.55
C ALA C 427 26.67 -53.22 18.51
N LYS C 428 26.94 -53.76 17.31
CA LYS C 428 27.76 -54.95 17.19
C LYS C 428 29.25 -54.61 17.29
N TYR C 429 29.62 -53.39 16.92
CA TYR C 429 31.01 -52.91 17.02
C TYR C 429 30.99 -51.47 17.54
N TYR C 430 32.13 -51.03 18.09
CA TYR C 430 32.23 -49.66 18.55
C TYR C 430 33.64 -49.12 18.40
N GLN C 431 33.71 -47.85 18.06
CA GLN C 431 34.99 -47.18 17.99
C GLN C 431 35.19 -46.53 19.34
N LEU C 432 36.39 -46.68 19.92
CA LEU C 432 36.70 -46.03 21.19
C LEU C 432 37.61 -44.87 20.90
N ARG C 433 37.29 -43.70 21.47
CA ARG C 433 38.10 -42.51 21.27
C ARG C 433 38.66 -42.09 22.63
N CYS C 434 39.97 -42.21 22.79
CA CYS C 434 40.69 -41.87 24.01
C CYS C 434 41.29 -40.49 23.78
N PHE C 435 40.93 -39.51 24.62
CA PHE C 435 41.44 -38.14 24.43
C PHE C 435 42.52 -37.69 25.38
N GLY C 436 42.88 -38.53 26.35
CA GLY C 436 43.92 -38.13 27.28
C GLY C 436 43.91 -39.05 28.48
N PRO C 437 44.79 -38.83 29.46
CA PRO C 437 45.81 -37.76 29.50
C PRO C 437 47.00 -37.91 28.56
N GLY C 438 47.19 -39.11 28.01
CA GLY C 438 48.28 -39.32 27.06
C GLY C 438 47.84 -38.94 25.65
N LEU C 439 48.66 -39.25 24.66
CA LEU C 439 48.31 -38.91 23.28
C LEU C 439 47.01 -39.57 22.85
N PRO C 440 46.16 -38.84 22.10
CA PRO C 440 44.90 -39.43 21.65
C PRO C 440 45.08 -40.77 20.93
N LEU C 441 44.19 -41.71 21.22
CA LEU C 441 44.24 -43.05 20.65
C LEU C 441 42.85 -43.53 20.22
N TYR C 442 42.71 -43.88 18.95
CA TYR C 442 41.43 -44.36 18.41
C TYR C 442 41.52 -45.85 18.06
N THR C 443 40.60 -46.65 18.59
CA THR C 443 40.60 -48.09 18.35
C THR C 443 39.22 -48.60 17.96
N LEU C 444 39.18 -49.80 17.40
CA LEU C 444 37.93 -50.44 16.97
C LEU C 444 37.72 -51.69 17.83
N HIS C 445 36.49 -51.92 18.25
CA HIS C 445 36.20 -53.08 19.08
C HIS C 445 34.97 -53.85 18.69
N SER C 446 34.95 -55.12 19.07
CA SER C 446 33.83 -56.00 18.82
C SER C 446 33.01 -56.07 20.10
N SER C 447 31.70 -55.92 19.98
CA SER C 447 30.82 -55.97 21.14
C SER C 447 30.60 -57.39 21.64
N SER C 448 30.67 -58.37 20.75
CA SER C 448 30.45 -59.75 21.18
C SER C 448 31.63 -60.27 22.00
N SER C 449 32.84 -60.02 21.53
CA SER C 449 34.06 -60.49 22.20
C SER C 449 34.79 -59.40 23.00
N ASP C 450 34.44 -58.14 22.74
CA ASP C 450 35.08 -56.99 23.39
C ASP C 450 36.58 -56.94 23.11
N LYS C 451 37.01 -57.56 22.01
CA LYS C 451 38.41 -57.54 21.65
C LYS C 451 38.71 -56.29 20.85
N GLU C 452 39.94 -55.80 20.94
CA GLU C 452 40.34 -54.64 20.16
C GLU C 452 40.74 -55.17 18.80
N LEU C 453 39.88 -54.97 17.80
CA LEU C 453 40.11 -55.42 16.44
C LEU C 453 41.22 -54.66 15.74
N ARG C 454 41.41 -53.40 16.12
CA ARG C 454 42.48 -52.62 15.50
C ARG C 454 42.74 -51.26 16.08
N VAL C 455 43.92 -50.74 15.75
CA VAL C 455 44.36 -49.43 16.17
C VAL C 455 44.11 -48.58 14.93
N LEU C 456 43.20 -47.62 15.02
CA LEU C 456 42.88 -46.76 13.89
C LEU C 456 43.83 -45.57 13.78
N GLU C 457 44.22 -45.03 14.92
CA GLU C 457 45.13 -43.90 14.96
C GLU C 457 45.76 -43.86 16.35
N ASP C 458 47.09 -43.95 16.38
CA ASP C 458 47.82 -43.97 17.65
C ASP C 458 48.68 -42.74 17.87
N ASN C 459 48.66 -41.83 16.91
CA ASN C 459 49.44 -40.61 17.02
C ASN C 459 50.94 -40.86 17.24
N SER C 460 51.47 -41.96 16.68
CA SER C 460 52.90 -42.23 16.84
C SER C 460 53.74 -41.11 16.21
N ALA C 461 53.22 -40.45 15.17
CA ALA C 461 53.95 -39.35 14.53
C ALA C 461 54.16 -38.15 15.50
N LEU C 462 53.11 -37.83 16.26
CA LEU C 462 53.18 -36.74 17.25
C LEU C 462 54.15 -37.15 18.36
N ASP C 463 54.03 -38.40 18.77
CA ASP C 463 54.87 -38.95 19.80
C ASP C 463 56.34 -38.68 19.47
N LYS C 464 56.76 -39.01 18.25
CA LYS C 464 58.14 -38.80 17.85
C LYS C 464 58.53 -37.35 17.94
N MET C 465 57.65 -36.50 17.42
CA MET C 465 57.91 -35.06 17.40
C MET C 465 58.07 -34.44 18.78
N LEU C 466 57.29 -34.93 19.74
CA LEU C 466 57.35 -34.37 21.09
C LEU C 466 58.51 -34.85 21.96
N GLN C 467 59.14 -35.97 21.61
CA GLN C 467 60.24 -36.46 22.45
C GLN C 467 61.41 -35.48 22.37
N ASP C 468 61.39 -34.64 21.35
CA ASP C 468 62.44 -33.65 21.13
C ASP C 468 62.15 -32.31 21.83
N VAL C 469 61.04 -32.24 22.58
CA VAL C 469 60.67 -30.99 23.24
C VAL C 469 60.38 -31.12 24.72
N GLN C 470 60.69 -30.06 25.47
CA GLN C 470 60.47 -30.05 26.91
C GLN C 470 58.99 -29.70 27.17
N MET C 471 58.15 -30.72 27.25
CA MET C 471 56.74 -30.50 27.51
C MET C 471 56.46 -30.28 28.98
N PRO C 472 55.38 -29.54 29.28
CA PRO C 472 55.04 -29.31 30.68
C PRO C 472 54.24 -30.54 31.10
N SER C 473 53.96 -30.70 32.39
CA SER C 473 53.18 -31.84 32.84
C SER C 473 51.87 -31.37 33.45
N LYS C 474 50.80 -32.12 33.22
CA LYS C 474 49.50 -31.75 33.76
C LYS C 474 49.13 -32.64 34.94
N LYS C 475 48.94 -32.05 36.11
CA LYS C 475 48.60 -32.81 37.27
C LYS C 475 47.26 -32.38 37.84
N LEU C 476 46.49 -33.36 38.30
CA LEU C 476 45.19 -33.12 38.88
C LEU C 476 45.17 -33.57 40.32
N ASP C 477 44.46 -32.83 41.15
CA ASP C 477 44.35 -33.18 42.56
C ASP C 477 43.17 -32.45 43.15
N VAL C 478 43.00 -32.57 44.45
CA VAL C 478 41.88 -31.96 45.10
C VAL C 478 42.31 -31.07 46.25
N ILE C 479 41.46 -30.09 46.57
CA ILE C 479 41.67 -29.21 47.70
C ILE C 479 40.32 -29.19 48.35
N ASN C 480 40.27 -28.79 49.61
CA ASN C 480 39.00 -28.76 50.33
C ASN C 480 38.51 -27.36 50.57
N LEU C 481 37.24 -27.12 50.30
CA LEU C 481 36.62 -25.83 50.53
C LEU C 481 35.25 -26.13 51.08
N HIS C 482 34.84 -25.41 52.12
CA HIS C 482 33.50 -25.62 52.67
C HIS C 482 33.24 -27.09 53.02
N GLY C 483 34.29 -27.83 53.35
CA GLY C 483 34.10 -29.23 53.69
C GLY C 483 33.92 -30.14 52.50
N THR C 484 34.02 -29.61 51.29
CA THR C 484 33.85 -30.44 50.09
C THR C 484 35.15 -30.49 49.31
N LYS C 485 35.46 -31.65 48.74
CA LYS C 485 36.66 -31.76 47.94
C LYS C 485 36.29 -31.32 46.51
N PHE C 486 37.11 -30.44 45.95
CA PHE C 486 36.89 -29.95 44.60
C PHE C 486 38.19 -30.18 43.89
N TRP C 487 38.12 -30.49 42.61
CA TRP C 487 39.31 -30.75 41.81
C TRP C 487 39.96 -29.56 41.14
N TYR C 488 41.26 -29.65 40.99
CA TYR C 488 42.02 -28.60 40.30
C TYR C 488 43.05 -29.32 39.45
N GLN C 489 43.62 -28.59 38.51
CA GLN C 489 44.66 -29.15 37.67
C GLN C 489 45.69 -28.05 37.56
N MET C 490 46.94 -28.46 37.33
CA MET C 490 48.01 -27.48 37.15
C MET C 490 48.87 -27.94 36.00
N ILE C 491 49.21 -27.01 35.11
CA ILE C 491 50.08 -27.35 34.00
C ILE C 491 51.42 -26.87 34.53
N LEU C 492 52.34 -27.80 34.75
CA LEU C 492 53.66 -27.50 35.32
C LEU C 492 54.82 -27.41 34.34
N PRO C 493 55.63 -26.36 34.45
CA PRO C 493 56.77 -26.22 33.56
C PRO C 493 57.69 -27.44 33.63
N PRO C 494 58.46 -27.68 32.56
CA PRO C 494 59.42 -28.79 32.43
C PRO C 494 60.40 -28.73 33.60
N HIS C 495 60.86 -29.89 34.07
CA HIS C 495 61.81 -29.90 35.18
C HIS C 495 61.29 -28.99 36.27
N PHE C 496 60.02 -29.18 36.59
CA PHE C 496 59.36 -28.40 37.63
C PHE C 496 60.30 -28.35 38.81
N ASP C 497 60.87 -27.17 39.05
CA ASP C 497 61.80 -26.96 40.14
C ASP C 497 61.36 -27.64 41.41
N LYS C 498 60.72 -26.92 42.33
CA LYS C 498 60.37 -27.57 43.59
C LYS C 498 59.89 -26.62 44.66
N SER C 499 60.86 -25.91 45.22
CA SER C 499 60.61 -24.94 46.27
C SER C 499 60.70 -23.59 45.57
N LYS C 500 61.31 -23.58 44.38
CA LYS C 500 61.42 -22.35 43.59
C LYS C 500 60.02 -21.78 43.36
N LYS C 501 59.92 -20.45 43.32
CA LYS C 501 58.64 -19.77 43.15
C LYS C 501 58.33 -19.38 41.69
N TYR C 502 57.23 -19.91 41.17
CA TYR C 502 56.84 -19.63 39.81
C TYR C 502 55.62 -18.73 39.74
N PRO C 503 55.51 -17.93 38.66
CA PRO C 503 54.36 -17.05 38.50
C PRO C 503 53.21 -18.01 38.21
N LEU C 504 51.99 -17.60 38.57
CA LEU C 504 50.80 -18.43 38.41
C LEU C 504 49.68 -17.77 37.60
N LEU C 505 49.17 -18.48 36.61
CA LEU C 505 48.02 -17.99 35.81
C LEU C 505 46.82 -18.88 36.07
N ILE C 506 45.70 -18.31 36.50
CA ILE C 506 44.49 -19.09 36.71
C ILE C 506 43.68 -18.95 35.40
N GLU C 507 43.32 -20.07 34.79
CA GLU C 507 42.54 -20.08 33.57
C GLU C 507 41.18 -20.53 34.05
N VAL C 508 40.16 -19.70 33.83
CA VAL C 508 38.87 -20.02 34.36
C VAL C 508 37.74 -20.06 33.35
N TYR C 509 36.75 -20.90 33.63
CA TYR C 509 35.54 -21.04 32.82
C TYR C 509 34.51 -20.76 33.92
N ALA C 510 34.22 -21.78 34.72
CA ALA C 510 33.35 -21.67 35.89
C ALA C 510 31.86 -21.40 35.74
N GLY C 511 31.34 -21.57 34.53
CA GLY C 511 29.91 -21.36 34.34
C GLY C 511 29.15 -22.55 34.94
N PRO C 512 27.83 -22.47 35.04
CA PRO C 512 27.05 -23.58 35.61
C PRO C 512 27.24 -24.88 34.80
N CYS C 513 27.53 -25.95 35.52
CA CYS C 513 27.78 -27.28 34.97
C CYS C 513 29.06 -27.35 34.13
N SER C 514 29.95 -26.40 34.37
CA SER C 514 31.21 -26.37 33.66
C SER C 514 32.15 -27.42 34.26
N GLN C 515 33.15 -27.80 33.48
CA GLN C 515 34.20 -28.70 33.95
C GLN C 515 35.47 -28.23 33.26
N LYS C 516 36.32 -27.52 33.97
CA LYS C 516 37.56 -27.01 33.39
C LYS C 516 38.70 -27.99 33.71
N VAL C 517 38.49 -28.82 34.73
CA VAL C 517 39.51 -29.78 35.16
C VAL C 517 39.19 -31.14 34.60
N ASP C 518 40.07 -31.65 33.74
CA ASP C 518 39.83 -32.96 33.15
C ASP C 518 41.13 -33.62 32.73
N THR C 519 41.02 -34.85 32.25
CA THR C 519 42.21 -35.60 31.84
C THR C 519 42.41 -35.64 30.32
N VAL C 520 41.95 -34.60 29.63
CA VAL C 520 42.10 -34.48 28.19
C VAL C 520 43.49 -33.93 27.86
N PHE C 521 44.11 -34.46 26.80
CA PHE C 521 45.41 -33.99 26.37
C PHE C 521 45.17 -32.80 25.45
N ARG C 522 45.81 -31.68 25.73
CA ARG C 522 45.69 -30.49 24.89
C ARG C 522 47.02 -29.80 24.68
N LEU C 523 47.20 -29.28 23.47
CA LEU C 523 48.36 -28.49 23.07
C LEU C 523 47.73 -27.09 23.04
N SER C 524 47.92 -26.31 24.08
CA SER C 524 47.25 -25.00 24.15
C SER C 524 48.21 -23.87 24.44
N TRP C 525 47.62 -22.69 24.58
CA TRP C 525 48.38 -21.51 24.94
C TRP C 525 49.07 -21.80 26.29
N ALA C 526 48.35 -22.45 27.20
CA ALA C 526 48.95 -22.78 28.52
C ALA C 526 50.19 -23.68 28.31
N THR C 527 50.14 -24.55 27.31
CA THR C 527 51.26 -25.45 27.06
C THR C 527 52.50 -24.60 26.84
N TYR C 528 52.38 -23.60 25.97
CA TYR C 528 53.47 -22.70 25.69
C TYR C 528 53.87 -21.87 26.92
N LEU C 529 52.89 -21.36 27.67
CA LEU C 529 53.22 -20.56 28.87
C LEU C 529 54.07 -21.35 29.89
N ALA C 530 53.72 -22.61 30.11
CA ALA C 530 54.46 -23.44 31.07
C ALA C 530 55.80 -23.87 30.48
N SER C 531 55.76 -24.41 29.27
CA SER C 531 56.97 -24.90 28.61
C SER C 531 58.03 -23.86 28.40
N THR C 532 57.67 -22.80 27.70
CA THR C 532 58.60 -21.73 27.36
C THR C 532 58.76 -20.59 28.37
N GLU C 533 57.64 -20.14 28.97
CA GLU C 533 57.71 -19.03 29.90
C GLU C 533 57.84 -19.40 31.37
N ASN C 534 57.77 -20.68 31.68
CA ASN C 534 57.89 -21.16 33.05
C ASN C 534 56.79 -20.64 33.93
N ILE C 535 55.58 -20.58 33.39
CA ILE C 535 54.42 -20.12 34.16
C ILE C 535 53.55 -21.32 34.50
N ILE C 536 53.10 -21.42 35.74
CA ILE C 536 52.21 -22.51 36.11
C ILE C 536 50.80 -22.05 35.69
N VAL C 537 50.07 -22.89 34.97
CA VAL C 537 48.70 -22.52 34.60
C VAL C 537 47.78 -23.48 35.33
N ALA C 538 46.90 -22.93 36.16
CA ALA C 538 46.01 -23.76 36.96
C ALA C 538 44.53 -23.51 36.69
N SER C 539 43.69 -24.51 36.93
CA SER C 539 42.24 -24.36 36.78
C SER C 539 41.61 -25.07 37.94
N PHE C 540 40.41 -24.64 38.29
CA PHE C 540 39.70 -25.17 39.45
C PHE C 540 38.22 -25.23 39.19
N ASP C 541 37.61 -26.35 39.57
CA ASP C 541 36.16 -26.53 39.41
C ASP C 541 35.54 -26.44 40.78
N GLY C 542 34.84 -25.35 41.07
CA GLY C 542 34.20 -25.19 42.36
C GLY C 542 32.68 -25.28 42.34
N ARG C 543 32.02 -24.50 43.21
CA ARG C 543 30.57 -24.54 43.25
C ARG C 543 30.04 -24.07 41.92
N GLY C 544 28.96 -24.74 41.50
CA GLY C 544 28.36 -24.48 40.22
C GLY C 544 28.90 -25.42 39.13
N SER C 545 30.09 -26.01 39.33
CA SER C 545 30.64 -26.88 38.30
C SER C 545 29.85 -28.19 38.16
N GLY C 546 30.05 -28.91 37.06
CA GLY C 546 29.24 -30.10 36.81
C GLY C 546 29.83 -31.47 37.02
N TYR C 547 29.00 -32.47 36.76
CA TYR C 547 29.36 -33.88 36.85
C TYR C 547 29.73 -34.38 38.28
N GLN C 548 29.34 -33.60 39.28
CA GLN C 548 29.64 -33.97 40.67
C GLN C 548 28.39 -33.92 41.53
N GLY C 549 27.21 -34.02 40.92
CA GLY C 549 25.97 -33.94 41.68
C GLY C 549 25.37 -32.54 41.73
N ASP C 550 24.06 -32.50 41.90
CA ASP C 550 23.28 -31.25 41.98
C ASP C 550 23.60 -30.32 43.15
N LYS C 551 24.06 -30.87 44.27
CA LYS C 551 24.37 -30.02 45.42
C LYS C 551 25.45 -29.05 44.98
N ILE C 552 26.45 -29.57 44.30
CA ILE C 552 27.52 -28.71 43.83
C ILE C 552 27.07 -27.85 42.62
N MET C 553 26.40 -28.49 41.66
CA MET C 553 25.97 -27.78 40.43
C MET C 553 24.96 -26.66 40.69
N HIS C 554 23.95 -26.97 41.51
CA HIS C 554 22.91 -25.99 41.83
C HIS C 554 23.28 -24.98 42.90
N ALA C 555 24.50 -25.04 43.41
CA ALA C 555 24.89 -24.07 44.42
C ALA C 555 24.77 -22.63 43.91
N ILE C 556 24.97 -22.39 42.61
CA ILE C 556 24.82 -21.00 42.14
C ILE C 556 23.46 -20.66 41.53
N ASN C 557 22.46 -21.52 41.74
CA ASN C 557 21.11 -21.25 41.21
C ASN C 557 20.64 -19.86 41.65
N ARG C 558 20.15 -19.07 40.68
CA ARG C 558 19.68 -17.69 40.92
C ARG C 558 20.71 -16.73 41.54
N ARG C 559 21.98 -17.09 41.47
CA ARG C 559 23.03 -16.25 42.02
C ARG C 559 24.37 -16.37 41.27
N LEU C 560 24.30 -16.22 39.95
CA LEU C 560 25.52 -16.28 39.14
C LEU C 560 26.41 -15.12 39.57
N GLY C 561 27.71 -15.33 39.53
CA GLY C 561 28.62 -14.27 39.90
C GLY C 561 28.96 -14.30 41.39
N THR C 562 28.38 -15.25 42.14
CA THR C 562 28.67 -15.32 43.58
C THR C 562 29.65 -16.43 43.97
N PHE C 563 29.14 -17.62 44.31
CA PHE C 563 30.02 -18.70 44.77
C PHE C 563 31.13 -19.19 43.82
N GLU C 564 30.84 -19.25 42.52
CA GLU C 564 31.86 -19.71 41.59
C GLU C 564 33.03 -18.73 41.54
N VAL C 565 32.73 -17.44 41.68
CA VAL C 565 33.77 -16.40 41.68
C VAL C 565 34.56 -16.48 43.01
N GLU C 566 33.81 -16.61 44.10
CA GLU C 566 34.45 -16.71 45.42
C GLU C 566 35.35 -17.95 45.54
N ASP C 567 34.95 -19.08 44.96
CA ASP C 567 35.76 -20.30 45.05
C ASP C 567 37.05 -20.20 44.25
N GLN C 568 37.04 -19.44 43.15
CA GLN C 568 38.27 -19.24 42.38
C GLN C 568 39.26 -18.46 43.25
N ILE C 569 38.77 -17.45 43.96
CA ILE C 569 39.64 -16.67 44.83
C ILE C 569 40.19 -17.57 45.97
N GLU C 570 39.32 -18.29 46.65
CA GLU C 570 39.73 -19.17 47.76
C GLU C 570 40.68 -20.29 47.31
N ALA C 571 40.46 -20.85 46.12
CA ALA C 571 41.35 -21.89 45.60
C ALA C 571 42.71 -21.30 45.29
N THR C 572 42.73 -20.12 44.71
CA THR C 572 44.00 -19.48 44.36
C THR C 572 44.75 -19.12 45.64
N ARG C 573 44.01 -18.82 46.69
CA ARG C 573 44.63 -18.48 47.98
C ARG C 573 45.35 -19.72 48.52
N GLN C 574 44.70 -20.88 48.42
CA GLN C 574 45.35 -22.09 48.86
C GLN C 574 46.51 -22.44 47.92
N PHE C 575 46.40 -22.14 46.63
CA PHE C 575 47.50 -22.45 45.71
C PHE C 575 48.71 -21.61 46.09
N SER C 576 48.50 -20.34 46.40
CA SER C 576 49.61 -19.48 46.76
C SER C 576 50.24 -19.96 48.07
N LYS C 577 49.47 -20.66 48.91
CA LYS C 577 50.00 -21.16 50.18
C LYS C 577 51.03 -22.25 49.89
N MET C 578 50.79 -23.03 48.84
CA MET C 578 51.75 -24.06 48.48
C MET C 578 53.04 -23.26 48.25
N GLY C 579 54.18 -23.84 48.56
CA GLY C 579 55.44 -23.11 48.44
C GLY C 579 56.06 -22.74 47.12
N PHE C 580 55.58 -23.30 46.02
CA PHE C 580 56.16 -23.04 44.71
C PHE C 580 55.51 -21.90 43.88
N VAL C 581 54.58 -21.18 44.49
CA VAL C 581 53.91 -20.07 43.81
C VAL C 581 54.41 -18.70 44.24
N ASP C 582 54.70 -17.84 43.28
CA ASP C 582 55.14 -16.49 43.58
C ASP C 582 53.88 -15.60 43.70
N ASP C 583 53.46 -15.36 44.94
CA ASP C 583 52.29 -14.54 45.25
C ASP C 583 52.32 -13.12 44.68
N LYS C 584 53.48 -12.64 44.28
CA LYS C 584 53.56 -11.29 43.71
C LYS C 584 53.21 -11.35 42.20
N ARG C 585 53.07 -12.57 41.70
CA ARG C 585 52.77 -12.71 40.29
C ARG C 585 51.72 -13.73 39.99
N ILE C 586 50.48 -13.37 40.31
CA ILE C 586 49.35 -14.25 40.07
C ILE C 586 48.39 -13.52 39.13
N ALA C 587 47.99 -14.16 38.03
CA ALA C 587 47.07 -13.54 37.08
C ALA C 587 45.88 -14.47 36.85
N ILE C 588 44.84 -13.97 36.17
CA ILE C 588 43.69 -14.81 35.92
C ILE C 588 43.11 -14.42 34.56
N TRP C 589 42.65 -15.40 33.80
CA TRP C 589 42.07 -15.10 32.50
C TRP C 589 40.98 -16.08 32.12
N GLY C 590 40.12 -15.66 31.22
CA GLY C 590 39.05 -16.51 30.73
C GLY C 590 38.32 -15.86 29.55
N TRP C 591 37.52 -16.66 28.87
CA TRP C 591 36.75 -16.26 27.68
C TRP C 591 35.28 -16.56 28.02
N SER C 592 34.37 -15.70 27.56
CA SER C 592 32.94 -15.88 27.78
C SER C 592 32.62 -15.92 29.27
N TYR C 593 32.03 -17.00 29.76
CA TYR C 593 31.71 -17.07 31.18
C TYR C 593 33.02 -16.88 31.96
N GLY C 594 34.09 -17.50 31.47
CA GLY C 594 35.39 -17.34 32.12
C GLY C 594 35.84 -15.89 32.11
N GLY C 595 35.42 -15.12 31.10
CA GLY C 595 35.77 -13.70 31.05
C GLY C 595 34.97 -12.94 32.13
N TYR C 596 33.71 -13.30 32.27
CA TYR C 596 32.84 -12.70 33.31
C TYR C 596 33.45 -13.01 34.70
N VAL C 597 33.78 -14.28 34.95
CA VAL C 597 34.36 -14.63 36.24
C VAL C 597 35.71 -13.96 36.44
N THR C 598 36.56 -13.94 35.42
CA THR C 598 37.82 -13.24 35.56
C THR C 598 37.56 -11.77 36.00
N SER C 599 36.60 -11.13 35.34
CA SER C 599 36.30 -9.73 35.67
C SER C 599 35.71 -9.60 37.10
N MET C 600 34.83 -10.51 37.48
CA MET C 600 34.25 -10.46 38.83
C MET C 600 35.33 -10.68 39.89
N VAL C 601 36.27 -11.59 39.63
CA VAL C 601 37.37 -11.87 40.57
C VAL C 601 38.24 -10.64 40.69
N LEU C 602 38.65 -10.05 39.57
CA LEU C 602 39.50 -8.86 39.66
C LEU C 602 38.76 -7.72 40.37
N GLY C 603 37.44 -7.64 40.14
CA GLY C 603 36.64 -6.60 40.76
C GLY C 603 36.33 -6.89 42.22
N ALA C 604 36.82 -8.01 42.74
CA ALA C 604 36.51 -8.39 44.13
C ALA C 604 37.36 -7.72 45.20
N GLY C 605 38.45 -7.09 44.81
CA GLY C 605 39.30 -6.43 45.78
C GLY C 605 39.88 -7.43 46.76
N SER C 606 40.29 -8.60 46.27
CA SER C 606 40.85 -9.61 47.16
C SER C 606 42.34 -9.40 47.39
N GLY C 607 42.97 -8.58 46.55
CA GLY C 607 44.39 -8.35 46.68
C GLY C 607 45.22 -9.54 46.22
N VAL C 608 44.58 -10.60 45.73
CA VAL C 608 45.30 -11.80 45.31
C VAL C 608 45.88 -11.74 43.90
N PHE C 609 45.15 -11.12 42.98
CA PHE C 609 45.58 -11.06 41.58
C PHE C 609 46.20 -9.73 41.16
N LYS C 610 47.34 -9.82 40.48
CA LYS C 610 48.02 -8.62 39.99
C LYS C 610 47.37 -8.09 38.70
N CYS C 611 46.94 -9.00 37.85
CA CYS C 611 46.40 -8.62 36.54
C CYS C 611 45.49 -9.72 36.00
N GLY C 612 44.71 -9.40 34.96
CA GLY C 612 43.84 -10.39 34.36
C GLY C 612 43.42 -9.95 32.95
N ILE C 613 42.92 -10.91 32.16
CA ILE C 613 42.47 -10.66 30.80
C ILE C 613 41.11 -11.29 30.64
N ALA C 614 40.14 -10.54 30.13
CA ALA C 614 38.83 -11.09 29.92
C ALA C 614 38.57 -11.00 28.42
N VAL C 615 38.14 -12.10 27.83
CA VAL C 615 37.89 -12.10 26.37
C VAL C 615 36.42 -12.39 26.13
N ALA C 616 35.77 -11.50 25.39
CA ALA C 616 34.32 -11.63 25.11
C ALA C 616 33.52 -11.98 26.36
N PRO C 617 33.73 -11.21 27.45
CA PRO C 617 32.98 -11.50 28.68
C PRO C 617 31.53 -11.06 28.73
N VAL C 618 30.75 -11.80 29.51
CA VAL C 618 29.41 -11.34 29.80
C VAL C 618 29.76 -10.29 30.89
N SER C 619 29.04 -9.16 30.91
CA SER C 619 29.29 -8.13 31.93
C SER C 619 28.02 -7.84 32.73
N LYS C 620 26.86 -8.17 32.17
CA LYS C 620 25.55 -7.89 32.82
C LYS C 620 24.56 -8.88 32.27
N TRP C 621 23.93 -9.66 33.16
CA TRP C 621 23.04 -10.71 32.70
C TRP C 621 21.88 -10.31 31.85
N GLU C 622 21.37 -9.08 32.05
CA GLU C 622 20.24 -8.61 31.26
C GLU C 622 20.63 -8.46 29.77
N TYR C 623 21.93 -8.48 29.45
CA TYR C 623 22.35 -8.38 28.05
C TYR C 623 22.48 -9.73 27.37
N TYR C 624 22.46 -10.82 28.14
CA TYR C 624 22.60 -12.13 27.50
C TYR C 624 21.24 -12.71 27.14
N ASP C 625 21.23 -13.81 26.40
CA ASP C 625 19.96 -14.36 25.94
C ASP C 625 19.08 -15.00 26.99
N SER C 626 17.79 -14.99 26.70
CA SER C 626 16.77 -15.50 27.63
C SER C 626 16.88 -16.95 28.10
N VAL C 627 17.05 -17.86 27.15
CA VAL C 627 17.11 -19.28 27.45
C VAL C 627 18.21 -19.61 28.42
N TYR C 628 19.42 -19.19 28.12
CA TYR C 628 20.53 -19.48 29.04
C TYR C 628 20.43 -18.67 30.33
N THR C 629 20.28 -17.36 30.21
CA THR C 629 20.26 -16.56 31.41
C THR C 629 19.13 -16.93 32.41
N GLU C 630 17.91 -17.06 31.93
CA GLU C 630 16.78 -17.37 32.81
C GLU C 630 16.85 -18.76 33.40
N ARG C 631 17.47 -19.68 32.69
CA ARG C 631 17.62 -21.02 33.22
C ARG C 631 18.22 -20.96 34.62
N TYR C 632 19.20 -20.08 34.81
CA TYR C 632 19.91 -19.98 36.10
C TYR C 632 19.50 -18.81 36.96
N MET C 633 18.96 -17.78 36.34
CA MET C 633 18.63 -16.56 37.07
C MET C 633 17.18 -16.13 37.22
N GLY C 634 16.25 -16.85 36.59
CA GLY C 634 14.86 -16.43 36.66
C GLY C 634 14.70 -15.13 35.85
N LEU C 635 13.60 -14.42 36.09
CA LEU C 635 13.32 -13.17 35.37
C LEU C 635 13.86 -11.92 36.05
N PRO C 636 14.31 -10.93 35.26
CA PRO C 636 14.85 -9.74 35.91
C PRO C 636 13.77 -8.72 36.30
N THR C 637 12.82 -9.19 37.12
CA THR C 637 11.72 -8.33 37.59
C THR C 637 11.74 -8.22 39.09
N PRO C 638 11.24 -7.09 39.62
CA PRO C 638 11.25 -6.95 41.08
C PRO C 638 10.45 -8.07 41.75
N GLU C 639 9.57 -8.70 40.99
CA GLU C 639 8.76 -9.81 41.51
C GLU C 639 9.50 -11.15 41.46
N ASP C 640 10.64 -11.20 40.77
CA ASP C 640 11.38 -12.45 40.69
C ASP C 640 12.80 -12.27 41.20
N ASN C 641 13.77 -12.11 40.30
CA ASN C 641 15.15 -12.04 40.75
C ASN C 641 15.94 -10.80 40.34
N LEU C 642 15.25 -9.68 40.11
CA LEU C 642 15.94 -8.45 39.71
C LEU C 642 17.11 -8.07 40.62
N ASP C 643 16.92 -8.19 41.94
CA ASP C 643 18.00 -7.83 42.87
C ASP C 643 19.34 -8.51 42.58
N TYR C 644 19.32 -9.81 42.30
CA TYR C 644 20.57 -10.53 42.02
C TYR C 644 21.11 -10.30 40.60
N TYR C 645 20.25 -9.81 39.72
CA TYR C 645 20.66 -9.44 38.37
C TYR C 645 21.46 -8.15 38.59
N ARG C 646 20.87 -7.26 39.40
CA ARG C 646 21.45 -5.96 39.69
C ARG C 646 22.83 -5.94 40.34
N ASN C 647 23.10 -6.80 41.31
CA ASN C 647 24.40 -6.74 41.92
C ASN C 647 25.39 -7.79 41.44
N SER C 648 25.11 -8.39 40.29
CA SER C 648 26.04 -9.37 39.72
C SER C 648 26.66 -8.84 38.43
N THR C 649 26.53 -7.54 38.16
CA THR C 649 27.17 -7.02 36.96
C THR C 649 28.64 -6.76 37.30
N VAL C 650 29.50 -6.73 36.28
CA VAL C 650 30.89 -6.43 36.54
C VAL C 650 30.99 -4.94 36.86
N MET C 651 30.12 -4.15 36.23
CA MET C 651 30.15 -2.69 36.42
C MET C 651 30.03 -2.28 37.86
N SER C 652 29.25 -3.02 38.64
CA SER C 652 29.06 -2.72 40.07
C SER C 652 30.38 -2.80 40.85
N ARG C 653 31.39 -3.43 40.27
CA ARG C 653 32.67 -3.58 40.94
C ARG C 653 33.80 -2.74 40.34
N ALA C 654 33.44 -1.78 39.49
CA ALA C 654 34.41 -0.92 38.80
C ALA C 654 35.52 -0.33 39.65
N GLU C 655 35.16 0.21 40.80
CA GLU C 655 36.13 0.85 41.68
C GLU C 655 37.29 -0.05 42.09
N ASN C 656 37.01 -1.32 42.34
CA ASN C 656 38.06 -2.24 42.74
C ASN C 656 39.06 -2.54 41.59
N PHE C 657 38.70 -2.22 40.34
CA PHE C 657 39.64 -2.46 39.24
C PHE C 657 40.85 -1.53 39.33
N LYS C 658 40.76 -0.48 40.13
CA LYS C 658 41.90 0.42 40.29
C LYS C 658 43.10 -0.32 40.91
N GLN C 659 42.87 -1.49 41.49
CA GLN C 659 43.97 -2.23 42.12
C GLN C 659 44.64 -3.26 41.20
N VAL C 660 44.18 -3.40 39.97
CA VAL C 660 44.76 -4.41 39.08
C VAL C 660 45.04 -3.86 37.67
N GLU C 661 45.81 -4.63 36.88
CA GLU C 661 46.08 -4.29 35.46
C GLU C 661 45.11 -5.19 34.71
N TYR C 662 44.20 -4.60 33.94
CA TYR C 662 43.17 -5.35 33.24
C TYR C 662 43.24 -5.17 31.71
N LEU C 663 43.04 -6.26 30.99
CA LEU C 663 43.01 -6.26 29.52
C LEU C 663 41.62 -6.84 29.13
N LEU C 664 40.80 -6.03 28.45
CA LEU C 664 39.44 -6.41 28.03
C LEU C 664 39.44 -6.52 26.50
N ILE C 665 39.08 -7.69 25.99
CA ILE C 665 39.15 -7.95 24.54
C ILE C 665 37.78 -8.41 24.01
N HIS C 666 37.40 -7.98 22.82
CA HIS C 666 36.08 -8.38 22.30
C HIS C 666 36.01 -8.23 20.77
N GLY C 667 35.41 -9.21 20.09
CA GLY C 667 35.26 -9.11 18.63
C GLY C 667 34.02 -8.23 18.35
N THR C 668 34.12 -7.31 17.40
CA THR C 668 32.97 -6.42 17.15
C THR C 668 31.74 -7.06 16.52
N ALA C 669 31.93 -8.25 15.95
CA ALA C 669 30.83 -8.97 15.30
C ALA C 669 30.37 -10.15 16.14
N ASP C 670 30.55 -10.07 17.44
CA ASP C 670 30.12 -11.18 18.32
C ASP C 670 28.58 -11.16 18.38
N ASP C 671 27.96 -12.18 17.80
CA ASP C 671 26.51 -12.31 17.73
C ASP C 671 25.95 -12.98 18.99
N ASN C 672 26.86 -13.46 19.85
CA ASN C 672 26.53 -14.26 21.03
C ASN C 672 26.61 -13.41 22.30
N VAL C 673 27.82 -13.07 22.71
CA VAL C 673 27.99 -12.15 23.86
C VAL C 673 28.27 -10.85 23.08
N HIS C 674 27.25 -10.01 22.95
CA HIS C 674 27.39 -8.82 22.14
C HIS C 674 28.49 -7.88 22.58
N PHE C 675 29.15 -7.25 21.60
CA PHE C 675 30.23 -6.31 21.88
C PHE C 675 29.73 -5.31 22.92
N GLN C 676 28.43 -5.03 22.83
CA GLN C 676 27.72 -4.17 23.75
C GLN C 676 28.15 -4.47 25.20
N GLN C 677 28.30 -5.75 25.56
CA GLN C 677 28.67 -6.12 26.94
C GLN C 677 30.00 -5.49 27.35
N SER C 678 31.01 -5.56 26.48
CA SER C 678 32.29 -4.93 26.81
C SER C 678 32.23 -3.42 26.66
N ALA C 679 31.42 -2.94 25.72
CA ALA C 679 31.33 -1.49 25.55
C ALA C 679 30.73 -0.83 26.83
N GLN C 680 29.73 -1.47 27.41
CA GLN C 680 29.11 -0.92 28.63
C GLN C 680 30.07 -1.04 29.81
N LEU C 681 30.85 -2.11 29.83
CA LEU C 681 31.80 -2.28 30.91
C LEU C 681 32.93 -1.24 30.84
N SER C 682 33.50 -1.07 29.65
CA SER C 682 34.57 -0.09 29.55
C SER C 682 34.04 1.30 29.91
N LYS C 683 32.81 1.60 29.48
CA LYS C 683 32.23 2.91 29.79
C LYS C 683 32.14 3.10 31.32
N ALA C 684 31.77 2.04 32.05
CA ALA C 684 31.69 2.19 33.52
C ALA C 684 33.08 2.32 34.15
N LEU C 685 34.08 1.62 33.59
CA LEU C 685 35.44 1.74 34.11
C LEU C 685 35.95 3.17 33.87
N VAL C 686 35.66 3.71 32.68
CA VAL C 686 36.09 5.07 32.38
C VAL C 686 35.38 6.04 33.35
N ASP C 687 34.07 5.90 33.46
CA ASP C 687 33.30 6.76 34.37
C ASP C 687 33.80 6.72 35.81
N ALA C 688 34.42 5.62 36.20
CA ALA C 688 34.95 5.48 37.57
C ALA C 688 36.39 5.96 37.69
N GLY C 689 36.99 6.39 36.57
CA GLY C 689 38.38 6.85 36.59
C GLY C 689 39.41 5.73 36.65
N VAL C 690 39.05 4.54 36.16
CA VAL C 690 39.96 3.39 36.19
C VAL C 690 40.79 3.26 34.90
N ASP C 691 42.10 3.11 34.99
CA ASP C 691 42.83 2.90 33.74
C ASP C 691 42.92 1.39 33.50
N PHE C 692 42.81 1.02 32.25
CA PHE C 692 42.84 -0.38 31.84
C PHE C 692 43.17 -0.36 30.35
N GLN C 693 43.33 -1.54 29.77
CA GLN C 693 43.62 -1.66 28.35
C GLN C 693 42.51 -2.40 27.68
N THR C 694 42.39 -2.12 26.40
CA THR C 694 41.35 -2.66 25.57
C THR C 694 41.93 -3.20 24.25
N MET C 695 41.21 -4.11 23.59
CA MET C 695 41.58 -4.55 22.25
C MET C 695 40.31 -4.99 21.53
N TRP C 696 39.83 -4.22 20.56
CA TRP C 696 38.66 -4.72 19.85
C TRP C 696 39.21 -5.52 18.64
N TYR C 697 38.44 -6.50 18.14
CA TYR C 697 38.85 -7.25 16.94
C TYR C 697 37.76 -7.08 15.86
N THR C 698 38.06 -6.23 14.90
CA THR C 698 37.10 -5.89 13.84
C THR C 698 36.52 -7.08 13.12
N ASP C 699 35.19 -7.17 13.07
CA ASP C 699 34.49 -8.24 12.38
C ASP C 699 34.71 -9.68 12.89
N GLU C 700 35.32 -9.85 14.05
CA GLU C 700 35.51 -11.21 14.57
C GLU C 700 34.28 -11.56 15.40
N ASP C 701 33.89 -12.83 15.40
CA ASP C 701 32.70 -13.21 16.16
C ASP C 701 33.12 -13.75 17.53
N HIS C 702 32.27 -14.54 18.16
CA HIS C 702 32.57 -15.03 19.50
C HIS C 702 33.85 -15.87 19.63
N GLY C 703 34.27 -16.53 18.54
CA GLY C 703 35.47 -17.34 18.61
C GLY C 703 36.77 -16.60 18.29
N ILE C 704 36.68 -15.37 17.76
CA ILE C 704 37.85 -14.57 17.35
C ILE C 704 38.75 -15.62 16.72
N ALA C 705 38.14 -16.33 15.78
CA ALA C 705 38.73 -17.47 15.12
C ALA C 705 39.35 -17.38 13.74
N SER C 706 39.35 -16.22 13.10
CA SER C 706 40.00 -16.16 11.79
C SER C 706 41.50 -16.44 12.05
N ASN C 707 42.20 -16.97 11.06
CA ASN C 707 43.60 -17.31 11.25
C ASN C 707 44.45 -16.16 11.81
N MET C 708 44.39 -14.99 11.18
CA MET C 708 45.18 -13.86 11.64
C MET C 708 44.73 -13.31 13.01
N ALA C 709 43.43 -13.27 13.27
CA ALA C 709 42.97 -12.76 14.59
C ALA C 709 43.36 -13.70 15.75
N HIS C 710 43.29 -15.01 15.49
CA HIS C 710 43.67 -16.02 16.48
C HIS C 710 45.12 -15.79 16.86
N GLN C 711 45.98 -15.62 15.85
CA GLN C 711 47.41 -15.39 16.14
C GLN C 711 47.64 -14.07 16.84
N HIS C 712 46.91 -13.05 16.43
CA HIS C 712 47.06 -11.74 17.02
C HIS C 712 46.62 -11.68 18.50
N ILE C 713 45.47 -12.27 18.81
CA ILE C 713 45.00 -12.21 20.20
C ILE C 713 45.92 -12.91 21.19
N TYR C 714 46.36 -14.12 20.86
CA TYR C 714 47.27 -14.84 21.75
C TYR C 714 48.61 -14.17 21.82
N THR C 715 49.03 -13.57 20.71
CA THR C 715 50.29 -12.86 20.74
C THR C 715 50.14 -11.62 21.64
N HIS C 716 49.04 -10.89 21.51
CA HIS C 716 48.81 -9.69 22.33
C HIS C 716 48.69 -10.07 23.82
N MET C 717 47.95 -11.12 24.13
CA MET C 717 47.80 -11.53 25.53
C MET C 717 49.15 -12.03 26.09
N SER C 718 49.97 -12.69 25.25
CA SER C 718 51.25 -13.19 25.72
C SER C 718 52.13 -12.00 26.17
N HIS C 719 52.10 -10.92 25.41
CA HIS C 719 52.90 -9.74 25.78
C HIS C 719 52.40 -9.12 27.08
N PHE C 720 51.08 -8.99 27.17
CA PHE C 720 50.45 -8.39 28.37
C PHE C 720 50.85 -9.20 29.61
N LEU C 721 50.74 -10.52 29.52
CA LEU C 721 51.06 -11.39 30.65
C LEU C 721 52.54 -11.33 31.03
N LYS C 722 53.40 -11.32 30.04
CA LYS C 722 54.84 -11.25 30.28
C LYS C 722 55.22 -9.92 30.91
N GLN C 723 54.56 -8.83 30.50
CA GLN C 723 54.85 -7.52 31.08
C GLN C 723 54.41 -7.53 32.55
N CYS C 724 53.21 -8.07 32.81
CA CYS C 724 52.66 -8.15 34.17
C CYS C 724 53.61 -8.97 35.06
N PHE C 725 54.22 -10.00 34.48
CA PHE C 725 55.12 -10.88 35.25
C PHE C 725 56.61 -10.53 35.08
N SER C 726 56.89 -9.41 34.42
CA SER C 726 58.26 -8.98 34.18
C SER C 726 59.09 -10.07 33.50
N LEU C 727 58.54 -10.65 32.42
CA LEU C 727 59.23 -11.72 31.70
C LEU C 727 59.74 -11.23 30.36
N PRO C 728 60.98 -11.60 29.99
CA PRO C 728 61.54 -11.16 28.70
C PRO C 728 61.08 -12.05 27.54
N SER D 1 61.37 23.84 44.87
CA SER D 1 60.46 24.90 45.42
C SER D 1 59.13 24.96 44.67
N ARG D 2 59.15 25.57 43.49
CA ARG D 2 57.94 25.73 42.68
C ARG D 2 57.46 24.43 42.06
N ARG D 3 56.14 24.25 42.06
CA ARG D 3 55.53 23.06 41.49
C ARG D 3 55.68 23.11 39.98
N THR D 4 55.35 22.00 39.33
CA THR D 4 55.40 21.93 37.87
C THR D 4 53.92 21.91 37.49
N TYR D 5 53.65 22.09 36.20
CA TYR D 5 52.26 22.05 35.72
C TYR D 5 52.01 20.56 35.49
N THR D 6 51.13 19.99 36.29
CA THR D 6 50.83 18.57 36.26
C THR D 6 49.69 18.12 35.32
N LEU D 7 49.58 16.80 35.13
CA LEU D 7 48.50 16.27 34.30
C LEU D 7 47.17 16.65 34.96
N THR D 8 47.10 16.53 36.28
CA THR D 8 45.87 16.88 37.02
C THR D 8 45.54 18.35 36.82
N ASP D 9 46.56 19.22 36.87
CA ASP D 9 46.30 20.64 36.64
C ASP D 9 45.63 20.77 35.28
N TYR D 10 46.16 20.10 34.27
CA TYR D 10 45.58 20.19 32.95
C TYR D 10 44.16 19.60 32.87
N LEU D 11 43.97 18.39 33.36
CA LEU D 11 42.66 17.72 33.28
C LEU D 11 41.55 18.41 34.08
N LYS D 12 41.85 18.89 35.27
CA LYS D 12 40.85 19.56 36.11
C LYS D 12 40.81 21.09 35.96
N SER D 13 41.66 21.62 35.07
CA SER D 13 41.73 23.07 34.84
C SER D 13 41.91 23.88 36.13
N THR D 14 42.88 23.50 36.94
CA THR D 14 43.10 24.22 38.17
C THR D 14 43.43 25.69 37.93
N PHE D 15 44.12 25.96 36.83
CA PHE D 15 44.51 27.34 36.48
C PHE D 15 43.55 27.85 35.40
N ARG D 16 42.57 28.66 35.81
CA ARG D 16 41.59 29.18 34.87
C ARG D 16 42.02 30.43 34.10
N VAL D 17 41.92 30.33 32.78
CA VAL D 17 42.23 31.44 31.89
C VAL D 17 40.92 32.19 31.71
N LYS D 18 40.83 33.42 32.22
CA LYS D 18 39.59 34.18 32.09
C LYS D 18 39.48 34.88 30.73
N PHE D 19 38.23 35.14 30.32
CA PHE D 19 37.97 35.83 29.05
C PHE D 19 36.89 36.87 29.30
N TYR D 20 36.43 37.55 28.27
CA TYR D 20 35.41 38.55 28.47
C TYR D 20 34.50 38.57 27.24
N THR D 21 33.34 37.96 27.38
CA THR D 21 32.38 37.84 26.30
C THR D 21 31.29 38.90 26.36
N LEU D 22 31.19 39.69 25.29
CA LEU D 22 30.19 40.74 25.25
C LEU D 22 29.39 40.67 23.96
N GLN D 23 28.17 41.22 23.99
CA GLN D 23 27.32 41.24 22.81
C GLN D 23 26.94 42.70 22.50
N TRP D 24 27.51 43.24 21.44
CA TRP D 24 27.18 44.62 21.05
C TRP D 24 25.71 44.69 20.68
N ILE D 25 25.00 45.72 21.14
CA ILE D 25 23.59 45.85 20.79
C ILE D 25 23.24 47.24 20.21
N SER D 26 24.26 48.04 19.93
CA SER D 26 24.07 49.36 19.33
C SER D 26 25.45 49.78 18.85
N ASP D 27 25.61 51.05 18.48
CA ASP D 27 26.92 51.50 18.03
C ASP D 27 27.80 51.85 19.23
N HIS D 28 27.20 51.88 20.42
CA HIS D 28 27.96 52.22 21.62
C HIS D 28 27.58 51.46 22.88
N GLU D 29 26.75 50.43 22.75
CA GLU D 29 26.32 49.66 23.93
C GLU D 29 26.48 48.16 23.75
N TYR D 30 26.77 47.47 24.84
CA TYR D 30 26.89 46.02 24.78
C TYR D 30 26.40 45.39 26.05
N LEU D 31 25.94 44.14 25.95
CA LEU D 31 25.47 43.40 27.11
C LEU D 31 26.58 42.47 27.60
N TYR D 32 26.62 42.26 28.90
CA TYR D 32 27.64 41.42 29.52
C TYR D 32 27.05 40.72 30.72
N LYS D 33 27.38 39.45 30.90
CA LYS D 33 26.85 38.73 32.05
C LYS D 33 27.93 38.74 33.14
N GLN D 34 27.56 39.19 34.32
CA GLN D 34 28.49 39.24 35.45
C GLN D 34 27.74 38.81 36.69
N GLU D 35 28.35 37.92 37.46
CA GLU D 35 27.73 37.42 38.67
C GLU D 35 26.27 37.04 38.38
N ASN D 36 26.06 36.41 37.22
CA ASN D 36 24.77 35.95 36.76
C ASN D 36 23.74 37.02 36.42
N ASN D 37 24.21 38.25 36.28
CA ASN D 37 23.31 39.33 35.91
C ASN D 37 23.69 39.72 34.49
N ILE D 38 22.74 40.32 33.78
CA ILE D 38 23.01 40.81 32.45
C ILE D 38 23.15 42.30 32.68
N LEU D 39 24.28 42.86 32.30
CA LEU D 39 24.54 44.27 32.48
C LEU D 39 24.60 44.96 31.12
N LEU D 40 24.22 46.23 31.09
CA LEU D 40 24.25 47.02 29.88
C LEU D 40 25.37 48.02 30.05
N PHE D 41 26.43 47.87 29.26
CA PHE D 41 27.55 48.77 29.37
C PHE D 41 27.51 49.79 28.26
N ASN D 42 27.81 51.04 28.61
CA ASN D 42 27.83 52.13 27.65
C ASN D 42 29.29 52.36 27.31
N ALA D 43 29.67 52.08 26.07
CA ALA D 43 31.04 52.27 25.64
C ALA D 43 31.52 53.68 25.96
N GLU D 44 32.84 53.85 26.05
CA GLU D 44 33.43 55.15 26.35
C GLU D 44 33.16 55.57 27.78
N TYR D 45 31.90 55.86 28.09
CA TYR D 45 31.52 56.28 29.43
C TYR D 45 31.90 55.20 30.46
N GLY D 46 31.88 53.95 30.03
CA GLY D 46 32.24 52.86 30.92
C GLY D 46 31.22 52.52 31.99
N ASN D 47 30.24 53.40 32.19
CA ASN D 47 29.21 53.15 33.20
C ASN D 47 28.29 52.01 32.76
N SER D 48 27.58 51.43 33.70
CA SER D 48 26.68 50.33 33.38
C SER D 48 25.48 50.26 34.30
N SER D 49 24.43 49.61 33.80
CA SER D 49 23.22 49.42 34.57
C SER D 49 22.78 47.98 34.47
N ILE D 50 21.92 47.55 35.38
CA ILE D 50 21.43 46.18 35.37
C ILE D 50 20.35 46.06 34.32
N PHE D 51 20.57 45.20 33.32
CA PHE D 51 19.58 45.00 32.28
C PHE D 51 18.64 43.89 32.74
N LEU D 52 19.20 42.85 33.33
CA LEU D 52 18.41 41.74 33.86
C LEU D 52 19.12 41.23 35.12
N GLU D 53 18.39 41.15 36.23
CA GLU D 53 18.92 40.69 37.51
C GLU D 53 18.93 39.18 37.64
N ASN D 54 19.99 38.64 38.24
CA ASN D 54 20.08 37.20 38.41
C ASN D 54 18.87 36.63 39.13
N SER D 55 18.12 37.48 39.81
CA SER D 55 16.93 37.05 40.54
C SER D 55 16.01 36.39 39.55
N THR D 56 15.93 36.97 38.35
CA THR D 56 15.09 36.45 37.29
C THR D 56 15.40 34.97 37.04
N PHE D 57 16.68 34.66 36.91
CA PHE D 57 17.12 33.28 36.66
C PHE D 57 16.71 32.33 37.78
N ASP D 58 16.81 32.79 39.02
CA ASP D 58 16.44 31.96 40.17
C ASP D 58 14.95 31.66 40.16
N GLU D 59 14.18 32.54 39.52
CA GLU D 59 12.73 32.38 39.47
C GLU D 59 12.27 31.50 38.32
N LEU D 60 13.18 31.24 37.38
CA LEU D 60 12.88 30.37 36.25
C LEU D 60 13.07 28.94 36.74
N GLY D 61 12.10 28.08 36.48
CA GLY D 61 12.20 26.70 36.94
C GLY D 61 13.14 25.82 36.13
N TYR D 62 14.36 26.28 35.90
CA TYR D 62 15.33 25.51 35.10
C TYR D 62 16.67 26.24 34.94
N SER D 63 17.66 25.51 34.41
CA SER D 63 18.98 26.07 34.16
C SER D 63 18.98 26.71 32.79
N THR D 64 19.20 28.02 32.73
CA THR D 64 19.21 28.71 31.46
C THR D 64 20.57 28.63 30.79
N ASN D 65 20.63 27.87 29.71
CA ASN D 65 21.86 27.69 28.97
C ASN D 65 22.32 28.94 28.24
N ASP D 66 21.38 29.78 27.82
CA ASP D 66 21.74 30.99 27.09
C ASP D 66 20.55 31.96 26.96
N TYR D 67 20.85 33.19 26.54
CA TYR D 67 19.82 34.21 26.38
C TYR D 67 20.07 35.06 25.13
N SER D 68 19.00 35.65 24.59
CA SER D 68 19.12 36.50 23.42
C SER D 68 18.08 37.60 23.54
N VAL D 69 18.52 38.84 23.59
CA VAL D 69 17.60 39.96 23.71
C VAL D 69 17.20 40.45 22.31
N SER D 70 15.91 40.71 22.14
CA SER D 70 15.38 41.18 20.86
C SER D 70 16.03 42.53 20.56
N PRO D 71 16.32 42.81 19.28
CA PRO D 71 16.95 44.09 18.93
C PRO D 71 16.26 45.37 19.42
N ASP D 72 14.96 45.31 19.70
CA ASP D 72 14.27 46.49 20.19
C ASP D 72 14.24 46.50 21.72
N ARG D 73 14.96 45.56 22.31
CA ARG D 73 15.06 45.46 23.76
C ARG D 73 13.78 45.29 24.55
N GLN D 74 12.74 44.76 23.91
CA GLN D 74 11.48 44.57 24.59
C GLN D 74 11.29 43.14 25.09
N PHE D 75 12.12 42.22 24.61
CA PHE D 75 12.00 40.84 25.00
C PHE D 75 13.36 40.18 25.06
N ILE D 76 13.42 39.07 25.78
CA ILE D 76 14.65 38.32 25.84
C ILE D 76 14.23 36.85 25.78
N LEU D 77 15.03 36.08 25.07
CA LEU D 77 14.80 34.66 24.87
C LEU D 77 15.66 33.89 25.86
N PHE D 78 15.08 32.92 26.55
CA PHE D 78 15.83 32.08 27.49
C PHE D 78 15.93 30.68 26.91
N GLU D 79 17.14 30.21 26.70
CA GLU D 79 17.35 28.87 26.14
C GLU D 79 17.66 27.88 27.26
N TYR D 80 16.98 26.73 27.26
CA TYR D 80 17.22 25.71 28.25
C TYR D 80 16.90 24.31 27.68
N ASN D 81 17.23 23.26 28.42
CA ASN D 81 17.01 21.88 27.99
C ASN D 81 17.85 21.66 26.74
N TYR D 82 19.05 22.23 26.76
CA TYR D 82 20.00 22.11 25.68
C TYR D 82 20.38 20.62 25.53
N VAL D 83 20.37 20.14 24.29
CA VAL D 83 20.74 18.76 23.97
C VAL D 83 21.58 18.82 22.72
N LYS D 84 22.87 18.56 22.88
CA LYS D 84 23.80 18.61 21.75
C LYS D 84 23.50 17.60 20.64
N GLN D 85 23.71 18.00 19.39
CA GLN D 85 23.54 17.04 18.32
C GLN D 85 24.93 16.91 17.72
N TRP D 86 25.24 17.61 16.63
CA TRP D 86 26.58 17.45 16.08
C TRP D 86 27.51 18.55 16.60
N ARG D 87 28.43 19.03 15.77
CA ARG D 87 29.40 20.04 16.22
C ARG D 87 28.79 21.37 16.56
N HIS D 88 27.84 21.82 15.74
CA HIS D 88 27.19 23.11 15.95
C HIS D 88 25.73 22.98 16.32
N SER D 89 25.07 21.95 15.80
CA SER D 89 23.66 21.72 16.05
C SER D 89 23.30 21.20 17.45
N TYR D 90 22.09 21.56 17.87
CA TYR D 90 21.54 21.13 19.16
C TYR D 90 20.07 21.51 19.16
N THR D 91 19.28 20.93 20.07
CA THR D 91 17.88 21.32 20.16
C THR D 91 17.68 21.89 21.55
N ALA D 92 16.55 22.57 21.76
CA ALA D 92 16.34 23.16 23.08
C ALA D 92 14.95 23.69 23.25
N SER D 93 14.67 24.13 24.47
CA SER D 93 13.40 24.71 24.83
C SER D 93 13.69 26.20 24.96
N TYR D 94 12.67 27.01 24.75
CA TYR D 94 12.82 28.45 24.83
C TYR D 94 11.61 29.10 25.49
N ASP D 95 11.89 30.14 26.26
CA ASP D 95 10.86 30.93 26.93
C ASP D 95 11.09 32.36 26.47
N ILE D 96 10.01 33.13 26.32
CA ILE D 96 10.15 34.52 25.92
C ILE D 96 9.80 35.34 27.15
N TYR D 97 10.66 36.29 27.49
CA TYR D 97 10.46 37.13 28.65
C TYR D 97 10.24 38.57 28.22
N ASP D 98 9.13 39.15 28.71
CA ASP D 98 8.75 40.53 28.43
C ASP D 98 9.52 41.45 29.37
N LEU D 99 10.47 42.19 28.82
CA LEU D 99 11.28 43.09 29.63
C LEU D 99 10.50 44.30 30.17
N ASN D 100 9.37 44.63 29.55
CA ASN D 100 8.57 45.76 30.00
C ASN D 100 7.78 45.36 31.24
N LYS D 101 6.81 44.46 31.06
CA LYS D 101 6.01 44.03 32.18
C LYS D 101 6.76 43.03 33.07
N ARG D 102 7.98 42.69 32.67
CA ARG D 102 8.80 41.74 33.42
C ARG D 102 8.01 40.48 33.76
N GLN D 103 7.42 39.86 32.75
CA GLN D 103 6.64 38.65 32.91
C GLN D 103 7.10 37.61 31.89
N LEU D 104 7.00 36.34 32.25
CA LEU D 104 7.40 35.27 31.36
C LEU D 104 6.15 34.91 30.55
N ILE D 105 6.15 35.22 29.26
CA ILE D 105 5.02 34.91 28.42
C ILE D 105 4.71 33.43 28.54
N THR D 106 3.45 33.10 28.78
CA THR D 106 3.06 31.71 28.95
C THR D 106 2.17 31.14 27.86
N GLU D 107 1.69 31.99 26.96
CA GLU D 107 0.85 31.48 25.89
C GLU D 107 1.52 31.53 24.53
N GLU D 108 1.14 30.61 23.64
CA GLU D 108 1.73 30.52 22.31
C GLU D 108 3.24 30.40 22.47
N ARG D 109 3.67 29.55 23.39
CA ARG D 109 5.08 29.35 23.67
C ARG D 109 5.81 28.69 22.51
N ILE D 110 7.13 28.80 22.54
CA ILE D 110 7.99 28.19 21.55
C ILE D 110 7.97 26.71 21.90
N PRO D 111 7.93 25.81 20.91
CA PRO D 111 7.90 24.36 21.15
C PRO D 111 9.22 23.80 21.72
N ASN D 112 9.12 22.63 22.36
CA ASN D 112 10.30 21.97 22.89
C ASN D 112 10.97 21.33 21.68
N ASN D 113 12.24 20.97 21.82
CA ASN D 113 12.95 20.34 20.71
C ASN D 113 13.07 21.31 19.52
N THR D 114 13.17 22.60 19.80
CA THR D 114 13.31 23.57 18.72
C THR D 114 14.75 23.46 18.27
N GLN D 115 14.93 23.45 16.95
CA GLN D 115 16.24 23.28 16.32
C GLN D 115 17.05 24.55 16.14
N TRP D 116 16.37 25.65 15.86
CA TRP D 116 17.05 26.92 15.65
C TRP D 116 16.02 28.00 15.82
N ILE D 117 16.46 29.16 16.29
CA ILE D 117 15.55 30.27 16.48
C ILE D 117 16.35 31.57 16.39
N THR D 118 15.72 32.66 15.93
CA THR D 118 16.44 33.90 15.82
C THR D 118 15.47 35.08 15.72
N TRP D 119 15.85 36.21 16.32
CA TRP D 119 15.03 37.43 16.23
C TRP D 119 15.27 38.01 14.85
N SER D 120 14.37 38.86 14.38
CA SER D 120 14.57 39.54 13.10
C SER D 120 15.68 40.54 13.46
N PRO D 121 16.31 41.23 12.47
CA PRO D 121 17.37 42.17 12.85
C PRO D 121 16.86 43.46 13.53
N VAL D 122 15.58 43.75 13.42
CA VAL D 122 14.98 44.92 14.05
C VAL D 122 13.65 44.49 14.64
N GLY D 123 13.17 45.21 15.63
CA GLY D 123 11.89 44.85 16.22
C GLY D 123 11.99 43.64 17.13
N HIS D 124 11.03 42.72 17.02
CA HIS D 124 11.03 41.52 17.85
C HIS D 124 10.25 40.34 17.23
N LYS D 125 10.38 40.17 15.92
CA LYS D 125 9.74 39.03 15.26
C LYS D 125 10.67 37.85 15.51
N LEU D 126 10.15 36.64 15.38
CA LEU D 126 10.96 35.44 15.55
C LEU D 126 10.70 34.48 14.41
N ALA D 127 11.75 33.75 14.01
CA ALA D 127 11.64 32.69 13.00
C ALA D 127 12.30 31.52 13.72
N TYR D 128 11.73 30.32 13.63
CA TYR D 128 12.37 29.17 14.25
C TYR D 128 12.11 27.92 13.45
N VAL D 129 12.90 26.89 13.74
CA VAL D 129 12.76 25.65 13.03
C VAL D 129 12.42 24.58 14.07
N TRP D 130 11.39 23.79 13.77
CA TRP D 130 10.93 22.72 14.66
C TRP D 130 10.46 21.60 13.72
N ASN D 131 10.91 20.37 14.00
CA ASN D 131 10.59 19.23 13.17
C ASN D 131 10.94 19.49 11.68
N ASN D 132 12.07 20.16 11.47
CA ASN D 132 12.57 20.44 10.13
C ASN D 132 11.72 21.41 9.31
N ASP D 133 10.78 22.09 9.98
CA ASP D 133 9.94 23.10 9.31
C ASP D 133 10.10 24.46 9.95
N ILE D 134 9.88 25.50 9.13
CA ILE D 134 10.00 26.88 9.56
C ILE D 134 8.67 27.52 10.00
N TYR D 135 8.77 28.27 11.10
CA TYR D 135 7.64 29.01 11.67
C TYR D 135 8.06 30.47 11.90
N VAL D 136 7.11 31.37 11.71
CA VAL D 136 7.38 32.78 11.94
C VAL D 136 6.36 33.30 12.97
N LYS D 137 6.86 33.93 14.02
CA LYS D 137 6.04 34.50 15.08
C LYS D 137 6.28 35.99 15.16
N ASN D 138 5.34 36.78 14.66
CA ASN D 138 5.45 38.23 14.68
C ASN D 138 5.44 38.80 16.10
N GLU D 139 4.63 38.21 16.97
CA GLU D 139 4.53 38.68 18.35
C GLU D 139 4.70 37.55 19.34
N PRO D 140 5.49 37.78 20.39
CA PRO D 140 5.78 36.80 21.45
C PRO D 140 4.57 36.12 22.04
N ASN D 141 3.47 36.86 22.19
CA ASN D 141 2.28 36.26 22.78
C ASN D 141 1.25 35.76 21.78
N LEU D 142 1.53 35.93 20.49
CA LEU D 142 0.61 35.46 19.46
C LEU D 142 1.09 34.18 18.76
N SER D 143 0.17 33.53 18.04
CA SER D 143 0.45 32.28 17.32
C SER D 143 1.50 32.39 16.22
N SER D 144 2.26 31.32 16.02
CA SER D 144 3.26 31.31 14.99
C SER D 144 2.58 30.86 13.70
N GLN D 145 3.16 31.25 12.56
CA GLN D 145 2.61 30.91 11.25
C GLN D 145 3.57 29.95 10.56
N ARG D 146 3.09 28.75 10.23
CA ARG D 146 3.93 27.78 9.57
C ARG D 146 4.25 28.26 8.16
N ILE D 147 5.52 28.12 7.78
CA ILE D 147 6.08 28.54 6.49
C ILE D 147 6.34 27.39 5.51
N THR D 148 6.76 26.24 6.04
CA THR D 148 7.03 25.08 5.19
C THR D 148 6.31 23.85 5.74
N TRP D 149 5.97 22.93 4.85
CA TRP D 149 5.27 21.71 5.24
C TRP D 149 5.99 20.42 4.77
N THR D 150 7.19 20.56 4.22
CA THR D 150 7.95 19.40 3.72
C THR D 150 8.97 18.79 4.69
N GLY D 151 9.14 19.39 5.87
CA GLY D 151 10.11 18.89 6.83
C GLY D 151 9.90 17.41 7.09
N LYS D 152 10.99 16.63 7.08
CA LYS D 152 10.92 15.19 7.31
C LYS D 152 12.27 14.68 7.84
N GLU D 153 12.23 13.97 8.95
CA GLU D 153 13.45 13.48 9.57
C GLU D 153 14.35 12.70 8.61
N ASN D 154 15.64 13.06 8.61
CA ASN D 154 16.64 12.43 7.74
C ASN D 154 16.35 12.59 6.25
N VAL D 155 15.41 13.44 5.89
CA VAL D 155 15.14 13.57 4.46
C VAL D 155 15.13 15.00 3.95
N ILE D 156 14.23 15.80 4.51
CA ILE D 156 14.09 17.19 4.10
C ILE D 156 14.30 18.14 5.28
N TYR D 157 15.27 19.03 5.12
CA TYR D 157 15.60 20.03 6.13
C TYR D 157 15.30 21.46 5.63
N ASN D 158 14.41 22.18 6.32
CA ASN D 158 14.06 23.57 5.94
C ASN D 158 14.57 24.49 7.04
N GLY D 159 15.44 25.43 6.70
CA GLY D 159 15.92 26.38 7.70
C GLY D 159 17.11 25.94 8.53
N VAL D 160 17.50 24.67 8.41
CA VAL D 160 18.68 24.14 9.08
C VAL D 160 19.41 23.21 8.12
N THR D 161 20.71 23.05 8.32
CA THR D 161 21.55 22.21 7.46
C THR D 161 21.47 20.71 7.77
N ASP D 162 21.88 19.89 6.80
CA ASP D 162 21.93 18.46 7.03
C ASP D 162 23.33 18.25 7.62
N TRP D 163 23.77 17.01 7.79
CA TRP D 163 25.08 16.78 8.42
C TRP D 163 26.26 17.38 7.68
N VAL D 164 26.39 17.12 6.39
CA VAL D 164 27.58 17.64 5.70
C VAL D 164 27.62 19.15 5.50
N TYR D 165 26.46 19.79 5.37
CA TYR D 165 26.46 21.25 5.22
C TYR D 165 26.80 21.89 6.57
N GLU D 166 26.34 21.27 7.66
CA GLU D 166 26.64 21.82 8.98
C GLU D 166 28.14 21.77 9.24
N GLU D 167 28.70 20.59 9.04
CA GLU D 167 30.12 20.39 9.30
C GLU D 167 31.10 21.02 8.31
N GLU D 168 30.83 20.90 7.01
CA GLU D 168 31.77 21.35 5.97
C GLU D 168 31.51 22.60 5.12
N VAL D 169 30.30 23.12 5.13
CA VAL D 169 30.00 24.29 4.31
C VAL D 169 29.70 25.53 5.15
N PHE D 170 28.67 25.45 5.98
CA PHE D 170 28.29 26.61 6.82
C PHE D 170 28.99 26.67 8.19
N SER D 171 29.50 25.55 8.70
CA SER D 171 30.09 25.55 10.06
C SER D 171 29.01 26.13 10.97
N ALA D 172 27.76 25.73 10.71
CA ALA D 172 26.62 26.20 11.48
C ALA D 172 25.42 25.35 11.15
N TYR D 173 24.47 25.32 12.06
CA TYR D 173 23.27 24.54 11.87
C TYR D 173 22.16 25.41 11.20
N SER D 174 22.18 26.71 11.43
CA SER D 174 21.14 27.57 10.90
C SER D 174 21.22 27.72 9.38
N ALA D 175 20.05 27.77 8.75
CA ALA D 175 19.96 28.00 7.30
C ALA D 175 18.79 28.99 7.05
N LEU D 176 18.75 30.04 7.87
CA LEU D 176 17.73 31.09 7.81
C LEU D 176 18.46 32.44 7.84
N TRP D 177 18.00 33.38 7.03
CA TRP D 177 18.62 34.71 7.00
C TRP D 177 17.56 35.78 6.82
N TRP D 178 17.26 36.50 7.88
CA TRP D 178 16.31 37.61 7.84
C TRP D 178 16.91 38.77 7.04
N SER D 179 16.09 39.50 6.28
CA SER D 179 16.63 40.67 5.55
C SER D 179 16.85 41.78 6.62
N PRO D 180 17.69 42.79 6.32
CA PRO D 180 17.97 43.87 7.28
C PRO D 180 16.76 44.49 7.99
N ASN D 181 15.68 44.76 7.26
CA ASN D 181 14.51 45.31 7.91
C ASN D 181 13.37 44.32 8.21
N GLY D 182 13.69 43.03 8.14
CA GLY D 182 12.72 42.00 8.47
C GLY D 182 11.61 41.75 7.46
N THR D 183 11.70 42.37 6.29
CA THR D 183 10.65 42.17 5.29
C THR D 183 10.65 40.75 4.75
N PHE D 184 11.85 40.29 4.40
CA PHE D 184 12.07 38.98 3.81
C PHE D 184 12.80 38.03 4.74
N LEU D 185 12.50 36.74 4.57
CA LEU D 185 13.17 35.71 5.35
C LEU D 185 13.67 34.73 4.33
N ALA D 186 14.98 34.66 4.12
CA ALA D 186 15.52 33.70 3.15
C ALA D 186 15.88 32.42 3.91
N TYR D 187 15.78 31.28 3.22
CA TYR D 187 16.16 30.00 3.83
C TYR D 187 16.60 29.00 2.78
N ALA D 188 17.33 27.99 3.23
CA ALA D 188 17.75 26.95 2.30
C ALA D 188 17.01 25.67 2.70
N GLN D 189 16.74 24.85 1.71
CA GLN D 189 16.09 23.58 1.94
C GLN D 189 17.07 22.53 1.48
N PHE D 190 17.35 21.57 2.35
CA PHE D 190 18.26 20.47 2.00
C PHE D 190 17.48 19.16 1.82
N ASN D 191 17.83 18.44 0.75
CA ASN D 191 17.18 17.20 0.40
C ASN D 191 18.21 16.06 0.38
N ASP D 192 18.11 15.18 1.34
CA ASP D 192 19.05 14.04 1.47
C ASP D 192 18.43 12.73 1.07
N THR D 193 17.37 12.79 0.28
CA THR D 193 16.69 11.57 -0.15
C THR D 193 17.62 10.49 -0.70
N GLU D 194 18.55 10.86 -1.55
CA GLU D 194 19.43 9.88 -2.17
C GLU D 194 20.79 9.67 -1.48
N VAL D 195 21.03 10.38 -0.39
CA VAL D 195 22.30 10.29 0.33
C VAL D 195 22.33 9.02 1.19
N PRO D 196 23.37 8.17 1.03
CA PRO D 196 23.45 6.94 1.83
C PRO D 196 23.57 7.23 3.33
N LEU D 197 23.20 6.26 4.16
CA LEU D 197 23.26 6.46 5.61
C LEU D 197 24.46 5.78 6.25
N ILE D 198 25.13 6.49 7.15
CA ILE D 198 26.16 5.86 7.95
C ILE D 198 25.28 5.38 9.11
N GLU D 199 25.57 4.18 9.60
CA GLU D 199 24.87 3.59 10.72
C GLU D 199 25.91 3.08 11.73
N TYR D 200 25.68 3.32 13.01
CA TYR D 200 26.59 2.81 14.04
C TYR D 200 25.79 2.65 15.32
N SER D 201 26.28 1.78 16.21
CA SER D 201 25.60 1.49 17.46
C SER D 201 25.86 2.57 18.50
N PHE D 202 24.86 2.86 19.34
CA PHE D 202 25.02 3.82 20.43
C PHE D 202 24.46 3.01 21.61
N TYR D 203 25.27 2.80 22.63
CA TYR D 203 24.88 1.93 23.70
C TYR D 203 24.02 2.55 24.80
N SER D 204 24.23 3.84 25.04
CA SER D 204 23.50 4.60 26.04
C SER D 204 23.77 4.11 27.48
N ASP D 205 22.89 4.54 28.40
CA ASP D 205 23.02 4.17 29.78
C ASP D 205 22.99 2.64 29.90
N GLU D 206 23.70 2.14 30.89
CA GLU D 206 23.80 0.71 31.16
C GLU D 206 22.42 0.02 31.23
N SER D 207 21.40 0.78 31.63
CA SER D 207 20.03 0.25 31.73
C SER D 207 19.40 -0.14 30.39
N LEU D 208 19.89 0.43 29.28
CA LEU D 208 19.31 0.12 27.95
C LEU D 208 19.68 -1.32 27.56
N GLN D 209 18.67 -2.18 27.44
CA GLN D 209 18.93 -3.59 27.15
C GLN D 209 19.48 -3.90 25.77
N TYR D 210 18.94 -3.21 24.75
CA TYR D 210 19.37 -3.37 23.35
C TYR D 210 19.99 -2.06 22.83
N PRO D 211 21.19 -2.14 22.23
CA PRO D 211 21.81 -0.92 21.72
C PRO D 211 20.89 -0.32 20.65
N LYS D 212 21.04 0.98 20.42
CA LYS D 212 20.29 1.76 19.44
C LYS D 212 21.18 1.95 18.19
N THR D 213 20.61 1.91 17.01
CA THR D 213 21.39 2.13 15.80
C THR D 213 21.18 3.59 15.36
N VAL D 214 22.24 4.38 15.34
CA VAL D 214 22.08 5.76 14.90
C VAL D 214 22.23 5.74 13.36
N ARG D 215 21.44 6.55 12.66
CA ARG D 215 21.60 6.63 11.21
C ARG D 215 21.58 8.08 10.75
N ILE D 216 22.57 8.42 9.93
CA ILE D 216 22.75 9.80 9.46
C ILE D 216 23.00 9.81 7.96
N PRO D 217 22.26 10.67 7.21
CA PRO D 217 22.45 10.77 5.76
C PRO D 217 23.83 11.45 5.74
N TYR D 218 24.84 10.76 5.22
CA TYR D 218 26.22 11.24 5.23
C TYR D 218 26.84 10.82 3.89
N PRO D 219 27.20 11.80 3.03
CA PRO D 219 27.79 11.43 1.74
C PRO D 219 29.29 11.21 1.89
N LYS D 220 29.75 9.97 1.64
CA LYS D 220 31.18 9.72 1.72
C LYS D 220 31.75 10.12 0.33
N ALA D 221 33.07 10.16 0.18
CA ALA D 221 33.64 10.62 -1.09
C ALA D 221 33.05 9.95 -2.34
N GLY D 222 32.59 10.78 -3.29
CA GLY D 222 32.06 10.25 -4.53
C GLY D 222 30.62 9.78 -4.48
N ALA D 223 29.99 9.84 -3.32
CA ALA D 223 28.61 9.37 -3.23
C ALA D 223 27.59 10.46 -3.59
N GLU D 224 26.32 10.08 -3.69
CA GLU D 224 25.25 11.05 -3.97
C GLU D 224 25.21 12.08 -2.84
N ASN D 225 25.16 13.37 -3.19
CA ASN D 225 25.13 14.47 -2.24
C ASN D 225 23.75 15.01 -2.01
N PRO D 226 23.56 15.75 -0.92
CA PRO D 226 22.23 16.32 -0.69
C PRO D 226 22.08 17.41 -1.77
N THR D 227 20.83 17.70 -2.15
CA THR D 227 20.59 18.78 -3.11
C THR D 227 20.06 19.94 -2.32
N VAL D 228 20.17 21.15 -2.87
CA VAL D 228 19.73 22.31 -2.12
C VAL D 228 18.87 23.26 -2.96
N LYS D 229 17.93 23.94 -2.30
CA LYS D 229 17.08 24.97 -2.93
C LYS D 229 17.16 26.17 -2.01
N PHE D 230 17.19 27.38 -2.60
CA PHE D 230 17.25 28.60 -1.80
C PHE D 230 15.99 29.43 -2.06
N PHE D 231 15.34 29.89 -0.98
CA PHE D 231 14.11 30.67 -1.11
C PHE D 231 14.11 32.00 -0.37
N VAL D 232 13.33 32.95 -0.87
CA VAL D 232 13.17 34.21 -0.18
C VAL D 232 11.67 34.35 0.06
N VAL D 233 11.29 34.42 1.33
CA VAL D 233 9.88 34.54 1.68
C VAL D 233 9.54 36.00 1.96
N ASP D 234 8.44 36.50 1.38
CA ASP D 234 8.00 37.88 1.64
C ASP D 234 7.07 37.69 2.83
N THR D 235 7.54 38.09 4.01
CA THR D 235 6.77 37.92 5.22
C THR D 235 5.57 38.86 5.37
N ARG D 236 5.53 39.88 4.53
CA ARG D 236 4.44 40.85 4.58
C ARG D 236 3.05 40.23 4.34
N THR D 237 2.97 39.18 3.53
CA THR D 237 1.69 38.55 3.24
C THR D 237 1.33 37.36 4.14
N LEU D 238 2.19 37.07 5.11
CA LEU D 238 1.94 35.94 6.01
C LEU D 238 0.62 36.14 6.70
N SER D 239 -0.24 35.12 6.64
CA SER D 239 -1.56 35.22 7.25
C SER D 239 -2.17 33.82 7.27
N PRO D 240 -2.93 33.48 8.33
CA PRO D 240 -3.51 32.13 8.38
C PRO D 240 -4.28 31.67 7.14
N ASN D 241 -4.95 32.59 6.45
CA ASN D 241 -5.72 32.23 5.26
C ASN D 241 -5.02 32.58 3.94
N ALA D 242 -3.73 32.93 4.03
CA ALA D 242 -2.96 33.26 2.84
C ALA D 242 -1.92 32.16 2.60
N SER D 243 -1.53 31.98 1.34
CA SER D 243 -0.50 31.01 0.99
C SER D 243 0.81 31.75 1.31
N VAL D 244 1.91 31.04 1.16
CA VAL D 244 3.22 31.64 1.37
C VAL D 244 3.72 32.22 0.06
N THR D 245 4.17 33.45 0.11
CA THR D 245 4.72 34.15 -1.05
C THR D 245 6.24 33.94 -0.99
N SER D 246 6.78 33.18 -1.93
CA SER D 246 8.21 32.96 -1.93
C SER D 246 8.75 32.78 -3.35
N TYR D 247 10.04 33.05 -3.49
CA TYR D 247 10.70 32.95 -4.77
C TYR D 247 11.99 32.15 -4.59
N GLN D 248 12.18 31.16 -5.45
CA GLN D 248 13.37 30.32 -5.39
C GLN D 248 14.40 30.92 -6.33
N ILE D 249 15.60 31.19 -5.79
CA ILE D 249 16.70 31.72 -6.56
C ILE D 249 17.61 30.53 -6.93
N VAL D 250 17.83 30.32 -8.22
CA VAL D 250 18.65 29.21 -8.66
C VAL D 250 20.08 29.69 -8.96
N PRO D 251 21.07 28.79 -8.89
CA PRO D 251 22.41 29.31 -9.18
C PRO D 251 22.60 29.64 -10.67
N PRO D 252 23.61 30.46 -10.97
CA PRO D 252 23.85 30.80 -12.37
C PRO D 252 24.05 29.50 -13.14
N ALA D 253 23.82 29.56 -14.45
CA ALA D 253 23.93 28.38 -15.32
C ALA D 253 25.26 27.64 -15.25
N SER D 254 26.35 28.36 -15.11
CA SER D 254 27.67 27.73 -15.05
C SER D 254 27.86 26.77 -13.86
N VAL D 255 26.98 26.87 -12.88
CA VAL D 255 27.02 26.04 -11.69
C VAL D 255 25.81 25.11 -11.64
N LEU D 256 24.66 25.62 -12.11
CA LEU D 256 23.41 24.89 -12.12
C LEU D 256 23.55 23.62 -12.97
N ILE D 257 24.51 23.66 -13.89
CA ILE D 257 24.80 22.56 -14.82
C ILE D 257 25.08 21.23 -14.16
N GLY D 258 25.61 21.25 -12.94
CA GLY D 258 25.91 19.99 -12.27
C GLY D 258 25.79 20.10 -10.77
N ASP D 259 26.27 19.06 -10.06
CA ASP D 259 26.21 19.07 -8.59
C ASP D 259 26.91 20.32 -8.12
N HIS D 260 26.35 20.98 -7.12
CA HIS D 260 26.94 22.19 -6.58
C HIS D 260 26.49 22.31 -5.12
N TYR D 261 27.00 23.33 -4.46
CA TYR D 261 26.65 23.62 -3.08
C TYR D 261 26.35 25.10 -2.99
N LEU D 262 25.51 25.44 -2.02
CA LEU D 262 25.24 26.84 -1.73
C LEU D 262 26.26 27.11 -0.60
N CYS D 263 27.14 28.11 -0.73
CA CYS D 263 28.10 28.30 0.35
C CYS D 263 28.11 29.64 1.03
N GLY D 264 27.20 30.52 0.65
CA GLY D 264 27.17 31.81 1.30
C GLY D 264 25.95 32.63 0.95
N VAL D 265 25.44 33.33 1.96
CA VAL D 265 24.27 34.21 1.81
C VAL D 265 24.57 35.52 2.51
N THR D 266 24.46 36.63 1.78
CA THR D 266 24.70 37.93 2.39
C THR D 266 23.66 38.95 1.93
N TRP D 267 22.89 39.47 2.88
CA TRP D 267 21.91 40.49 2.56
C TRP D 267 22.72 41.81 2.38
N VAL D 268 22.45 42.53 1.28
CA VAL D 268 23.14 43.78 0.97
C VAL D 268 22.23 44.95 1.37
N THR D 269 20.98 44.92 0.92
CA THR D 269 19.98 45.92 1.30
C THR D 269 18.66 45.16 1.35
N GLU D 270 17.58 45.83 1.75
CA GLU D 270 16.27 45.18 1.81
C GLU D 270 15.88 44.58 0.47
N GLU D 271 16.46 45.09 -0.61
CA GLU D 271 16.10 44.61 -1.94
C GLU D 271 17.24 44.06 -2.77
N ARG D 272 18.32 43.67 -2.13
CA ARG D 272 19.45 43.09 -2.84
C ARG D 272 20.07 42.04 -1.94
N ILE D 273 20.25 40.84 -2.49
CA ILE D 273 20.83 39.75 -1.71
C ILE D 273 21.96 39.15 -2.52
N SER D 274 23.04 38.76 -1.85
CA SER D 274 24.19 38.15 -2.52
C SER D 274 24.26 36.66 -2.21
N LEU D 275 24.28 35.82 -3.25
CA LEU D 275 24.36 34.37 -3.03
C LEU D 275 25.69 33.90 -3.56
N GLN D 276 26.33 32.99 -2.83
CA GLN D 276 27.61 32.48 -3.31
C GLN D 276 27.48 30.98 -3.50
N TRP D 277 27.79 30.53 -4.71
CA TRP D 277 27.69 29.11 -5.03
C TRP D 277 29.04 28.55 -5.46
N ILE D 278 29.19 27.23 -5.32
CA ILE D 278 30.41 26.59 -5.73
C ILE D 278 30.06 25.25 -6.35
N ARG D 279 30.82 24.84 -7.36
CA ARG D 279 30.58 23.56 -8.01
C ARG D 279 31.05 22.44 -7.10
N ARG D 280 30.54 21.24 -7.31
CA ARG D 280 30.97 20.11 -6.48
C ARG D 280 32.50 20.00 -6.59
N ALA D 281 33.03 20.28 -7.79
CA ALA D 281 34.48 20.32 -8.02
C ALA D 281 34.69 21.72 -7.49
N GLN D 282 35.22 21.82 -6.28
CA GLN D 282 35.38 23.09 -5.59
C GLN D 282 36.49 24.04 -6.02
N ASN D 283 36.71 24.15 -7.32
CA ASN D 283 37.72 25.08 -7.83
C ASN D 283 37.04 26.20 -8.67
N TYR D 284 35.70 26.23 -8.62
CA TYR D 284 34.91 27.22 -9.35
C TYR D 284 33.76 27.71 -8.46
N SER D 285 33.79 29.00 -8.11
CA SER D 285 32.77 29.59 -7.28
C SER D 285 32.18 30.81 -8.03
N ILE D 286 30.96 31.22 -7.68
CA ILE D 286 30.35 32.37 -8.31
C ILE D 286 29.42 33.10 -7.36
N ILE D 287 29.53 34.42 -7.34
CA ILE D 287 28.70 35.25 -6.51
C ILE D 287 27.66 35.80 -7.47
N ASP D 288 26.39 35.68 -7.08
CA ASP D 288 25.24 36.12 -7.87
C ASP D 288 24.49 37.12 -6.98
N ILE D 289 24.44 38.38 -7.43
CA ILE D 289 23.81 39.45 -6.69
C ILE D 289 22.45 39.74 -7.31
N CYS D 290 21.42 39.35 -6.58
CA CYS D 290 20.03 39.42 -7.01
C CYS D 290 19.25 40.61 -6.47
N ASP D 291 18.48 41.23 -7.37
CA ASP D 291 17.70 42.42 -7.03
C ASP D 291 16.21 42.13 -7.06
N TYR D 292 15.51 42.59 -6.04
CA TYR D 292 14.06 42.40 -5.94
C TYR D 292 13.42 43.30 -7.03
N ASP D 293 12.39 42.79 -7.67
CA ASP D 293 11.62 43.52 -8.70
C ASP D 293 10.27 43.78 -8.05
N GLU D 294 10.03 45.01 -7.63
CA GLU D 294 8.79 45.34 -6.95
C GLU D 294 7.50 45.02 -7.71
N SER D 295 7.56 44.92 -9.03
CA SER D 295 6.33 44.68 -9.79
C SER D 295 5.95 43.21 -9.95
N THR D 296 6.89 42.30 -9.65
CA THR D 296 6.64 40.87 -9.79
C THR D 296 6.98 40.05 -8.53
N GLY D 297 7.72 40.62 -7.58
CA GLY D 297 8.12 39.85 -6.41
C GLY D 297 9.32 38.94 -6.69
N ARG D 298 9.79 38.95 -7.92
CA ARG D 298 10.92 38.13 -8.29
C ARG D 298 12.27 38.70 -7.83
N TRP D 299 13.27 37.83 -7.68
CA TRP D 299 14.61 38.27 -7.33
C TRP D 299 15.35 38.02 -8.62
N ILE D 300 15.84 39.09 -9.23
CA ILE D 300 16.48 38.97 -10.53
C ILE D 300 17.99 39.05 -10.57
N SER D 301 18.60 38.16 -11.35
CA SER D 301 20.05 38.18 -11.46
C SER D 301 20.44 38.63 -12.86
N SER D 302 21.67 39.10 -13.01
CA SER D 302 22.16 39.53 -14.31
C SER D 302 23.65 39.27 -14.39
N VAL D 303 24.11 38.93 -15.60
CA VAL D 303 25.51 38.63 -15.85
C VAL D 303 26.45 39.70 -15.32
N ALA D 304 26.03 40.96 -15.41
CA ALA D 304 26.84 42.07 -14.94
C ALA D 304 27.10 42.02 -13.43
N ARG D 305 26.16 41.42 -12.70
CA ARG D 305 26.25 41.34 -11.26
C ARG D 305 26.77 40.00 -10.73
N GLN D 306 27.34 39.20 -11.63
CA GLN D 306 27.89 37.91 -11.26
C GLN D 306 29.42 38.00 -11.23
N HIS D 307 30.03 37.34 -10.23
CA HIS D 307 31.49 37.35 -10.08
C HIS D 307 32.07 35.97 -9.85
N ILE D 308 32.83 35.51 -10.83
CA ILE D 308 33.47 34.21 -10.87
C ILE D 308 34.85 34.13 -10.18
N GLU D 309 35.02 33.12 -9.34
CA GLU D 309 36.30 32.93 -8.66
C GLU D 309 36.73 31.49 -8.93
N ILE D 310 37.87 31.35 -9.59
CA ILE D 310 38.40 30.03 -9.90
C ILE D 310 39.82 29.91 -9.34
N SER D 311 40.31 28.69 -9.27
CA SER D 311 41.66 28.42 -8.81
C SER D 311 42.18 27.41 -9.80
N THR D 312 43.33 27.69 -10.41
CA THR D 312 43.89 26.75 -11.37
C THR D 312 44.91 25.84 -10.67
N THR D 313 45.28 26.19 -9.45
CA THR D 313 46.26 25.40 -8.70
C THR D 313 45.67 24.48 -7.63
N GLY D 314 44.43 24.72 -7.23
CA GLY D 314 43.82 23.88 -6.22
C GLY D 314 42.33 24.15 -6.08
N TRP D 315 41.91 24.44 -4.85
CA TRP D 315 40.53 24.72 -4.54
C TRP D 315 40.38 26.20 -4.30
N VAL D 316 39.14 26.67 -4.23
CA VAL D 316 38.86 28.07 -4.00
C VAL D 316 38.74 28.38 -2.50
N GLY D 317 39.50 29.38 -2.04
CA GLY D 317 39.43 29.79 -0.65
C GLY D 317 40.20 28.90 0.31
N ARG D 318 40.02 29.11 1.61
CA ARG D 318 40.73 28.29 2.60
C ARG D 318 39.98 26.99 2.84
N PHE D 319 38.75 27.06 3.33
CA PHE D 319 37.87 25.91 3.55
C PHE D 319 36.55 26.14 2.77
N ARG D 320 36.44 27.35 2.22
CA ARG D 320 35.31 27.79 1.39
C ARG D 320 35.68 29.20 0.93
N PRO D 321 35.09 29.65 -0.19
CA PRO D 321 35.45 31.01 -0.63
C PRO D 321 35.20 32.07 0.41
N ALA D 322 36.06 33.09 0.47
CA ALA D 322 35.90 34.17 1.44
C ALA D 322 34.58 34.83 1.11
N GLU D 323 33.96 35.48 2.08
CA GLU D 323 32.69 36.11 1.82
C GLU D 323 32.79 37.61 1.46
N PRO D 324 31.83 38.11 0.68
CA PRO D 324 31.81 39.53 0.28
C PRO D 324 31.35 40.50 1.37
N HIS D 325 32.02 41.64 1.50
CA HIS D 325 31.65 42.68 2.45
C HIS D 325 31.23 43.88 1.61
N PHE D 326 29.91 44.13 1.56
CA PHE D 326 29.31 45.21 0.76
C PHE D 326 29.26 46.56 1.45
N THR D 327 29.35 47.61 0.64
CA THR D 327 29.23 48.97 1.13
C THR D 327 27.75 49.10 1.47
N SER D 328 27.42 50.10 2.28
CA SER D 328 26.05 50.35 2.73
C SER D 328 25.04 50.52 1.60
N ASP D 329 25.45 51.15 0.52
CA ASP D 329 24.57 51.38 -0.62
C ASP D 329 24.47 50.12 -1.49
N GLY D 330 25.42 49.21 -1.29
CA GLY D 330 25.43 47.97 -2.03
C GLY D 330 25.98 47.99 -3.44
N ASN D 331 26.58 49.11 -3.87
CA ASN D 331 27.11 49.18 -5.23
C ASN D 331 28.52 48.62 -5.38
N SER D 332 29.19 48.32 -4.27
CA SER D 332 30.51 47.72 -4.36
C SER D 332 30.75 46.83 -3.14
N PHE D 333 31.72 45.93 -3.23
CA PHE D 333 32.02 45.06 -2.09
C PHE D 333 33.50 44.75 -2.06
N TYR D 334 33.96 44.31 -0.90
CA TYR D 334 35.35 43.95 -0.66
C TYR D 334 35.43 42.46 -0.31
N LYS D 335 36.34 41.74 -0.94
CA LYS D 335 36.48 40.30 -0.71
C LYS D 335 37.89 39.78 -0.87
N ILE D 336 38.29 38.90 0.06
CA ILE D 336 39.61 38.30 -0.01
C ILE D 336 39.64 37.23 -1.11
N ILE D 337 40.66 37.32 -1.97
CA ILE D 337 40.84 36.34 -3.04
C ILE D 337 42.34 36.18 -3.23
N SER D 338 42.74 35.11 -3.90
CA SER D 338 44.15 34.86 -4.17
C SER D 338 44.70 35.82 -5.24
N ASN D 339 45.91 36.32 -4.99
CA ASN D 339 46.67 37.23 -5.87
C ASN D 339 47.15 36.49 -7.08
N GLU D 340 47.84 37.22 -7.97
CA GLU D 340 48.44 36.63 -9.16
C GLU D 340 49.74 35.99 -8.63
N GLU D 341 50.05 36.29 -7.37
CA GLU D 341 51.23 35.75 -6.72
C GLU D 341 50.84 34.59 -5.79
N GLY D 342 49.54 34.35 -5.65
CA GLY D 342 49.07 33.27 -4.81
C GLY D 342 48.81 33.67 -3.36
N TYR D 343 48.91 34.96 -3.04
CA TYR D 343 48.63 35.36 -1.68
C TYR D 343 47.25 35.94 -1.61
N LYS D 344 46.51 35.56 -0.57
CA LYS D 344 45.16 36.04 -0.40
C LYS D 344 45.14 37.44 0.16
N HIS D 345 44.53 38.33 -0.61
CA HIS D 345 44.44 39.72 -0.24
C HIS D 345 43.06 40.27 -0.56
N ILE D 346 42.77 41.46 -0.02
CA ILE D 346 41.48 42.09 -0.25
C ILE D 346 41.39 42.78 -1.62
N CYS D 347 40.37 42.42 -2.43
CA CYS D 347 40.15 43.03 -3.74
C CYS D 347 38.85 43.83 -3.63
N HIS D 348 38.84 45.01 -4.27
CA HIS D 348 37.65 45.87 -4.26
C HIS D 348 36.85 45.59 -5.54
N PHE D 349 35.59 45.19 -5.38
CA PHE D 349 34.73 44.91 -6.52
C PHE D 349 33.62 45.93 -6.62
N GLN D 350 33.21 46.21 -7.85
CA GLN D 350 32.10 47.11 -8.11
C GLN D 350 31.00 46.07 -8.32
N THR D 351 29.84 46.25 -7.70
CA THR D 351 28.78 45.26 -7.85
C THR D 351 28.46 44.81 -9.28
N ASP D 352 28.56 45.71 -10.26
CA ASP D 352 28.24 45.33 -11.64
C ASP D 352 29.39 45.31 -12.66
N LYS D 353 30.62 45.27 -12.17
CA LYS D 353 31.80 45.23 -13.03
C LYS D 353 32.56 43.96 -12.63
N SER D 354 33.19 43.29 -13.59
CA SER D 354 33.90 42.03 -13.30
C SER D 354 35.34 42.15 -12.82
N ASN D 355 36.01 43.26 -13.14
CA ASN D 355 37.40 43.44 -12.73
C ASN D 355 37.43 44.08 -11.35
N CYS D 356 38.39 43.67 -10.53
CA CYS D 356 38.50 44.24 -9.19
C CYS D 356 39.89 44.82 -8.98
N THR D 357 40.03 45.62 -7.94
CA THR D 357 41.31 46.22 -7.61
C THR D 357 41.79 45.79 -6.21
N PHE D 358 42.96 45.17 -6.15
CA PHE D 358 43.51 44.76 -4.85
C PHE D 358 43.90 45.98 -4.02
N ILE D 359 43.44 46.03 -2.77
CA ILE D 359 43.78 47.16 -1.93
C ILE D 359 44.86 46.80 -0.88
N THR D 360 45.30 45.55 -0.87
CA THR D 360 46.38 45.09 0.02
C THR D 360 47.25 44.17 -0.82
N LYS D 361 48.49 43.99 -0.42
CA LYS D 361 49.41 43.15 -1.16
C LYS D 361 50.67 42.90 -0.32
N GLY D 362 51.41 41.88 -0.71
CA GLY D 362 52.62 41.52 0.00
C GLY D 362 52.71 40.00 0.23
N ALA D 363 53.89 39.49 0.58
CA ALA D 363 54.06 38.07 0.81
C ALA D 363 53.58 37.68 2.22
N TRP D 364 52.32 37.99 2.49
CA TRP D 364 51.64 37.66 3.74
C TRP D 364 50.16 37.55 3.30
N GLU D 365 49.26 37.33 4.25
CA GLU D 365 47.86 37.21 3.91
C GLU D 365 46.89 37.89 4.84
N VAL D 366 45.76 38.28 4.27
CA VAL D 366 44.69 38.89 5.03
C VAL D 366 43.86 37.68 5.50
N ILE D 367 43.55 37.62 6.78
CA ILE D 367 42.77 36.52 7.37
C ILE D 367 41.27 36.74 7.15
N GLY D 368 40.82 37.96 7.48
CA GLY D 368 39.41 38.30 7.31
C GLY D 368 39.11 39.78 7.43
N ILE D 369 37.99 40.19 6.85
CA ILE D 369 37.55 41.58 6.94
C ILE D 369 36.64 41.62 8.16
N GLU D 370 36.94 42.50 9.10
CA GLU D 370 36.17 42.61 10.34
C GLU D 370 35.06 43.63 10.32
N ALA D 371 35.34 44.80 9.77
CA ALA D 371 34.34 45.86 9.71
C ALA D 371 34.61 46.78 8.51
N LEU D 372 33.58 47.52 8.10
CA LEU D 372 33.68 48.41 6.96
C LEU D 372 32.77 49.62 7.13
N THR D 373 33.33 50.82 7.01
CA THR D 373 32.54 52.05 7.12
C THR D 373 32.69 52.77 5.79
N SER D 374 32.09 53.96 5.67
CA SER D 374 32.20 54.69 4.42
C SER D 374 33.65 55.12 4.17
N ASP D 375 34.41 55.35 5.24
CA ASP D 375 35.79 55.78 5.13
C ASP D 375 36.88 54.73 5.32
N TYR D 376 36.63 53.76 6.19
CA TYR D 376 37.65 52.75 6.47
C TYR D 376 37.16 51.30 6.41
N LEU D 377 38.12 50.40 6.33
CA LEU D 377 37.88 48.97 6.33
C LEU D 377 38.90 48.43 7.31
N TYR D 378 38.44 47.62 8.26
CA TYR D 378 39.33 47.02 9.25
C TYR D 378 39.48 45.55 8.92
N TYR D 379 40.71 45.07 8.98
CA TYR D 379 40.94 43.66 8.67
C TYR D 379 42.02 43.06 9.57
N ILE D 380 42.15 41.75 9.49
CA ILE D 380 43.12 41.02 10.30
C ILE D 380 44.06 40.31 9.34
N SER D 381 45.36 40.38 9.63
CA SER D 381 46.35 39.72 8.79
C SER D 381 47.55 39.30 9.60
N ASN D 382 48.42 38.49 8.98
CA ASN D 382 49.64 38.04 9.64
C ASN D 382 50.86 38.80 9.08
N GLU D 383 50.66 40.04 8.63
CA GLU D 383 51.78 40.81 8.06
C GLU D 383 52.88 41.16 9.07
N HIS D 384 52.50 41.52 10.27
CA HIS D 384 53.45 41.93 11.28
C HIS D 384 54.62 40.95 11.52
N LYS D 385 55.83 41.50 11.54
CA LYS D 385 57.04 40.71 11.79
C LYS D 385 57.21 39.59 10.79
N GLY D 386 56.41 39.58 9.74
CA GLY D 386 56.52 38.51 8.78
C GLY D 386 56.21 37.15 9.42
N MET D 387 55.46 37.14 10.51
CA MET D 387 55.11 35.86 11.19
C MET D 387 53.75 35.35 10.73
N PRO D 388 53.74 34.26 9.96
CA PRO D 388 52.44 33.77 9.52
C PRO D 388 51.51 33.32 10.64
N GLY D 389 52.10 32.95 11.79
CA GLY D 389 51.33 32.50 12.94
C GLY D 389 50.93 33.59 13.92
N GLY D 390 51.06 34.85 13.49
CA GLY D 390 50.66 35.96 14.32
C GLY D 390 49.45 36.65 13.69
N ARG D 391 48.70 37.44 14.45
CA ARG D 391 47.49 38.14 13.95
C ARG D 391 47.37 39.55 14.53
N ASN D 392 47.06 40.52 13.67
CA ASN D 392 46.91 41.88 14.14
C ASN D 392 45.77 42.60 13.40
N LEU D 393 45.15 43.59 14.05
CA LEU D 393 44.05 44.35 13.47
C LEU D 393 44.61 45.59 12.77
N TYR D 394 44.24 45.75 11.49
CA TYR D 394 44.69 46.89 10.69
C TYR D 394 43.49 47.69 10.18
N ARG D 395 43.72 48.95 9.84
CA ARG D 395 42.68 49.81 9.29
C ARG D 395 43.22 50.51 8.04
N ILE D 396 42.56 50.31 6.90
CA ILE D 396 43.00 50.91 5.66
C ILE D 396 42.03 52.03 5.22
N GLN D 397 42.56 53.06 4.57
CA GLN D 397 41.75 54.17 4.08
C GLN D 397 41.17 53.83 2.71
N LEU D 398 39.86 53.83 2.59
CA LEU D 398 39.19 53.49 1.33
C LEU D 398 39.53 54.47 0.21
N ASN D 399 39.79 55.72 0.56
CA ASN D 399 40.13 56.74 -0.45
C ASN D 399 41.63 56.79 -0.74
N ASP D 400 42.40 55.92 -0.08
CA ASP D 400 43.86 55.87 -0.28
C ASP D 400 44.45 54.62 0.38
N TYR D 401 44.65 53.59 -0.43
CA TYR D 401 45.19 52.31 0.03
C TYR D 401 46.65 52.41 0.50
N THR D 402 47.14 53.64 0.59
CA THR D 402 48.50 53.91 1.02
C THR D 402 48.51 54.08 2.52
N LYS D 403 47.39 54.59 3.04
CA LYS D 403 47.27 54.83 4.47
C LYS D 403 46.64 53.66 5.21
N VAL D 404 47.52 52.82 5.75
CA VAL D 404 47.16 51.62 6.51
C VAL D 404 47.81 51.72 7.89
N THR D 405 47.00 51.60 8.93
CA THR D 405 47.52 51.66 10.30
C THR D 405 47.25 50.35 11.06
N CYS D 406 48.24 49.88 11.81
CA CYS D 406 48.08 48.67 12.60
C CYS D 406 47.66 49.13 13.97
N LEU D 407 46.41 48.85 14.30
CA LEU D 407 45.83 49.26 15.57
C LEU D 407 46.23 48.44 16.78
N SER D 408 46.85 47.28 16.58
CA SER D 408 47.18 46.42 17.73
C SER D 408 48.65 46.03 17.86
N CYS D 409 49.39 46.09 16.77
CA CYS D 409 50.79 45.70 16.73
C CYS D 409 51.65 46.13 17.91
N GLU D 410 51.58 47.40 18.24
CA GLU D 410 52.41 47.93 19.31
C GLU D 410 51.76 48.17 20.65
N LEU D 411 50.56 47.63 20.88
CA LEU D 411 49.91 47.83 22.18
C LEU D 411 50.66 47.10 23.30
N ASN D 412 51.10 45.88 23.03
CA ASN D 412 51.84 45.04 23.98
C ASN D 412 52.61 44.07 23.12
N PRO D 413 53.54 44.57 22.30
CA PRO D 413 54.33 43.72 21.40
C PRO D 413 54.96 42.43 21.93
N GLU D 414 55.28 42.36 23.21
CA GLU D 414 55.89 41.14 23.73
C GLU D 414 54.83 40.14 24.17
N ARG D 415 53.77 40.64 24.80
CA ARG D 415 52.69 39.80 25.30
C ARG D 415 51.60 39.45 24.28
N CYS D 416 51.31 40.39 23.38
CA CYS D 416 50.25 40.22 22.38
C CYS D 416 50.67 40.29 20.94
N GLN D 417 50.62 39.15 20.25
CA GLN D 417 51.00 39.04 18.86
C GLN D 417 49.91 38.30 18.07
N TYR D 418 48.82 37.94 18.74
CA TYR D 418 47.71 37.21 18.13
C TYR D 418 46.38 37.77 18.64
N TYR D 419 45.72 38.56 17.79
CA TYR D 419 44.46 39.20 18.16
C TYR D 419 43.29 38.87 17.25
N SER D 420 42.08 39.04 17.81
CA SER D 420 40.85 38.93 17.03
C SER D 420 40.14 40.20 17.51
N ALA D 421 39.10 40.62 16.79
CA ALA D 421 38.37 41.83 17.20
C ALA D 421 36.86 41.71 17.06
N SER D 422 36.15 42.57 17.78
CA SER D 422 34.71 42.61 17.72
C SER D 422 34.29 44.08 17.72
N PHE D 423 33.75 44.56 16.60
CA PHE D 423 33.32 45.96 16.42
C PHE D 423 31.87 46.21 16.76
N SER D 424 31.57 47.42 17.27
CA SER D 424 30.21 47.81 17.62
C SER D 424 29.43 48.05 16.32
N ASN D 425 28.12 48.30 16.46
CA ASN D 425 27.26 48.50 15.29
C ASN D 425 27.75 49.34 14.13
N LYS D 426 28.27 50.54 14.38
CA LYS D 426 28.75 51.34 13.24
C LYS D 426 30.26 51.44 13.27
N ALA D 427 30.88 50.49 13.96
CA ALA D 427 32.34 50.44 14.07
C ALA D 427 32.90 51.60 14.87
N LYS D 428 32.07 52.18 15.74
CA LYS D 428 32.49 53.30 16.57
C LYS D 428 33.43 52.81 17.68
N TYR D 429 33.25 51.55 18.08
CA TYR D 429 34.06 50.97 19.13
C TYR D 429 34.43 49.53 18.77
N TYR D 430 35.47 49.01 19.41
CA TYR D 430 35.86 47.63 19.19
C TYR D 430 36.56 47.06 20.39
N GLN D 431 36.41 45.76 20.55
CA GLN D 431 37.06 45.05 21.63
C GLN D 431 38.22 44.32 20.97
N LEU D 432 39.39 44.37 21.58
CA LEU D 432 40.54 43.67 21.05
C LEU D 432 40.74 42.46 21.94
N ARG D 433 40.97 41.31 21.34
CA ARG D 433 41.19 40.08 22.08
C ARG D 433 42.58 39.55 21.80
N CYS D 434 43.44 39.68 22.80
CA CYS D 434 44.82 39.19 22.70
C CYS D 434 44.86 37.76 23.24
N PHE D 435 45.30 36.81 22.43
CA PHE D 435 45.34 35.42 22.86
C PHE D 435 46.72 34.85 23.16
N GLY D 436 47.76 35.67 23.01
CA GLY D 436 49.11 35.17 23.27
C GLY D 436 50.17 36.03 22.63
N PRO D 437 51.47 35.70 22.78
CA PRO D 437 52.00 34.56 23.53
C PRO D 437 51.90 34.65 25.05
N GLY D 438 51.60 35.84 25.56
CA GLY D 438 51.44 36.01 26.98
C GLY D 438 49.99 35.72 27.35
N LEU D 439 49.63 35.94 28.60
CA LEU D 439 48.26 35.69 29.05
C LEU D 439 47.26 36.53 28.27
N PRO D 440 46.12 35.92 27.89
CA PRO D 440 45.09 36.63 27.14
C PRO D 440 44.76 37.93 27.81
N LEU D 441 44.52 38.96 26.98
CA LEU D 441 44.23 40.31 27.47
C LEU D 441 43.08 40.88 26.62
N TYR D 442 41.99 41.24 27.28
CA TYR D 442 40.82 41.80 26.61
C TYR D 442 40.73 43.29 26.93
N THR D 443 40.62 44.11 25.88
CA THR D 443 40.56 45.55 26.05
C THR D 443 39.48 46.16 25.16
N LEU D 444 39.02 47.34 25.51
CA LEU D 444 38.00 48.04 24.74
C LEU D 444 38.61 49.30 24.11
N HIS D 445 38.32 49.53 22.84
CA HIS D 445 38.84 50.71 22.13
C HIS D 445 37.84 51.54 21.36
N SER D 446 38.03 52.86 21.40
CA SER D 446 37.19 53.80 20.66
C SER D 446 37.84 54.03 19.30
N SER D 447 37.10 53.83 18.22
CA SER D 447 37.65 54.01 16.89
C SER D 447 38.06 55.44 16.57
N SER D 448 37.46 56.40 17.26
CA SER D 448 37.72 57.83 17.07
C SER D 448 39.20 58.22 17.18
N SER D 449 39.79 57.98 18.34
CA SER D 449 41.21 58.31 18.56
C SER D 449 41.99 57.06 18.90
N ASP D 450 41.37 55.91 18.65
CA ASP D 450 42.01 54.61 18.92
C ASP D 450 42.61 54.53 20.30
N LYS D 451 42.07 55.29 21.24
CA LYS D 451 42.57 55.27 22.61
C LYS D 451 41.94 54.10 23.37
N GLU D 452 42.75 53.43 24.18
CA GLU D 452 42.27 52.30 24.96
C GLU D 452 41.37 52.83 26.07
N LEU D 453 40.08 52.61 25.94
CA LEU D 453 39.12 53.07 26.92
C LEU D 453 39.35 52.40 28.27
N ARG D 454 39.53 51.08 28.25
CA ARG D 454 39.78 50.34 29.48
C ARG D 454 40.10 48.87 29.26
N VAL D 455 40.72 48.29 30.27
CA VAL D 455 41.08 46.88 30.26
C VAL D 455 39.84 46.14 30.75
N LEU D 456 39.37 45.18 29.97
CA LEU D 456 38.19 44.40 30.31
C LEU D 456 38.52 43.18 31.18
N GLU D 457 39.63 42.52 30.87
CA GLU D 457 40.07 41.34 31.61
C GLU D 457 41.53 41.15 31.29
N ASP D 458 42.38 41.17 32.31
CA ASP D 458 43.81 41.03 32.08
C ASP D 458 44.44 39.76 32.65
N ASN D 459 43.60 38.88 33.19
CA ASN D 459 44.07 37.62 33.75
C ASN D 459 45.14 37.81 34.81
N SER D 460 45.06 38.92 35.54
CA SER D 460 46.04 39.20 36.58
C SER D 460 46.06 38.07 37.60
N ALA D 461 44.89 37.51 37.88
CA ALA D 461 44.77 36.41 38.83
C ALA D 461 45.53 35.17 38.34
N LEU D 462 45.45 34.89 37.05
CA LEU D 462 46.15 33.73 36.51
C LEU D 462 47.64 34.01 36.57
N ASP D 463 48.03 35.24 36.28
CA ASP D 463 49.43 35.63 36.31
C ASP D 463 49.98 35.37 37.72
N LYS D 464 49.21 35.70 38.74
CA LYS D 464 49.63 35.50 40.12
C LYS D 464 49.90 34.04 40.46
N MET D 465 49.08 33.15 39.90
CA MET D 465 49.24 31.73 40.17
C MET D 465 50.44 31.11 39.48
N LEU D 466 50.63 31.44 38.20
CA LEU D 466 51.71 30.85 37.44
C LEU D 466 53.12 31.22 37.85
N GLN D 467 53.27 32.30 38.58
CA GLN D 467 54.61 32.70 38.99
C GLN D 467 55.12 31.72 40.04
N ASP D 468 54.21 30.86 40.50
CA ASP D 468 54.50 29.85 41.50
C ASP D 468 54.64 28.45 40.85
N VAL D 469 54.63 28.41 39.53
CA VAL D 469 54.74 27.14 38.81
C VAL D 469 55.82 27.18 37.74
N GLN D 470 56.60 26.10 37.63
CA GLN D 470 57.68 26.01 36.65
C GLN D 470 57.10 25.83 35.26
N MET D 471 56.70 26.94 34.65
CA MET D 471 56.13 26.87 33.32
C MET D 471 57.16 26.60 32.24
N PRO D 472 56.77 25.80 31.23
CA PRO D 472 57.69 25.49 30.13
C PRO D 472 57.64 26.73 29.23
N SER D 473 58.55 26.86 28.28
CA SER D 473 58.54 28.03 27.41
C SER D 473 58.25 27.59 25.99
N LYS D 474 57.62 28.46 25.22
CA LYS D 474 57.27 28.15 23.83
C LYS D 474 58.10 29.00 22.87
N LYS D 475 58.91 28.36 22.05
CA LYS D 475 59.74 29.09 21.11
C LYS D 475 59.35 28.78 19.65
N LEU D 476 59.26 29.82 18.84
CA LEU D 476 58.96 29.67 17.42
C LEU D 476 60.19 30.03 16.63
N ASP D 477 60.50 29.22 15.63
CA ASP D 477 61.66 29.47 14.80
C ASP D 477 61.35 28.84 13.45
N VAL D 478 62.36 28.79 12.58
CA VAL D 478 62.14 28.26 11.26
C VAL D 478 63.22 27.28 10.82
N ILE D 479 62.90 26.47 9.82
CA ILE D 479 63.87 25.55 9.25
C ILE D 479 63.62 25.58 7.75
N ASN D 480 64.63 25.20 6.99
CA ASN D 480 64.50 25.19 5.56
C ASN D 480 64.25 23.79 5.05
N LEU D 481 63.27 23.67 4.16
CA LEU D 481 62.95 22.40 3.52
C LEU D 481 62.66 22.66 2.06
N HIS D 482 63.32 21.91 1.19
CA HIS D 482 63.08 22.09 -0.24
C HIS D 482 63.27 23.56 -0.61
N GLY D 483 64.20 24.24 0.05
CA GLY D 483 64.44 25.64 -0.25
C GLY D 483 63.34 26.62 0.13
N THR D 484 62.65 26.35 1.24
CA THR D 484 61.59 27.24 1.71
C THR D 484 61.67 27.33 3.23
N LYS D 485 61.37 28.49 3.79
CA LYS D 485 61.40 28.65 5.24
C LYS D 485 60.03 28.25 5.78
N PHE D 486 60.03 27.28 6.68
CA PHE D 486 58.80 26.78 7.29
C PHE D 486 58.92 26.96 8.79
N TRP D 487 57.81 27.31 9.44
CA TRP D 487 57.82 27.54 10.87
C TRP D 487 57.54 26.28 11.71
N TYR D 488 58.11 26.28 12.90
CA TYR D 488 57.92 25.20 13.85
C TYR D 488 57.91 25.88 15.21
N GLN D 489 57.46 25.15 16.22
CA GLN D 489 57.44 25.67 17.57
C GLN D 489 57.82 24.51 18.45
N MET D 490 58.51 24.79 19.56
CA MET D 490 58.88 23.76 20.52
C MET D 490 58.44 24.26 21.89
N ILE D 491 57.84 23.37 22.68
CA ILE D 491 57.41 23.72 24.03
C ILE D 491 58.57 23.09 24.79
N LEU D 492 59.38 23.95 25.41
CA LEU D 492 60.58 23.53 26.10
C LEU D 492 60.41 23.45 27.61
N PRO D 493 60.87 22.35 28.18
CA PRO D 493 60.80 22.12 29.62
C PRO D 493 61.49 23.28 30.39
N PRO D 494 61.02 23.57 31.61
CA PRO D 494 61.64 24.64 32.42
C PRO D 494 63.11 24.27 32.67
N HIS D 495 63.94 25.27 32.95
CA HIS D 495 65.36 25.03 33.19
C HIS D 495 65.98 24.21 32.06
N PHE D 496 65.55 24.51 30.84
CA PHE D 496 66.03 23.80 29.66
C PHE D 496 67.54 23.85 29.57
N ASP D 497 68.16 22.72 29.28
CA ASP D 497 69.61 22.66 29.20
C ASP D 497 70.07 21.97 27.93
N LYS D 498 70.55 22.74 26.95
CA LYS D 498 71.06 22.10 25.74
C LYS D 498 72.17 21.26 26.38
N SER D 499 72.79 20.34 25.66
CA SER D 499 73.82 19.49 26.27
C SER D 499 73.15 18.26 26.88
N LYS D 500 71.90 18.43 27.30
CA LYS D 500 71.13 17.32 27.85
C LYS D 500 70.27 16.84 26.68
N LYS D 501 70.14 15.54 26.49
CA LYS D 501 69.37 15.01 25.37
C LYS D 501 67.96 14.60 25.80
N TYR D 502 66.99 15.42 25.39
CA TYR D 502 65.59 15.22 25.73
C TYR D 502 64.77 14.38 24.77
N PRO D 503 63.75 13.68 25.29
CA PRO D 503 62.92 12.88 24.38
C PRO D 503 62.08 13.97 23.66
N LEU D 504 61.57 13.62 22.48
CA LEU D 504 60.85 14.58 21.67
C LEU D 504 59.51 14.02 21.19
N LEU D 505 58.45 14.79 21.41
CA LEU D 505 57.12 14.39 20.95
C LEU D 505 56.72 15.37 19.85
N ILE D 506 56.35 14.85 18.69
CA ILE D 506 55.89 15.72 17.61
C ILE D 506 54.35 15.68 17.72
N GLU D 507 53.71 16.85 17.81
CA GLU D 507 52.24 16.92 17.86
C GLU D 507 51.89 17.47 16.49
N VAL D 508 51.09 16.73 15.74
CA VAL D 508 50.79 17.10 14.37
C VAL D 508 49.32 17.31 14.04
N TYR D 509 49.07 18.22 13.10
CA TYR D 509 47.72 18.48 12.59
C TYR D 509 47.97 18.23 11.09
N ALA D 510 48.52 19.24 10.43
CA ALA D 510 48.96 19.17 9.04
C ALA D 510 47.97 18.98 7.92
N GLY D 511 46.68 19.18 8.20
CA GLY D 511 45.70 19.06 7.13
C GLY D 511 45.79 20.28 6.22
N PRO D 512 45.11 20.25 5.06
CA PRO D 512 45.17 21.42 4.16
C PRO D 512 44.72 22.70 4.83
N CYS D 513 45.59 23.71 4.78
CA CYS D 513 45.36 25.05 5.33
C CYS D 513 45.46 25.08 6.86
N SER D 514 46.03 24.03 7.43
CA SER D 514 46.20 23.95 8.85
C SER D 514 47.27 24.95 9.29
N GLN D 515 47.22 25.29 10.56
CA GLN D 515 48.22 26.13 11.16
C GLN D 515 48.39 25.64 12.59
N LYS D 516 49.42 24.82 12.82
CA LYS D 516 49.71 24.27 14.15
C LYS D 516 50.69 25.14 14.91
N VAL D 517 51.41 25.98 14.16
CA VAL D 517 52.43 26.84 14.77
C VAL D 517 51.91 28.25 14.88
N ASP D 518 51.70 28.72 16.10
CA ASP D 518 51.20 30.07 16.29
C ASP D 518 51.67 30.67 17.61
N THR D 519 51.24 31.90 17.87
CA THR D 519 51.65 32.57 19.09
C THR D 519 50.53 32.64 20.11
N VAL D 520 49.65 31.65 20.09
CA VAL D 520 48.55 31.62 21.04
C VAL D 520 48.99 30.95 22.35
N PHE D 521 48.52 31.50 23.46
CA PHE D 521 48.85 30.96 24.76
C PHE D 521 47.87 29.85 25.08
N ARG D 522 48.39 28.70 25.51
CA ARG D 522 47.55 27.55 25.82
C ARG D 522 48.08 26.75 27.01
N LEU D 523 47.18 26.31 27.87
CA LEU D 523 47.51 25.46 29.02
C LEU D 523 47.03 24.15 28.42
N SER D 524 47.97 23.31 27.98
CA SER D 524 47.62 22.07 27.30
C SER D 524 48.30 20.81 27.83
N TRP D 525 48.00 19.69 27.18
CA TRP D 525 48.61 18.42 27.55
C TRP D 525 50.12 18.59 27.37
N ALA D 526 50.53 19.23 26.27
CA ALA D 526 51.96 19.46 26.00
C ALA D 526 52.62 20.27 27.14
N THR D 527 51.89 21.23 27.68
CA THR D 527 52.38 22.04 28.79
C THR D 527 52.78 21.13 29.94
N TYR D 528 51.95 20.12 30.24
CA TYR D 528 52.25 19.19 31.31
C TYR D 528 53.46 18.30 30.91
N LEU D 529 53.44 17.77 29.68
CA LEU D 529 54.54 16.90 29.25
C LEU D 529 55.90 17.60 29.35
N ALA D 530 55.95 18.89 29.01
CA ALA D 530 57.20 19.66 29.07
C ALA D 530 57.59 20.03 30.50
N SER D 531 56.64 20.62 31.22
CA SER D 531 56.86 21.09 32.58
C SER D 531 57.17 19.97 33.55
N THR D 532 56.32 18.94 33.55
CA THR D 532 56.48 17.85 34.51
C THR D 532 57.30 16.67 34.06
N GLU D 533 57.13 16.23 32.82
CA GLU D 533 57.88 15.06 32.35
C GLU D 533 59.13 15.37 31.54
N ASN D 534 59.46 16.65 31.42
CA ASN D 534 60.62 17.11 30.68
C ASN D 534 60.72 16.53 29.27
N ILE D 535 59.60 16.60 28.56
CA ILE D 535 59.54 16.11 27.19
C ILE D 535 59.40 17.36 26.33
N ILE D 536 60.18 17.45 25.25
CA ILE D 536 60.04 18.58 24.35
C ILE D 536 58.89 18.22 23.42
N VAL D 537 57.96 19.16 23.25
CA VAL D 537 56.85 18.95 22.33
C VAL D 537 56.99 19.95 21.19
N ALA D 538 57.13 19.46 19.97
CA ALA D 538 57.26 20.37 18.84
C ALA D 538 56.17 20.17 17.80
N SER D 539 55.85 21.23 17.07
CA SER D 539 54.87 21.17 15.98
C SER D 539 55.50 21.84 14.74
N PHE D 540 55.09 21.39 13.56
CA PHE D 540 55.66 21.93 12.32
C PHE D 540 54.61 22.13 11.24
N ASP D 541 54.65 23.29 10.56
CA ASP D 541 53.74 23.59 9.47
C ASP D 541 54.50 23.47 8.14
N GLY D 542 54.24 22.38 7.42
CA GLY D 542 54.90 22.13 6.15
C GLY D 542 54.04 22.39 4.92
N ARG D 543 54.33 21.62 3.88
CA ARG D 543 53.60 21.74 2.63
C ARG D 543 52.11 21.51 2.99
N GLY D 544 51.24 22.34 2.45
CA GLY D 544 49.82 22.16 2.69
C GLY D 544 49.28 23.07 3.77
N SER D 545 50.15 23.56 4.65
CA SER D 545 49.71 24.46 5.72
C SER D 545 49.17 25.76 5.11
N GLY D 546 48.42 26.51 5.90
CA GLY D 546 47.82 27.74 5.38
C GLY D 546 48.42 29.06 5.78
N TYR D 547 47.80 30.14 5.32
CA TYR D 547 48.19 31.52 5.61
C TYR D 547 49.57 31.93 5.10
N GLN D 548 50.12 31.17 4.16
CA GLN D 548 51.45 31.46 3.62
C GLN D 548 51.44 31.47 2.09
N GLY D 549 50.26 31.63 1.50
CA GLY D 549 50.14 31.62 0.04
C GLY D 549 49.78 30.28 -0.56
N ASP D 550 49.22 30.30 -1.77
CA ASP D 550 48.80 29.08 -2.45
C ASP D 550 49.89 28.12 -2.87
N LYS D 551 51.12 28.60 -3.06
CA LYS D 551 52.19 27.70 -3.45
C LYS D 551 52.38 26.67 -2.34
N ILE D 552 52.38 27.17 -1.11
CA ILE D 552 52.54 26.28 0.06
C ILE D 552 51.30 25.40 0.25
N MET D 553 50.16 26.05 0.38
CA MET D 553 48.88 25.35 0.63
C MET D 553 48.46 24.35 -0.41
N HIS D 554 48.50 24.75 -1.67
CA HIS D 554 48.08 23.86 -2.75
C HIS D 554 49.07 22.78 -3.14
N ALA D 555 50.22 22.73 -2.48
CA ALA D 555 51.20 21.68 -2.82
C ALA D 555 50.62 20.27 -2.67
N ILE D 556 49.63 20.10 -1.80
CA ILE D 556 49.06 18.76 -1.62
C ILE D 556 47.77 18.53 -2.38
N ASN D 557 47.43 19.44 -3.30
CA ASN D 557 46.21 19.28 -4.09
C ASN D 557 46.21 17.92 -4.77
N ARG D 558 45.12 17.19 -4.61
CA ARG D 558 44.94 15.87 -5.19
C ARG D 558 45.97 14.82 -4.74
N ARG D 559 46.73 15.12 -3.68
CA ARG D 559 47.71 14.14 -3.18
C ARG D 559 47.85 14.19 -1.65
N LEU D 560 46.72 14.09 -0.95
CA LEU D 560 46.75 14.08 0.51
C LEU D 560 47.56 12.87 0.99
N GLY D 561 48.28 13.05 2.09
CA GLY D 561 49.05 11.94 2.61
C GLY D 561 50.43 11.82 1.98
N THR D 562 50.80 12.79 1.14
CA THR D 562 52.12 12.73 0.50
C THR D 562 53.06 13.76 1.07
N PHE D 563 53.10 14.95 0.48
CA PHE D 563 54.04 15.98 0.95
C PHE D 563 53.97 16.42 2.39
N GLU D 564 52.76 16.59 2.93
CA GLU D 564 52.64 17.05 4.32
C GLU D 564 53.17 15.99 5.27
N VAL D 565 53.03 14.70 4.92
CA VAL D 565 53.55 13.66 5.81
C VAL D 565 55.09 13.63 5.66
N GLU D 566 55.57 13.64 4.43
CA GLU D 566 57.02 13.63 4.16
C GLU D 566 57.71 14.78 4.87
N ASP D 567 57.10 15.96 4.85
CA ASP D 567 57.64 17.15 5.51
C ASP D 567 57.71 17.00 7.03
N GLN D 568 56.76 16.29 7.65
CA GLN D 568 56.83 16.08 9.11
C GLN D 568 58.06 15.19 9.38
N ILE D 569 58.31 14.24 8.51
CA ILE D 569 59.45 13.35 8.69
C ILE D 569 60.76 14.12 8.54
N GLU D 570 60.88 14.90 7.46
CA GLU D 570 62.10 15.69 7.21
C GLU D 570 62.37 16.68 8.32
N ALA D 571 61.34 17.39 8.77
CA ALA D 571 61.51 18.34 9.85
C ALA D 571 61.99 17.63 11.12
N THR D 572 61.40 16.48 11.42
CA THR D 572 61.77 15.73 12.61
C THR D 572 63.20 15.19 12.44
N ARG D 573 63.51 14.72 11.24
CA ARG D 573 64.88 14.24 10.97
C ARG D 573 65.88 15.37 11.29
N GLN D 574 65.52 16.61 10.96
CA GLN D 574 66.39 17.76 11.26
C GLN D 574 66.43 17.95 12.79
N PHE D 575 65.26 17.91 13.45
CA PHE D 575 65.24 18.07 14.91
C PHE D 575 66.06 16.95 15.59
N SER D 576 66.01 15.75 15.03
CA SER D 576 66.70 14.60 15.60
C SER D 576 68.22 14.69 15.57
N LYS D 577 68.74 15.52 14.68
CA LYS D 577 70.18 15.67 14.61
C LYS D 577 70.62 16.82 15.49
N MET D 578 69.67 17.49 16.12
CA MET D 578 70.02 18.58 17.01
C MET D 578 70.65 18.02 18.30
N GLY D 579 71.51 18.84 18.91
CA GLY D 579 72.24 18.43 20.10
C GLY D 579 71.44 18.06 21.33
N PHE D 580 70.34 18.78 21.57
CA PHE D 580 69.50 18.55 22.76
C PHE D 580 68.34 17.55 22.60
N VAL D 581 68.37 16.76 21.53
CA VAL D 581 67.33 15.77 21.27
C VAL D 581 67.90 14.36 21.29
N ASP D 582 67.21 13.47 21.99
CA ASP D 582 67.58 12.07 22.06
C ASP D 582 66.88 11.38 20.87
N ASP D 583 67.64 11.17 19.80
CA ASP D 583 67.12 10.54 18.59
C ASP D 583 66.55 9.14 18.78
N LYS D 584 66.87 8.51 19.90
CA LYS D 584 66.37 7.16 20.16
C LYS D 584 65.00 7.23 20.83
N ARG D 585 64.56 8.44 21.16
CA ARG D 585 63.26 8.61 21.79
C ARG D 585 62.46 9.74 21.16
N ILE D 586 61.95 9.50 19.96
CA ILE D 586 61.12 10.49 19.28
C ILE D 586 59.76 9.84 19.02
N ALA D 587 58.69 10.55 19.40
CA ALA D 587 57.34 10.05 19.22
C ALA D 587 56.52 11.04 18.41
N ILE D 588 55.35 10.62 17.93
CA ILE D 588 54.48 11.54 17.19
C ILE D 588 53.03 11.20 17.50
N TRP D 589 52.20 12.23 17.65
CA TRP D 589 50.78 12.02 17.93
C TRP D 589 49.88 13.11 17.32
N GLY D 590 48.63 12.75 17.10
CA GLY D 590 47.68 13.72 16.56
C GLY D 590 46.25 13.20 16.55
N TRP D 591 45.31 14.12 16.40
CA TRP D 591 43.88 13.84 16.38
C TRP D 591 43.31 14.19 15.00
N SER D 592 42.37 13.39 14.50
CA SER D 592 41.72 13.60 13.20
C SER D 592 42.71 13.60 12.05
N TYR D 593 42.82 14.71 11.34
CA TYR D 593 43.80 14.73 10.25
C TYR D 593 45.17 14.46 10.86
N GLY D 594 45.42 15.00 12.05
CA GLY D 594 46.70 14.74 12.74
C GLY D 594 46.89 13.26 13.01
N GLY D 595 45.78 12.56 13.25
CA GLY D 595 45.85 11.13 13.48
C GLY D 595 46.25 10.41 12.20
N TYR D 596 45.68 10.84 11.08
CA TYR D 596 46.00 10.26 9.75
C TYR D 596 47.49 10.43 9.44
N VAL D 597 47.99 11.64 9.67
CA VAL D 597 49.39 11.97 9.38
C VAL D 597 50.31 11.19 10.30
N THR D 598 49.98 11.16 11.58
CA THR D 598 50.74 10.37 12.54
C THR D 598 50.86 8.94 12.04
N SER D 599 49.74 8.36 11.59
CA SER D 599 49.75 6.97 11.12
C SER D 599 50.54 6.78 9.82
N MET D 600 50.38 7.70 8.88
CA MET D 600 51.12 7.61 7.61
C MET D 600 52.63 7.67 7.90
N VAL D 601 53.02 8.57 8.81
CA VAL D 601 54.43 8.72 9.22
C VAL D 601 54.95 7.41 9.85
N LEU D 602 54.21 6.91 10.84
CA LEU D 602 54.63 5.69 11.49
C LEU D 602 54.76 4.54 10.50
N GLY D 603 53.88 4.50 9.50
CA GLY D 603 53.94 3.43 8.53
C GLY D 603 54.89 3.73 7.37
N ALA D 604 55.63 4.83 7.48
CA ALA D 604 56.55 5.24 6.41
C ALA D 604 57.85 4.44 6.39
N GLY D 605 58.18 3.79 7.49
CA GLY D 605 59.40 3.00 7.56
C GLY D 605 60.64 3.89 7.55
N SER D 606 60.51 5.11 8.07
CA SER D 606 61.62 6.07 8.11
C SER D 606 62.63 5.75 9.21
N GLY D 607 62.24 4.93 10.17
CA GLY D 607 63.12 4.56 11.26
C GLY D 607 63.40 5.71 12.22
N VAL D 608 62.72 6.83 12.01
CA VAL D 608 62.92 8.01 12.85
C VAL D 608 62.13 7.99 14.16
N PHE D 609 60.92 7.45 14.08
CA PHE D 609 60.00 7.42 15.22
C PHE D 609 59.95 6.07 15.94
N LYS D 610 59.96 6.12 17.26
CA LYS D 610 59.91 4.93 18.09
C LYS D 610 58.46 4.49 18.30
N CYS D 611 57.59 5.45 18.58
CA CYS D 611 56.19 5.14 18.84
C CYS D 611 55.29 6.31 18.43
N GLY D 612 53.99 6.06 18.38
CA GLY D 612 53.08 7.14 18.04
C GLY D 612 51.65 6.85 18.48
N ILE D 613 50.82 7.88 18.60
CA ILE D 613 49.43 7.71 19.01
C ILE D 613 48.54 8.46 18.02
N ALA D 614 47.53 7.79 17.49
CA ALA D 614 46.59 8.43 16.57
C ALA D 614 45.20 8.36 17.21
N VAL D 615 44.55 9.52 17.34
CA VAL D 615 43.22 9.54 17.93
C VAL D 615 42.22 9.93 16.85
N ALA D 616 41.15 9.13 16.73
CA ALA D 616 40.05 9.32 15.75
C ALA D 616 40.62 9.70 14.39
N PRO D 617 41.52 8.86 13.84
CA PRO D 617 42.14 9.14 12.55
C PRO D 617 41.34 8.81 11.33
N VAL D 618 41.59 9.55 10.27
CA VAL D 618 41.02 9.16 8.99
C VAL D 618 42.04 8.09 8.61
N SER D 619 41.61 7.02 7.95
CA SER D 619 42.54 5.98 7.51
C SER D 619 42.45 5.71 6.01
N LYS D 620 41.36 6.18 5.39
CA LYS D 620 41.11 5.99 3.95
C LYS D 620 40.16 7.10 3.50
N TRP D 621 40.56 7.86 2.50
CA TRP D 621 39.75 8.98 2.08
C TRP D 621 38.34 8.65 1.57
N GLU D 622 38.13 7.45 1.04
CA GLU D 622 36.78 7.09 0.59
C GLU D 622 35.79 6.97 1.76
N TYR D 623 36.31 6.87 3.00
CA TYR D 623 35.44 6.79 4.18
C TYR D 623 35.04 8.15 4.69
N TYR D 624 35.72 9.21 4.23
CA TYR D 624 35.38 10.54 4.74
C TYR D 624 34.33 11.22 3.87
N ASP D 625 33.78 12.33 4.36
CA ASP D 625 32.69 13.00 3.63
C ASP D 625 33.11 13.61 2.29
N SER D 626 32.14 13.69 1.39
CA SER D 626 32.38 14.21 0.03
C SER D 626 32.89 15.66 -0.06
N VAL D 627 32.25 16.58 0.66
CA VAL D 627 32.62 18.01 0.61
C VAL D 627 34.10 18.25 0.96
N TYR D 628 34.52 17.79 2.12
CA TYR D 628 35.90 17.98 2.52
C TYR D 628 36.88 17.18 1.66
N THR D 629 36.61 15.89 1.51
CA THR D 629 37.53 15.03 0.77
C THR D 629 37.73 15.44 -0.69
N GLU D 630 36.63 15.60 -1.40
CA GLU D 630 36.67 15.99 -2.83
C GLU D 630 37.30 17.36 -3.07
N ARG D 631 37.18 18.26 -2.10
CA ARG D 631 37.78 19.58 -2.22
C ARG D 631 39.27 19.45 -2.51
N TYR D 632 39.89 18.44 -1.90
CA TYR D 632 41.34 18.24 -2.04
C TYR D 632 41.74 17.08 -2.91
N MET D 633 40.86 16.11 -3.08
CA MET D 633 41.21 14.90 -3.82
C MET D 633 40.46 14.58 -5.09
N GLY D 634 39.47 15.41 -5.42
CA GLY D 634 38.68 15.12 -6.60
C GLY D 634 37.84 13.87 -6.35
N LEU D 635 37.46 13.20 -7.44
CA LEU D 635 36.63 12.01 -7.35
C LEU D 635 37.42 10.71 -7.38
N PRO D 636 37.01 9.74 -6.55
CA PRO D 636 37.67 8.44 -6.46
C PRO D 636 37.29 7.51 -7.60
N THR D 637 37.42 8.01 -8.84
CA THR D 637 37.13 7.22 -10.05
C THR D 637 38.37 7.07 -10.90
N PRO D 638 38.48 5.96 -11.65
CA PRO D 638 39.68 5.80 -12.48
C PRO D 638 39.87 6.97 -13.46
N GLU D 639 38.77 7.57 -13.92
CA GLU D 639 38.87 8.71 -14.83
C GLU D 639 39.31 10.01 -14.12
N ASP D 640 39.24 10.04 -12.78
CA ASP D 640 39.68 11.24 -12.06
C ASP D 640 40.91 11.02 -11.17
N ASN D 641 40.72 10.75 -9.88
CA ASN D 641 41.87 10.60 -8.98
C ASN D 641 41.95 9.31 -8.18
N LEU D 642 41.22 8.27 -8.58
CA LEU D 642 41.23 7.00 -7.83
C LEU D 642 42.63 6.49 -7.41
N ASP D 643 43.61 6.56 -8.33
CA ASP D 643 44.95 6.06 -8.01
C ASP D 643 45.60 6.69 -6.79
N TYR D 644 45.36 7.99 -6.56
CA TYR D 644 45.93 8.65 -5.40
C TYR D 644 45.10 8.41 -4.13
N TYR D 645 43.84 7.99 -4.32
CA TYR D 645 42.98 7.63 -3.19
C TYR D 645 43.49 6.28 -2.73
N ARG D 646 43.77 5.43 -3.73
CA ARG D 646 44.22 4.06 -3.50
C ARG D 646 45.51 3.89 -2.73
N ASN D 647 46.48 4.76 -3.00
CA ASN D 647 47.75 4.54 -2.34
C ASN D 647 48.01 5.53 -1.22
N SER D 648 46.94 6.18 -0.74
CA SER D 648 47.09 7.11 0.37
C SER D 648 46.39 6.59 1.65
N THR D 649 46.02 5.31 1.67
CA THR D 649 45.37 4.76 2.86
C THR D 649 46.47 4.41 3.87
N VAL D 650 46.13 4.40 5.15
CA VAL D 650 47.11 3.99 6.14
C VAL D 650 47.27 2.47 6.00
N MET D 651 46.18 1.79 5.63
CA MET D 651 46.23 0.32 5.52
C MET D 651 47.30 -0.14 4.51
N SER D 652 47.55 0.66 3.48
CA SER D 652 48.56 0.27 2.49
C SER D 652 49.96 0.22 3.11
N ARG D 653 50.12 0.81 4.30
CA ARG D 653 51.42 0.82 4.98
C ARG D 653 51.53 -0.06 6.24
N ALA D 654 50.54 -0.94 6.43
CA ALA D 654 50.45 -1.84 7.60
C ALA D 654 51.70 -2.60 7.94
N GLU D 655 52.30 -3.25 6.95
CA GLU D 655 53.50 -4.03 7.19
C GLU D 655 54.58 -3.27 7.94
N ASN D 656 54.71 -1.98 7.69
CA ASN D 656 55.72 -1.14 8.35
C ASN D 656 55.52 -0.86 9.84
N PHE D 657 54.31 -1.14 10.36
CA PHE D 657 54.03 -0.90 11.78
C PHE D 657 54.75 -1.89 12.68
N LYS D 658 55.25 -2.98 12.10
CA LYS D 658 56.05 -3.96 12.86
C LYS D 658 57.23 -3.23 13.52
N GLN D 659 57.71 -2.15 12.91
CA GLN D 659 58.86 -1.39 13.44
C GLN D 659 58.58 -0.38 14.55
N VAL D 660 57.31 -0.13 14.89
CA VAL D 660 57.03 0.89 15.90
C VAL D 660 55.99 0.43 16.92
N GLU D 661 55.91 1.15 18.03
CA GLU D 661 54.90 0.88 19.09
C GLU D 661 53.79 1.86 18.74
N TYR D 662 52.58 1.37 18.51
CA TYR D 662 51.46 2.21 18.09
C TYR D 662 50.20 2.04 18.97
N LEU D 663 49.55 3.18 19.25
CA LEU D 663 48.31 3.19 20.05
C LEU D 663 47.24 3.89 19.17
N LEU D 664 46.17 3.16 18.86
CA LEU D 664 45.05 3.64 18.03
C LEU D 664 43.81 3.85 18.94
N ILE D 665 43.31 5.08 19.02
CA ILE D 665 42.16 5.43 19.88
C ILE D 665 40.98 5.99 19.06
N HIS D 666 39.74 5.60 19.37
CA HIS D 666 38.59 6.11 18.60
C HIS D 666 37.29 6.01 19.39
N GLY D 667 36.45 7.03 19.33
CA GLY D 667 35.15 6.99 20.00
C GLY D 667 34.18 6.17 19.15
N THR D 668 33.43 5.24 19.74
CA THR D 668 32.50 4.42 18.95
C THR D 668 31.31 5.19 18.31
N ALA D 669 30.97 6.34 18.87
CA ALA D 669 29.86 7.19 18.38
C ALA D 669 30.37 8.44 17.61
N ASP D 670 31.51 8.29 16.94
CA ASP D 670 32.08 9.42 16.19
C ASP D 670 31.27 9.51 14.88
N ASP D 671 30.47 10.56 14.72
CA ASP D 671 29.63 10.73 13.52
C ASP D 671 30.40 11.42 12.38
N ASN D 672 31.59 11.89 12.71
CA ASN D 672 32.40 12.66 11.79
C ASN D 672 33.42 11.74 11.12
N VAL D 673 34.46 11.34 11.86
CA VAL D 673 35.42 10.36 11.30
C VAL D 673 34.87 9.07 11.91
N HIS D 674 34.13 8.30 11.12
CA HIS D 674 33.49 7.10 11.64
C HIS D 674 34.44 6.09 12.25
N PHE D 675 33.97 5.45 13.34
CA PHE D 675 34.76 4.42 14.03
C PHE D 675 35.24 3.42 12.97
N GLN D 676 34.40 3.22 11.96
CA GLN D 676 34.74 2.39 10.80
C GLN D 676 36.21 2.54 10.35
N GLN D 677 36.67 3.79 10.27
CA GLN D 677 38.03 4.12 9.82
C GLN D 677 39.09 3.40 10.66
N SER D 678 38.97 3.47 11.99
CA SER D 678 39.91 2.74 12.85
C SER D 678 39.63 1.25 12.84
N ALA D 679 38.36 0.86 12.72
CA ALA D 679 38.06 -0.57 12.69
C ALA D 679 38.72 -1.23 11.44
N GLN D 680 38.64 -0.56 10.31
CA GLN D 680 39.25 -1.09 9.08
C GLN D 680 40.79 -1.04 9.20
N LEU D 681 41.31 -0.02 9.87
CA LEU D 681 42.76 0.08 10.03
C LEU D 681 43.27 -1.04 10.93
N SER D 682 42.63 -1.23 12.09
CA SER D 682 43.06 -2.32 12.96
C SER D 682 43.00 -3.68 12.25
N LYS D 683 41.97 -3.91 11.41
CA LYS D 683 41.85 -5.21 10.72
C LYS D 683 43.02 -5.48 9.74
N ALA D 684 43.48 -4.41 9.12
CA ALA D 684 44.63 -4.47 8.19
C ALA D 684 45.90 -4.79 8.99
N LEU D 685 46.07 -4.15 10.14
CA LEU D 685 47.24 -4.40 10.97
C LEU D 685 47.24 -5.83 11.50
N VAL D 686 46.06 -6.33 11.87
CA VAL D 686 45.94 -7.69 12.35
C VAL D 686 46.24 -8.66 11.20
N ASP D 687 45.72 -8.34 10.01
CA ASP D 687 45.91 -9.19 8.86
C ASP D 687 47.38 -9.26 8.49
N ALA D 688 48.13 -8.22 8.83
CA ALA D 688 49.56 -8.13 8.54
C ALA D 688 50.44 -8.70 9.64
N GLY D 689 49.82 -9.23 10.70
CA GLY D 689 50.59 -9.81 11.80
C GLY D 689 51.34 -8.79 12.61
N VAL D 690 50.84 -7.56 12.63
CA VAL D 690 51.47 -6.49 13.37
C VAL D 690 50.81 -6.28 14.76
N ASP D 691 51.60 -6.27 15.83
CA ASP D 691 51.01 -6.02 17.14
C ASP D 691 50.99 -4.51 17.41
N PHE D 692 49.95 -4.05 18.10
CA PHE D 692 49.78 -2.64 18.39
C PHE D 692 48.78 -2.61 19.53
N GLN D 693 48.50 -1.41 20.04
CA GLN D 693 47.52 -1.24 21.13
C GLN D 693 46.36 -0.40 20.63
N THR D 694 45.22 -0.59 21.27
CA THR D 694 44.03 0.12 20.87
C THR D 694 43.24 0.55 22.10
N MET D 695 42.35 1.54 21.93
CA MET D 695 41.45 1.95 23.01
C MET D 695 40.17 2.49 22.35
N TRP D 696 39.05 1.81 22.56
CA TRP D 696 37.80 2.35 22.03
C TRP D 696 37.21 3.16 23.19
N TYR D 697 36.40 4.17 22.87
CA TYR D 697 35.71 4.96 23.89
C TYR D 697 34.22 4.90 23.61
N THR D 698 33.55 4.07 24.40
CA THR D 698 32.14 3.84 24.27
C THR D 698 31.30 5.11 24.26
N ASP D 699 30.49 5.25 23.21
CA ASP D 699 29.58 6.38 23.04
C ASP D 699 30.20 7.78 22.97
N GLU D 700 31.53 7.87 22.90
CA GLU D 700 32.16 9.17 22.81
C GLU D 700 32.20 9.57 21.33
N ASP D 701 32.12 10.86 21.03
CA ASP D 701 32.13 11.23 19.61
C ASP D 701 33.51 11.73 19.15
N HIS D 702 33.56 12.56 18.10
CA HIS D 702 34.83 13.02 17.56
C HIS D 702 35.70 13.76 18.57
N GLY D 703 35.10 14.44 19.51
CA GLY D 703 35.89 15.15 20.50
C GLY D 703 36.29 14.35 21.73
N ILE D 704 35.74 13.14 21.89
CA ILE D 704 36.01 12.29 23.08
C ILE D 704 36.10 13.26 24.24
N ALA D 705 35.04 14.05 24.36
CA ALA D 705 34.96 15.14 25.30
C ALA D 705 34.13 15.05 26.58
N SER D 706 33.54 13.90 26.89
CA SER D 706 32.83 13.86 28.16
C SER D 706 33.90 14.09 29.22
N ASN D 707 33.52 14.62 30.38
CA ASN D 707 34.50 14.87 31.42
C ASN D 707 35.36 13.66 31.77
N MET D 708 34.74 12.49 31.98
CA MET D 708 35.53 11.33 32.36
C MET D 708 36.35 10.76 31.20
N ALA D 709 35.81 10.77 29.99
CA ALA D 709 36.58 10.24 28.86
C ALA D 709 37.78 11.15 28.58
N HIS D 710 37.58 12.47 28.68
CA HIS D 710 38.68 13.41 28.43
C HIS D 710 39.81 13.12 29.40
N GLN D 711 39.44 12.87 30.65
CA GLN D 711 40.45 12.57 31.65
C GLN D 711 41.14 11.25 31.37
N HIS D 712 40.35 10.27 30.96
CA HIS D 712 40.85 8.93 30.71
C HIS D 712 41.80 8.83 29.49
N ILE D 713 41.45 9.49 28.40
CA ILE D 713 42.29 9.39 27.22
C ILE D 713 43.65 10.02 27.44
N TYR D 714 43.70 11.21 28.03
CA TYR D 714 45.01 11.82 28.26
C TYR D 714 45.87 11.08 29.30
N THR D 715 45.22 10.53 30.32
CA THR D 715 45.95 9.76 31.34
C THR D 715 46.51 8.50 30.64
N HIS D 716 45.69 7.86 29.84
CA HIS D 716 46.11 6.65 29.14
C HIS D 716 47.26 6.96 28.14
N MET D 717 47.13 8.04 27.38
CA MET D 717 48.19 8.41 26.42
C MET D 717 49.46 8.82 27.18
N SER D 718 49.29 9.42 28.36
CA SER D 718 50.47 9.84 29.13
C SER D 718 51.29 8.62 29.55
N HIS D 719 50.58 7.58 29.98
CA HIS D 719 51.22 6.31 30.40
C HIS D 719 51.92 5.66 29.19
N PHE D 720 51.25 5.66 28.05
CA PHE D 720 51.82 5.07 26.83
C PHE D 720 53.11 5.78 26.43
N LEU D 721 53.07 7.11 26.41
CA LEU D 721 54.23 7.90 26.06
C LEU D 721 55.42 7.64 27.01
N LYS D 722 55.16 7.72 28.32
CA LYS D 722 56.20 7.54 29.30
C LYS D 722 56.85 6.17 29.18
N GLN D 723 56.05 5.14 28.92
CA GLN D 723 56.58 3.79 28.76
C GLN D 723 57.49 3.78 27.53
N CYS D 724 57.04 4.37 26.43
CA CYS D 724 57.85 4.44 25.21
C CYS D 724 59.19 5.15 25.45
N PHE D 725 59.15 6.24 26.21
CA PHE D 725 60.35 7.03 26.49
C PHE D 725 61.15 6.51 27.69
N SER D 726 60.73 5.39 28.28
CA SER D 726 61.41 4.82 29.45
C SER D 726 61.43 5.82 30.59
N LEU D 727 60.34 6.56 30.78
CA LEU D 727 60.24 7.56 31.83
C LEU D 727 59.38 7.01 32.97
N PRO D 728 59.78 7.25 34.24
CA PRO D 728 58.99 6.73 35.35
C PRO D 728 57.60 7.37 35.49
#